data_2LBA
#
_entry.id   2LBA
#
_cell.length_a   1.000
_cell.length_b   1.000
_cell.length_c   1.000
_cell.angle_alpha   90.00
_cell.angle_beta   90.00
_cell.angle_gamma   90.00
#
_symmetry.space_group_name_H-M   'P 1'
#
loop_
_entity.id
_entity.type
_entity.pdbx_description
1 polymer 'BABP protein'
2 non-polymer 'GLYCOCHENODEOXYCHOLIC ACID'
#
_entity_poly.entity_id   1
_entity_poly.type   'polypeptide(L)'
_entity_poly.pdbx_seq_one_letter_code
;MRGSMAFTGKYEFESDENYDDFVKKIGLPADKIEMGRNCKIVTEVVQNGNDFTWTQHFPGGRTTTNSFTIDKEADMETMG
GRKFKATVKMEGGKIVADFPNYHHTAEISGGKLVEISTSSGVVYKRTSKKIALVPR
;
_entity_poly.pdbx_strand_id   A
#
loop_
_chem_comp.id
_chem_comp.type
_chem_comp.name
_chem_comp.formula
CHO non-polymer 'GLYCOCHENODEOXYCHOLIC ACID' 'C26 H43 N O5'
#
# COMPACT_ATOMS: atom_id res chain seq x y z
N ALA A 6 6.90 12.43 -7.14
CA ALA A 6 6.26 13.15 -6.01
C ALA A 6 5.65 12.19 -5.01
N PHE A 7 6.44 11.23 -4.53
CA PHE A 7 5.94 10.26 -3.55
C PHE A 7 5.85 10.88 -2.16
N THR A 8 6.80 11.74 -1.83
CA THR A 8 6.83 12.40 -0.54
C THR A 8 5.56 13.19 -0.28
N GLY A 9 4.94 12.93 0.86
CA GLY A 9 3.73 13.63 1.21
C GLY A 9 2.71 12.73 1.85
N LYS A 10 1.61 13.32 2.28
CA LYS A 10 0.55 12.55 2.90
C LYS A 10 -0.48 12.18 1.83
N TYR A 11 -1.01 10.98 1.93
CA TYR A 11 -2.00 10.50 0.99
C TYR A 11 -3.26 10.07 1.72
N GLU A 12 -4.41 10.38 1.16
CA GLU A 12 -5.68 10.01 1.76
C GLU A 12 -6.54 9.28 0.74
N PHE A 13 -7.28 8.28 1.22
CA PHE A 13 -8.15 7.47 0.37
C PHE A 13 -9.04 8.33 -0.53
N GLU A 14 -8.96 8.09 -1.82
CA GLU A 14 -9.74 8.82 -2.80
C GLU A 14 -10.65 7.88 -3.57
N SER A 15 -10.07 6.82 -4.12
CA SER A 15 -10.81 5.86 -4.90
C SER A 15 -10.17 4.48 -4.81
N ASP A 16 -10.87 3.46 -5.31
CA ASP A 16 -10.39 2.09 -5.30
C ASP A 16 -11.08 1.28 -6.36
N GLU A 17 -10.51 0.12 -6.67
CA GLU A 17 -11.07 -0.77 -7.68
C GLU A 17 -10.76 -2.22 -7.30
N ASN A 18 -11.76 -3.07 -7.48
CA ASN A 18 -11.67 -4.50 -7.18
C ASN A 18 -11.38 -4.77 -5.71
N TYR A 19 -11.92 -3.93 -4.84
CA TYR A 19 -11.70 -4.10 -3.40
C TYR A 19 -12.25 -5.43 -2.90
N ASP A 20 -13.56 -5.64 -3.08
CA ASP A 20 -14.22 -6.87 -2.64
C ASP A 20 -13.64 -8.10 -3.31
N ASP A 21 -13.33 -7.97 -4.59
CA ASP A 21 -12.77 -9.09 -5.35
C ASP A 21 -11.44 -9.51 -4.75
N PHE A 22 -10.63 -8.52 -4.42
CA PHE A 22 -9.31 -8.75 -3.84
C PHE A 22 -9.43 -9.44 -2.48
N VAL A 23 -10.22 -8.83 -1.59
CA VAL A 23 -10.40 -9.36 -0.26
C VAL A 23 -11.01 -10.76 -0.28
N LYS A 24 -11.91 -11.01 -1.23
CA LYS A 24 -12.54 -12.33 -1.34
C LYS A 24 -11.55 -13.38 -1.82
N LYS A 25 -10.54 -12.97 -2.58
CA LYS A 25 -9.54 -13.89 -3.09
C LYS A 25 -8.46 -14.18 -2.06
N ILE A 26 -7.97 -13.12 -1.43
CA ILE A 26 -6.91 -13.28 -0.41
C ILE A 26 -7.47 -13.94 0.84
N GLY A 27 -8.79 -14.09 0.90
CA GLY A 27 -9.42 -14.73 2.03
C GLY A 27 -9.43 -13.85 3.27
N LEU A 28 -9.64 -12.56 3.07
CA LEU A 28 -9.70 -11.60 4.16
C LEU A 28 -10.98 -11.81 4.97
N PRO A 29 -10.89 -11.85 6.30
CA PRO A 29 -12.06 -12.03 7.16
C PRO A 29 -13.00 -10.82 7.08
N ALA A 30 -14.30 -11.11 7.05
CA ALA A 30 -15.32 -10.06 6.96
C ALA A 30 -15.14 -8.99 8.03
N ASP A 31 -14.74 -9.43 9.22
CA ASP A 31 -14.52 -8.54 10.35
C ASP A 31 -13.50 -7.46 10.03
N LYS A 32 -12.48 -7.82 9.27
CA LYS A 32 -11.42 -6.88 8.91
C LYS A 32 -11.76 -6.14 7.62
N ILE A 33 -12.45 -6.84 6.72
CA ILE A 33 -12.84 -6.28 5.43
C ILE A 33 -13.65 -4.99 5.58
N GLU A 34 -14.80 -5.10 6.22
CA GLU A 34 -15.70 -3.96 6.41
C GLU A 34 -15.08 -2.94 7.36
N MET A 35 -14.11 -3.39 8.14
CA MET A 35 -13.43 -2.53 9.08
C MET A 35 -12.46 -1.63 8.34
N GLY A 36 -11.75 -2.21 7.38
CA GLY A 36 -10.77 -1.47 6.61
C GLY A 36 -11.25 -1.03 5.24
N ARG A 37 -12.53 -0.75 5.11
CA ARG A 37 -13.07 -0.33 3.82
C ARG A 37 -13.76 1.02 3.92
N ASN A 38 -13.58 1.84 2.88
CA ASN A 38 -14.19 3.17 2.81
C ASN A 38 -13.71 4.07 3.95
N CYS A 39 -12.59 3.71 4.55
CA CYS A 39 -12.04 4.49 5.66
C CYS A 39 -10.93 5.40 5.18
N LYS A 40 -10.76 6.53 5.86
CA LYS A 40 -9.74 7.51 5.49
C LYS A 40 -8.35 7.07 5.93
N ILE A 41 -7.72 6.25 5.10
CA ILE A 41 -6.36 5.79 5.37
C ILE A 41 -5.36 6.86 4.94
N VAL A 42 -4.52 7.28 5.87
CA VAL A 42 -3.53 8.30 5.56
C VAL A 42 -2.15 7.67 5.40
N THR A 43 -1.54 7.86 4.24
CA THR A 43 -0.22 7.33 3.98
C THR A 43 0.80 8.46 3.93
N GLU A 44 1.62 8.58 4.96
CA GLU A 44 2.64 9.61 5.04
C GLU A 44 3.96 9.10 4.51
N VAL A 45 4.44 9.71 3.43
CA VAL A 45 5.69 9.31 2.80
C VAL A 45 6.79 10.34 2.99
N VAL A 46 7.95 9.90 3.43
CA VAL A 46 9.10 10.76 3.61
C VAL A 46 10.23 10.37 2.66
N GLN A 47 10.82 11.37 1.99
CA GLN A 47 11.91 11.14 1.06
C GLN A 47 13.24 11.03 1.80
N ASN A 48 13.82 9.83 1.82
CA ASN A 48 15.10 9.61 2.46
C ASN A 48 16.03 8.86 1.51
N GLY A 49 16.54 9.58 0.51
CA GLY A 49 17.41 8.96 -0.47
C GLY A 49 16.65 7.98 -1.34
N ASN A 50 16.77 6.72 -1.02
CA ASN A 50 16.06 5.68 -1.73
C ASN A 50 15.16 4.92 -0.77
N ASP A 51 15.11 5.43 0.45
CA ASP A 51 14.30 4.83 1.50
C ASP A 51 13.01 5.61 1.64
N PHE A 52 11.91 5.01 1.21
CA PHE A 52 10.61 5.65 1.30
C PHE A 52 9.83 5.05 2.46
N THR A 53 9.32 5.91 3.32
CA THR A 53 8.56 5.47 4.46
C THR A 53 7.08 5.34 4.12
N TRP A 54 6.53 4.15 4.29
CA TRP A 54 5.12 3.94 4.03
C TRP A 54 4.38 3.85 5.34
N THR A 55 3.75 4.94 5.73
CA THR A 55 3.01 4.99 6.98
C THR A 55 1.51 4.93 6.71
N GLN A 56 0.85 3.93 7.27
CA GLN A 56 -0.58 3.77 7.10
C GLN A 56 -1.29 4.08 8.40
N HIS A 57 -2.12 5.10 8.39
CA HIS A 57 -2.86 5.49 9.57
C HIS A 57 -4.29 5.03 9.47
N PHE A 58 -4.78 4.43 10.54
CA PHE A 58 -6.13 3.92 10.58
C PHE A 58 -6.96 4.72 11.57
N PRO A 59 -8.05 5.35 11.08
CA PRO A 59 -8.92 6.17 11.93
C PRO A 59 -9.58 5.36 13.04
N GLY A 60 -9.22 5.69 14.28
CA GLY A 60 -9.77 5.00 15.43
C GLY A 60 -9.32 3.56 15.53
N GLY A 61 -8.18 3.22 14.94
CA GLY A 61 -7.69 1.87 14.99
C GLY A 61 -6.18 1.78 15.06
N ARG A 62 -5.65 0.58 14.81
CA ARG A 62 -4.22 0.33 14.87
C ARG A 62 -3.51 0.93 13.65
N THR A 63 -2.29 1.40 13.87
CA THR A 63 -1.49 1.99 12.81
C THR A 63 -0.44 1.00 12.31
N THR A 64 0.08 1.27 11.13
CA THR A 64 1.10 0.41 10.52
C THR A 64 2.11 1.28 9.77
N THR A 65 3.39 1.06 9.99
CA THR A 65 4.42 1.84 9.33
C THR A 65 5.56 0.95 8.85
N ASN A 66 5.78 0.95 7.54
CA ASN A 66 6.83 0.12 6.95
C ASN A 66 7.66 0.96 5.99
N SER A 67 8.93 1.10 6.32
CA SER A 67 9.84 1.84 5.50
C SER A 67 10.62 0.87 4.61
N PHE A 68 10.97 1.29 3.42
CA PHE A 68 11.70 0.42 2.51
C PHE A 68 12.71 1.18 1.66
N THR A 69 13.85 0.57 1.44
CA THR A 69 14.87 1.17 0.63
C THR A 69 14.91 0.45 -0.71
N ILE A 70 14.78 1.21 -1.80
CA ILE A 70 14.83 0.63 -3.13
C ILE A 70 16.09 -0.19 -3.34
N ASP A 71 15.88 -1.46 -3.72
CA ASP A 71 16.96 -2.43 -3.99
C ASP A 71 17.52 -2.96 -2.66
N LYS A 72 16.71 -2.87 -1.62
CA LYS A 72 17.08 -3.33 -0.29
C LYS A 72 15.90 -4.06 0.37
N GLU A 73 16.22 -5.09 1.15
CA GLU A 73 15.21 -5.85 1.88
C GLU A 73 14.65 -5.01 3.01
N ALA A 74 13.33 -4.93 3.10
CA ALA A 74 12.70 -4.12 4.15
C ALA A 74 11.81 -4.96 5.04
N ASP A 75 11.71 -4.55 6.30
CA ASP A 75 10.88 -5.23 7.27
C ASP A 75 9.48 -4.68 7.15
N MET A 76 8.52 -5.54 6.84
CA MET A 76 7.16 -5.08 6.66
C MET A 76 6.16 -5.80 7.55
N GLU A 77 5.00 -5.20 7.69
CA GLU A 77 3.90 -5.74 8.47
C GLU A 77 2.59 -5.23 7.90
N THR A 78 1.56 -6.06 7.94
CA THR A 78 0.27 -5.67 7.42
C THR A 78 -0.66 -5.28 8.56
N MET A 79 -1.84 -4.82 8.22
CA MET A 79 -2.81 -4.43 9.22
C MET A 79 -3.47 -5.64 9.84
N GLY A 80 -3.36 -6.78 9.17
CA GLY A 80 -3.94 -8.01 9.67
C GLY A 80 -3.04 -8.70 10.68
N GLY A 81 -1.84 -8.18 10.86
CA GLY A 81 -0.91 -8.74 11.81
C GLY A 81 0.04 -9.74 11.18
N ARG A 82 0.66 -9.36 10.08
CA ARG A 82 1.61 -10.24 9.39
C ARG A 82 3.00 -9.66 9.46
N LYS A 83 3.94 -10.43 10.01
CA LYS A 83 5.32 -10.00 10.11
C LYS A 83 6.13 -10.65 9.00
N PHE A 84 6.78 -9.86 8.16
CA PHE A 84 7.54 -10.41 7.04
C PHE A 84 8.53 -9.40 6.48
N LYS A 85 9.33 -9.86 5.52
CA LYS A 85 10.30 -9.01 4.84
C LYS A 85 10.20 -9.24 3.34
N ALA A 86 10.55 -8.21 2.58
CA ALA A 86 10.50 -8.29 1.14
C ALA A 86 11.45 -7.29 0.52
N THR A 87 11.79 -7.49 -0.74
CA THR A 87 12.66 -6.58 -1.45
C THR A 87 11.85 -5.68 -2.36
N VAL A 88 12.12 -4.38 -2.31
CA VAL A 88 11.40 -3.43 -3.12
C VAL A 88 12.34 -2.73 -4.09
N LYS A 89 11.94 -2.64 -5.33
CA LYS A 89 12.74 -2.00 -6.35
C LYS A 89 11.91 -0.94 -7.06
N MET A 90 12.52 -0.21 -7.97
CA MET A 90 11.82 0.82 -8.70
C MET A 90 11.97 0.60 -10.20
N GLU A 91 10.86 0.67 -10.93
CA GLU A 91 10.87 0.46 -12.37
C GLU A 91 10.35 1.69 -13.11
N GLY A 92 11.23 2.64 -13.36
CA GLY A 92 10.84 3.84 -14.07
C GLY A 92 10.03 4.80 -13.21
N GLY A 93 10.45 4.97 -11.97
CA GLY A 93 9.75 5.87 -11.07
C GLY A 93 8.57 5.22 -10.37
N LYS A 94 8.45 3.90 -10.54
CA LYS A 94 7.37 3.15 -9.93
C LYS A 94 7.94 2.21 -8.89
N ILE A 95 7.39 2.23 -7.70
CA ILE A 95 7.86 1.36 -6.64
C ILE A 95 7.19 -0.01 -6.75
N VAL A 96 7.97 -1.04 -7.04
CA VAL A 96 7.43 -2.38 -7.18
C VAL A 96 7.99 -3.33 -6.12
N ALA A 97 7.10 -4.06 -5.48
CA ALA A 97 7.49 -5.01 -4.45
C ALA A 97 7.18 -6.42 -4.95
N ASP A 98 8.09 -7.35 -4.65
CA ASP A 98 7.93 -8.73 -5.08
C ASP A 98 7.42 -9.61 -3.94
N PHE A 99 6.30 -10.28 -4.19
CA PHE A 99 5.68 -11.16 -3.20
C PHE A 99 5.11 -12.40 -3.87
N PRO A 100 4.98 -13.51 -3.14
CA PRO A 100 4.40 -14.74 -3.68
C PRO A 100 2.91 -14.58 -3.98
N ASN A 101 2.57 -14.67 -5.27
CA ASN A 101 1.18 -14.51 -5.74
C ASN A 101 0.63 -13.15 -5.34
N TYR A 102 1.53 -12.20 -5.16
CA TYR A 102 1.17 -10.84 -4.78
C TYR A 102 2.13 -9.85 -5.43
N HIS A 103 1.60 -8.94 -6.21
CA HIS A 103 2.43 -7.94 -6.87
C HIS A 103 1.92 -6.54 -6.54
N HIS A 104 2.74 -5.78 -5.83
CA HIS A 104 2.36 -4.42 -5.44
C HIS A 104 3.23 -3.39 -6.15
N THR A 105 2.57 -2.45 -6.84
CA THR A 105 3.27 -1.39 -7.54
C THR A 105 2.64 -0.04 -7.22
N ALA A 106 3.48 0.91 -6.84
CA ALA A 106 3.01 2.25 -6.50
C ALA A 106 3.55 3.26 -7.51
N GLU A 107 2.68 4.15 -7.97
CA GLU A 107 3.07 5.17 -8.95
C GLU A 107 2.18 6.40 -8.82
N ILE A 108 2.55 7.46 -9.53
CA ILE A 108 1.80 8.71 -9.49
C ILE A 108 1.10 8.98 -10.82
N SER A 109 -0.22 9.06 -10.77
CA SER A 109 -1.02 9.32 -11.96
C SER A 109 -1.71 10.69 -11.85
N GLY A 110 -1.03 11.71 -12.37
CA GLY A 110 -1.60 13.05 -12.36
C GLY A 110 -1.73 13.64 -10.97
N GLY A 111 -0.69 13.48 -10.16
CA GLY A 111 -0.71 14.02 -8.81
C GLY A 111 -1.44 13.13 -7.84
N LYS A 112 -1.71 11.89 -8.23
CA LYS A 112 -2.40 10.96 -7.36
C LYS A 112 -1.60 9.68 -7.25
N LEU A 113 -1.60 9.11 -6.05
CA LEU A 113 -0.89 7.88 -5.79
C LEU A 113 -1.82 6.70 -5.99
N VAL A 114 -1.41 5.79 -6.85
CA VAL A 114 -2.21 4.61 -7.11
C VAL A 114 -1.39 3.35 -6.88
N GLU A 115 -1.84 2.54 -5.94
CA GLU A 115 -1.17 1.30 -5.63
C GLU A 115 -1.91 0.14 -6.26
N ILE A 116 -1.21 -0.66 -7.04
CA ILE A 116 -1.80 -1.80 -7.68
C ILE A 116 -1.28 -3.08 -7.03
N SER A 117 -2.20 -3.89 -6.53
CA SER A 117 -1.85 -5.12 -5.86
C SER A 117 -2.53 -6.31 -6.54
N THR A 118 -1.75 -7.12 -7.23
CA THR A 118 -2.28 -8.29 -7.90
C THR A 118 -2.12 -9.51 -7.00
N SER A 119 -3.20 -10.28 -6.85
CA SER A 119 -3.15 -11.46 -6.01
C SER A 119 -4.15 -12.49 -6.52
N SER A 120 -3.63 -13.64 -6.89
CA SER A 120 -4.44 -14.75 -7.37
C SER A 120 -5.25 -14.37 -8.62
N GLY A 121 -4.78 -13.36 -9.35
CA GLY A 121 -5.47 -12.93 -10.56
C GLY A 121 -6.17 -11.60 -10.40
N VAL A 122 -6.60 -11.28 -9.19
CA VAL A 122 -7.32 -10.03 -8.95
C VAL A 122 -6.37 -8.86 -8.84
N VAL A 123 -6.67 -7.80 -9.58
CA VAL A 123 -5.87 -6.60 -9.55
C VAL A 123 -6.57 -5.53 -8.70
N TYR A 124 -6.03 -5.28 -7.53
CA TYR A 124 -6.60 -4.30 -6.62
C TYR A 124 -5.90 -2.95 -6.82
N LYS A 125 -6.69 -1.91 -7.00
CA LYS A 125 -6.15 -0.57 -7.18
C LYS A 125 -6.71 0.36 -6.13
N ARG A 126 -5.90 1.29 -5.69
CA ARG A 126 -6.30 2.27 -4.70
C ARG A 126 -5.68 3.61 -5.01
N THR A 127 -6.52 4.59 -5.31
CA THR A 127 -6.07 5.92 -5.63
C THR A 127 -6.13 6.80 -4.39
N SER A 128 -5.01 7.43 -4.06
CA SER A 128 -4.93 8.30 -2.91
C SER A 128 -4.43 9.67 -3.33
N LYS A 129 -5.11 10.71 -2.87
CA LYS A 129 -4.74 12.08 -3.22
C LYS A 129 -3.57 12.56 -2.35
N LYS A 130 -2.80 13.50 -2.86
CA LYS A 130 -1.66 14.04 -2.14
C LYS A 130 -2.05 15.34 -1.45
N ILE A 131 -1.96 15.34 -0.13
CA ILE A 131 -2.29 16.50 0.67
C ILE A 131 -1.19 16.71 1.70
N ALA A 132 -1.20 17.85 2.37
CA ALA A 132 -0.20 18.10 3.41
C ALA A 132 -0.86 18.76 4.61
C1 CHO B . -6.12 -2.86 1.62
C2 CHO B . -4.75 -2.24 1.88
C3 CHO B . -3.64 -3.16 1.37
O3 CHO B . -2.37 -2.59 1.67
C4 CHO B . -3.75 -4.53 2.07
C5 CHO B . -5.13 -5.14 1.80
C6 CHO B . -5.20 -6.51 2.48
C7 CHO B . -5.09 -6.34 4.00
O7 CHO B . -3.81 -5.78 4.32
C8 CHO B . -6.19 -5.41 4.52
C9 CHO B . -6.12 -4.05 3.82
C10 CHO B . -6.25 -4.22 2.31
C11 CHO B . -7.20 -3.11 4.36
C12 CHO B . -7.10 -2.95 5.88
C13 CHO B . -7.19 -4.33 6.53
C14 CHO B . -6.04 -5.20 6.02
C15 CHO B . -6.24 -6.44 6.88
C16 CHO B . -6.50 -5.86 8.27
C17 CHO B . -6.84 -4.38 8.02
C18 CHO B . -8.54 -5.01 6.26
C19 CHO B . -7.60 -4.84 1.97
C20 CHO B . -7.96 -3.88 8.93
C21 CHO B . -8.30 -2.43 8.60
C22 CHO B . -7.54 -4.00 10.40
C23 CHO B . -8.67 -3.53 11.33
C24 CHO B . -8.25 -3.66 12.79
O24 CHO B . -7.43 -4.50 13.15
N25 CHO B . -8.85 -2.80 13.62
C26 CHO B . -8.57 -2.78 15.07
C27 CHO B . -8.79 -4.17 15.65
OT1 CHO B . -7.85 -4.65 16.32
OT2 CHO B . -9.88 -4.72 15.43
H11 CHO B . -6.27 -2.98 0.55
H12 CHO B . -6.89 -2.19 2.03
H21 CHO B . -4.62 -2.08 2.95
H22 CHO B . -4.68 -1.29 1.35
H3 CHO B . -3.75 -3.30 0.29
HO3 CHO B . -2.29 -2.45 2.65
H41 CHO B . -3.62 -4.39 3.14
H42 CHO B . -2.98 -5.19 1.68
H5 CHO B . -5.26 -5.26 0.73
H61 CHO B . -4.39 -7.14 2.13
H62 CHO B . -6.16 -6.98 2.24
H7 CHO B . -5.20 -7.32 4.46
HO7 CHO B . -3.87 -4.78 4.30
H8 CHO B . -7.15 -5.88 4.31
H9 CHO B . -5.15 -3.59 4.03
H111 CHO B . -8.18 -3.51 4.12
H112 CHO B . -7.06 -2.12 3.91
H121 CHO B . -7.92 -2.32 6.25
H122 CHO B . -6.14 -2.49 6.14
H14 CHO B . -5.03 -4.80 6.11
H151 CHO B . -5.35 -7.07 6.88
H152 CHO B . -7.04 -7.09 6.52
H161 CHO B . -5.62 -5.95 8.89
H162 CHO B . -7.31 -6.37 8.78
H17 CHO B . -6.00 -3.71 8.27
H181 CHO B . -8.38 -6.07 6.11
H182 CHO B . -8.98 -4.58 5.36
H183 CHO B . -9.20 -4.85 7.11
H191 CHO B . -7.47 -5.89 1.73
H192 CHO B . -8.04 -4.32 1.12
H193 CHO B . -8.27 -4.75 2.83
H20 CHO B . -8.84 -4.49 8.77
H211 CHO B . -8.20 -1.82 9.50
H212 CHO B . -9.34 -2.37 8.25
H213 CHO B . -7.64 -2.06 7.82
H221 CHO B . -6.65 -3.40 10.57
H222 CHO B . -7.33 -5.06 10.62
H231 CHO B . -9.55 -4.14 11.15
H232 CHO B . -8.87 -2.49 11.11
HN CHO B . -9.51 -2.13 13.31
H261 CHO B . -9.24 -2.07 15.55
H262 CHO B . -7.54 -2.47 15.22
C1 CHO C . 5.90 -2.13 -1.33
C2 CHO C . 4.95 -1.06 -1.91
C3 CHO C . 5.10 0.25 -1.14
O3 CHO C . 4.18 1.21 -1.68
C4 CHO C . 4.77 0.02 0.34
C5 CHO C . 5.73 -1.03 0.90
C6 CHO C . 5.44 -1.24 2.40
C7 CHO C . 4.04 -1.83 2.58
O7 CHO C . 3.06 -0.90 2.12
C8 CHO C . 3.91 -3.14 1.79
C9 CHO C . 4.18 -2.90 0.31
C10 CHO C . 5.60 -2.36 0.15
C11 CHO C . 4.00 -4.19 -0.49
C12 CHO C . 2.62 -4.83 -0.27
C13 CHO C . 2.44 -5.06 1.24
C14 CHO C . 2.50 -3.72 1.95
C15 CHO C . 2.13 -4.17 3.36
C16 CHO C . 0.83 -4.94 3.05
C17 CHO C . 1.05 -5.54 1.67
C18 CHO C . 3.53 -5.98 1.78
C19 CHO C . 6.60 -3.38 0.71
C20 CHO C . 0.96 -7.07 1.69
C21 CHO C . 1.32 -7.68 0.33
C22 CHO C . -0.44 -7.51 2.13
C23 CHO C . -0.54 -9.03 2.20
C24 CHO C . -1.91 -9.47 2.72
O24 CHO C . -2.58 -10.32 2.13
N25 CHO C . -2.29 -8.87 3.85
C26 CHO C . -3.58 -9.18 4.50
C27 CHO C . -3.46 -8.98 6.01
OT1 CHO C . -3.29 -7.80 6.41
OT2 CHO C . -3.50 -10.00 6.74
H11 CHO C . 6.93 -1.78 -1.44
H12 CHO C . 5.75 -3.06 -1.88
H21 CHO C . 3.93 -1.42 -1.83
H22 CHO C . 5.21 -0.90 -2.96
H3 CHO C . 6.12 0.62 -1.23
HO3 CHO C . 3.25 0.87 -1.57
H41 CHO C . 3.75 -0.34 0.44
H42 CHO C . 4.89 0.95 0.88
H5 CHO C . 6.75 -0.69 0.79
H61 CHO C . 5.50 -0.28 2.91
H62 CHO C . 6.18 -1.92 2.81
H7 CHO C . 3.89 -2.04 3.64
HO7 CHO C . 3.15 -0.04 2.62
H8 CHO C . 4.62 -3.85 2.20
H9 CHO C . 3.47 -2.17 -0.07
H111 CHO C . 4.77 -4.90 -0.20
H112 CHO C . 4.07 -3.94 -1.55
H121 CHO C . 2.57 -5.78 -0.79
H122 CHO C . 1.84 -4.16 -0.64
H14 CHO C . 1.85 -2.91 1.59
H151 CHO C . 1.95 -3.33 4.02
H152 CHO C . 2.90 -4.75 3.88
H161 CHO C . -0.02 -4.26 3.05
H162 CHO C . 0.62 -5.69 3.80
H17 CHO C . 0.28 -5.22 0.96
H181 CHO C . 3.72 -6.78 1.07
H182 CHO C . 3.21 -6.41 2.73
H183 CHO C . 4.45 -5.41 1.94
H191 CHO C . 6.72 -4.20 0.01
H192 CHO C . 6.22 -3.77 1.66
H193 CHO C . 7.56 -2.89 0.88
H20 CHO C . 1.68 -7.43 2.42
H211 CHO C . 1.07 -6.97 -0.46
H212 CHO C . 0.75 -8.60 0.19
H213 CHO C . 2.38 -7.89 0.30
H221 CHO C . -1.17 -7.14 1.43
H222 CHO C . -0.62 -7.12 3.13
H231 CHO C . 0.23 -9.42 2.86
H232 CHO C . -0.42 -9.43 1.19
HN CHO C . -1.74 -8.20 4.32
H261 CHO C . -3.86 -10.22 4.30
H262 CHO C . -4.36 -8.52 4.11
N ALA A 6 8.09 11.60 -7.32
CA ALA A 6 7.36 12.46 -6.35
C ALA A 6 6.42 11.63 -5.51
N PHE A 7 6.98 10.72 -4.72
CA PHE A 7 6.17 9.86 -3.87
C PHE A 7 6.01 10.45 -2.48
N THR A 8 6.90 11.37 -2.12
CA THR A 8 6.86 12.01 -0.82
C THR A 8 5.55 12.77 -0.60
N GLY A 9 5.03 12.68 0.61
CA GLY A 9 3.80 13.36 0.94
C GLY A 9 2.81 12.43 1.59
N LYS A 10 1.78 13.01 2.17
CA LYS A 10 0.74 12.22 2.80
C LYS A 10 -0.40 12.01 1.80
N TYR A 11 -1.00 10.83 1.81
CA TYR A 11 -2.08 10.53 0.89
C TYR A 11 -3.32 10.08 1.65
N GLU A 12 -4.48 10.46 1.15
CA GLU A 12 -5.75 10.11 1.76
C GLU A 12 -6.58 9.28 0.80
N PHE A 13 -7.50 8.50 1.36
CA PHE A 13 -8.39 7.65 0.56
C PHE A 13 -9.28 8.51 -0.33
N GLU A 14 -9.01 8.47 -1.64
CA GLU A 14 -9.81 9.21 -2.60
C GLU A 14 -10.78 8.27 -3.31
N SER A 15 -10.26 7.15 -3.79
CA SER A 15 -11.09 6.17 -4.49
C SER A 15 -10.42 4.79 -4.45
N ASP A 16 -11.21 3.74 -4.62
CA ASP A 16 -10.71 2.38 -4.61
C ASP A 16 -11.43 1.58 -5.69
N GLU A 17 -10.78 0.57 -6.22
CA GLU A 17 -11.38 -0.26 -7.25
C GLU A 17 -11.03 -1.72 -7.04
N ASN A 18 -12.04 -2.56 -7.26
CA ASN A 18 -11.92 -4.01 -7.11
C ASN A 18 -11.50 -4.40 -5.69
N TYR A 19 -12.20 -3.85 -4.71
CA TYR A 19 -11.89 -4.13 -3.31
C TYR A 19 -12.36 -5.51 -2.87
N ASP A 20 -13.66 -5.77 -3.00
CA ASP A 20 -14.25 -7.06 -2.59
C ASP A 20 -13.58 -8.25 -3.27
N ASP A 21 -13.31 -8.11 -4.56
CA ASP A 21 -12.68 -9.19 -5.31
C ASP A 21 -11.31 -9.52 -4.74
N PHE A 22 -10.61 -8.48 -4.35
CA PHE A 22 -9.27 -8.61 -3.78
C PHE A 22 -9.34 -9.32 -2.42
N VAL A 23 -10.17 -8.79 -1.53
CA VAL A 23 -10.31 -9.32 -0.20
C VAL A 23 -10.88 -10.75 -0.21
N LYS A 24 -11.81 -11.02 -1.11
CA LYS A 24 -12.40 -12.34 -1.21
C LYS A 24 -11.40 -13.35 -1.77
N LYS A 25 -10.47 -12.86 -2.59
CA LYS A 25 -9.45 -13.72 -3.19
C LYS A 25 -8.38 -14.10 -2.16
N ILE A 26 -7.89 -13.12 -1.41
CA ILE A 26 -6.85 -13.37 -0.42
C ILE A 26 -7.40 -14.11 0.81
N GLY A 27 -8.71 -14.16 0.92
CA GLY A 27 -9.34 -14.85 2.04
C GLY A 27 -9.37 -14.01 3.29
N LEU A 28 -9.52 -12.70 3.12
CA LEU A 28 -9.58 -11.78 4.24
C LEU A 28 -10.89 -11.99 5.00
N PRO A 29 -10.83 -12.03 6.35
CA PRO A 29 -12.04 -12.20 7.16
C PRO A 29 -12.99 -11.01 7.01
N ALA A 30 -14.28 -11.30 6.92
CA ALA A 30 -15.31 -10.27 6.77
C ALA A 30 -15.17 -9.19 7.82
N ASP A 31 -14.83 -9.62 9.03
CA ASP A 31 -14.65 -8.72 10.16
C ASP A 31 -13.65 -7.63 9.86
N LYS A 32 -12.58 -7.96 9.15
CA LYS A 32 -11.55 -6.98 8.81
C LYS A 32 -11.87 -6.32 7.48
N ILE A 33 -12.52 -7.06 6.60
CA ILE A 33 -12.89 -6.54 5.29
C ILE A 33 -13.75 -5.30 5.41
N GLU A 34 -14.90 -5.47 6.05
CA GLU A 34 -15.86 -4.39 6.23
C GLU A 34 -15.31 -3.32 7.17
N MET A 35 -14.39 -3.71 8.02
CA MET A 35 -13.76 -2.79 8.97
C MET A 35 -12.77 -1.89 8.25
N GLY A 36 -12.08 -2.43 7.25
CA GLY A 36 -11.10 -1.66 6.52
C GLY A 36 -11.54 -1.26 5.12
N ARG A 37 -12.83 -1.22 4.88
CA ARG A 37 -13.33 -0.86 3.56
C ARG A 37 -13.97 0.52 3.58
N ASN A 38 -13.70 1.31 2.53
CA ASN A 38 -14.24 2.66 2.40
C ASN A 38 -13.83 3.52 3.59
N CYS A 39 -12.73 3.15 4.23
CA CYS A 39 -12.24 3.87 5.39
C CYS A 39 -11.13 4.83 4.98
N LYS A 40 -10.95 5.88 5.76
CA LYS A 40 -9.93 6.88 5.45
C LYS A 40 -8.56 6.52 6.01
N ILE A 41 -7.79 5.77 5.24
CA ILE A 41 -6.44 5.39 5.65
C ILE A 41 -5.44 6.39 5.05
N VAL A 42 -4.65 7.00 5.91
CA VAL A 42 -3.66 7.98 5.46
C VAL A 42 -2.32 7.30 5.22
N THR A 43 -1.64 7.72 4.16
CA THR A 43 -0.35 7.17 3.81
C THR A 43 0.73 8.25 3.90
N GLU A 44 1.56 8.18 4.92
CA GLU A 44 2.61 9.17 5.10
C GLU A 44 3.92 8.67 4.51
N VAL A 45 4.35 9.29 3.40
CA VAL A 45 5.57 8.90 2.73
C VAL A 45 6.66 9.95 2.86
N VAL A 46 7.80 9.54 3.39
CA VAL A 46 8.93 10.43 3.50
C VAL A 46 10.07 9.88 2.63
N GLN A 47 10.75 10.75 1.89
CA GLN A 47 11.81 10.31 1.01
C GLN A 47 13.19 10.62 1.57
N ASN A 48 13.98 9.58 1.75
CA ASN A 48 15.34 9.71 2.23
C ASN A 48 16.26 8.99 1.25
N GLY A 49 16.57 9.64 0.14
CA GLY A 49 17.41 9.05 -0.86
C GLY A 49 16.65 8.02 -1.66
N ASN A 50 16.77 6.77 -1.25
CA ASN A 50 16.06 5.68 -1.91
C ASN A 50 15.20 4.95 -0.89
N ASP A 51 15.14 5.50 0.31
CA ASP A 51 14.35 4.92 1.38
C ASP A 51 13.01 5.62 1.46
N PHE A 52 11.97 4.91 1.08
CA PHE A 52 10.62 5.44 1.11
C PHE A 52 9.86 4.76 2.23
N THR A 53 9.01 5.51 2.92
CA THR A 53 8.26 4.96 4.02
C THR A 53 6.78 4.88 3.71
N TRP A 54 6.18 3.76 4.05
CA TRP A 54 4.76 3.58 3.86
C TRP A 54 4.09 3.53 5.22
N THR A 55 3.51 4.66 5.61
CA THR A 55 2.83 4.74 6.88
C THR A 55 1.33 4.73 6.68
N GLN A 56 0.65 3.73 7.21
CA GLN A 56 -0.78 3.62 7.09
C GLN A 56 -1.45 3.99 8.40
N HIS A 57 -2.25 5.02 8.37
CA HIS A 57 -2.96 5.48 9.55
C HIS A 57 -4.43 5.12 9.45
N PHE A 58 -4.87 4.33 10.40
CA PHE A 58 -6.26 3.88 10.42
C PHE A 58 -7.09 4.76 11.35
N PRO A 59 -8.31 5.11 10.92
CA PRO A 59 -9.21 5.94 11.73
C PRO A 59 -9.66 5.21 12.98
N GLY A 60 -9.24 5.73 14.14
CA GLY A 60 -9.62 5.13 15.41
C GLY A 60 -9.23 3.66 15.52
N GLY A 61 -8.10 3.29 14.95
CA GLY A 61 -7.67 1.91 15.01
C GLY A 61 -6.17 1.76 15.06
N ARG A 62 -5.69 0.55 14.79
CA ARG A 62 -4.27 0.26 14.83
C ARG A 62 -3.56 0.93 13.64
N THR A 63 -2.33 1.35 13.86
CA THR A 63 -1.55 2.00 12.82
C THR A 63 -0.43 1.07 12.33
N THR A 64 0.10 1.36 11.15
CA THR A 64 1.17 0.55 10.58
C THR A 64 2.20 1.44 9.88
N THR A 65 3.47 1.09 10.00
CA THR A 65 4.52 1.87 9.38
C THR A 65 5.64 0.95 8.85
N ASN A 66 5.88 1.01 7.54
CA ASN A 66 6.91 0.18 6.94
C ASN A 66 7.88 1.03 6.13
N SER A 67 9.14 0.94 6.49
CA SER A 67 10.18 1.67 5.81
C SER A 67 10.94 0.73 4.90
N PHE A 68 11.16 1.13 3.65
CA PHE A 68 11.85 0.27 2.71
C PHE A 68 12.80 1.07 1.81
N THR A 69 13.94 0.48 1.54
CA THR A 69 14.92 1.10 0.68
C THR A 69 14.94 0.37 -0.66
N ILE A 70 14.79 1.13 -1.75
CA ILE A 70 14.81 0.54 -3.08
C ILE A 70 16.08 -0.26 -3.31
N ASP A 71 15.90 -1.52 -3.72
CA ASP A 71 16.98 -2.46 -3.99
C ASP A 71 17.58 -2.99 -2.69
N LYS A 72 16.79 -2.90 -1.63
CA LYS A 72 17.21 -3.35 -0.31
C LYS A 72 16.06 -4.11 0.37
N GLU A 73 16.42 -5.11 1.18
CA GLU A 73 15.41 -5.88 1.90
C GLU A 73 14.86 -5.04 3.05
N ALA A 74 13.55 -5.05 3.23
CA ALA A 74 12.92 -4.26 4.28
C ALA A 74 12.03 -5.12 5.15
N ASP A 75 11.74 -4.63 6.34
CA ASP A 75 10.87 -5.32 7.29
C ASP A 75 9.50 -4.66 7.24
N MET A 76 8.49 -5.45 6.93
CA MET A 76 7.14 -4.93 6.82
C MET A 76 6.15 -5.69 7.68
N GLU A 77 5.03 -5.03 7.91
CA GLU A 77 3.94 -5.59 8.67
C GLU A 77 2.64 -5.14 8.00
N THR A 78 1.65 -6.01 7.96
CA THR A 78 0.38 -5.67 7.35
C THR A 78 -0.54 -4.99 8.36
N MET A 79 -1.77 -4.78 7.96
CA MET A 79 -2.75 -4.15 8.81
C MET A 79 -3.47 -5.20 9.64
N GLY A 80 -3.19 -6.47 9.33
CA GLY A 80 -3.79 -7.57 10.06
C GLY A 80 -2.89 -8.02 11.20
N GLY A 81 -1.59 -7.91 11.00
CA GLY A 81 -0.65 -8.30 12.03
C GLY A 81 0.40 -9.29 11.55
N ARG A 82 0.78 -9.19 10.27
CA ARG A 82 1.79 -10.08 9.72
C ARG A 82 3.15 -9.41 9.72
N LYS A 83 4.11 -10.04 10.36
CA LYS A 83 5.47 -9.53 10.40
C LYS A 83 6.31 -10.29 9.37
N PHE A 84 6.90 -9.58 8.42
CA PHE A 84 7.68 -10.25 7.37
C PHE A 84 8.72 -9.31 6.75
N LYS A 85 9.51 -9.83 5.84
CA LYS A 85 10.54 -9.06 5.17
C LYS A 85 10.46 -9.29 3.67
N ALA A 86 10.76 -8.27 2.88
CA ALA A 86 10.72 -8.37 1.43
C ALA A 86 11.64 -7.34 0.77
N THR A 87 11.98 -7.57 -0.48
CA THR A 87 12.84 -6.66 -1.22
C THR A 87 12.00 -5.82 -2.18
N VAL A 88 12.22 -4.51 -2.18
CA VAL A 88 11.48 -3.60 -3.03
C VAL A 88 12.41 -2.96 -4.04
N LYS A 89 11.92 -2.73 -5.26
CA LYS A 89 12.71 -2.12 -6.31
C LYS A 89 11.90 -1.05 -7.01
N MET A 90 12.49 -0.40 -8.00
CA MET A 90 11.80 0.65 -8.72
C MET A 90 11.93 0.46 -10.23
N GLU A 91 10.82 0.59 -10.94
CA GLU A 91 10.82 0.43 -12.38
C GLU A 91 10.16 1.63 -13.06
N GLY A 92 10.97 2.43 -13.74
CA GLY A 92 10.47 3.60 -14.43
C GLY A 92 9.83 4.62 -13.50
N GLY A 93 10.34 4.70 -12.28
CA GLY A 93 9.79 5.65 -11.33
C GLY A 93 8.57 5.10 -10.61
N LYS A 94 8.44 3.79 -10.62
CA LYS A 94 7.33 3.11 -9.96
C LYS A 94 7.86 2.14 -8.93
N ILE A 95 7.37 2.22 -7.70
CA ILE A 95 7.82 1.32 -6.65
C ILE A 95 7.13 -0.03 -6.76
N VAL A 96 7.90 -1.08 -6.97
CA VAL A 96 7.37 -2.42 -7.09
C VAL A 96 8.01 -3.35 -6.07
N ALA A 97 7.18 -4.08 -5.35
CA ALA A 97 7.65 -5.02 -4.34
C ALA A 97 7.40 -6.46 -4.78
N ASP A 98 8.36 -7.34 -4.50
CA ASP A 98 8.25 -8.75 -4.89
C ASP A 98 7.59 -9.58 -3.80
N PHE A 99 6.48 -10.22 -4.14
CA PHE A 99 5.74 -11.06 -3.21
C PHE A 99 5.14 -12.26 -3.94
N PRO A 100 4.94 -13.38 -3.23
CA PRO A 100 4.33 -14.57 -3.80
C PRO A 100 2.83 -14.37 -4.04
N ASN A 101 2.44 -14.38 -5.31
CA ASN A 101 1.05 -14.19 -5.72
C ASN A 101 0.55 -12.80 -5.34
N TYR A 102 1.50 -11.89 -5.10
CA TYR A 102 1.17 -10.52 -4.74
C TYR A 102 2.13 -9.58 -5.45
N HIS A 103 1.56 -8.66 -6.20
CA HIS A 103 2.34 -7.68 -6.94
C HIS A 103 1.94 -6.29 -6.50
N HIS A 104 2.79 -5.68 -5.69
CA HIS A 104 2.52 -4.34 -5.16
C HIS A 104 3.30 -3.28 -5.94
N THR A 105 2.58 -2.32 -6.50
CA THR A 105 3.19 -1.23 -7.25
C THR A 105 2.53 0.11 -6.91
N ALA A 106 3.32 1.18 -6.97
CA ALA A 106 2.82 2.50 -6.69
C ALA A 106 3.36 3.49 -7.71
N GLU A 107 2.51 4.38 -8.21
CA GLU A 107 2.93 5.37 -9.20
C GLU A 107 2.10 6.64 -9.07
N ILE A 108 2.51 7.66 -9.82
CA ILE A 108 1.83 8.94 -9.82
C ILE A 108 1.18 9.20 -11.17
N SER A 109 -0.11 9.45 -11.15
CA SER A 109 -0.84 9.74 -12.37
C SER A 109 -0.93 11.26 -12.53
N GLY A 110 -2.15 11.80 -12.57
CA GLY A 110 -2.30 13.24 -12.69
C GLY A 110 -2.13 13.92 -11.34
N GLY A 111 -0.93 13.77 -10.77
CA GLY A 111 -0.66 14.35 -9.47
C GLY A 111 -1.31 13.57 -8.35
N LYS A 112 -1.62 12.32 -8.63
CA LYS A 112 -2.27 11.45 -7.65
C LYS A 112 -1.56 10.11 -7.55
N LEU A 113 -1.56 9.55 -6.35
CA LEU A 113 -0.93 8.28 -6.08
C LEU A 113 -1.92 7.17 -6.32
N VAL A 114 -1.59 6.28 -7.22
CA VAL A 114 -2.43 5.14 -7.51
C VAL A 114 -1.66 3.88 -7.20
N GLU A 115 -2.13 3.17 -6.19
CA GLU A 115 -1.50 1.94 -5.75
C GLU A 115 -2.20 0.73 -6.37
N ILE A 116 -1.41 -0.22 -6.81
CA ILE A 116 -1.94 -1.42 -7.44
C ILE A 116 -1.42 -2.69 -6.72
N SER A 117 -2.34 -3.52 -6.28
CA SER A 117 -2.02 -4.76 -5.59
C SER A 117 -2.66 -5.94 -6.30
N THR A 118 -1.85 -6.80 -6.87
CA THR A 118 -2.36 -7.96 -7.56
C THR A 118 -2.20 -9.20 -6.70
N SER A 119 -3.24 -10.00 -6.61
CA SER A 119 -3.21 -11.22 -5.83
C SER A 119 -3.98 -12.33 -6.53
N SER A 120 -3.23 -13.33 -6.97
CA SER A 120 -3.79 -14.48 -7.68
C SER A 120 -4.59 -14.05 -8.91
N GLY A 121 -4.17 -12.94 -9.52
CA GLY A 121 -4.85 -12.47 -10.70
C GLY A 121 -5.71 -11.24 -10.44
N VAL A 122 -6.32 -11.17 -9.27
CA VAL A 122 -7.16 -10.03 -8.93
C VAL A 122 -6.33 -8.77 -8.73
N VAL A 123 -6.69 -7.72 -9.45
CA VAL A 123 -5.99 -6.45 -9.36
C VAL A 123 -6.77 -5.44 -8.53
N TYR A 124 -6.19 -5.03 -7.42
CA TYR A 124 -6.81 -4.04 -6.56
C TYR A 124 -6.09 -2.70 -6.75
N LYS A 125 -6.85 -1.67 -7.06
CA LYS A 125 -6.29 -0.36 -7.28
C LYS A 125 -6.92 0.65 -6.36
N ARG A 126 -6.15 1.64 -5.96
CA ARG A 126 -6.63 2.69 -5.09
C ARG A 126 -5.98 4.02 -5.42
N THR A 127 -6.80 5.04 -5.56
CA THR A 127 -6.32 6.37 -5.86
C THR A 127 -6.27 7.19 -4.58
N SER A 128 -5.13 7.79 -4.31
CA SER A 128 -4.98 8.58 -3.10
C SER A 128 -4.51 9.98 -3.45
N LYS A 129 -5.24 10.98 -2.97
CA LYS A 129 -4.87 12.36 -3.20
C LYS A 129 -3.68 12.72 -2.32
N LYS A 130 -2.95 13.75 -2.71
CA LYS A 130 -1.76 14.18 -1.97
C LYS A 130 -2.07 15.39 -1.11
N ILE A 131 -1.75 15.28 0.17
CA ILE A 131 -1.97 16.37 1.12
C ILE A 131 -0.81 16.41 2.11
N ALA A 132 -0.72 17.48 2.88
CA ALA A 132 0.34 17.59 3.88
C ALA A 132 -0.23 18.11 5.19
C1 CHO B . -6.04 -3.09 1.73
C2 CHO B . -4.68 -2.45 2.03
C3 CHO B . -3.54 -3.38 1.60
O3 CHO B . -2.29 -2.77 1.91
C4 CHO B . -3.67 -4.71 2.34
C5 CHO B . -5.02 -5.36 2.05
C6 CHO B . -5.11 -6.69 2.79
C7 CHO B . -5.06 -6.44 4.30
O7 CHO B . -3.81 -5.84 4.64
C8 CHO B . -6.21 -5.52 4.73
C9 CHO B . -6.12 -4.19 3.97
C10 CHO B . -6.17 -4.43 2.46
C11 CHO B . -7.25 -3.25 4.41
C12 CHO B . -7.22 -3.02 5.93
C13 CHO B . -7.32 -4.38 6.64
C14 CHO B . -6.13 -5.23 6.22
C15 CHO B . -6.36 -6.44 7.13
C16 CHO B . -6.64 -5.77 8.48
C17 CHO B . -7.05 -4.34 8.14
C18 CHO B . -8.63 -5.10 6.32
C19 CHO B . -7.50 -5.08 2.09
C20 CHO B . -8.26 -3.88 8.96
C21 CHO B . -8.70 -2.46 8.54
C22 CHO B . -7.93 -3.90 10.45
C23 CHO B . -9.12 -3.45 11.30
C24 CHO B . -8.78 -3.48 12.79
O24 CHO B . -8.30 -4.50 13.30
N25 CHO B . -9.03 -2.36 13.45
C26 CHO B . -8.76 -2.22 14.88
C27 CHO B . -9.58 -3.25 15.67
OT1 CHO B . -9.06 -3.74 16.69
OT2 CHO B . -10.72 -3.52 15.24
H11 CHO B . -6.12 -3.26 0.65
H12 CHO B . -6.82 -2.42 2.07
H21 CHO B . -4.60 -2.26 3.10
H22 CHO B . -4.60 -1.51 1.48
H3 CHO B . -3.60 -3.57 0.52
HO3 CHO B . -2.26 -2.54 2.88
H41 CHO B . -3.57 -4.52 3.42
H42 CHO B . -2.87 -5.37 2.01
H5 CHO B . -5.10 -5.52 0.98
H61 CHO B . -4.27 -7.32 2.50
H62 CHO B . -6.05 -7.19 2.53
H7 CHO B . -5.17 -7.40 4.81
HO7 CHO B . -3.75 -5.76 5.64
H8 CHO B . -7.15 -6.02 4.50
H9 CHO B . -5.17 -3.71 4.21
H111 CHO B . -8.21 -3.69 4.13
H112 CHO B . -7.09 -2.29 3.93
H121 CHO B . -8.07 -2.40 6.21
H122 CHO B . -6.30 -2.53 6.22
H14 CHO B . -5.13 -4.82 6.35
H151 CHO B . -5.47 -7.08 7.18
H152 CHO B . -7.14 -7.11 6.79
H161 CHO B . -5.75 -5.77 9.11
H162 CHO B . -7.42 -6.29 9.03
H17 CHO B . -6.28 -3.60 8.40
H181 CHO B . -8.45 -6.16 6.24
H182 CHO B . -9.02 -4.73 5.37
H183 CHO B . -9.35 -4.90 7.11
H191 CHO B . -7.35 -6.15 1.90
H192 CHO B . -7.91 -4.60 1.20
H193 CHO B . -8.22 -4.95 2.92
H20 CHO B . -9.08 -4.55 8.76
H211 CHO B . -8.62 -1.79 9.39
H212 CHO B . -9.75 -2.49 8.21
H213 CHO B . -8.07 -2.11 7.73
H221 CHO B . -7.09 -3.24 10.64
H222 CHO B . -7.68 -4.93 10.73
H231 CHO B . -9.96 -4.12 11.11
H232 CHO B . -9.38 -2.43 11.02
HN CHO B . -9.41 -1.55 13.02
H261 CHO B . -9.02 -1.21 15.22
H262 CHO B . -7.69 -2.40 15.07
C1 CHO C . 6.16 -2.21 -1.19
C2 CHO C . 5.27 -1.11 -1.76
C3 CHO C . 5.46 0.20 -0.98
O3 CHO C . 4.60 1.21 -1.52
C4 CHO C . 5.10 -0.04 0.49
C5 CHO C . 6.01 -1.14 1.06
C6 CHO C . 5.70 -1.34 2.54
C7 CHO C . 4.29 -1.90 2.72
O7 CHO C . 3.33 -0.96 2.26
C8 CHO C . 4.13 -3.21 1.93
C9 CHO C . 4.42 -2.97 0.45
C10 CHO C . 5.85 -2.45 0.28
C11 CHO C . 4.22 -4.25 -0.36
C12 CHO C . 2.84 -4.88 -0.13
C13 CHO C . 2.66 -5.11 1.37
C14 CHO C . 2.72 -3.77 2.08
C15 CHO C . 2.34 -4.22 3.48
C16 CHO C . 1.05 -4.97 3.19
C17 CHO C . 1.26 -5.57 1.78
C18 CHO C . 3.73 -6.04 1.91
C19 CHO C . 6.83 -3.49 0.84
C20 CHO C . 1.16 -7.11 1.80
C21 CHO C . 1.45 -7.70 0.43
C22 CHO C . -0.22 -7.54 2.30
C23 CHO C . -0.32 -9.06 2.36
C24 CHO C . -1.66 -9.53 2.96
O24 CHO C . -2.16 -10.59 2.64
N25 CHO C . -2.21 -8.68 3.84
C26 CHO C . -3.48 -8.96 4.50
C27 CHO C . -3.26 -8.98 6.02
OT1 CHO C . -3.24 -10.10 6.58
OT2 CHO C . -3.11 -7.87 6.59
H11 CHO C . 7.20 -1.91 -1.29
H12 CHO C . 5.97 -3.12 -1.75
H21 CHO C . 4.22 -1.41 -1.70
H22 CHO C . 5.54 -0.93 -2.81
H3 CHO C . 6.49 0.52 -1.05
HO3 CHO C . 5.10 1.71 -2.22
H41 CHO C . 4.06 -0.37 0.56
H42 CHO C . 5.24 0.88 1.06
H5 CHO C . 7.05 -0.82 0.96
H61 CHO C . 5.77 -0.38 3.06
H62 CHO C . 6.42 -2.04 2.96
H7 CHO C . 4.13 -2.11 3.77
HO7 CHO C . 3.26 -1.00 1.27
H8 CHO C . 4.85 -3.93 2.33
H9 CHO C . 3.72 -2.22 0.07
H111 CHO C . 4.99 -4.97 -0.07
H112 CHO C . 4.30 -3.99 -1.42
H121 CHO C . 2.76 -5.82 -0.67
H122 CHO C . 2.06 -4.20 -0.50
H14 CHO C . 2.09 -2.95 1.72
H151 CHO C . 2.17 -3.37 4.15
H152 CHO C . 3.11 -4.80 4.00
H161 CHO C . 0.20 -4.29 3.18
H162 CHO C . 0.84 -5.73 3.93
H17 CHO C . 0.49 -5.26 1.08
H181 CHO C . 3.92 -6.84 1.20
H182 CHO C . 3.40 -6.46 2.86
H183 CHO C . 4.66 -5.48 2.07
H191 CHO C . 6.93 -4.31 0.13
H192 CHO C . 6.44 -3.87 1.79
H193 CHO C . 7.80 -3.02 1.01
H20 CHO C . 1.90 -7.49 2.51
H211 CHO C . 1.21 -6.97 -0.34
H212 CHO C . 0.84 -8.59 0.28
H213 CHO C . 2.50 -7.96 0.36
H221 CHO C . -0.98 -7.17 1.61
H222 CHO C . -0.39 -7.14 3.30
H231 CHO C . 0.48 -9.45 2.99
H232 CHO C . -0.26 -9.45 1.35
HN CHO C . -1.79 -7.80 4.07
H261 CHO C . -3.85 -9.94 4.18
H262 CHO C . -4.21 -8.20 4.25
N ALA A 6 6.35 14.37 -5.70
CA ALA A 6 6.01 13.04 -6.24
C ALA A 6 5.50 12.13 -5.12
N PHE A 7 6.26 11.07 -4.83
CA PHE A 7 5.87 10.10 -3.80
C PHE A 7 5.78 10.74 -2.43
N THR A 8 6.73 11.62 -2.10
CA THR A 8 6.77 12.28 -0.81
C THR A 8 5.48 13.02 -0.50
N GLY A 9 5.09 12.99 0.76
CA GLY A 9 3.88 13.66 1.17
C GLY A 9 2.89 12.71 1.79
N LYS A 10 1.79 13.25 2.28
CA LYS A 10 0.75 12.43 2.89
C LYS A 10 -0.36 12.22 1.86
N TYR A 11 -0.94 11.04 1.86
CA TYR A 11 -2.01 10.71 0.92
C TYR A 11 -3.24 10.22 1.65
N GLU A 12 -4.41 10.58 1.17
CA GLU A 12 -5.66 10.16 1.79
C GLU A 12 -6.48 9.35 0.81
N PHE A 13 -7.14 8.32 1.32
CA PHE A 13 -7.98 7.43 0.52
C PHE A 13 -8.96 8.22 -0.35
N GLU A 14 -8.82 8.06 -1.67
CA GLU A 14 -9.67 8.76 -2.61
C GLU A 14 -10.62 7.78 -3.31
N SER A 15 -10.06 6.70 -3.85
CA SER A 15 -10.86 5.71 -4.55
C SER A 15 -10.26 4.33 -4.46
N ASP A 16 -11.03 3.32 -4.85
CA ASP A 16 -10.59 1.94 -4.83
C ASP A 16 -11.32 1.14 -5.90
N GLU A 17 -10.73 0.03 -6.28
CA GLU A 17 -11.31 -0.83 -7.29
C GLU A 17 -11.04 -2.28 -6.97
N ASN A 18 -12.05 -3.11 -7.17
CA ASN A 18 -11.99 -4.55 -6.92
C ASN A 18 -11.68 -4.86 -5.46
N TYR A 19 -12.19 -4.03 -4.56
CA TYR A 19 -11.96 -4.23 -3.13
C TYR A 19 -12.51 -5.57 -2.66
N ASP A 20 -13.81 -5.76 -2.81
CA ASP A 20 -14.50 -6.99 -2.38
C ASP A 20 -13.92 -8.21 -3.04
N ASP A 21 -13.63 -8.10 -4.33
CA ASP A 21 -13.06 -9.22 -5.09
C ASP A 21 -11.70 -9.61 -4.53
N PHE A 22 -10.86 -8.61 -4.31
CA PHE A 22 -9.53 -8.80 -3.78
C PHE A 22 -9.56 -9.42 -2.39
N VAL A 23 -10.31 -8.77 -1.50
CA VAL A 23 -10.39 -9.25 -0.12
C VAL A 23 -10.96 -10.66 -0.04
N LYS A 24 -11.95 -10.96 -0.89
CA LYS A 24 -12.55 -12.30 -0.90
C LYS A 24 -11.59 -13.31 -1.53
N LYS A 25 -10.69 -12.82 -2.37
CA LYS A 25 -9.73 -13.69 -3.05
C LYS A 25 -8.54 -14.01 -2.15
N ILE A 26 -8.00 -12.99 -1.48
CA ILE A 26 -6.84 -13.19 -0.61
C ILE A 26 -7.22 -13.91 0.68
N GLY A 27 -8.50 -13.94 0.99
CA GLY A 27 -8.94 -14.63 2.18
C GLY A 27 -9.05 -13.73 3.39
N LEU A 28 -9.30 -12.45 3.15
CA LEU A 28 -9.42 -11.49 4.24
C LEU A 28 -10.70 -11.76 5.03
N PRO A 29 -10.63 -11.81 6.36
CA PRO A 29 -11.81 -12.04 7.20
C PRO A 29 -12.80 -10.89 7.12
N ALA A 30 -14.09 -11.22 7.09
CA ALA A 30 -15.15 -10.22 7.00
C ALA A 30 -15.04 -9.17 8.10
N ASP A 31 -14.56 -9.61 9.26
CA ASP A 31 -14.38 -8.73 10.41
C ASP A 31 -13.45 -7.57 10.06
N LYS A 32 -12.40 -7.88 9.33
CA LYS A 32 -11.41 -6.88 8.95
C LYS A 32 -11.80 -6.22 7.64
N ILE A 33 -12.47 -6.96 6.78
CA ILE A 33 -12.91 -6.46 5.48
C ILE A 33 -13.78 -5.21 5.64
N GLU A 34 -14.85 -5.35 6.40
CA GLU A 34 -15.78 -4.25 6.62
C GLU A 34 -15.17 -3.19 7.52
N MET A 35 -14.15 -3.58 8.26
CA MET A 35 -13.46 -2.67 9.16
C MET A 35 -12.51 -1.76 8.37
N GLY A 36 -11.88 -2.31 7.35
CA GLY A 36 -10.94 -1.54 6.56
C GLY A 36 -11.47 -1.11 5.21
N ARG A 37 -12.77 -0.95 5.09
CA ARG A 37 -13.37 -0.55 3.82
C ARG A 37 -13.95 0.84 3.91
N ASN A 38 -13.69 1.64 2.86
CA ASN A 38 -14.17 3.03 2.80
C ASN A 38 -13.59 3.85 3.95
N CYS A 39 -12.49 3.36 4.51
CA CYS A 39 -11.84 4.03 5.61
C CYS A 39 -10.77 4.98 5.09
N LYS A 40 -10.71 6.17 5.67
CA LYS A 40 -9.76 7.20 5.26
C LYS A 40 -8.34 6.88 5.73
N ILE A 41 -7.67 6.02 4.97
CA ILE A 41 -6.30 5.64 5.29
C ILE A 41 -5.34 6.74 4.85
N VAL A 42 -4.49 7.18 5.77
CA VAL A 42 -3.52 8.22 5.45
C VAL A 42 -2.16 7.60 5.22
N THR A 43 -1.62 7.81 4.02
CA THR A 43 -0.32 7.29 3.66
C THR A 43 0.72 8.40 3.70
N GLU A 44 1.56 8.39 4.73
CA GLU A 44 2.59 9.41 4.86
C GLU A 44 3.92 8.90 4.33
N VAL A 45 4.43 9.57 3.30
CA VAL A 45 5.67 9.20 2.67
C VAL A 45 6.77 10.24 2.91
N VAL A 46 7.88 9.77 3.46
CA VAL A 46 9.03 10.63 3.71
C VAL A 46 10.17 10.25 2.77
N GLN A 47 10.62 11.19 1.97
CA GLN A 47 11.70 10.92 1.02
C GLN A 47 13.07 11.05 1.68
N ASN A 48 13.82 9.96 1.68
CA ASN A 48 15.16 9.96 2.25
C ASN A 48 16.10 9.14 1.36
N GLY A 49 16.49 9.74 0.26
CA GLY A 49 17.39 9.07 -0.67
C GLY A 49 16.68 7.98 -1.44
N ASN A 50 16.79 6.76 -0.97
CA ASN A 50 16.13 5.63 -1.60
C ASN A 50 15.24 4.91 -0.61
N ASP A 51 15.18 5.44 0.61
CA ASP A 51 14.36 4.87 1.67
C ASP A 51 13.07 5.64 1.78
N PHE A 52 11.97 5.01 1.39
CA PHE A 52 10.67 5.63 1.46
C PHE A 52 9.86 4.97 2.56
N THR A 53 9.26 5.78 3.40
CA THR A 53 8.47 5.28 4.49
C THR A 53 7.00 5.22 4.13
N TRP A 54 6.41 4.05 4.22
CA TRP A 54 5.00 3.87 3.93
C TRP A 54 4.25 3.81 5.24
N THR A 55 3.63 4.91 5.61
CA THR A 55 2.88 4.97 6.84
C THR A 55 1.39 4.84 6.56
N GLN A 56 0.73 3.91 7.23
CA GLN A 56 -0.69 3.74 7.05
C GLN A 56 -1.41 4.09 8.35
N HIS A 57 -2.23 5.11 8.30
CA HIS A 57 -2.97 5.54 9.47
C HIS A 57 -4.40 5.11 9.39
N PHE A 58 -4.82 4.34 10.39
CA PHE A 58 -6.17 3.86 10.45
C PHE A 58 -6.97 4.75 11.38
N PRO A 59 -8.10 5.28 10.91
CA PRO A 59 -8.95 6.17 11.73
C PRO A 59 -9.47 5.46 12.98
N GLY A 60 -9.00 5.89 14.14
CA GLY A 60 -9.42 5.31 15.40
C GLY A 60 -8.99 3.85 15.54
N GLY A 61 -7.87 3.49 14.94
CA GLY A 61 -7.41 2.12 15.05
C GLY A 61 -5.88 1.98 15.05
N ARG A 62 -5.42 0.75 14.84
CA ARG A 62 -3.98 0.45 14.83
C ARG A 62 -3.31 1.05 13.61
N THR A 63 -2.05 1.44 13.78
CA THR A 63 -1.30 2.03 12.68
C THR A 63 -0.28 1.03 12.15
N THR A 64 0.13 1.23 10.91
CA THR A 64 1.10 0.35 10.27
C THR A 64 2.14 1.19 9.53
N THR A 65 3.38 1.15 9.99
CA THR A 65 4.43 1.94 9.37
C THR A 65 5.61 1.07 8.96
N ASN A 66 5.87 0.99 7.67
CA ASN A 66 6.99 0.20 7.15
C ASN A 66 7.94 1.08 6.37
N SER A 67 9.22 0.90 6.63
CA SER A 67 10.25 1.67 5.97
C SER A 67 11.03 0.75 5.04
N PHE A 68 11.17 1.14 3.78
CA PHE A 68 11.86 0.31 2.83
C PHE A 68 12.81 1.10 1.95
N THR A 69 13.97 0.55 1.69
CA THR A 69 14.95 1.18 0.83
C THR A 69 15.01 0.43 -0.49
N ILE A 70 14.95 1.16 -1.60
CA ILE A 70 15.02 0.55 -2.92
C ILE A 70 16.26 -0.35 -3.06
N ASP A 71 16.02 -1.58 -3.50
CA ASP A 71 17.07 -2.60 -3.70
C ASP A 71 17.60 -3.05 -2.35
N LYS A 72 16.76 -2.97 -1.35
CA LYS A 72 17.13 -3.37 0.01
C LYS A 72 16.01 -4.17 0.66
N GLU A 73 16.38 -5.11 1.52
CA GLU A 73 15.41 -5.92 2.24
C GLU A 73 14.80 -5.06 3.35
N ALA A 74 13.48 -4.97 3.35
CA ALA A 74 12.80 -4.16 4.33
C ALA A 74 11.88 -4.96 5.23
N ASP A 75 11.72 -4.46 6.45
CA ASP A 75 10.85 -5.08 7.44
C ASP A 75 9.44 -4.60 7.18
N MET A 76 8.54 -5.53 6.94
CA MET A 76 7.18 -5.16 6.62
C MET A 76 6.15 -5.83 7.52
N GLU A 77 4.95 -5.29 7.49
CA GLU A 77 3.85 -5.81 8.27
C GLU A 77 2.54 -5.32 7.66
N THR A 78 1.54 -6.19 7.59
CA THR A 78 0.26 -5.81 7.03
C THR A 78 -0.63 -5.21 8.11
N MET A 79 -1.78 -4.70 7.71
CA MET A 79 -2.70 -4.12 8.67
C MET A 79 -3.46 -5.22 9.38
N GLY A 80 -3.28 -6.45 8.90
CA GLY A 80 -3.93 -7.60 9.51
C GLY A 80 -3.09 -8.18 10.64
N GLY A 81 -1.81 -7.85 10.64
CA GLY A 81 -0.93 -8.34 11.68
C GLY A 81 0.11 -9.34 11.17
N ARG A 82 0.40 -9.32 9.88
CA ARG A 82 1.38 -10.24 9.32
C ARG A 82 2.75 -9.59 9.28
N LYS A 83 3.72 -10.19 9.96
CA LYS A 83 5.07 -9.67 9.98
C LYS A 83 5.92 -10.45 8.98
N PHE A 84 6.63 -9.75 8.13
CA PHE A 84 7.46 -10.40 7.12
C PHE A 84 8.51 -9.42 6.59
N LYS A 85 9.37 -9.92 5.72
CA LYS A 85 10.42 -9.11 5.12
C LYS A 85 10.40 -9.33 3.61
N ALA A 86 10.62 -8.27 2.86
CA ALA A 86 10.62 -8.37 1.40
C ALA A 86 11.53 -7.31 0.79
N THR A 87 11.90 -7.51 -0.46
CA THR A 87 12.76 -6.58 -1.16
C THR A 87 11.94 -5.68 -2.10
N VAL A 88 12.26 -4.40 -2.12
CA VAL A 88 11.56 -3.46 -2.97
C VAL A 88 12.50 -2.85 -4.00
N LYS A 89 11.99 -2.57 -5.19
CA LYS A 89 12.81 -1.98 -6.25
C LYS A 89 12.06 -0.83 -6.92
N MET A 90 12.68 -0.20 -7.89
CA MET A 90 12.04 0.92 -8.59
C MET A 90 12.29 0.84 -10.09
N GLU A 91 11.21 0.69 -10.86
CA GLU A 91 11.33 0.59 -12.31
C GLU A 91 10.53 1.68 -13.00
N GLY A 92 11.24 2.59 -13.65
CA GLY A 92 10.58 3.69 -14.36
C GLY A 92 9.86 4.64 -13.43
N GLY A 93 10.44 4.86 -12.25
CA GLY A 93 9.83 5.77 -11.29
C GLY A 93 8.63 5.16 -10.60
N LYS A 94 8.61 3.83 -10.51
CA LYS A 94 7.52 3.11 -9.89
C LYS A 94 8.06 2.16 -8.83
N ILE A 95 7.54 2.24 -7.63
CA ILE A 95 7.98 1.36 -6.56
C ILE A 95 7.27 0.01 -6.67
N VAL A 96 8.02 -1.01 -7.05
CA VAL A 96 7.46 -2.34 -7.21
C VAL A 96 8.06 -3.30 -6.17
N ALA A 97 7.19 -4.02 -5.47
CA ALA A 97 7.62 -4.96 -4.46
C ALA A 97 7.43 -6.39 -4.97
N ASP A 98 8.36 -7.27 -4.63
CA ASP A 98 8.31 -8.65 -5.08
C ASP A 98 7.69 -9.56 -4.02
N PHE A 99 6.61 -10.23 -4.40
CA PHE A 99 5.89 -11.11 -3.50
C PHE A 99 5.34 -12.33 -4.25
N PRO A 100 5.08 -13.43 -3.52
CA PRO A 100 4.50 -14.64 -4.12
C PRO A 100 3.00 -14.51 -4.27
N ASN A 101 2.51 -14.62 -5.51
CA ASN A 101 1.08 -14.49 -5.82
C ASN A 101 0.58 -13.10 -5.46
N TYR A 102 1.51 -12.15 -5.39
CA TYR A 102 1.18 -10.77 -5.05
C TYR A 102 2.10 -9.81 -5.79
N HIS A 103 1.51 -8.84 -6.45
CA HIS A 103 2.25 -7.85 -7.21
C HIS A 103 1.82 -6.46 -6.76
N HIS A 104 2.66 -5.79 -5.97
CA HIS A 104 2.34 -4.47 -5.47
C HIS A 104 3.22 -3.40 -6.12
N THR A 105 2.59 -2.48 -6.84
CA THR A 105 3.28 -1.39 -7.49
C THR A 105 2.66 -0.05 -7.12
N ALA A 106 3.50 0.91 -6.77
CA ALA A 106 3.04 2.24 -6.40
C ALA A 106 3.66 3.29 -7.33
N GLU A 107 2.82 4.21 -7.82
CA GLU A 107 3.30 5.25 -8.71
C GLU A 107 2.37 6.46 -8.65
N ILE A 108 2.80 7.54 -9.30
CA ILE A 108 2.04 8.77 -9.32
C ILE A 108 1.33 8.93 -10.66
N SER A 109 0.01 8.98 -10.63
CA SER A 109 -0.76 9.13 -11.85
C SER A 109 -1.67 10.36 -11.73
N GLY A 110 -1.34 11.39 -12.51
CA GLY A 110 -2.13 12.61 -12.49
C GLY A 110 -1.99 13.36 -11.17
N GLY A 111 -0.82 13.23 -10.54
CA GLY A 111 -0.59 13.89 -9.27
C GLY A 111 -1.21 13.13 -8.11
N LYS A 112 -1.62 11.89 -8.36
CA LYS A 112 -2.24 11.06 -7.35
C LYS A 112 -1.48 9.74 -7.20
N LEU A 113 -1.57 9.15 -6.03
CA LEU A 113 -0.90 7.89 -5.74
C LEU A 113 -1.87 6.75 -6.01
N VAL A 114 -1.51 5.89 -6.92
CA VAL A 114 -2.34 4.75 -7.24
C VAL A 114 -1.54 3.46 -7.08
N GLU A 115 -1.95 2.64 -6.14
CA GLU A 115 -1.28 1.38 -5.91
C GLU A 115 -2.06 0.23 -6.51
N ILE A 116 -1.34 -0.64 -7.20
CA ILE A 116 -1.94 -1.79 -7.81
C ILE A 116 -1.42 -3.06 -7.15
N SER A 117 -2.33 -3.85 -6.61
CA SER A 117 -1.97 -5.08 -5.93
C SER A 117 -2.67 -6.26 -6.58
N THR A 118 -1.91 -7.03 -7.34
CA THR A 118 -2.45 -8.20 -8.01
C THR A 118 -2.28 -9.45 -7.15
N SER A 119 -3.31 -10.28 -7.11
CA SER A 119 -3.25 -11.51 -6.34
C SER A 119 -4.21 -12.54 -6.92
N SER A 120 -3.65 -13.65 -7.38
CA SER A 120 -4.43 -14.75 -7.95
C SER A 120 -5.29 -14.30 -9.13
N GLY A 121 -4.79 -13.32 -9.88
CA GLY A 121 -5.53 -12.83 -11.03
C GLY A 121 -6.38 -11.61 -10.74
N VAL A 122 -6.71 -11.39 -9.48
CA VAL A 122 -7.52 -10.24 -9.11
C VAL A 122 -6.64 -9.01 -8.91
N VAL A 123 -6.92 -7.97 -9.68
CA VAL A 123 -6.17 -6.73 -9.60
C VAL A 123 -6.86 -5.70 -8.72
N TYR A 124 -6.26 -5.43 -7.57
CA TYR A 124 -6.80 -4.45 -6.65
C TYR A 124 -6.08 -3.12 -6.86
N LYS A 125 -6.83 -2.05 -6.95
CA LYS A 125 -6.25 -0.74 -7.14
C LYS A 125 -6.82 0.27 -6.15
N ARG A 126 -5.96 1.13 -5.62
CA ARG A 126 -6.38 2.15 -4.69
C ARG A 126 -5.73 3.48 -5.04
N THR A 127 -6.54 4.53 -5.14
CA THR A 127 -6.06 5.85 -5.46
C THR A 127 -6.16 6.77 -4.25
N SER A 128 -5.08 7.48 -3.98
CA SER A 128 -5.04 8.40 -2.86
C SER A 128 -4.57 9.77 -3.33
N LYS A 129 -5.17 10.83 -2.79
CA LYS A 129 -4.78 12.18 -3.15
C LYS A 129 -3.68 12.68 -2.22
N LYS A 130 -2.90 13.64 -2.68
CA LYS A 130 -1.80 14.17 -1.89
C LYS A 130 -2.21 15.39 -1.10
N ILE A 131 -1.82 15.40 0.16
CA ILE A 131 -2.10 16.50 1.06
C ILE A 131 -0.91 16.70 1.98
N ALA A 132 -0.87 17.83 2.65
CA ALA A 132 0.22 18.13 3.58
C ALA A 132 -0.33 18.90 4.77
C1 CHO B . -6.67 -2.66 1.53
C2 CHO B . -5.38 -1.87 1.71
C3 CHO B . -4.20 -2.65 1.13
O3 CHO B . -2.99 -1.91 1.33
C4 CHO B . -4.08 -4.00 1.85
C5 CHO B . -5.38 -4.80 1.68
C6 CHO B . -5.23 -6.15 2.37
C7 CHO B . -5.07 -5.94 3.87
O7 CHO B . -3.87 -5.21 4.13
C8 CHO B . -6.26 -5.16 4.44
C9 CHO B . -6.40 -3.82 3.73
C10 CHO B . -6.57 -4.03 2.22
C11 CHO B . -7.56 -3.01 4.31
C12 CHO B . -7.42 -2.83 5.82
C13 CHO B . -7.32 -4.20 6.48
C14 CHO B . -6.09 -4.92 5.94
C15 CHO B . -6.11 -6.18 6.80
C16 CHO B . -6.41 -5.61 8.19
C17 CHO B . -6.93 -4.19 7.96
C18 CHO B . -8.58 -5.05 6.24
C19 CHO B . -7.85 -4.82 1.97
C20 CHO B . -8.10 -3.84 8.88
C21 CHO B . -8.66 -2.46 8.53
C22 CHO B . -7.65 -3.88 10.34
C23 CHO B . -8.82 -3.50 11.26
C24 CHO B . -8.41 -3.51 12.72
O24 CHO B . -7.69 -4.40 13.18
N25 CHO B . -8.88 -2.49 13.44
C26 CHO B . -8.58 -2.33 14.88
C27 CHO B . -9.17 -3.52 15.66
OT1 CHO B . -10.40 -3.68 15.61
OT2 CHO B . -8.35 -4.23 16.28
H11 CHO B . -6.85 -2.82 0.46
H12 CHO B . -7.49 -2.10 1.96
H21 CHO B . -5.21 -1.69 2.76
H22 CHO B . -5.46 -0.93 1.17
H3 CHO B . -4.34 -2.82 0.07
HO3 CHO B . -2.84 -1.77 2.31
H41 CHO B . -3.90 -3.83 2.91
H42 CHO B . -3.24 -4.56 1.42
H5 CHO B . -5.55 -4.95 0.61
H61 CHO B . -4.36 -6.67 1.98
H62 CHO B . -6.12 -6.75 2.17
H7 CHO B . -5.03 -6.92 4.36
HO7 CHO B . -4.05 -4.24 4.04
H8 CHO B . -7.16 -5.76 4.27
H9 CHO B . -5.48 -3.25 3.89
H111 CHO B . -8.49 -3.54 4.10
H112 CHO B . -7.56 -2.03 3.84
H121 CHO B . -8.29 -2.30 6.20
H122 CHO B . -6.53 -2.24 6.04
H14 CHO B . -5.14 -4.40 5.99
H151 CHO B . -5.15 -6.70 6.78
H152 CHO B . -6.84 -6.93 6.47
H161 CHO B . -5.50 -5.59 8.81
H162 CHO B . -7.13 -6.22 8.74
H17 CHO B . -6.19 -3.42 8.18
H181 CHO B . -8.36 -6.09 6.41
H182 CHO B . -8.92 -4.91 5.22
H183 CHO B . -9.37 -4.72 6.93
H191 CHO B . -7.64 -5.89 2.06
H192 CHO B . -8.22 -4.61 0.96
H193 CHO B . -8.60 -4.55 2.71
H20 CHO B . -8.88 -4.57 8.72
H211 CHO B . -8.54 -1.79 9.39
H212 CHO B . -9.72 -2.54 8.30
H213 CHO B . -8.13 -2.04 7.68
H221 CHO B . -6.84 -3.17 10.49
H222 CHO B . -7.32 -4.89 10.59
H231 CHO B . -9.63 -4.21 11.11
H232 CHO B . -9.15 -2.49 11.00
HN CHO B . -9.45 -1.77 13.05
H261 CHO B . -9.03 -1.41 15.24
H262 CHO B . -7.50 -2.29 15.02
C1 CHO C . 6.01 -2.06 -1.14
C2 CHO C . 5.08 -0.97 -1.69
C3 CHO C . 5.21 0.30 -0.85
O3 CHO C . 4.31 1.29 -1.36
C4 CHO C . 4.85 0.00 0.60
C5 CHO C . 5.80 -1.08 1.15
C6 CHO C . 5.46 -1.35 2.62
C7 CHO C . 4.06 -1.94 2.74
O7 CHO C . 3.10 -0.98 2.28
C8 CHO C . 3.94 -3.21 1.88
C9 CHO C . 4.26 -2.91 0.42
C10 CHO C . 5.68 -2.36 0.32
C11 CHO C . 4.09 -4.15 -0.45
C12 CHO C . 2.71 -4.80 -0.29
C13 CHO C . 2.51 -5.12 1.20
C14 CHO C . 2.54 -3.81 1.98
C15 CHO C . 2.15 -4.34 3.36
C16 CHO C . 0.88 -5.11 2.99
C17 CHO C . 1.12 -5.64 1.57
C18 CHO C . 3.61 -6.05 1.72
C19 CHO C . 6.66 -3.41 0.86
C20 CHO C . 1.06 -7.17 1.53
C21 CHO C . 1.42 -7.68 0.13
C22 CHO C . -0.33 -7.66 1.95
C23 CHO C . -0.39 -9.19 1.97
C24 CHO C . -1.75 -9.67 2.47
O24 CHO C . -2.18 -10.79 2.16
N25 CHO C . -2.41 -8.81 3.24
C26 CHO C . -3.72 -9.12 3.81
C27 CHO C . -3.61 -9.14 5.35
OT1 CHO C . -3.83 -10.23 5.91
OT2 CHO C . -3.29 -8.07 5.90
H11 CHO C . 7.05 -1.71 -1.21
H12 CHO C . 5.88 -2.96 -1.73
H21 CHO C . 4.05 -1.33 -1.65
H22 CHO C . 5.36 -0.75 -2.72
H3 CHO C . 6.24 0.67 -0.90
HO3 CHO C . 3.37 1.00 -1.21
H41 CHO C . 3.83 -0.35 0.66
H42 CHO C . 4.96 0.90 1.21
H5 CHO C . 6.82 -0.73 1.07
H61 CHO C . 5.52 -0.42 3.19
H62 CHO C . 6.19 -2.07 3.03
H7 CHO C . 3.87 -2.20 3.78
HO7 CHO C . 2.18 -1.36 2.34
H8 CHO C . 4.66 -3.94 2.27
H9 CHO C . 3.54 -2.16 0.06
H111 CHO C . 4.86 -4.87 -0.18
H112 CHO C . 4.19 -3.85 -1.49
H121 CHO C . 2.67 -5.73 -0.86
H122 CHO C . 1.94 -4.13 -0.64
H14 CHO C . 1.90 -3.00 1.66
H151 CHO C . 1.95 -3.53 4.06
H152 CHO C . 2.92 -4.93 3.86
H161 CHO C . 0.01 -4.45 3.01
H162 CHO C . 0.67 -5.91 3.70
H17 CHO C . 0.36 -5.30 0.88
H181 CHO C . 3.80 -6.84 0.99
H182 CHO C . 3.29 -6.50 2.66
H183 CHO C . 4.52 -5.48 1.88
H191 CHO C . 6.76 -4.22 0.14
H192 CHO C . 6.27 -3.81 1.81
H193 CHO C . 7.63 -2.95 1.04
H20 CHO C . 1.80 -7.56 2.23
H211 CHO C . 1.16 -6.93 -0.61
H212 CHO C . 0.85 -8.60 -0.07
H213 CHO C . 2.48 -7.89 0.09
H221 CHO C . -1.07 -7.27 1.24
H222 CHO C . -0.53 -7.29 2.96
H231 CHO C . 0.39 -9.56 2.62
H232 CHO C . -0.24 -9.55 0.95
HN CHO C . -2.05 -7.91 3.47
H261 CHO C . -4.05 -10.09 3.46
H262 CHO C . -4.44 -8.37 3.51
N ALA A 6 7.37 11.89 -7.59
CA ALA A 6 6.96 12.56 -6.33
C ALA A 6 6.17 11.60 -5.46
N PHE A 7 6.86 10.91 -4.56
CA PHE A 7 6.21 9.95 -3.67
C PHE A 7 6.05 10.53 -2.28
N THR A 8 6.89 11.51 -1.93
CA THR A 8 6.81 12.14 -0.63
C THR A 8 5.49 12.88 -0.48
N GLY A 9 4.89 12.76 0.69
CA GLY A 9 3.63 13.42 0.93
C GLY A 9 2.66 12.54 1.67
N LYS A 10 1.58 13.13 2.14
CA LYS A 10 0.54 12.39 2.84
C LYS A 10 -0.57 12.08 1.85
N TYR A 11 -1.19 10.93 1.97
CA TYR A 11 -2.25 10.54 1.07
C TYR A 11 -3.52 10.17 1.83
N GLU A 12 -4.66 10.54 1.28
CA GLU A 12 -5.95 10.24 1.88
C GLU A 12 -6.79 9.44 0.90
N PHE A 13 -7.67 8.59 1.43
CA PHE A 13 -8.54 7.76 0.61
C PHE A 13 -9.35 8.62 -0.38
N GLU A 14 -9.35 8.20 -1.62
CA GLU A 14 -10.06 8.91 -2.68
C GLU A 14 -10.99 7.96 -3.42
N SER A 15 -10.42 6.90 -3.98
CA SER A 15 -11.19 5.92 -4.73
C SER A 15 -10.51 4.55 -4.71
N ASP A 16 -11.26 3.50 -5.06
CA ASP A 16 -10.74 2.15 -5.09
C ASP A 16 -11.49 1.33 -6.11
N GLU A 17 -10.85 0.29 -6.62
CA GLU A 17 -11.47 -0.57 -7.59
C GLU A 17 -11.10 -2.02 -7.31
N ASN A 18 -12.10 -2.88 -7.45
CA ASN A 18 -11.95 -4.32 -7.24
C ASN A 18 -11.54 -4.63 -5.79
N TYR A 19 -12.26 -4.03 -4.84
CA TYR A 19 -11.97 -4.23 -3.43
C TYR A 19 -12.48 -5.59 -2.93
N ASP A 20 -13.77 -5.85 -3.11
CA ASP A 20 -14.40 -7.09 -2.65
C ASP A 20 -13.75 -8.32 -3.26
N ASP A 21 -13.46 -8.26 -4.54
CA ASP A 21 -12.83 -9.38 -5.23
C ASP A 21 -11.46 -9.67 -4.66
N PHE A 22 -10.73 -8.61 -4.33
CA PHE A 22 -9.40 -8.72 -3.78
C PHE A 22 -9.44 -9.38 -2.40
N VAL A 23 -10.25 -8.83 -1.51
CA VAL A 23 -10.37 -9.34 -0.16
C VAL A 23 -10.91 -10.76 -0.13
N LYS A 24 -11.82 -11.08 -1.05
CA LYS A 24 -12.39 -12.43 -1.12
C LYS A 24 -11.34 -13.42 -1.61
N LYS A 25 -10.36 -12.90 -2.34
CA LYS A 25 -9.29 -13.73 -2.89
C LYS A 25 -8.25 -14.07 -1.84
N ILE A 26 -7.72 -13.03 -1.20
CA ILE A 26 -6.71 -13.19 -0.17
C ILE A 26 -7.30 -13.83 1.08
N GLY A 27 -8.61 -14.00 1.09
CA GLY A 27 -9.27 -14.63 2.23
C GLY A 27 -9.29 -13.73 3.45
N LEU A 28 -9.52 -12.45 3.23
CA LEU A 28 -9.59 -11.50 4.33
C LEU A 28 -10.87 -11.71 5.13
N PRO A 29 -10.79 -11.77 6.46
CA PRO A 29 -11.97 -11.96 7.30
C PRO A 29 -12.91 -10.76 7.22
N ALA A 30 -14.21 -11.04 7.23
CA ALA A 30 -15.24 -10.00 7.15
C ALA A 30 -15.02 -8.93 8.21
N ASP A 31 -14.55 -9.37 9.37
CA ASP A 31 -14.29 -8.49 10.50
C ASP A 31 -13.30 -7.39 10.12
N LYS A 32 -12.29 -7.77 9.34
CA LYS A 32 -11.25 -6.84 8.92
C LYS A 32 -11.64 -6.14 7.63
N ILE A 33 -12.38 -6.86 6.77
CA ILE A 33 -12.83 -6.31 5.49
C ILE A 33 -13.64 -5.04 5.70
N GLU A 34 -14.74 -5.16 6.44
CA GLU A 34 -15.63 -4.03 6.70
C GLU A 34 -14.93 -2.97 7.53
N MET A 35 -14.03 -3.43 8.37
CA MET A 35 -13.28 -2.56 9.25
C MET A 35 -12.32 -1.67 8.46
N GLY A 36 -11.67 -2.25 7.45
CA GLY A 36 -10.72 -1.52 6.65
C GLY A 36 -11.26 -1.08 5.30
N ARG A 37 -12.56 -0.87 5.20
CA ARG A 37 -13.16 -0.44 3.94
C ARG A 37 -13.96 0.82 4.18
N ASN A 38 -13.94 1.72 3.19
CA ASN A 38 -14.66 2.99 3.26
C ASN A 38 -14.09 3.87 4.36
N CYS A 39 -12.91 3.51 4.84
CA CYS A 39 -12.26 4.25 5.92
C CYS A 39 -11.23 5.23 5.36
N LYS A 40 -10.93 6.26 6.14
CA LYS A 40 -9.97 7.26 5.73
C LYS A 40 -8.55 6.87 6.13
N ILE A 41 -7.90 6.13 5.25
CA ILE A 41 -6.53 5.70 5.51
C ILE A 41 -5.54 6.75 5.01
N VAL A 42 -4.71 7.22 5.91
CA VAL A 42 -3.71 8.22 5.57
C VAL A 42 -2.34 7.58 5.42
N THR A 43 -1.71 7.79 4.28
CA THR A 43 -0.39 7.25 4.01
C THR A 43 0.62 8.39 3.97
N GLU A 44 1.47 8.46 4.98
CA GLU A 44 2.49 9.50 5.05
C GLU A 44 3.84 8.97 4.59
N VAL A 45 4.35 9.54 3.51
CA VAL A 45 5.62 9.13 2.93
C VAL A 45 6.68 10.20 3.09
N VAL A 46 7.87 9.78 3.51
CA VAL A 46 8.98 10.69 3.68
C VAL A 46 10.14 10.28 2.76
N GLN A 47 10.72 11.26 2.09
CA GLN A 47 11.85 11.02 1.20
C GLN A 47 13.16 10.94 2.00
N ASN A 48 13.93 9.90 1.77
CA ASN A 48 15.19 9.71 2.47
C ASN A 48 16.16 8.92 1.59
N GLY A 49 16.71 9.59 0.58
CA GLY A 49 17.63 8.93 -0.32
C GLY A 49 16.92 7.92 -1.21
N ASN A 50 16.88 6.68 -0.76
CA ASN A 50 16.20 5.61 -1.48
C ASN A 50 15.36 4.79 -0.53
N ASP A 51 15.22 5.29 0.69
CA ASP A 51 14.43 4.64 1.72
C ASP A 51 13.13 5.42 1.93
N PHE A 52 12.03 4.86 1.49
CA PHE A 52 10.74 5.52 1.63
C PHE A 52 9.96 4.96 2.81
N THR A 53 9.39 5.85 3.59
CA THR A 53 8.63 5.46 4.76
C THR A 53 7.14 5.38 4.41
N TRP A 54 6.54 4.24 4.65
CA TRP A 54 5.12 4.07 4.37
C TRP A 54 4.36 4.00 5.69
N THR A 55 3.71 5.10 6.05
CA THR A 55 2.95 5.16 7.29
C THR A 55 1.45 5.11 7.01
N GLN A 56 0.79 4.08 7.53
CA GLN A 56 -0.65 3.92 7.36
C GLN A 56 -1.38 4.26 8.65
N HIS A 57 -2.24 5.27 8.59
CA HIS A 57 -3.00 5.68 9.76
C HIS A 57 -4.42 5.16 9.66
N PHE A 58 -4.85 4.52 10.74
CA PHE A 58 -6.19 3.98 10.80
C PHE A 58 -7.03 4.76 11.80
N PRO A 59 -8.14 5.37 11.34
CA PRO A 59 -9.02 6.15 12.21
C PRO A 59 -9.66 5.29 13.28
N GLY A 60 -9.30 5.54 14.53
CA GLY A 60 -9.84 4.79 15.64
C GLY A 60 -9.41 3.33 15.60
N GLY A 61 -8.22 3.07 15.06
CA GLY A 61 -7.75 1.70 14.98
C GLY A 61 -6.24 1.58 15.13
N ARG A 62 -5.70 0.43 14.75
CA ARG A 62 -4.27 0.17 14.84
C ARG A 62 -3.51 0.82 13.69
N THR A 63 -2.30 1.26 13.98
CA THR A 63 -1.46 1.92 12.97
C THR A 63 -0.37 0.97 12.46
N THR A 64 0.17 1.28 11.29
CA THR A 64 1.21 0.47 10.69
C THR A 64 2.21 1.37 9.96
N THR A 65 3.50 1.16 10.18
CA THR A 65 4.52 1.96 9.54
C THR A 65 5.66 1.07 9.06
N ASN A 66 5.89 1.05 7.76
CA ASN A 66 6.96 0.25 7.18
C ASN A 66 7.82 1.09 6.26
N SER A 67 9.11 1.06 6.51
CA SER A 67 10.07 1.81 5.72
C SER A 67 10.90 0.83 4.90
N PHE A 68 11.07 1.11 3.61
CA PHE A 68 11.81 0.21 2.75
C PHE A 68 12.80 0.96 1.88
N THR A 69 13.94 0.32 1.63
CA THR A 69 14.96 0.91 0.79
C THR A 69 14.99 0.18 -0.55
N ILE A 70 14.94 0.94 -1.64
CA ILE A 70 14.98 0.37 -2.98
C ILE A 70 16.22 -0.51 -3.15
N ASP A 71 15.98 -1.74 -3.60
CA ASP A 71 17.02 -2.76 -3.83
C ASP A 71 17.53 -3.32 -2.50
N LYS A 72 16.71 -3.19 -1.47
CA LYS A 72 17.06 -3.66 -0.14
C LYS A 72 15.85 -4.36 0.49
N GLU A 73 16.11 -5.46 1.20
CA GLU A 73 15.04 -6.18 1.88
C GLU A 73 14.62 -5.42 3.13
N ALA A 74 13.35 -5.07 3.21
CA ALA A 74 12.84 -4.33 4.35
C ALA A 74 11.89 -5.18 5.17
N ASP A 75 11.71 -4.79 6.43
CA ASP A 75 10.83 -5.49 7.33
C ASP A 75 9.46 -4.85 7.23
N MET A 76 8.47 -5.63 6.83
CA MET A 76 7.13 -5.10 6.66
C MET A 76 6.12 -5.84 7.51
N GLU A 77 4.97 -5.20 7.69
CA GLU A 77 3.87 -5.75 8.43
C GLU A 77 2.58 -5.19 7.84
N THR A 78 1.56 -6.02 7.78
CA THR A 78 0.29 -5.59 7.26
C THR A 78 -0.63 -5.21 8.40
N MET A 79 -1.80 -4.70 8.07
CA MET A 79 -2.77 -4.32 9.09
C MET A 79 -3.40 -5.58 9.68
N GLY A 80 -3.16 -6.71 9.00
CA GLY A 80 -3.68 -7.98 9.47
C GLY A 80 -2.79 -8.57 10.54
N GLY A 81 -1.60 -7.96 10.72
CA GLY A 81 -0.66 -8.44 11.72
C GLY A 81 0.35 -9.42 11.15
N ARG A 82 0.54 -9.39 9.85
CA ARG A 82 1.49 -10.29 9.20
C ARG A 82 2.91 -9.75 9.29
N LYS A 83 3.81 -10.55 9.84
CA LYS A 83 5.21 -10.16 9.96
C LYS A 83 6.02 -10.77 8.82
N PHE A 84 6.69 -9.95 8.03
CA PHE A 84 7.44 -10.48 6.90
C PHE A 84 8.49 -9.49 6.40
N LYS A 85 9.29 -9.93 5.44
CA LYS A 85 10.32 -9.11 4.83
C LYS A 85 10.29 -9.31 3.32
N ALA A 86 10.60 -8.26 2.56
CA ALA A 86 10.60 -8.35 1.11
C ALA A 86 11.56 -7.34 0.48
N THR A 87 11.95 -7.61 -0.76
CA THR A 87 12.84 -6.71 -1.49
C THR A 87 12.03 -5.82 -2.42
N VAL A 88 12.19 -4.52 -2.28
CA VAL A 88 11.46 -3.57 -3.11
C VAL A 88 12.40 -2.89 -4.07
N LYS A 89 11.96 -2.72 -5.31
CA LYS A 89 12.77 -2.06 -6.33
C LYS A 89 11.96 -0.95 -6.99
N MET A 90 12.56 -0.26 -7.95
CA MET A 90 11.87 0.83 -8.64
C MET A 90 11.99 0.67 -10.14
N GLU A 91 10.87 0.80 -10.84
CA GLU A 91 10.86 0.67 -12.28
C GLU A 91 10.39 1.96 -12.95
N GLY A 92 11.33 2.84 -13.27
CA GLY A 92 11.02 4.09 -13.91
C GLY A 92 10.12 5.00 -13.09
N GLY A 93 10.51 5.27 -11.84
CA GLY A 93 9.72 6.13 -10.98
C GLY A 93 8.49 5.44 -10.41
N LYS A 94 8.48 4.12 -10.45
CA LYS A 94 7.37 3.34 -9.94
C LYS A 94 7.89 2.31 -8.95
N ILE A 95 7.49 2.43 -7.70
CA ILE A 95 7.94 1.50 -6.67
C ILE A 95 7.24 0.15 -6.84
N VAL A 96 8.01 -0.89 -7.10
CA VAL A 96 7.47 -2.22 -7.29
C VAL A 96 8.00 -3.19 -6.23
N ALA A 97 7.07 -3.90 -5.59
CA ALA A 97 7.43 -4.88 -4.59
C ALA A 97 7.04 -6.26 -5.07
N ASP A 98 7.92 -7.24 -4.84
CA ASP A 98 7.68 -8.61 -5.27
C ASP A 98 7.27 -9.49 -4.10
N PHE A 99 6.12 -10.13 -4.23
CA PHE A 99 5.59 -11.00 -3.20
C PHE A 99 5.00 -12.26 -3.84
N PRO A 100 4.92 -13.37 -3.08
CA PRO A 100 4.36 -14.62 -3.59
C PRO A 100 2.89 -14.48 -3.97
N ASN A 101 2.61 -14.59 -5.27
CA ASN A 101 1.27 -14.48 -5.82
C ASN A 101 0.65 -13.11 -5.52
N TYR A 102 1.51 -12.15 -5.22
CA TYR A 102 1.09 -10.78 -4.89
C TYR A 102 2.04 -9.77 -5.52
N HIS A 103 1.49 -8.87 -6.30
CA HIS A 103 2.28 -7.85 -6.96
C HIS A 103 1.78 -6.46 -6.59
N HIS A 104 2.65 -5.65 -6.02
CA HIS A 104 2.29 -4.30 -5.59
C HIS A 104 3.15 -3.26 -6.28
N THR A 105 2.52 -2.34 -7.00
CA THR A 105 3.24 -1.28 -7.67
C THR A 105 2.62 0.08 -7.33
N ALA A 106 3.47 1.03 -6.97
CA ALA A 106 3.01 2.37 -6.63
C ALA A 106 3.53 3.38 -7.65
N GLU A 107 2.68 4.32 -8.06
CA GLU A 107 3.07 5.32 -9.04
C GLU A 107 2.18 6.56 -8.94
N ILE A 108 2.49 7.57 -9.73
CA ILE A 108 1.73 8.81 -9.74
C ILE A 108 1.05 8.98 -11.08
N SER A 109 -0.26 8.94 -11.09
CA SER A 109 -1.03 9.10 -12.31
C SER A 109 -1.41 10.56 -12.53
N GLY A 110 -0.45 11.35 -13.00
CA GLY A 110 -0.70 12.76 -13.23
C GLY A 110 -0.46 13.57 -11.98
N GLY A 111 -1.25 13.32 -10.95
CA GLY A 111 -1.11 14.04 -9.70
C GLY A 111 -1.74 13.29 -8.55
N LYS A 112 -1.90 11.98 -8.72
CA LYS A 112 -2.50 11.14 -7.69
C LYS A 112 -1.71 9.86 -7.51
N LEU A 113 -1.77 9.32 -6.32
CA LEU A 113 -1.07 8.09 -5.98
C LEU A 113 -1.99 6.91 -6.23
N VAL A 114 -1.56 6.01 -7.08
CA VAL A 114 -2.36 4.83 -7.38
C VAL A 114 -1.51 3.57 -7.18
N GLU A 115 -1.98 2.71 -6.30
CA GLU A 115 -1.29 1.47 -6.01
C GLU A 115 -2.06 0.29 -6.59
N ILE A 116 -1.34 -0.60 -7.24
CA ILE A 116 -1.94 -1.78 -7.82
C ILE A 116 -1.44 -3.03 -7.09
N SER A 117 -2.38 -3.85 -6.63
CA SER A 117 -2.06 -5.06 -5.89
C SER A 117 -2.74 -6.26 -6.51
N THR A 118 -1.96 -7.10 -7.15
CA THR A 118 -2.49 -8.29 -7.76
C THR A 118 -2.40 -9.47 -6.81
N SER A 119 -3.46 -10.23 -6.68
CA SER A 119 -3.46 -11.38 -5.80
C SER A 119 -4.00 -12.61 -6.51
N SER A 120 -3.09 -13.43 -7.03
CA SER A 120 -3.44 -14.66 -7.72
C SER A 120 -4.36 -14.39 -8.92
N GLY A 121 -4.17 -13.24 -9.55
CA GLY A 121 -4.98 -12.89 -10.70
C GLY A 121 -5.80 -11.63 -10.52
N VAL A 122 -6.43 -11.49 -9.36
CA VAL A 122 -7.27 -10.34 -9.06
C VAL A 122 -6.42 -9.08 -8.91
N VAL A 123 -6.74 -8.07 -9.70
CA VAL A 123 -6.03 -6.80 -9.67
C VAL A 123 -6.79 -5.76 -8.86
N TYR A 124 -6.23 -5.41 -7.72
CA TYR A 124 -6.82 -4.41 -6.85
C TYR A 124 -6.11 -3.09 -7.09
N LYS A 125 -6.87 -2.02 -7.21
CA LYS A 125 -6.31 -0.70 -7.45
C LYS A 125 -6.94 0.33 -6.54
N ARG A 126 -6.13 1.23 -6.03
CA ARG A 126 -6.62 2.29 -5.16
C ARG A 126 -5.97 3.62 -5.53
N THR A 127 -6.78 4.66 -5.56
CA THR A 127 -6.32 5.99 -5.89
C THR A 127 -6.42 6.89 -4.67
N SER A 128 -5.31 7.54 -4.31
CA SER A 128 -5.27 8.41 -3.16
C SER A 128 -4.76 9.79 -3.57
N LYS A 129 -5.34 10.82 -2.99
CA LYS A 129 -4.95 12.19 -3.28
C LYS A 129 -3.71 12.57 -2.46
N LYS A 130 -2.95 13.54 -2.96
CA LYS A 130 -1.75 13.98 -2.28
C LYS A 130 -2.00 15.27 -1.53
N ILE A 131 -1.71 15.26 -0.26
CA ILE A 131 -1.89 16.41 0.60
C ILE A 131 -0.72 16.47 1.56
N ALA A 132 -0.57 17.56 2.27
CA ALA A 132 0.52 17.66 3.23
C ALA A 132 -0.01 18.12 4.57
C1 CHO B . -6.48 -2.89 1.46
C2 CHO B . -5.11 -2.22 1.59
C3 CHO B . -4.02 -3.13 1.01
O3 CHO B . -2.75 -2.50 1.15
C4 CHO B . -4.01 -4.46 1.79
C5 CHO B . -5.38 -5.13 1.66
C6 CHO B . -5.34 -6.47 2.40
C7 CHO B . -5.13 -6.22 3.89
O7 CHO B . -3.87 -5.58 4.09
C8 CHO B . -6.24 -5.33 4.44
C9 CHO B . -6.27 -3.99 3.70
C10 CHO B . -6.49 -4.23 2.21
C11 CHO B . -7.34 -3.06 4.28
C12 CHO B . -7.16 -2.87 5.79
C13 CHO B . -7.19 -4.23 6.47
C14 CHO B . -6.03 -5.06 5.94
C15 CHO B . -6.14 -6.29 6.83
C16 CHO B . -6.40 -5.69 8.21
C17 CHO B . -6.78 -4.22 7.95
C18 CHO B . -8.52 -4.95 6.25
C19 CHO B . -7.85 -4.90 2.00
C20 CHO B . -7.89 -3.75 8.88
C21 CHO B . -8.25 -2.28 8.60
C22 CHO B . -7.45 -3.91 10.33
C23 CHO B . -8.54 -3.43 11.30
C24 CHO B . -8.14 -3.72 12.75
O24 CHO B . -7.27 -4.54 13.01
N25 CHO B . -8.81 -3.02 13.67
C26 CHO B . -8.54 -3.19 15.11
C27 CHO B . -8.90 -4.62 15.51
OT1 CHO B . -9.88 -5.15 14.94
OT2 CHO B . -8.17 -5.17 16.38
H11 CHO B . -6.69 -3.05 0.41
H12 CHO B . -7.23 -2.23 1.90
H21 CHO B . -4.90 -2.03 2.65
H22 CHO B . -5.11 -1.28 1.03
H3 CHO B . -4.22 -3.32 -0.04
HO3 CHO B . -2.04 -3.07 0.75
H41 CHO B . -3.79 -4.26 2.84
H42 CHO B . -3.25 -5.11 1.36
H5 CHO B . -5.60 -5.30 0.60
H61 CHO B . -4.54 -7.08 2.01
H62 CHO B . -6.30 -6.99 2.25
H7 CHO B . -5.15 -7.18 4.41
HO7 CHO B . -4.00 -4.74 4.61
H8 CHO B . -7.19 -5.84 4.30
H9 CHO B . -5.30 -3.50 3.83
H111 CHO B . -8.32 -3.50 4.08
H112 CHO B . -7.25 -2.09 3.79
H121 CHO B . -7.98 -2.24 6.17
H122 CHO B . -6.21 -2.36 5.98
H14 CHO B . -5.03 -4.63 5.97
H151 CHO B . -5.23 -6.88 6.82
H152 CHO B . -6.92 -6.99 6.50
H161 CHO B . -5.51 -5.74 8.83
H162 CHO B . -7.19 -6.23 8.75
H17 CHO B . -5.98 -3.53 8.14
H181 CHO B . -8.34 -6.03 6.20
H182 CHO B . -8.97 -4.60 5.32
H183 CHO B . -9.19 -4.73 7.08
H191 CHO B . -7.70 -5.97 1.85
H192 CHO B . -8.33 -4.48 1.12
H193 CHO B . -8.47 -4.74 2.88
H20 CHO B . -8.78 -4.36 8.71
H211 CHO B . -8.13 -1.70 9.50
H212 CHO B . -9.29 -2.23 8.26
H213 CHO B . -7.60 -1.89 7.82
H221 CHO B . -6.54 -3.33 10.50
H222 CHO B . -7.28 -4.97 10.52
H231 CHO B . -9.47 -3.94 11.08
H232 CHO B . -8.66 -2.35 11.18
HN CHO B . -9.51 -2.35 13.44
H261 CHO B . -9.16 -2.49 15.68
H262 CHO B . -7.50 -3.00 15.31
C1 CHO C . 6.28 -1.83 -1.10
C2 CHO C . 5.35 -0.76 -1.69
C3 CHO C . 5.45 0.53 -0.87
O3 CHO C . 4.53 1.50 -1.42
C4 CHO C . 5.08 0.25 0.59
C5 CHO C . 6.01 -0.81 1.16
C6 CHO C . 5.67 -1.06 2.63
C7 CHO C . 4.26 -1.65 2.74
O7 CHO C . 3.29 -0.70 2.27
C8 CHO C . 4.14 -2.93 1.91
C9 CHO C . 4.49 -2.64 0.44
C10 CHO C . 5.91 -2.11 0.35
C11 CHO C . 4.34 -3.90 -0.42
C12 CHO C . 2.95 -4.53 -0.28
C13 CHO C . 2.70 -4.82 1.21
C14 CHO C . 2.72 -3.50 1.98
C15 CHO C . 2.29 -4.00 3.34
C16 CHO C . 1.04 -4.79 2.97
C17 CHO C . 1.29 -5.30 1.55
C18 CHO C . 3.75 -5.77 1.78
C19 CHO C . 6.88 -3.14 0.94
C20 CHO C . 1.16 -6.81 1.44
C21 CHO C . 1.49 -7.30 0.03
C22 CHO C . -0.25 -7.26 1.85
C23 CHO C . -0.38 -8.78 1.80
C24 CHO C . -1.76 -9.23 2.30
O24 CHO C . -2.29 -10.25 1.86
N25 CHO C . -2.31 -8.43 3.22
C26 CHO C . -3.62 -8.72 3.82
C27 CHO C . -3.50 -8.68 5.34
OT1 CHO C . -3.68 -9.75 5.95
OT2 CHO C . -3.24 -7.57 5.86
H11 CHO C . 7.31 -1.48 -1.16
H12 CHO C . 6.16 -2.75 -1.68
H21 CHO C . 4.32 -1.12 -1.66
H22 CHO C . 5.65 -0.55 -2.71
H3 CHO C . 6.47 0.92 -0.92
HO3 CHO C . 3.60 1.16 -1.31
H41 CHO C . 4.05 -0.10 0.64
H42 CHO C . 5.18 1.18 1.16
H5 CHO C . 7.04 -0.45 1.10
H61 CHO C . 5.70 -0.11 3.17
H62 CHO C . 6.38 -1.76 3.06
H7 CHO C . 4.06 -1.89 3.78
HO7 CHO C . 3.36 0.14 2.82
H8 CHO C . 4.85 -3.65 2.31
H9 CHO C . 3.79 -1.90 0.05
H111 CHO C . 5.09 -4.62 -0.11
H112 CHO C . 4.46 -3.61 -1.47
H121 CHO C . 2.90 -5.46 -0.84
H122 CHO C . 2.19 -3.85 -0.66
H14 CHO C . 2.10 -2.68 1.62
H151 CHO C . 2.07 -3.18 4.02
H152 CHO C . 3.05 -4.57 3.89
H161 CHO C . 0.16 -4.15 3.00
H162 CHO C . 0.85 -5.60 3.67
H17 CHO C . 0.54 -4.91 0.85
H181 CHO C . 3.93 -6.58 1.07
H182 CHO C . 3.40 -6.17 2.73
H183 CHO C . 4.69 -5.23 1.94
H191 CHO C . 6.96 -3.98 0.24
H192 CHO C . 6.49 -3.50 1.89
H193 CHO C . 7.85 -2.69 1.09
H20 CHO C . 1.88 -7.26 2.13
H211 CHO C . 1.24 -6.52 -0.69
H212 CHO C . 0.94 -8.21 -0.18
H213 CHO C . 2.57 -7.51 -0.03
H221 CHO C . -0.97 -6.82 1.17
H222 CHO C . -0.43 -6.92 2.87
H231 CHO C . 0.39 -9.23 2.43
H232 CHO C . -0.28 -9.11 0.76
HN CHO C . -1.86 -7.61 3.56
H261 CHO C . -3.97 -9.70 3.51
H262 CHO C . -4.34 -7.97 3.48
N ALA A 6 7.56 12.28 -7.53
CA ALA A 6 7.05 12.92 -6.30
C ALA A 6 6.27 11.94 -5.45
N PHE A 7 6.99 11.12 -4.69
CA PHE A 7 6.35 10.13 -3.82
C PHE A 7 6.13 10.70 -2.43
N THR A 8 6.91 11.70 -2.07
CA THR A 8 6.84 12.33 -0.77
C THR A 8 5.49 13.02 -0.55
N GLY A 9 5.02 13.00 0.69
CA GLY A 9 3.76 13.63 1.00
C GLY A 9 2.81 12.69 1.71
N LYS A 10 1.71 13.24 2.19
CA LYS A 10 0.71 12.44 2.86
C LYS A 10 -0.42 12.17 1.87
N TYR A 11 -0.99 10.98 1.93
CA TYR A 11 -2.07 10.63 1.02
C TYR A 11 -3.29 10.15 1.78
N GLU A 12 -4.46 10.45 1.24
CA GLU A 12 -5.71 10.05 1.88
C GLU A 12 -6.57 9.25 0.90
N PHE A 13 -7.44 8.41 1.45
CA PHE A 13 -8.34 7.58 0.66
C PHE A 13 -9.19 8.44 -0.28
N GLU A 14 -9.01 8.24 -1.57
CA GLU A 14 -9.77 8.98 -2.56
C GLU A 14 -10.69 8.05 -3.34
N SER A 15 -10.13 7.01 -3.93
CA SER A 15 -10.90 6.07 -4.71
C SER A 15 -10.32 4.66 -4.59
N ASP A 16 -11.16 3.65 -4.84
CA ASP A 16 -10.75 2.26 -4.76
C ASP A 16 -11.49 1.45 -5.82
N GLU A 17 -10.87 0.34 -6.23
CA GLU A 17 -11.47 -0.52 -7.24
C GLU A 17 -11.08 -1.98 -6.98
N ASN A 18 -12.04 -2.87 -7.18
CA ASN A 18 -11.85 -4.31 -6.97
C ASN A 18 -11.46 -4.62 -5.53
N TYR A 19 -12.20 -4.06 -4.58
CA TYR A 19 -11.90 -4.29 -3.17
C TYR A 19 -12.38 -5.68 -2.73
N ASP A 20 -13.67 -5.93 -2.93
CA ASP A 20 -14.27 -7.20 -2.55
C ASP A 20 -13.58 -8.37 -3.22
N ASP A 21 -13.33 -8.25 -4.51
CA ASP A 21 -12.67 -9.29 -5.27
C ASP A 21 -11.30 -9.60 -4.69
N PHE A 22 -10.61 -8.54 -4.29
CA PHE A 22 -9.28 -8.65 -3.71
C PHE A 22 -9.34 -9.37 -2.37
N VAL A 23 -10.16 -8.86 -1.46
CA VAL A 23 -10.28 -9.44 -0.13
C VAL A 23 -10.80 -10.87 -0.18
N LYS A 24 -11.69 -11.17 -1.14
CA LYS A 24 -12.22 -12.52 -1.26
C LYS A 24 -11.18 -13.47 -1.83
N LYS A 25 -10.26 -12.94 -2.62
CA LYS A 25 -9.21 -13.77 -3.23
C LYS A 25 -8.12 -14.10 -2.23
N ILE A 26 -7.77 -13.12 -1.40
CA ILE A 26 -6.70 -13.31 -0.41
C ILE A 26 -7.22 -14.03 0.84
N GLY A 27 -8.53 -14.26 0.89
CA GLY A 27 -9.12 -14.96 2.02
C GLY A 27 -9.14 -14.14 3.29
N LEU A 28 -9.40 -12.85 3.15
CA LEU A 28 -9.46 -11.95 4.29
C LEU A 28 -10.75 -12.19 5.09
N PRO A 29 -10.67 -12.24 6.42
CA PRO A 29 -11.84 -12.44 7.28
C PRO A 29 -12.80 -11.26 7.21
N ALA A 30 -14.10 -11.55 7.22
CA ALA A 30 -15.13 -10.52 7.16
C ALA A 30 -14.94 -9.48 8.25
N ASP A 31 -14.49 -9.94 9.41
CA ASP A 31 -14.26 -9.07 10.56
C ASP A 31 -13.33 -7.91 10.20
N LYS A 32 -12.29 -8.21 9.44
CA LYS A 32 -11.32 -7.21 9.04
C LYS A 32 -11.75 -6.53 7.75
N ILE A 33 -12.39 -7.31 6.88
CA ILE A 33 -12.86 -6.79 5.59
C ILE A 33 -13.79 -5.59 5.78
N GLU A 34 -14.81 -5.78 6.60
CA GLU A 34 -15.80 -4.73 6.87
C GLU A 34 -15.21 -3.66 7.77
N MET A 35 -14.14 -3.99 8.47
CA MET A 35 -13.48 -3.05 9.37
C MET A 35 -12.56 -2.12 8.58
N GLY A 36 -11.98 -2.64 7.50
CA GLY A 36 -11.06 -1.85 6.71
C GLY A 36 -11.58 -1.48 5.33
N ARG A 37 -12.88 -1.34 5.18
CA ARG A 37 -13.45 -0.99 3.87
C ARG A 37 -14.04 0.40 3.91
N ASN A 38 -13.78 1.17 2.86
CA ASN A 38 -14.28 2.55 2.73
C ASN A 38 -13.72 3.44 3.83
N CYS A 39 -12.68 2.96 4.51
CA CYS A 39 -12.07 3.71 5.59
C CYS A 39 -11.00 4.63 5.06
N LYS A 40 -10.75 5.73 5.76
CA LYS A 40 -9.75 6.70 5.32
C LYS A 40 -8.38 6.38 5.90
N ILE A 41 -7.60 5.62 5.15
CA ILE A 41 -6.26 5.26 5.56
C ILE A 41 -5.28 6.30 5.02
N VAL A 42 -4.61 7.00 5.92
CA VAL A 42 -3.65 8.03 5.52
C VAL A 42 -2.28 7.41 5.29
N THR A 43 -1.62 7.82 4.22
CA THR A 43 -0.30 7.31 3.91
C THR A 43 0.74 8.44 3.90
N GLU A 44 1.57 8.47 4.92
CA GLU A 44 2.62 9.50 5.02
C GLU A 44 3.92 8.97 4.46
N VAL A 45 4.43 9.63 3.43
CA VAL A 45 5.67 9.22 2.78
C VAL A 45 6.78 10.25 2.97
N VAL A 46 7.94 9.79 3.41
CA VAL A 46 9.09 10.65 3.59
C VAL A 46 10.18 10.21 2.61
N GLN A 47 10.72 11.16 1.85
CA GLN A 47 11.74 10.83 0.87
C GLN A 47 13.13 10.86 1.50
N ASN A 48 13.69 9.67 1.67
CA ASN A 48 15.02 9.52 2.24
C ASN A 48 15.93 8.81 1.24
N GLY A 49 16.33 9.54 0.21
CA GLY A 49 17.18 8.99 -0.83
C GLY A 49 16.45 7.92 -1.62
N ASN A 50 16.74 6.66 -1.32
CA ASN A 50 16.08 5.54 -1.98
C ASN A 50 15.28 4.76 -0.97
N ASP A 51 15.15 5.36 0.20
CA ASP A 51 14.40 4.77 1.30
C ASP A 51 13.11 5.54 1.51
N PHE A 52 11.99 4.91 1.19
CA PHE A 52 10.70 5.56 1.35
C PHE A 52 9.94 4.95 2.51
N THR A 53 9.44 5.80 3.39
CA THR A 53 8.70 5.37 4.55
C THR A 53 7.21 5.33 4.26
N TRP A 54 6.61 4.15 4.34
CA TRP A 54 5.19 3.99 4.09
C TRP A 54 4.44 3.93 5.42
N THR A 55 3.78 5.02 5.76
CA THR A 55 3.03 5.11 7.01
C THR A 55 1.54 5.05 6.73
N GLN A 56 0.86 4.04 7.27
CA GLN A 56 -0.57 3.87 7.11
C GLN A 56 -1.31 4.16 8.41
N HIS A 57 -2.16 5.16 8.39
CA HIS A 57 -2.92 5.52 9.58
C HIS A 57 -4.37 5.11 9.43
N PHE A 58 -4.89 4.46 10.46
CA PHE A 58 -6.26 4.00 10.46
C PHE A 58 -7.12 4.86 11.36
N PRO A 59 -8.34 5.22 10.91
CA PRO A 59 -9.25 6.05 11.69
C PRO A 59 -9.79 5.30 12.91
N GLY A 60 -9.43 5.77 14.10
CA GLY A 60 -9.90 5.14 15.32
C GLY A 60 -9.41 3.71 15.46
N GLY A 61 -8.24 3.42 14.91
CA GLY A 61 -7.70 2.08 14.99
C GLY A 61 -6.19 2.04 15.08
N ARG A 62 -5.63 0.87 14.84
CA ARG A 62 -4.18 0.67 14.90
C ARG A 62 -3.48 1.26 13.70
N THR A 63 -2.26 1.76 13.91
CA THR A 63 -1.48 2.34 12.84
C THR A 63 -0.43 1.35 12.36
N THR A 64 0.06 1.57 11.15
CA THR A 64 1.06 0.71 10.54
C THR A 64 2.12 1.56 9.87
N THR A 65 3.39 1.21 10.05
CA THR A 65 4.47 1.98 9.44
C THR A 65 5.64 1.08 9.07
N ASN A 66 5.94 1.01 7.78
CA ASN A 66 7.05 0.20 7.30
C ASN A 66 7.94 1.00 6.36
N SER A 67 9.21 0.99 6.66
CA SER A 67 10.19 1.69 5.86
C SER A 67 10.91 0.71 4.96
N PHE A 68 11.18 1.09 3.72
CA PHE A 68 11.87 0.20 2.79
C PHE A 68 12.83 0.96 1.91
N THR A 69 13.94 0.32 1.58
CA THR A 69 14.94 0.92 0.72
C THR A 69 14.97 0.18 -0.61
N ILE A 70 14.93 0.91 -1.72
CA ILE A 70 14.97 0.31 -3.05
C ILE A 70 16.19 -0.59 -3.21
N ASP A 71 15.93 -1.84 -3.65
CA ASP A 71 16.96 -2.87 -3.85
C ASP A 71 17.49 -3.36 -2.51
N LYS A 72 16.67 -3.19 -1.49
CA LYS A 72 17.01 -3.62 -0.15
C LYS A 72 15.82 -4.30 0.51
N GLU A 73 16.07 -5.31 1.32
CA GLU A 73 15.00 -6.01 2.03
C GLU A 73 14.54 -5.18 3.22
N ALA A 74 13.25 -5.13 3.45
CA ALA A 74 12.70 -4.35 4.54
C ALA A 74 11.72 -5.13 5.40
N ASP A 75 11.67 -4.78 6.67
CA ASP A 75 10.76 -5.40 7.63
C ASP A 75 9.39 -4.77 7.49
N MET A 76 8.41 -5.54 7.06
CA MET A 76 7.08 -5.00 6.85
C MET A 76 6.05 -5.65 7.76
N GLU A 77 4.87 -5.05 7.79
CA GLU A 77 3.76 -5.52 8.59
C GLU A 77 2.47 -4.99 7.97
N THR A 78 1.42 -5.81 7.98
CA THR A 78 0.14 -5.37 7.43
C THR A 78 -0.80 -4.97 8.55
N MET A 79 -1.96 -4.45 8.19
CA MET A 79 -2.94 -4.04 9.19
C MET A 79 -3.58 -5.26 9.83
N GLY A 80 -3.40 -6.42 9.20
CA GLY A 80 -3.97 -7.65 9.72
C GLY A 80 -3.08 -8.29 10.77
N GLY A 81 -1.88 -7.73 10.93
CA GLY A 81 -0.96 -8.23 11.92
C GLY A 81 0.02 -9.23 11.35
N ARG A 82 0.32 -9.11 10.06
CA ARG A 82 1.26 -10.02 9.41
C ARG A 82 2.67 -9.45 9.48
N LYS A 83 3.58 -10.21 10.08
CA LYS A 83 4.97 -9.80 10.20
C LYS A 83 5.78 -10.50 9.13
N PHE A 84 6.45 -9.74 8.27
CA PHE A 84 7.22 -10.34 7.19
C PHE A 84 8.32 -9.42 6.68
N LYS A 85 9.14 -9.95 5.78
CA LYS A 85 10.23 -9.21 5.19
C LYS A 85 10.22 -9.42 3.69
N ALA A 86 10.46 -8.37 2.93
CA ALA A 86 10.45 -8.47 1.48
C ALA A 86 11.38 -7.44 0.85
N THR A 87 11.73 -7.66 -0.41
CA THR A 87 12.60 -6.75 -1.12
C THR A 87 11.78 -5.88 -2.08
N VAL A 88 12.14 -4.60 -2.18
CA VAL A 88 11.44 -3.67 -3.03
C VAL A 88 12.40 -3.07 -4.05
N LYS A 89 11.90 -2.81 -5.25
CA LYS A 89 12.72 -2.23 -6.31
C LYS A 89 11.96 -1.13 -7.03
N MET A 90 12.61 -0.44 -7.95
CA MET A 90 11.98 0.64 -8.70
C MET A 90 12.21 0.44 -10.18
N GLU A 91 11.14 0.58 -10.97
CA GLU A 91 11.25 0.43 -12.41
C GLU A 91 10.49 1.53 -13.13
N GLY A 92 11.23 2.50 -13.66
CA GLY A 92 10.63 3.60 -14.39
C GLY A 92 9.87 4.57 -13.50
N GLY A 93 10.38 4.79 -12.30
CA GLY A 93 9.75 5.70 -11.37
C GLY A 93 8.54 5.08 -10.69
N LYS A 94 8.53 3.76 -10.62
CA LYS A 94 7.43 3.04 -9.98
C LYS A 94 7.99 2.07 -8.95
N ILE A 95 7.50 2.16 -7.73
CA ILE A 95 7.94 1.27 -6.68
C ILE A 95 7.21 -0.06 -6.76
N VAL A 96 7.94 -1.12 -7.06
CA VAL A 96 7.37 -2.44 -7.18
C VAL A 96 7.95 -3.39 -6.14
N ALA A 97 7.08 -4.10 -5.45
CA ALA A 97 7.49 -5.04 -4.43
C ALA A 97 7.29 -6.48 -4.92
N ASP A 98 8.20 -7.36 -4.54
CA ASP A 98 8.13 -8.76 -4.95
C ASP A 98 7.48 -9.61 -3.88
N PHE A 99 6.39 -10.27 -4.26
CA PHE A 99 5.64 -11.14 -3.35
C PHE A 99 5.02 -12.30 -4.11
N PRO A 100 4.77 -13.43 -3.42
CA PRO A 100 4.16 -14.60 -4.04
C PRO A 100 2.68 -14.33 -4.36
N ASN A 101 2.36 -14.31 -5.65
CA ASN A 101 1.00 -14.06 -6.13
C ASN A 101 0.53 -12.65 -5.79
N TYR A 102 1.45 -11.81 -5.33
CA TYR A 102 1.12 -10.44 -4.98
C TYR A 102 2.08 -9.50 -5.70
N HIS A 103 1.50 -8.52 -6.36
CA HIS A 103 2.27 -7.55 -7.13
C HIS A 103 1.89 -6.14 -6.69
N HIS A 104 2.73 -5.55 -5.85
CA HIS A 104 2.47 -4.21 -5.33
C HIS A 104 3.25 -3.16 -6.12
N THR A 105 2.54 -2.22 -6.71
CA THR A 105 3.17 -1.15 -7.47
C THR A 105 2.56 0.21 -7.13
N ALA A 106 3.42 1.17 -6.82
CA ALA A 106 2.99 2.51 -6.48
C ALA A 106 3.59 3.53 -7.43
N GLU A 107 2.74 4.41 -7.97
CA GLU A 107 3.19 5.43 -8.90
C GLU A 107 2.32 6.68 -8.79
N ILE A 108 2.73 7.72 -9.48
CA ILE A 108 2.00 8.96 -9.50
C ILE A 108 1.41 9.18 -10.88
N SER A 109 0.10 9.26 -10.95
CA SER A 109 -0.57 9.45 -12.22
C SER A 109 -1.59 10.57 -12.12
N GLY A 110 -1.27 11.71 -12.72
CA GLY A 110 -2.14 12.86 -12.69
C GLY A 110 -2.04 13.59 -11.36
N GLY A 111 -0.87 13.49 -10.74
CA GLY A 111 -0.65 14.13 -9.46
C GLY A 111 -1.35 13.40 -8.33
N LYS A 112 -1.55 12.09 -8.51
CA LYS A 112 -2.21 11.25 -7.52
C LYS A 112 -1.52 9.91 -7.38
N LEU A 113 -1.48 9.40 -6.17
CA LEU A 113 -0.88 8.11 -5.89
C LEU A 113 -1.87 7.01 -6.21
N VAL A 114 -1.55 6.23 -7.21
CA VAL A 114 -2.41 5.14 -7.60
C VAL A 114 -1.65 3.83 -7.45
N GLU A 115 -2.02 3.05 -6.44
CA GLU A 115 -1.38 1.80 -6.17
C GLU A 115 -2.15 0.66 -6.79
N ILE A 116 -1.43 -0.27 -7.39
CA ILE A 116 -2.02 -1.42 -8.04
C ILE A 116 -1.39 -2.68 -7.46
N SER A 117 -2.21 -3.52 -6.88
CA SER A 117 -1.74 -4.74 -6.24
C SER A 117 -2.53 -5.94 -6.74
N THR A 118 -1.83 -6.85 -7.39
CA THR A 118 -2.44 -8.04 -7.91
C THR A 118 -2.42 -9.15 -6.88
N SER A 119 -3.51 -9.89 -6.81
CA SER A 119 -3.62 -11.00 -5.88
C SER A 119 -4.12 -12.24 -6.59
N SER A 120 -3.17 -13.09 -6.99
CA SER A 120 -3.49 -14.34 -7.68
C SER A 120 -4.36 -14.09 -8.91
N GLY A 121 -4.20 -12.93 -9.55
CA GLY A 121 -4.97 -12.62 -10.72
C GLY A 121 -5.89 -11.42 -10.54
N VAL A 122 -6.34 -11.19 -9.31
CA VAL A 122 -7.22 -10.07 -9.02
C VAL A 122 -6.42 -8.77 -8.89
N VAL A 123 -6.78 -7.77 -9.68
CA VAL A 123 -6.07 -6.49 -9.66
C VAL A 123 -6.80 -5.46 -8.81
N TYR A 124 -6.20 -5.14 -7.68
CA TYR A 124 -6.75 -4.15 -6.75
C TYR A 124 -6.07 -2.80 -6.98
N LYS A 125 -6.88 -1.75 -7.11
CA LYS A 125 -6.35 -0.42 -7.34
C LYS A 125 -6.90 0.57 -6.32
N ARG A 126 -6.07 1.52 -5.93
CA ARG A 126 -6.46 2.53 -4.96
C ARG A 126 -5.82 3.88 -5.28
N THR A 127 -6.65 4.89 -5.49
CA THR A 127 -6.18 6.23 -5.78
C THR A 127 -6.20 7.08 -4.51
N SER A 128 -5.10 7.72 -4.21
CA SER A 128 -5.00 8.57 -3.04
C SER A 128 -4.57 9.99 -3.42
N LYS A 129 -5.19 10.97 -2.78
CA LYS A 129 -4.85 12.37 -3.05
C LYS A 129 -3.62 12.77 -2.24
N LYS A 130 -2.84 13.70 -2.77
CA LYS A 130 -1.64 14.17 -2.10
C LYS A 130 -1.92 15.44 -1.32
N ILE A 131 -1.63 15.39 -0.03
CA ILE A 131 -1.82 16.53 0.86
C ILE A 131 -0.65 16.63 1.81
N ALA A 132 -0.55 17.75 2.53
CA ALA A 132 0.53 17.91 3.50
C ALA A 132 0.01 18.56 4.77
C1 CHO B . -6.47 -2.91 1.62
C2 CHO B . -5.11 -2.26 1.83
C3 CHO B . -3.99 -3.16 1.29
O3 CHO B . -2.72 -2.56 1.53
C4 CHO B . -4.04 -4.52 2.01
C5 CHO B . -5.41 -5.17 1.80
C6 CHO B . -5.43 -6.54 2.49
C7 CHO B . -5.26 -6.32 4.00
O7 CHO B . -3.99 -5.70 4.24
C8 CHO B . -6.38 -5.44 4.55
C9 CHO B . -6.35 -4.07 3.84
C10 CHO B . -6.53 -4.27 2.33
C11 CHO B . -7.45 -3.15 4.40
C12 CHO B . -7.30 -2.98 5.92
C13 CHO B . -7.36 -4.36 6.57
C14 CHO B . -6.21 -5.21 6.05
C15 CHO B . -6.37 -6.45 6.92
C16 CHO B . -6.63 -5.85 8.30
C17 CHO B . -6.98 -4.39 8.05
C18 CHO B . -8.70 -5.06 6.32
C19 CHO B . -7.89 -4.94 2.05
C20 CHO B . -8.11 -3.90 8.97
C21 CHO B . -8.45 -2.44 8.67
C22 CHO B . -7.71 -4.07 10.43
C23 CHO B . -8.81 -3.57 11.37
C24 CHO B . -8.45 -3.86 12.82
O24 CHO B . -7.80 -4.86 13.12
N25 CHO B . -8.90 -2.98 13.71
C26 CHO B . -8.64 -3.12 15.15
C27 CHO B . -7.89 -1.91 15.69
OT1 CHO B . -8.10 -0.81 15.15
OT2 CHO B . -7.12 -2.11 16.66
H11 CHO B . -6.65 -3.05 0.55
H12 CHO B . -7.23 -2.26 2.05
H21 CHO B . -4.94 -2.10 2.90
H22 CHO B . -5.08 -1.31 1.29
H3 CHO B . -4.14 -3.32 0.21
HO3 CHO B . -2.00 -3.14 1.16
H41 CHO B . -3.87 -4.36 3.08
H42 CHO B . -3.27 -5.17 1.61
H5 CHO B . -5.57 -5.31 0.73
H61 CHO B . -4.62 -7.15 2.12
H62 CHO B . -6.38 -7.03 2.30
H7 CHO B . -5.30 -7.29 4.50
HO7 CHO B . -3.87 -5.57 5.23
H8 CHO B . -7.33 -5.93 4.37
H9 CHO B . -5.39 -3.60 4.02
H111 CHO B . -8.42 -3.58 4.17
H112 CHO B . -7.33 -2.17 3.93
H121 CHO B . -8.12 -2.36 6.29
H122 CHO B . -6.36 -2.49 6.15
H14 CHO B . -5.20 -4.79 6.12
H151 CHO B . -5.47 -7.06 6.91
H152 CHO B . -7.16 -7.12 6.57
H161 CHO B . -5.74 -5.94 8.93
H162 CHO B . -7.43 -6.39 8.83
H17 CHO B . -6.16 -3.71 8.28
H181 CHO B . -8.53 -6.13 6.22
H182 CHO B . -9.14 -4.68 5.40
H183 CHO B . -9.37 -4.88 7.15
H191 CHO B . -7.73 -6.00 1.88
H192 CHO B . -8.34 -4.48 1.17
H193 CHO B . -8.54 -4.79 2.91
H20 CHO B . -8.99 -4.49 8.78
H211 CHO B . -8.33 -1.84 9.58
H212 CHO B . -9.48 -2.37 8.33
H213 CHO B . -7.79 -2.06 7.89
H221 CHO B . -6.80 -3.49 10.62
H222 CHO B . -7.54 -5.12 10.63
H231 CHO B . -9.74 -4.07 11.12
H232 CHO B . -8.91 -2.48 11.24
HN CHO B . -9.42 -2.16 13.45
H261 CHO B . -8.05 -4.02 15.31
H262 CHO B . -9.60 -3.20 15.68
C1 CHO C . 6.28 -2.05 -1.13
C2 CHO C . 5.39 -1.03 -1.84
C3 CHO C . 5.42 0.32 -1.09
O3 CHO C . 4.54 1.24 -1.75
C4 CHO C . 4.96 0.11 0.35
C5 CHO C . 5.86 -0.90 1.04
C6 CHO C . 5.42 -1.07 2.50
C7 CHO C . 4.01 -1.66 2.56
O7 CHO C . 3.09 -0.76 1.94
C8 CHO C . 3.97 -3.00 1.81
C9 CHO C . 4.42 -2.83 0.36
C10 CHO C . 5.83 -2.25 0.32
C11 CHO C . 4.35 -4.16 -0.40
C12 CHO C . 2.97 -4.80 -0.31
C13 CHO C . 2.60 -4.97 1.16
C14 CHO C . 2.56 -3.58 1.81
C15 CHO C . 2.02 -3.98 3.19
C16 CHO C . 0.78 -4.77 2.76
C17 CHO C . 1.17 -5.45 1.45
C18 CHO C . 3.62 -5.83 1.89
C19 CHO C . 6.79 -3.22 1.02
C20 CHO C . 1.10 -6.96 1.54
C21 CHO C . 1.53 -7.63 0.23
C22 CHO C . -0.31 -7.42 1.93
C23 CHO C . -0.38 -8.93 2.10
C24 CHO C . -1.77 -9.38 2.59
O24 CHO C . -2.30 -10.39 2.12
N25 CHO C . -2.31 -8.60 3.51
C26 CHO C . -3.64 -8.87 4.09
C27 CHO C . -3.60 -8.61 5.60
OT1 CHO C . -3.97 -9.55 6.34
OT2 CHO C . -3.20 -7.49 5.98
H11 CHO C . 7.32 -1.69 -1.15
H12 CHO C . 6.21 -3.00 -1.66
H21 CHO C . 4.37 -1.40 -1.86
H22 CHO C . 5.76 -0.88 -2.85
H3 CHO C . 6.44 0.71 -1.10
HO3 CHO C . 4.88 1.43 -2.67
H41 CHO C . 3.93 -0.27 0.35
H42 CHO C . 5.00 1.06 0.88
H5 CHO C . 6.89 -0.54 1.03
H61 CHO C . 5.42 -0.09 2.99
H62 CHO C . 6.12 -1.73 3.02
H7 CHO C . 3.74 -1.83 3.59
HO7 CHO C . 2.16 -1.14 1.99
H8 CHO C . 4.65 -3.69 2.32
H9 CHO C . 3.74 -2.13 -0.13
H111 CHO C . 5.09 -4.83 0.02
H112 CHO C . 4.56 -3.95 -1.45
H121 CHO C . 2.98 -5.77 -0.79
H122 CHO C . 2.23 -4.17 -0.81
H14 CHO C . 1.96 -2.81 1.34
H151 CHO C . 1.76 -3.11 3.79
H152 CHO C . 2.73 -4.52 3.82
H161 CHO C . -0.07 -4.10 2.62
H162 CHO C . 0.49 -5.49 3.52
H17 CHO C . 0.49 -5.18 0.64
H181 CHO C . 3.81 -6.74 1.30
H182 CHO C . 3.22 -6.13 2.87
H183 CHO C . 4.55 -5.29 2.03
H191 CHO C . 6.90 -4.11 0.41
H192 CHO C . 6.38 -3.50 1.99
H193 CHO C . 7.76 -2.74 1.16
H20 CHO C . 1.79 -7.29 2.31
H211 CHO C . 1.28 -6.97 -0.60
H212 CHO C . 1.01 -8.57 0.11
H213 CHO C . 2.62 -7.79 0.25
H221 CHO C . -1.01 -7.12 1.15
H222 CHO C . -0.57 -6.95 2.88
H231 CHO C . 0.37 -9.25 2.84
H232 CHO C . -0.19 -9.40 1.13
HN CHO C . -1.87 -7.77 3.86
H261 CHO C . -3.90 -9.92 3.90
H262 CHO C . -4.38 -8.22 3.63
N ALA A 6 8.72 12.45 -6.33
CA ALA A 6 7.31 12.91 -6.18
C ALA A 6 6.50 11.92 -5.35
N PHE A 7 7.18 11.07 -4.58
CA PHE A 7 6.49 10.10 -3.75
C PHE A 7 6.25 10.62 -2.35
N THR A 8 7.06 11.59 -1.94
CA THR A 8 6.93 12.16 -0.61
C THR A 8 5.63 12.94 -0.45
N GLY A 9 5.00 12.78 0.69
CA GLY A 9 3.76 13.48 0.96
C GLY A 9 2.75 12.59 1.64
N LYS A 10 1.66 13.17 2.09
CA LYS A 10 0.60 12.43 2.73
C LYS A 10 -0.48 12.12 1.70
N TYR A 11 -1.07 10.95 1.77
CA TYR A 11 -2.10 10.55 0.83
C TYR A 11 -3.34 10.08 1.55
N GLU A 12 -4.51 10.44 1.04
CA GLU A 12 -5.77 10.06 1.64
C GLU A 12 -6.65 9.32 0.64
N PHE A 13 -7.36 8.31 1.15
CA PHE A 13 -8.26 7.47 0.35
C PHE A 13 -9.18 8.32 -0.53
N GLU A 14 -9.08 8.12 -1.83
CA GLU A 14 -9.91 8.85 -2.78
C GLU A 14 -10.82 7.90 -3.55
N SER A 15 -10.24 6.85 -4.11
CA SER A 15 -11.00 5.86 -4.88
C SER A 15 -10.38 4.48 -4.74
N ASP A 16 -11.19 3.43 -4.98
CA ASP A 16 -10.75 2.05 -4.88
C ASP A 16 -11.49 1.21 -5.91
N GLU A 17 -10.88 0.11 -6.29
CA GLU A 17 -11.46 -0.77 -7.27
C GLU A 17 -11.07 -2.21 -6.97
N ASN A 18 -12.03 -3.11 -7.10
CA ASN A 18 -11.85 -4.54 -6.84
C ASN A 18 -11.52 -4.80 -5.38
N TYR A 19 -12.13 -4.03 -4.48
CA TYR A 19 -11.88 -4.19 -3.06
C TYR A 19 -12.34 -5.55 -2.56
N ASP A 20 -13.65 -5.79 -2.66
CA ASP A 20 -14.23 -7.05 -2.20
C ASP A 20 -13.58 -8.24 -2.92
N ASP A 21 -13.34 -8.08 -4.20
CA ASP A 21 -12.72 -9.14 -4.99
C ASP A 21 -11.36 -9.49 -4.43
N PHE A 22 -10.59 -8.46 -4.09
CA PHE A 22 -9.25 -8.64 -3.54
C PHE A 22 -9.30 -9.30 -2.16
N VAL A 23 -10.10 -8.74 -1.27
CA VAL A 23 -10.23 -9.27 0.08
C VAL A 23 -10.78 -10.69 0.08
N LYS A 24 -11.69 -10.99 -0.85
CA LYS A 24 -12.26 -12.32 -0.94
C LYS A 24 -11.25 -13.29 -1.54
N LYS A 25 -10.32 -12.75 -2.31
CA LYS A 25 -9.30 -13.55 -2.97
C LYS A 25 -8.16 -13.89 -2.02
N ILE A 26 -7.71 -12.89 -1.26
CA ILE A 26 -6.60 -13.09 -0.32
C ILE A 26 -7.06 -13.81 0.96
N GLY A 27 -8.36 -14.01 1.09
CA GLY A 27 -8.90 -14.72 2.24
C GLY A 27 -8.99 -13.86 3.48
N LEU A 28 -9.24 -12.57 3.30
CA LEU A 28 -9.36 -11.65 4.43
C LEU A 28 -10.67 -11.91 5.17
N PRO A 29 -10.64 -12.02 6.51
CA PRO A 29 -11.85 -12.24 7.29
C PRO A 29 -12.80 -11.05 7.21
N ALA A 30 -14.09 -11.36 7.12
CA ALA A 30 -15.13 -10.34 7.00
C ALA A 30 -15.02 -9.24 8.06
N ASP A 31 -14.68 -9.64 9.28
CA ASP A 31 -14.56 -8.69 10.39
C ASP A 31 -13.46 -7.67 10.13
N LYS A 32 -12.40 -8.07 9.43
CA LYS A 32 -11.31 -7.16 9.12
C LYS A 32 -11.62 -6.40 7.84
N ILE A 33 -12.36 -7.06 6.95
CA ILE A 33 -12.77 -6.48 5.67
C ILE A 33 -13.63 -5.24 5.90
N GLU A 34 -14.75 -5.44 6.57
CA GLU A 34 -15.70 -4.37 6.85
C GLU A 34 -15.08 -3.31 7.74
N MET A 35 -14.08 -3.72 8.50
CA MET A 35 -13.38 -2.82 9.39
C MET A 35 -12.48 -1.87 8.61
N GLY A 36 -11.73 -2.42 7.65
CA GLY A 36 -10.82 -1.60 6.86
C GLY A 36 -11.37 -1.16 5.52
N ARG A 37 -12.69 -1.08 5.41
CA ARG A 37 -13.30 -0.67 4.15
C ARG A 37 -14.00 0.66 4.29
N ASN A 38 -13.91 1.46 3.23
CA ASN A 38 -14.52 2.80 3.18
C ASN A 38 -13.97 3.67 4.29
N CYS A 39 -12.81 3.29 4.79
CA CYS A 39 -12.15 4.01 5.86
C CYS A 39 -11.07 4.91 5.30
N LYS A 40 -10.96 6.12 5.83
CA LYS A 40 -9.97 7.09 5.38
C LYS A 40 -8.56 6.68 5.79
N ILE A 41 -7.91 5.91 4.94
CA ILE A 41 -6.55 5.47 5.22
C ILE A 41 -5.56 6.52 4.75
N VAL A 42 -4.75 7.00 5.66
CA VAL A 42 -3.75 8.01 5.31
C VAL A 42 -2.39 7.36 5.14
N THR A 43 -1.74 7.68 4.04
CA THR A 43 -0.42 7.14 3.75
C THR A 43 0.63 8.26 3.78
N GLU A 44 1.47 8.26 4.79
CA GLU A 44 2.52 9.27 4.91
C GLU A 44 3.82 8.72 4.36
N VAL A 45 4.32 9.34 3.30
CA VAL A 45 5.56 8.92 2.68
C VAL A 45 6.65 9.97 2.89
N VAL A 46 7.81 9.50 3.34
CA VAL A 46 8.96 10.36 3.55
C VAL A 46 10.11 9.84 2.70
N GLN A 47 10.80 10.74 2.01
CA GLN A 47 11.90 10.35 1.15
C GLN A 47 13.24 10.51 1.84
N ASN A 48 13.92 9.39 2.04
CA ASN A 48 15.21 9.40 2.69
C ASN A 48 16.20 8.63 1.83
N GLY A 49 16.73 9.29 0.81
CA GLY A 49 17.68 8.67 -0.09
C GLY A 49 16.99 7.70 -1.02
N ASN A 50 16.92 6.45 -0.61
CA ASN A 50 16.24 5.43 -1.39
C ASN A 50 15.35 4.62 -0.47
N ASP A 51 15.20 5.11 0.75
CA ASP A 51 14.36 4.46 1.73
C ASP A 51 13.07 5.25 1.90
N PHE A 52 11.97 4.70 1.42
CA PHE A 52 10.68 5.36 1.53
C PHE A 52 9.89 4.77 2.69
N THR A 53 9.36 5.64 3.53
CA THR A 53 8.58 5.21 4.66
C THR A 53 7.11 5.18 4.32
N TRP A 54 6.50 4.01 4.45
CA TRP A 54 5.09 3.88 4.18
C TRP A 54 4.31 3.81 5.49
N THR A 55 3.58 4.86 5.77
CA THR A 55 2.80 4.92 7.00
C THR A 55 1.32 4.87 6.69
N GLN A 56 0.63 3.87 7.23
CA GLN A 56 -0.80 3.73 7.03
C GLN A 56 -1.53 4.02 8.32
N HIS A 57 -2.36 5.04 8.30
CA HIS A 57 -3.13 5.43 9.47
C HIS A 57 -4.56 4.94 9.35
N PHE A 58 -5.04 4.36 10.42
CA PHE A 58 -6.38 3.83 10.47
C PHE A 58 -7.24 4.65 11.41
N PRO A 59 -8.38 5.18 10.94
CA PRO A 59 -9.29 5.99 11.77
C PRO A 59 -9.85 5.19 12.93
N GLY A 60 -9.50 5.61 14.14
CA GLY A 60 -9.97 4.93 15.33
C GLY A 60 -9.48 3.49 15.44
N GLY A 61 -8.32 3.20 14.87
CA GLY A 61 -7.80 1.86 14.93
C GLY A 61 -6.29 1.81 14.98
N ARG A 62 -5.73 0.62 14.73
CA ARG A 62 -4.29 0.40 14.76
C ARG A 62 -3.60 1.01 13.54
N THR A 63 -2.40 1.53 13.75
CA THR A 63 -1.64 2.14 12.69
C THR A 63 -0.50 1.19 12.25
N THR A 64 0.01 1.40 11.05
CA THR A 64 1.08 0.58 10.51
C THR A 64 2.14 1.44 9.84
N THR A 65 3.40 1.11 10.04
CA THR A 65 4.49 1.89 9.45
C THR A 65 5.67 1.00 9.08
N ASN A 66 5.92 0.90 7.79
CA ASN A 66 7.04 0.09 7.29
C ASN A 66 7.89 0.89 6.32
N SER A 67 9.18 0.89 6.57
CA SER A 67 10.13 1.60 5.74
C SER A 67 10.90 0.61 4.88
N PHE A 68 11.16 0.98 3.64
CA PHE A 68 11.86 0.09 2.72
C PHE A 68 12.86 0.83 1.85
N THR A 69 14.00 0.22 1.61
CA THR A 69 15.00 0.80 0.75
C THR A 69 15.00 0.08 -0.59
N ILE A 70 14.96 0.85 -1.67
CA ILE A 70 14.97 0.29 -3.01
C ILE A 70 16.20 -0.60 -3.22
N ASP A 71 15.93 -1.85 -3.60
CA ASP A 71 16.95 -2.87 -3.86
C ASP A 71 17.54 -3.35 -2.55
N LYS A 72 16.74 -3.27 -1.50
CA LYS A 72 17.15 -3.69 -0.18
C LYS A 72 16.01 -4.42 0.53
N GLU A 73 16.36 -5.40 1.37
CA GLU A 73 15.36 -6.14 2.14
C GLU A 73 14.74 -5.22 3.17
N ALA A 74 13.44 -5.32 3.37
CA ALA A 74 12.77 -4.47 4.34
C ALA A 74 11.82 -5.24 5.23
N ASP A 75 11.79 -4.84 6.49
CA ASP A 75 10.91 -5.45 7.48
C ASP A 75 9.54 -4.80 7.37
N MET A 76 8.55 -5.57 6.97
CA MET A 76 7.21 -5.03 6.77
C MET A 76 6.17 -5.71 7.65
N GLU A 77 4.99 -5.12 7.67
CA GLU A 77 3.87 -5.63 8.43
C GLU A 77 2.59 -5.07 7.83
N THR A 78 1.54 -5.87 7.76
CA THR A 78 0.28 -5.41 7.19
C THR A 78 -0.62 -4.84 8.28
N MET A 79 -1.83 -4.44 7.89
CA MET A 79 -2.79 -3.89 8.83
C MET A 79 -3.54 -5.02 9.53
N GLY A 80 -3.26 -6.25 9.10
CA GLY A 80 -3.91 -7.41 9.70
C GLY A 80 -3.05 -7.99 10.80
N GLY A 81 -1.77 -7.63 10.80
CA GLY A 81 -0.85 -8.12 11.81
C GLY A 81 0.15 -9.11 11.28
N ARG A 82 0.35 -9.13 9.97
CA ARG A 82 1.30 -10.06 9.36
C ARG A 82 2.70 -9.46 9.39
N LYS A 83 3.64 -10.17 9.99
CA LYS A 83 5.02 -9.71 10.05
C LYS A 83 5.84 -10.47 9.02
N PHE A 84 6.47 -9.75 8.11
CA PHE A 84 7.25 -10.38 7.06
C PHE A 84 8.36 -9.47 6.56
N LYS A 85 9.17 -9.99 5.66
CA LYS A 85 10.26 -9.22 5.07
C LYS A 85 10.24 -9.41 3.56
N ALA A 86 10.46 -8.33 2.83
CA ALA A 86 10.44 -8.39 1.38
C ALA A 86 11.39 -7.38 0.77
N THR A 87 11.75 -7.59 -0.48
CA THR A 87 12.63 -6.69 -1.19
C THR A 87 11.83 -5.81 -2.15
N VAL A 88 12.10 -4.52 -2.12
CA VAL A 88 11.39 -3.57 -2.98
C VAL A 88 12.37 -2.91 -3.93
N LYS A 89 11.94 -2.67 -5.16
CA LYS A 89 12.79 -2.03 -6.16
C LYS A 89 11.98 -0.98 -6.91
N MET A 90 12.58 -0.35 -7.91
CA MET A 90 11.90 0.67 -8.68
C MET A 90 11.93 0.34 -10.16
N GLU A 91 10.92 0.77 -10.89
CA GLU A 91 10.84 0.51 -12.32
C GLU A 91 10.42 1.77 -13.08
N GLY A 92 11.37 2.67 -13.29
CA GLY A 92 11.09 3.90 -14.02
C GLY A 92 10.27 4.89 -13.21
N GLY A 93 10.70 5.18 -11.99
CA GLY A 93 10.00 6.12 -11.14
C GLY A 93 8.75 5.53 -10.50
N LYS A 94 8.66 4.21 -10.53
CA LYS A 94 7.53 3.50 -9.94
C LYS A 94 8.06 2.45 -8.97
N ILE A 95 7.61 2.50 -7.73
CA ILE A 95 8.06 1.54 -6.74
C ILE A 95 7.33 0.20 -6.90
N VAL A 96 8.09 -0.86 -7.11
CA VAL A 96 7.52 -2.18 -7.28
C VAL A 96 8.01 -3.14 -6.18
N ALA A 97 7.06 -3.76 -5.51
CA ALA A 97 7.39 -4.70 -4.46
C ALA A 97 7.26 -6.11 -4.97
N ASP A 98 8.20 -6.97 -4.62
CA ASP A 98 8.19 -8.34 -5.07
C ASP A 98 7.58 -9.25 -4.02
N PHE A 99 6.53 -9.95 -4.41
CA PHE A 99 5.83 -10.87 -3.53
C PHE A 99 5.31 -12.07 -4.31
N PRO A 100 5.17 -13.23 -3.65
CA PRO A 100 4.66 -14.43 -4.30
C PRO A 100 3.17 -14.34 -4.57
N ASN A 101 2.80 -14.30 -5.86
CA ASN A 101 1.40 -14.21 -6.29
C ASN A 101 0.78 -12.87 -5.87
N TYR A 102 1.63 -11.92 -5.52
CA TYR A 102 1.21 -10.59 -5.10
C TYR A 102 2.12 -9.55 -5.76
N HIS A 103 1.51 -8.58 -6.41
CA HIS A 103 2.26 -7.53 -7.09
C HIS A 103 1.78 -6.16 -6.62
N HIS A 104 2.66 -5.41 -5.98
CA HIS A 104 2.31 -4.09 -5.49
C HIS A 104 3.18 -3.01 -6.14
N THR A 105 2.55 -2.08 -6.82
CA THR A 105 3.27 -0.98 -7.47
C THR A 105 2.65 0.35 -7.13
N ALA A 106 3.51 1.33 -6.81
CA ALA A 106 3.06 2.66 -6.48
C ALA A 106 3.60 3.67 -7.47
N GLU A 107 2.72 4.47 -8.04
CA GLU A 107 3.10 5.48 -9.02
C GLU A 107 2.18 6.70 -8.94
N ILE A 108 2.56 7.74 -9.64
CA ILE A 108 1.80 8.98 -9.66
C ILE A 108 1.17 9.16 -11.03
N SER A 109 -0.15 9.14 -11.08
CA SER A 109 -0.85 9.27 -12.34
C SER A 109 -1.99 10.28 -12.21
N GLY A 110 -1.76 11.46 -12.75
CA GLY A 110 -2.76 12.52 -12.70
C GLY A 110 -2.65 13.32 -11.41
N GLY A 111 -1.42 13.38 -10.89
CA GLY A 111 -1.18 14.11 -9.65
C GLY A 111 -1.74 13.36 -8.47
N LYS A 112 -1.94 12.07 -8.64
CA LYS A 112 -2.49 11.22 -7.59
C LYS A 112 -1.69 9.94 -7.45
N LEU A 113 -1.71 9.39 -6.25
CA LEU A 113 -1.00 8.16 -5.96
C LEU A 113 -1.94 7.00 -6.17
N VAL A 114 -1.62 6.15 -7.12
CA VAL A 114 -2.45 5.00 -7.41
C VAL A 114 -1.64 3.72 -7.26
N GLU A 115 -2.06 2.88 -6.34
CA GLU A 115 -1.39 1.61 -6.08
C GLU A 115 -2.18 0.46 -6.68
N ILE A 116 -1.46 -0.49 -7.23
CA ILE A 116 -2.06 -1.67 -7.82
C ILE A 116 -1.53 -2.92 -7.15
N SER A 117 -2.42 -3.70 -6.56
CA SER A 117 -2.05 -4.93 -5.89
C SER A 117 -2.76 -6.12 -6.54
N THR A 118 -1.98 -6.94 -7.23
CA THR A 118 -2.53 -8.10 -7.89
C THR A 118 -2.34 -9.35 -7.03
N SER A 119 -3.38 -10.17 -6.94
CA SER A 119 -3.32 -11.39 -6.16
C SER A 119 -4.17 -12.48 -6.79
N SER A 120 -3.51 -13.51 -7.33
CA SER A 120 -4.17 -14.64 -7.95
C SER A 120 -5.12 -14.22 -9.08
N GLY A 121 -4.76 -13.17 -9.79
CA GLY A 121 -5.58 -12.71 -10.90
C GLY A 121 -6.37 -11.45 -10.58
N VAL A 122 -6.67 -11.21 -9.32
CA VAL A 122 -7.44 -10.03 -8.93
C VAL A 122 -6.54 -8.81 -8.80
N VAL A 123 -6.89 -7.74 -9.50
CA VAL A 123 -6.12 -6.51 -9.45
C VAL A 123 -6.85 -5.44 -8.63
N TYR A 124 -6.30 -5.14 -7.47
CA TYR A 124 -6.86 -4.16 -6.57
C TYR A 124 -6.20 -2.80 -6.78
N LYS A 125 -6.99 -1.83 -7.22
CA LYS A 125 -6.48 -0.48 -7.45
C LYS A 125 -6.98 0.45 -6.37
N ARG A 126 -6.13 1.39 -5.98
CA ARG A 126 -6.48 2.37 -4.97
C ARG A 126 -5.85 3.71 -5.33
N THR A 127 -6.68 4.72 -5.45
CA THR A 127 -6.22 6.06 -5.78
C THR A 127 -6.29 6.95 -4.55
N SER A 128 -5.17 7.53 -4.18
CA SER A 128 -5.11 8.41 -3.04
C SER A 128 -4.57 9.77 -3.45
N LYS A 129 -5.25 10.83 -3.04
CA LYS A 129 -4.83 12.18 -3.37
C LYS A 129 -3.64 12.60 -2.50
N LYS A 130 -2.85 13.51 -3.02
CA LYS A 130 -1.68 14.00 -2.32
C LYS A 130 -2.00 15.29 -1.57
N ILE A 131 -1.69 15.32 -0.29
CA ILE A 131 -1.92 16.49 0.53
C ILE A 131 -0.77 16.69 1.50
N ALA A 132 -0.70 17.86 2.11
CA ALA A 132 0.32 18.18 3.09
C ALA A 132 -0.23 19.19 4.07
C1 CHO B . -5.68 -2.70 1.70
C2 CHO B . -4.27 -2.19 2.02
C3 CHO B . -3.22 -3.18 1.49
O3 CHO B . -1.92 -2.71 1.83
C4 CHO B . -3.44 -4.54 2.15
C5 CHO B . -4.85 -5.06 1.82
C6 CHO B . -5.04 -6.43 2.44
C7 CHO B . -4.96 -6.32 3.96
O7 CHO B . -3.66 -5.85 4.33
C8 CHO B . -6.02 -5.35 4.49
C9 CHO B . -5.83 -3.97 3.85
C10 CHO B . -5.92 -4.08 2.32
C11 CHO B . -6.87 -2.99 4.40
C12 CHO B . -6.83 -2.90 5.92
C13 CHO B . -7.04 -4.30 6.50
C14 CHO B . -5.92 -5.22 6.01
C15 CHO B . -6.24 -6.49 6.80
C16 CHO B . -6.52 -5.93 8.20
C17 CHO B . -6.78 -4.44 8.01
C18 CHO B . -8.40 -4.87 6.12
C19 CHO B . -7.30 -4.60 1.92
C20 CHO B . -7.94 -3.94 8.87
C21 CHO B . -8.20 -2.45 8.63
C22 CHO B . -7.67 -4.22 10.35
C23 CHO B . -8.83 -3.74 11.22
C24 CHO B . -8.59 -4.06 12.69
O24 CHO B . -8.43 -5.23 13.06
N25 CHO B . -8.57 -3.01 13.51
C26 CHO B . -8.34 -3.16 14.95
C27 CHO B . -9.14 -2.09 15.71
OT1 CHO B . -10.33 -2.35 15.98
OT2 CHO B . -8.53 -1.04 16.03
H11 CHO B . -5.80 -2.77 0.61
H12 CHO B . -6.41 -2.00 2.11
H21 CHO B . -4.16 -2.09 3.10
H22 CHO B . -4.13 -1.23 1.53
H3 CHO B . -3.31 -3.27 0.40
HO3 CHO B . -1.73 -1.86 1.32
H41 CHO B . -3.32 -4.46 3.22
H42 CHO B . -2.71 -5.25 1.75
H5 CHO B . -4.96 -5.12 0.73
H61 CHO B . -4.27 -7.11 2.08
H62 CHO B . -6.02 -6.84 2.15
H7 CHO B . -5.14 -7.30 4.40
HO7 CHO B . -2.97 -6.45 3.94
H8 CHO B . -6.99 -5.76 4.22
H9 CHO B . -4.84 -3.60 4.10
H111 CHO B . -7.86 -3.31 4.08
H112 CHO B . -6.64 -2.00 3.99
H121 CHO B . -7.62 -2.24 6.28
H122 CHO B . -5.85 -2.51 6.24
H14 CHO B . -4.90 -4.89 6.16
H151 CHO B . -5.39 -7.17 6.80
H152 CHO B . -7.07 -7.05 6.39
H161 CHO B . -5.64 -6.09 8.85
H162 CHO B . -7.36 -6.43 8.68
H17 CHO B . -5.95 -3.81 8.32
H181 CHO B . -8.29 -5.92 5.82
H182 CHO B . -8.82 -4.30 5.30
H183 CHO B . -9.07 -4.82 6.98
H191 CHO B . -7.21 -5.61 1.54
H192 CHO B . -7.72 -3.94 1.14
H193 CHO B . -7.96 -4.58 2.79
H20 CHO B . -8.83 -4.50 8.57
H211 CHO B . -8.05 -1.92 9.57
H212 CHO B . -9.23 -2.31 8.30
H213 CHO B . -7.52 -2.07 7.88
H221 CHO B . -6.75 -3.70 10.64
H222 CHO B . -7.55 -5.29 10.49
H231 CHO B . -9.75 -4.23 10.89
H232 CHO B . -8.91 -2.65 11.12
HN CHO B . -8.70 -2.07 13.19
H261 CHO B . -7.28 -3.04 15.17
H262 CHO B . -8.68 -4.14 15.27
C1 CHO C . 6.10 -1.99 -1.20
C2 CHO C . 5.18 -0.96 -1.86
C3 CHO C . 5.26 0.37 -1.12
O3 CHO C . 4.36 1.31 -1.74
C4 CHO C . 4.84 0.17 0.34
C5 CHO C . 5.77 -0.86 1.00
C6 CHO C . 5.39 -1.04 2.47
C7 CHO C . 3.98 -1.64 2.58
O7 CHO C . 3.03 -0.72 2.03
C8 CHO C . 3.90 -2.96 1.81
C9 CHO C . 4.28 -2.75 0.35
C10 CHO C . 5.70 -2.20 0.26
C11 CHO C . 4.16 -4.05 -0.45
C12 CHO C . 2.77 -4.70 -0.31
C13 CHO C . 2.50 -4.90 1.18
C14 CHO C . 2.49 -3.54 1.87
C15 CHO C . 2.02 -3.98 3.26
C16 CHO C . 0.76 -4.75 2.87
C17 CHO C . 1.09 -5.39 1.51
C18 CHO C . 3.55 -5.80 1.82
C19 CHO C . 6.67 -3.19 0.92
C20 CHO C . 1.03 -6.93 1.58
C21 CHO C . 1.47 -7.56 0.26
C22 CHO C . -0.38 -7.39 1.96
C23 CHO C . -0.44 -8.92 2.09
C24 CHO C . -1.82 -9.38 2.54
O24 CHO C . -2.37 -10.36 2.05
N25 CHO C . -2.37 -8.64 3.51
C26 CHO C . -3.69 -8.95 4.07
C27 CHO C . -3.62 -8.91 5.60
OT1 CHO C . -3.23 -7.85 6.13
OT2 CHO C . -3.95 -9.95 6.22
H11 CHO C . 7.13 -1.64 -1.25
H12 CHO C . 6.00 -2.94 -1.73
H21 CHO C . 4.15 -1.32 -1.84
H22 CHO C . 5.51 -0.81 -2.89
H3 CHO C . 6.27 0.76 -1.16
HO3 CHO C . 4.65 1.46 -2.68
H41 CHO C . 3.82 -0.19 0.38
H42 CHO C . 4.92 1.11 0.88
H5 CHO C . 6.79 -0.49 0.94
H61 CHO C . 5.40 -0.07 2.96
H62 CHO C . 6.10 -1.71 2.95
H7 CHO C . 3.76 -1.83 3.62
HO7 CHO C . 3.05 0.12 2.56
H8 CHO C . 4.60 -3.66 2.27
H9 CHO C . 3.59 -2.03 -0.10
H111 CHO C . 4.91 -4.75 -0.09
H112 CHO C . 4.31 -3.82 -1.51
H121 CHO C . 2.76 -5.65 -0.82
H122 CHO C . 2.01 -4.04 -0.75
H14 CHO C . 1.87 -2.75 1.46
H151 CHO C . 1.80 -3.13 3.90
H152 CHO C . 2.75 -4.55 3.83
H161 CHO C . -0.09 -4.07 2.78
H162 CHO C . 0.49 -5.49 3.62
H17 CHO C . 0.36 -5.12 0.75
H181 CHO C . 3.74 -6.65 1.16
H182 CHO C . 3.19 -6.16 2.78
H183 CHO C . 4.47 -5.24 1.97
H191 CHO C . 6.79 -4.06 0.29
H192 CHO C . 6.26 -3.49 1.89
H193 CHO C . 7.63 -2.70 1.07
H20 CHO C . 1.72 -7.25 2.36
H211 CHO C . 1.21 -6.88 -0.56
H212 CHO C . 0.97 -8.51 0.13
H213 CHO C . 2.54 -7.71 0.28
H221 CHO C . -1.09 -7.06 1.21
H222 CHO C . -0.63 -6.97 2.94
H231 CHO C . 0.31 -9.25 2.80
H232 CHO C . -0.25 -9.34 1.10
HN CHO C . -1.93 -7.84 3.91
H261 CHO C . -4.01 -9.95 3.76
H262 CHO C . -4.42 -8.22 3.72
N ALA A 6 8.65 12.40 -5.79
CA ALA A 6 7.26 12.41 -6.29
C ALA A 6 6.35 11.55 -5.42
N PHE A 7 6.93 10.86 -4.46
CA PHE A 7 6.15 10.00 -3.57
C PHE A 7 5.92 10.65 -2.22
N THR A 8 6.80 11.58 -1.83
CA THR A 8 6.67 12.25 -0.56
C THR A 8 5.32 12.93 -0.41
N GLY A 9 4.73 12.80 0.77
CA GLY A 9 3.43 13.40 1.00
C GLY A 9 2.49 12.46 1.70
N LYS A 10 1.36 12.99 2.09
CA LYS A 10 0.34 12.19 2.74
C LYS A 10 -0.74 11.85 1.71
N TYR A 11 -1.32 10.66 1.85
CA TYR A 11 -2.34 10.23 0.92
C TYR A 11 -3.58 9.78 1.66
N GLU A 12 -4.74 10.10 1.10
CA GLU A 12 -6.02 9.74 1.67
C GLU A 12 -6.86 9.00 0.65
N PHE A 13 -7.85 8.26 1.14
CA PHE A 13 -8.75 7.52 0.27
C PHE A 13 -9.43 8.43 -0.74
N GLU A 14 -9.35 8.05 -2.01
CA GLU A 14 -9.95 8.81 -3.09
C GLU A 14 -10.84 7.92 -3.92
N SER A 15 -10.30 6.80 -4.38
CA SER A 15 -11.03 5.85 -5.19
C SER A 15 -10.46 4.44 -5.01
N ASP A 16 -11.23 3.44 -5.40
CA ASP A 16 -10.80 2.05 -5.29
C ASP A 16 -11.55 1.19 -6.29
N GLU A 17 -10.94 0.11 -6.70
CA GLU A 17 -11.54 -0.80 -7.66
C GLU A 17 -11.21 -2.24 -7.29
N ASN A 18 -12.20 -3.11 -7.44
CA ASN A 18 -12.08 -4.53 -7.12
C ASN A 18 -11.75 -4.75 -5.65
N TYR A 19 -12.24 -3.86 -4.79
CA TYR A 19 -11.97 -3.97 -3.35
C TYR A 19 -12.47 -5.30 -2.79
N ASP A 20 -13.78 -5.52 -2.86
CA ASP A 20 -14.36 -6.75 -2.33
C ASP A 20 -13.79 -7.97 -3.03
N ASP A 21 -13.68 -7.88 -4.36
CA ASP A 21 -13.15 -8.99 -5.15
C ASP A 21 -11.75 -9.37 -4.67
N PHE A 22 -10.96 -8.36 -4.33
CA PHE A 22 -9.60 -8.57 -3.86
C PHE A 22 -9.59 -9.22 -2.48
N VAL A 23 -10.27 -8.58 -1.54
CA VAL A 23 -10.33 -9.07 -0.17
C VAL A 23 -10.95 -10.46 -0.10
N LYS A 24 -11.95 -10.73 -0.94
CA LYS A 24 -12.59 -12.03 -0.95
C LYS A 24 -11.66 -13.07 -1.57
N LYS A 25 -10.81 -12.63 -2.49
CA LYS A 25 -9.86 -13.51 -3.16
C LYS A 25 -8.69 -13.87 -2.26
N ILE A 26 -8.13 -12.88 -1.57
CA ILE A 26 -6.99 -13.12 -0.68
C ILE A 26 -7.42 -13.83 0.60
N GLY A 27 -8.73 -13.90 0.84
CA GLY A 27 -9.23 -14.57 2.01
C GLY A 27 -9.21 -13.71 3.25
N LEU A 28 -9.34 -12.40 3.04
CA LEU A 28 -9.37 -11.47 4.15
C LEU A 28 -10.63 -11.67 4.97
N PRO A 29 -10.53 -11.74 6.30
CA PRO A 29 -11.70 -11.91 7.16
C PRO A 29 -12.63 -10.71 7.10
N ALA A 30 -13.93 -10.98 7.04
CA ALA A 30 -14.94 -9.93 6.95
C ALA A 30 -14.80 -8.92 8.09
N ASP A 31 -14.41 -9.44 9.24
CA ASP A 31 -14.22 -8.62 10.43
C ASP A 31 -13.21 -7.51 10.18
N LYS A 32 -12.17 -7.81 9.41
CA LYS A 32 -11.14 -6.82 9.10
C LYS A 32 -11.47 -6.05 7.83
N ILE A 33 -12.12 -6.74 6.90
CA ILE A 33 -12.49 -6.14 5.62
C ILE A 33 -13.36 -4.89 5.83
N GLU A 34 -14.51 -5.08 6.45
CA GLU A 34 -15.45 -4.00 6.70
C GLU A 34 -14.85 -2.98 7.67
N MET A 35 -13.88 -3.43 8.43
CA MET A 35 -13.19 -2.61 9.40
C MET A 35 -12.29 -1.61 8.67
N GLY A 36 -11.67 -2.06 7.58
CA GLY A 36 -10.77 -1.21 6.83
C GLY A 36 -11.30 -0.80 5.47
N ARG A 37 -12.60 -0.79 5.28
CA ARG A 37 -13.18 -0.43 3.99
C ARG A 37 -13.77 0.98 4.04
N ASN A 38 -13.48 1.75 2.99
CA ASN A 38 -13.97 3.13 2.86
C ASN A 38 -13.51 3.96 4.05
N CYS A 39 -12.43 3.52 4.68
CA CYS A 39 -11.87 4.21 5.82
C CYS A 39 -10.83 5.23 5.38
N LYS A 40 -10.69 6.30 6.14
CA LYS A 40 -9.73 7.35 5.82
C LYS A 40 -8.32 6.95 6.21
N ILE A 41 -7.72 6.09 5.39
CA ILE A 41 -6.35 5.65 5.62
C ILE A 41 -5.38 6.71 5.13
N VAL A 42 -4.61 7.25 6.05
CA VAL A 42 -3.63 8.28 5.71
C VAL A 42 -2.27 7.66 5.54
N THR A 43 -1.68 7.84 4.37
CA THR A 43 -0.36 7.30 4.09
C THR A 43 0.67 8.43 4.02
N GLU A 44 1.50 8.54 5.05
CA GLU A 44 2.52 9.57 5.09
C GLU A 44 3.84 9.03 4.59
N VAL A 45 4.34 9.62 3.50
CA VAL A 45 5.60 9.20 2.92
C VAL A 45 6.68 10.24 3.15
N VAL A 46 7.80 9.81 3.73
CA VAL A 46 8.93 10.69 3.98
C VAL A 46 10.06 10.32 3.07
N GLN A 47 10.58 11.30 2.33
CA GLN A 47 11.66 11.05 1.39
C GLN A 47 13.03 11.03 2.09
N ASN A 48 13.72 9.91 1.98
CA ASN A 48 15.04 9.76 2.56
C ASN A 48 15.90 8.95 1.61
N GLY A 49 16.40 9.62 0.59
CA GLY A 49 17.24 8.96 -0.38
C GLY A 49 16.50 7.88 -1.13
N ASN A 50 16.73 6.63 -0.74
CA ASN A 50 16.06 5.51 -1.38
C ASN A 50 15.05 4.85 -0.45
N ASP A 51 15.19 5.11 0.85
CA ASP A 51 14.31 4.56 1.82
C ASP A 51 13.07 5.41 2.02
N PHE A 52 11.95 4.88 1.58
CA PHE A 52 10.68 5.55 1.73
C PHE A 52 9.91 4.95 2.89
N THR A 53 9.37 5.80 3.75
CA THR A 53 8.62 5.33 4.90
C THR A 53 7.13 5.36 4.61
N TRP A 54 6.50 4.19 4.69
CA TRP A 54 5.08 4.08 4.45
C TRP A 54 4.34 4.03 5.77
N THR A 55 3.70 5.14 6.13
CA THR A 55 2.96 5.23 7.37
C THR A 55 1.46 5.12 7.12
N GLN A 56 0.84 4.09 7.69
CA GLN A 56 -0.60 3.88 7.53
C GLN A 56 -1.33 4.28 8.81
N HIS A 57 -2.22 5.25 8.69
CA HIS A 57 -3.00 5.72 9.82
C HIS A 57 -4.41 5.17 9.75
N PHE A 58 -4.86 4.56 10.82
CA PHE A 58 -6.17 3.98 10.89
C PHE A 58 -7.07 4.79 11.83
N PRO A 59 -8.22 5.27 11.33
CA PRO A 59 -9.15 6.06 12.13
C PRO A 59 -9.67 5.29 13.34
N GLY A 60 -9.32 5.78 14.53
CA GLY A 60 -9.74 5.14 15.75
C GLY A 60 -9.21 3.72 15.88
N GLY A 61 -8.08 3.43 15.26
CA GLY A 61 -7.53 2.10 15.33
C GLY A 61 -6.01 2.08 15.35
N ARG A 62 -5.45 0.88 15.20
CA ARG A 62 -4.01 0.65 15.22
C ARG A 62 -3.32 1.27 14.01
N THR A 63 -2.10 1.72 14.21
CA THR A 63 -1.32 2.30 13.13
C THR A 63 -0.25 1.31 12.69
N THR A 64 0.27 1.49 11.49
CA THR A 64 1.30 0.60 10.97
C THR A 64 2.27 1.38 10.09
N THR A 65 3.54 1.38 10.45
CA THR A 65 4.55 2.10 9.69
C THR A 65 5.66 1.15 9.23
N ASN A 66 5.90 1.12 7.92
CA ASN A 66 6.93 0.25 7.36
C ASN A 66 7.95 1.05 6.59
N SER A 67 9.22 0.75 6.83
CA SER A 67 10.30 1.42 6.17
C SER A 67 11.02 0.48 5.23
N PHE A 68 11.17 0.88 3.98
CA PHE A 68 11.83 0.06 2.98
C PHE A 68 12.79 0.88 2.15
N THR A 69 13.82 0.22 1.64
CA THR A 69 14.80 0.88 0.81
C THR A 69 14.86 0.22 -0.56
N ILE A 70 14.84 1.03 -1.62
CA ILE A 70 14.91 0.50 -2.97
C ILE A 70 16.17 -0.35 -3.17
N ASP A 71 15.96 -1.57 -3.66
CA ASP A 71 17.03 -2.54 -3.92
C ASP A 71 17.59 -3.05 -2.60
N LYS A 72 16.76 -2.96 -1.58
CA LYS A 72 17.13 -3.39 -0.24
C LYS A 72 15.99 -4.17 0.43
N GLU A 73 16.35 -5.21 1.16
CA GLU A 73 15.38 -6.02 1.88
C GLU A 73 14.80 -5.20 3.03
N ALA A 74 13.50 -5.23 3.18
CA ALA A 74 12.86 -4.47 4.23
C ALA A 74 11.94 -5.33 5.08
N ASP A 75 11.65 -4.86 6.28
CA ASP A 75 10.76 -5.57 7.19
C ASP A 75 9.41 -4.89 7.17
N MET A 76 8.37 -5.66 6.89
CA MET A 76 7.03 -5.11 6.81
C MET A 76 6.05 -5.90 7.64
N GLU A 77 4.94 -5.25 7.92
CA GLU A 77 3.84 -5.84 8.66
C GLU A 77 2.57 -5.23 8.14
N THR A 78 1.56 -6.04 7.91
CA THR A 78 0.30 -5.53 7.40
C THR A 78 -0.60 -5.09 8.54
N MET A 79 -1.76 -4.54 8.19
CA MET A 79 -2.71 -4.11 9.19
C MET A 79 -3.48 -5.32 9.70
N GLY A 80 -3.24 -6.46 9.08
CA GLY A 80 -3.89 -7.70 9.47
C GLY A 80 -3.07 -8.48 10.47
N GLY A 81 -1.82 -8.07 10.63
CA GLY A 81 -0.93 -8.74 11.57
C GLY A 81 0.04 -9.70 10.92
N ARG A 82 0.41 -9.41 9.67
CA ARG A 82 1.35 -10.28 8.94
C ARG A 82 2.76 -9.74 9.03
N LYS A 83 3.65 -10.52 9.60
CA LYS A 83 5.05 -10.13 9.73
C LYS A 83 5.84 -10.77 8.60
N PHE A 84 6.51 -9.96 7.79
CA PHE A 84 7.27 -10.49 6.68
C PHE A 84 8.38 -9.57 6.23
N LYS A 85 9.23 -10.09 5.36
CA LYS A 85 10.34 -9.35 4.80
C LYS A 85 10.29 -9.47 3.28
N ALA A 86 10.53 -8.37 2.60
CA ALA A 86 10.48 -8.37 1.15
C ALA A 86 11.45 -7.34 0.58
N THR A 87 11.82 -7.53 -0.68
CA THR A 87 12.72 -6.62 -1.35
C THR A 87 11.94 -5.74 -2.33
N VAL A 88 12.24 -4.45 -2.32
CA VAL A 88 11.55 -3.51 -3.18
C VAL A 88 12.50 -2.90 -4.18
N LYS A 89 12.02 -2.63 -5.39
CA LYS A 89 12.84 -2.02 -6.42
C LYS A 89 12.07 -0.87 -7.09
N MET A 90 12.71 -0.16 -8.01
CA MET A 90 12.06 0.95 -8.68
C MET A 90 12.21 0.83 -10.19
N GLU A 91 11.08 0.87 -10.89
CA GLU A 91 11.07 0.77 -12.34
C GLU A 91 10.50 2.04 -12.98
N GLY A 92 11.39 2.99 -13.25
CA GLY A 92 10.97 4.23 -13.89
C GLY A 92 10.09 5.08 -13.00
N GLY A 93 10.53 5.32 -11.78
CA GLY A 93 9.76 6.13 -10.85
C GLY A 93 8.57 5.40 -10.27
N LYS A 94 8.58 4.07 -10.38
CA LYS A 94 7.50 3.25 -9.85
C LYS A 94 8.06 2.24 -8.88
N ILE A 95 7.65 2.33 -7.64
CA ILE A 95 8.11 1.42 -6.61
C ILE A 95 7.37 0.08 -6.72
N VAL A 96 8.10 -0.96 -7.12
CA VAL A 96 7.51 -2.28 -7.25
C VAL A 96 8.10 -3.24 -6.23
N ALA A 97 7.24 -3.96 -5.56
CA ALA A 97 7.67 -4.92 -4.54
C ALA A 97 7.34 -6.34 -4.99
N ASP A 98 8.22 -7.27 -4.66
CA ASP A 98 8.04 -8.66 -5.04
C ASP A 98 7.42 -9.47 -3.91
N PHE A 99 6.34 -10.16 -4.23
CA PHE A 99 5.63 -10.97 -3.25
C PHE A 99 5.09 -12.23 -3.92
N PRO A 100 4.95 -13.32 -3.17
CA PRO A 100 4.44 -14.57 -3.73
C PRO A 100 2.96 -14.48 -4.10
N ASN A 101 2.69 -14.58 -5.40
CA ASN A 101 1.32 -14.51 -5.93
C ASN A 101 0.71 -13.14 -5.62
N TYR A 102 1.57 -12.16 -5.41
CA TYR A 102 1.14 -10.80 -5.12
C TYR A 102 2.06 -9.80 -5.80
N HIS A 103 1.48 -8.98 -6.65
CA HIS A 103 2.23 -7.98 -7.38
C HIS A 103 1.82 -6.58 -6.92
N HIS A 104 2.72 -5.89 -6.25
CA HIS A 104 2.43 -4.56 -5.73
C HIS A 104 3.30 -3.50 -6.40
N THR A 105 2.65 -2.52 -7.01
CA THR A 105 3.35 -1.42 -7.67
C THR A 105 2.76 -0.08 -7.27
N ALA A 106 3.64 0.85 -6.87
CA ALA A 106 3.23 2.18 -6.47
C ALA A 106 3.75 3.20 -7.46
N GLU A 107 2.88 4.08 -7.94
CA GLU A 107 3.28 5.09 -8.91
C GLU A 107 2.36 6.30 -8.85
N ILE A 108 2.74 7.35 -9.55
CA ILE A 108 1.97 8.57 -9.60
C ILE A 108 1.38 8.77 -10.99
N SER A 109 0.08 8.99 -11.07
CA SER A 109 -0.59 9.22 -12.33
C SER A 109 -1.67 10.27 -12.17
N GLY A 110 -1.50 11.39 -12.86
CA GLY A 110 -2.47 12.46 -12.77
C GLY A 110 -2.39 13.17 -11.43
N GLY A 111 -1.20 13.18 -10.85
CA GLY A 111 -1.01 13.81 -9.56
C GLY A 111 -1.65 13.02 -8.43
N LYS A 112 -1.84 11.73 -8.68
CA LYS A 112 -2.46 10.85 -7.70
C LYS A 112 -1.66 9.58 -7.53
N LEU A 113 -1.69 9.03 -6.32
CA LEU A 113 -0.98 7.81 -6.00
C LEU A 113 -1.89 6.62 -6.25
N VAL A 114 -1.45 5.69 -7.07
CA VAL A 114 -2.24 4.51 -7.36
C VAL A 114 -1.41 3.25 -7.19
N GLU A 115 -1.78 2.45 -6.21
CA GLU A 115 -1.08 1.21 -5.93
C GLU A 115 -1.90 0.03 -6.45
N ILE A 116 -1.31 -0.74 -7.34
CA ILE A 116 -1.98 -1.91 -7.91
C ILE A 116 -1.49 -3.16 -7.20
N SER A 117 -2.43 -3.97 -6.76
CA SER A 117 -2.12 -5.22 -6.06
C SER A 117 -2.79 -6.41 -6.74
N THR A 118 -2.00 -7.19 -7.46
CA THR A 118 -2.53 -8.37 -8.12
C THR A 118 -2.29 -9.59 -7.24
N SER A 119 -3.31 -10.44 -7.09
CA SER A 119 -3.19 -11.62 -6.27
C SER A 119 -4.15 -12.70 -6.75
N SER A 120 -3.58 -13.84 -7.15
CA SER A 120 -4.35 -14.97 -7.62
C SER A 120 -5.18 -14.63 -8.86
N GLY A 121 -4.75 -13.62 -9.60
CA GLY A 121 -5.47 -13.23 -10.79
C GLY A 121 -6.28 -11.96 -10.62
N VAL A 122 -6.69 -11.69 -9.39
CA VAL A 122 -7.48 -10.50 -9.13
C VAL A 122 -6.59 -9.27 -9.03
N VAL A 123 -6.99 -8.19 -9.68
CA VAL A 123 -6.21 -6.96 -9.66
C VAL A 123 -6.90 -5.88 -8.82
N TYR A 124 -6.27 -5.50 -7.74
CA TYR A 124 -6.80 -4.48 -6.86
C TYR A 124 -6.14 -3.14 -7.16
N LYS A 125 -6.95 -2.10 -7.28
CA LYS A 125 -6.45 -0.77 -7.55
C LYS A 125 -7.05 0.23 -6.58
N ARG A 126 -6.25 1.16 -6.09
CA ARG A 126 -6.75 2.17 -5.19
C ARG A 126 -6.06 3.51 -5.43
N THR A 127 -6.87 4.52 -5.69
CA THR A 127 -6.38 5.86 -5.94
C THR A 127 -6.37 6.66 -4.65
N SER A 128 -5.22 7.23 -4.33
CA SER A 128 -5.10 8.02 -3.13
C SER A 128 -4.67 9.45 -3.49
N LYS A 129 -5.38 10.43 -2.94
CA LYS A 129 -5.08 11.83 -3.22
C LYS A 129 -3.88 12.29 -2.38
N LYS A 130 -3.11 13.22 -2.93
CA LYS A 130 -1.93 13.75 -2.24
C LYS A 130 -2.27 15.02 -1.48
N ILE A 131 -2.01 15.01 -0.20
CA ILE A 131 -2.26 16.16 0.66
C ILE A 131 -1.15 16.27 1.71
N ALA A 132 -1.09 17.41 2.39
CA ALA A 132 -0.09 17.60 3.42
C ALA A 132 -0.71 18.29 4.63
C1 CHO B . -6.09 -2.63 1.48
C2 CHO B . -4.72 -1.96 1.68
C3 CHO B . -3.61 -2.84 1.11
O3 CHO B . -2.34 -2.21 1.33
C4 CHO B . -3.62 -4.19 1.83
C5 CHO B . -4.98 -4.87 1.62
C6 CHO B . -4.97 -6.24 2.31
C7 CHO B . -4.83 -6.06 3.82
O7 CHO B . -3.58 -5.42 4.12
C8 CHO B . -5.97 -5.19 4.37
C9 CHO B . -5.96 -3.83 3.68
C10 CHO B . -6.11 -4.00 2.17
C11 CHO B . -7.06 -2.93 4.25
C12 CHO B . -6.94 -2.79 5.77
C13 CHO B . -7.01 -4.19 6.39
C14 CHO B . -5.83 -5.01 5.87
C15 CHO B . -6.00 -6.28 6.69
C16 CHO B . -6.34 -5.74 8.09
C17 CHO B . -6.68 -4.26 7.88
C18 CHO B . -8.34 -4.88 6.07
C19 CHO B . -7.45 -4.68 1.87
C20 CHO B . -7.85 -3.80 8.76
C21 CHO B . -8.12 -2.31 8.57
C22 CHO B . -7.57 -4.09 10.24
C23 CHO B . -8.70 -3.57 11.11
C24 CHO B . -8.58 -4.05 12.57
O24 CHO B . -8.76 -5.23 12.85
N25 CHO B . -8.27 -3.12 13.46
C26 CHO B . -8.12 -3.44 14.88
C27 CHO B . -7.62 -2.22 15.66
OT1 CHO B . -6.42 -2.21 15.99
OT2 CHO B . -8.46 -1.33 15.93
H11 CHO B . -6.26 -2.75 0.42
H12 CHO B . -6.85 -2.00 1.92
H21 CHO B . -4.55 -1.81 2.75
H22 CHO B . -4.71 -1.00 1.16
H3 CHO B . -3.76 -2.98 0.04
HO3 CHO B . -2.30 -1.36 0.81
H41 CHO B . -3.45 -4.05 2.89
H42 CHO B . -2.83 -4.83 1.41
H5 CHO B . -5.16 -5.00 0.56
H61 CHO B . -4.14 -6.83 1.93
H62 CHO B . -5.91 -6.76 2.09
H7 CHO B . -4.87 -7.04 4.29
HO7 CHO B . -3.57 -5.14 5.07
H8 CHO B . -6.91 -5.70 4.15
H9 CHO B . -5.00 -3.34 3.88
H111 CHO B . -8.03 -3.34 4.00
H112 CHO B . -6.95 -1.93 3.81
H121 CHO B . -7.77 -2.18 6.15
H122 CHO B . -6.01 -2.31 6.03
H14 CHO B . -4.84 -4.58 5.98
H151 CHO B . -5.09 -6.87 6.71
H152 CHO B . -6.77 -6.95 6.30
H161 CHO B . -5.48 -5.84 8.75
H162 CHO B . -7.15 -6.28 8.55
H17 CHO B . -5.87 -3.59 8.17
H181 CHO B . -8.16 -5.96 5.97
H182 CHO B . -8.74 -4.50 5.14
H183 CHO B . -9.04 -4.70 6.89
H191 CHO B . -7.30 -5.76 1.74
H192 CHO B . -7.88 -4.27 0.96
H193 CHO B . -8.14 -4.52 2.71
H20 CHO B . -8.73 -4.36 8.47
H211 CHO B . -7.96 -1.78 9.51
H212 CHO B . -9.15 -2.17 8.24
H213 CHO B . -7.44 -1.91 7.81
H221 CHO B . -6.63 -3.61 10.53
H222 CHO B . -7.48 -5.17 10.38
H231 CHO B . -9.65 -3.92 10.70
H232 CHO B . -8.66 -2.49 11.11
HN CHO B . -8.12 -2.15 13.22
H261 CHO B . -7.41 -4.26 14.99
H262 CHO B . -9.09 -3.73 15.28
C1 CHO C . 6.20 -1.67 -1.19
C2 CHO C . 5.30 -0.58 -1.79
C3 CHO C . 5.43 0.71 -0.97
O3 CHO C . 4.58 1.71 -1.53
C4 CHO C . 5.02 0.44 0.48
C5 CHO C . 5.92 -0.65 1.07
C6 CHO C . 5.55 -0.90 2.54
C7 CHO C . 4.13 -1.48 2.62
O7 CHO C . 3.19 -0.52 2.12
C8 CHO C . 4.03 -2.76 1.79
C9 CHO C . 4.38 -2.48 0.33
C10 CHO C . 5.82 -1.94 0.27
C11 CHO C . 4.23 -3.74 -0.52
C12 CHO C . 2.85 -4.37 -0.39
C13 CHO C . 2.58 -4.66 1.09
C14 CHO C . 2.61 -3.32 1.85
C15 CHO C . 2.18 -3.83 3.23
C16 CHO C . 0.91 -4.61 2.85
C17 CHO C . 1.17 -5.14 1.43
C18 CHO C . 3.64 -5.60 1.67
C19 CHO C . 6.77 -2.99 0.85
C20 CHO C . 1.05 -6.65 1.36
C21 CHO C . 1.40 -7.16 -0.03
C22 CHO C . -0.36 -7.11 1.76
C23 CHO C . -0.48 -8.62 1.75
C24 CHO C . -1.86 -9.08 2.22
O24 CHO C . -2.37 -10.11 1.80
N25 CHO C . -2.43 -8.29 3.12
C26 CHO C . -3.75 -8.58 3.70
C27 CHO C . -3.60 -9.05 5.15
OT1 CHO C . -3.89 -10.23 5.40
OT2 CHO C . -3.20 -8.20 5.98
H11 CHO C . 7.24 -1.35 -1.24
H12 CHO C . 6.06 -2.59 -1.77
H21 CHO C . 4.26 -0.92 -1.77
H22 CHO C . 5.61 -0.39 -2.81
H3 CHO C . 6.46 1.06 -0.99
HO3 CHO C . 3.63 1.46 -1.38
H41 CHO C . 3.98 0.10 0.51
H42 CHO C . 5.13 1.36 1.06
H5 CHO C . 6.96 -0.31 1.03
H61 CHO C . 5.58 0.05 3.08
H62 CHO C . 6.25 -1.60 2.97
H7 CHO C . 3.91 -1.70 3.66
HO7 CHO C . 2.27 -0.91 2.12
H8 CHO C . 4.73 -3.48 2.21
H9 CHO C . 3.70 -1.72 -0.06
H111 CHO C . 4.99 -4.46 -0.21
H112 CHO C . 4.37 -3.45 -1.56
H121 CHO C . 2.81 -5.30 -0.96
H122 CHO C . 2.09 -3.69 -0.78
H14 CHO C . 1.99 -2.52 1.49
H151 CHO C . 1.95 -3.01 3.90
H152 CHO C . 2.93 -4.40 3.77
H161 CHO C . 0.04 -3.95 2.86
H162 CHO C . 0.71 -5.42 3.55
H17 CHO C . 0.44 -4.76 0.72
H181 CHO C . 3.82 -6.42 0.97
H182 CHO C . 3.29 -6.01 2.62
H183 CHO C . 4.57 -5.05 1.83
H191 CHO C . 6.86 -3.83 0.17
H192 CHO C . 6.38 -3.34 1.81
H193 CHO C . 7.75 -2.54 1.01
H20 CHO C . 1.77 -7.09 2.06
H211 CHO C . 1.14 -6.41 -0.78
H212 CHO C . 0.85 -8.08 -0.25
H213 CHO C . 2.48 -7.38 -0.09
H221 CHO C . -1.08 -6.67 1.07
H222 CHO C . -0.54 -6.76 2.78
H231 CHO C . 0.28 -9.05 2.40
H232 CHO C . -0.35 -8.97 0.71
HN CHO C . -2.00 -7.45 3.46
H261 CHO C . -4.24 -9.37 3.12
H262 CHO C . -4.37 -7.68 3.67
N ALA A 6 8.60 12.84 -5.70
CA ALA A 6 7.23 12.72 -6.23
C ALA A 6 6.38 11.79 -5.39
N PHE A 7 7.04 10.98 -4.59
CA PHE A 7 6.34 10.04 -3.73
C PHE A 7 6.13 10.63 -2.35
N THR A 8 7.00 11.55 -1.96
CA THR A 8 6.92 12.21 -0.67
C THR A 8 5.59 12.95 -0.51
N GLY A 9 5.03 12.89 0.68
CA GLY A 9 3.76 13.56 0.91
C GLY A 9 2.77 12.68 1.61
N LYS A 10 1.63 13.25 2.01
CA LYS A 10 0.60 12.47 2.67
C LYS A 10 -0.51 12.17 1.66
N TYR A 11 -1.09 10.99 1.78
CA TYR A 11 -2.15 10.59 0.88
C TYR A 11 -3.35 10.08 1.68
N GLU A 12 -4.54 10.42 1.24
CA GLU A 12 -5.77 9.98 1.90
C GLU A 12 -6.66 9.30 0.88
N PHE A 13 -7.47 8.36 1.35
CA PHE A 13 -8.38 7.59 0.49
C PHE A 13 -9.16 8.48 -0.47
N GLU A 14 -8.94 8.26 -1.75
CA GLU A 14 -9.63 9.02 -2.79
C GLU A 14 -10.63 8.11 -3.51
N SER A 15 -10.17 6.91 -3.89
CA SER A 15 -11.01 5.94 -4.58
C SER A 15 -10.39 4.55 -4.49
N ASP A 16 -11.11 3.53 -4.98
CA ASP A 16 -10.64 2.15 -4.95
C ASP A 16 -11.35 1.36 -6.03
N GLU A 17 -10.82 0.19 -6.36
CA GLU A 17 -11.39 -0.67 -7.39
C GLU A 17 -11.07 -2.13 -7.09
N ASN A 18 -12.07 -2.98 -7.31
CA ASN A 18 -11.95 -4.43 -7.09
C ASN A 18 -11.68 -4.76 -5.63
N TYR A 19 -12.24 -3.97 -4.72
CA TYR A 19 -12.04 -4.20 -3.30
C TYR A 19 -12.59 -5.56 -2.88
N ASP A 20 -13.88 -5.74 -3.09
CA ASP A 20 -14.56 -6.99 -2.72
C ASP A 20 -13.88 -8.19 -3.34
N ASP A 21 -13.54 -8.07 -4.62
CA ASP A 21 -12.87 -9.14 -5.34
C ASP A 21 -11.53 -9.46 -4.71
N PHE A 22 -10.78 -8.43 -4.37
CA PHE A 22 -9.47 -8.57 -3.76
C PHE A 22 -9.56 -9.26 -2.40
N VAL A 23 -10.38 -8.69 -1.51
CA VAL A 23 -10.53 -9.25 -0.17
C VAL A 23 -11.07 -10.68 -0.20
N LYS A 24 -11.96 -10.97 -1.15
CA LYS A 24 -12.52 -12.31 -1.27
C LYS A 24 -11.49 -13.27 -1.87
N LYS A 25 -10.61 -12.74 -2.71
CA LYS A 25 -9.59 -13.57 -3.35
C LYS A 25 -8.50 -13.94 -2.36
N ILE A 26 -8.03 -12.97 -1.57
CA ILE A 26 -6.99 -13.22 -0.60
C ILE A 26 -7.55 -13.99 0.60
N GLY A 27 -8.87 -14.05 0.70
CA GLY A 27 -9.50 -14.77 1.78
C GLY A 27 -9.52 -13.98 3.07
N LEU A 28 -9.68 -12.67 2.95
CA LEU A 28 -9.72 -11.80 4.12
C LEU A 28 -11.01 -12.05 4.91
N PRO A 29 -10.90 -12.19 6.24
CA PRO A 29 -12.07 -12.41 7.09
C PRO A 29 -13.00 -11.20 7.09
N ALA A 30 -14.31 -11.47 7.10
CA ALA A 30 -15.32 -10.42 7.10
C ALA A 30 -15.07 -9.40 8.21
N ASP A 31 -14.63 -9.90 9.36
CA ASP A 31 -14.36 -9.05 10.51
C ASP A 31 -13.35 -7.96 10.19
N LYS A 32 -12.36 -8.29 9.35
CA LYS A 32 -11.35 -7.32 8.97
C LYS A 32 -11.80 -6.54 7.75
N ILE A 33 -12.49 -7.23 6.85
CA ILE A 33 -13.00 -6.62 5.63
C ILE A 33 -13.87 -5.41 5.94
N GLU A 34 -14.94 -5.65 6.71
CA GLU A 34 -15.89 -4.61 7.07
C GLU A 34 -15.23 -3.54 7.92
N MET A 35 -14.19 -3.91 8.64
CA MET A 35 -13.46 -2.99 9.49
C MET A 35 -12.59 -2.06 8.62
N GLY A 36 -12.02 -2.62 7.56
CA GLY A 36 -11.16 -1.83 6.69
C GLY A 36 -11.73 -1.66 5.30
N ARG A 37 -13.04 -1.43 5.20
CA ARG A 37 -13.67 -1.25 3.90
C ARG A 37 -13.95 0.23 3.63
N ASN A 38 -13.30 0.75 2.58
CA ASN A 38 -13.47 2.15 2.16
C ASN A 38 -13.04 3.12 3.26
N CYS A 39 -12.20 2.66 4.16
CA CYS A 39 -11.71 3.48 5.26
C CYS A 39 -10.64 4.43 4.75
N LYS A 40 -10.56 5.61 5.36
CA LYS A 40 -9.58 6.60 4.94
C LYS A 40 -8.21 6.33 5.55
N ILE A 41 -7.48 5.42 4.92
CA ILE A 41 -6.14 5.08 5.38
C ILE A 41 -5.14 6.10 4.84
N VAL A 42 -4.55 6.87 5.74
CA VAL A 42 -3.59 7.88 5.36
C VAL A 42 -2.23 7.25 5.10
N THR A 43 -1.61 7.65 4.01
CA THR A 43 -0.30 7.15 3.62
C THR A 43 0.72 8.29 3.64
N GLU A 44 1.59 8.29 4.62
CA GLU A 44 2.61 9.33 4.73
C GLU A 44 3.96 8.82 4.24
N VAL A 45 4.50 9.50 3.24
CA VAL A 45 5.78 9.13 2.66
C VAL A 45 6.82 10.23 2.85
N VAL A 46 8.00 9.83 3.26
CA VAL A 46 9.10 10.76 3.45
C VAL A 46 10.25 10.37 2.52
N GLN A 47 10.90 11.36 1.93
CA GLN A 47 12.00 11.11 1.01
C GLN A 47 13.32 10.94 1.77
N ASN A 48 13.96 9.79 1.60
CA ASN A 48 15.24 9.51 2.25
C ASN A 48 16.16 8.73 1.31
N GLY A 49 16.68 9.41 0.31
CA GLY A 49 17.55 8.75 -0.66
C GLY A 49 16.80 7.72 -1.47
N ASN A 50 17.02 6.47 -1.15
CA ASN A 50 16.31 5.39 -1.83
C ASN A 50 15.44 4.65 -0.82
N ASP A 51 15.37 5.20 0.38
CA ASP A 51 14.56 4.64 1.44
C ASP A 51 13.27 5.44 1.56
N PHE A 52 12.18 4.83 1.14
CA PHE A 52 10.88 5.47 1.19
C PHE A 52 10.06 4.85 2.31
N THR A 53 9.44 5.68 3.11
CA THR A 53 8.63 5.19 4.22
C THR A 53 7.16 5.21 3.86
N TRP A 54 6.50 4.10 4.11
CA TRP A 54 5.08 4.01 3.85
C TRP A 54 4.35 3.91 5.18
N THR A 55 3.79 5.02 5.62
CA THR A 55 3.08 5.06 6.88
C THR A 55 1.59 5.01 6.64
N GLN A 56 0.97 3.90 7.03
CA GLN A 56 -0.47 3.74 6.86
C GLN A 56 -1.18 4.00 8.17
N HIS A 57 -2.02 5.02 8.19
CA HIS A 57 -2.77 5.36 9.38
C HIS A 57 -4.22 4.94 9.22
N PHE A 58 -4.73 4.28 10.24
CA PHE A 58 -6.11 3.83 10.22
C PHE A 58 -6.97 4.76 11.04
N PRO A 59 -8.14 5.17 10.51
CA PRO A 59 -9.05 6.07 11.23
C PRO A 59 -9.58 5.44 12.50
N GLY A 60 -9.18 6.00 13.64
CA GLY A 60 -9.62 5.50 14.91
C GLY A 60 -9.10 4.08 15.18
N GLY A 61 -8.03 3.69 14.50
CA GLY A 61 -7.50 2.34 14.68
C GLY A 61 -5.98 2.29 14.73
N ARG A 62 -5.45 1.08 14.64
CA ARG A 62 -4.00 0.85 14.69
C ARG A 62 -3.30 1.34 13.43
N THR A 63 -2.11 1.89 13.62
CA THR A 63 -1.31 2.40 12.52
C THR A 63 -0.29 1.35 12.08
N THR A 64 0.21 1.48 10.86
CA THR A 64 1.18 0.55 10.32
C THR A 64 2.25 1.31 9.53
N THR A 65 3.45 1.38 10.07
CA THR A 65 4.53 2.10 9.40
C THR A 65 5.65 1.16 8.95
N ASN A 66 6.04 1.30 7.69
CA ASN A 66 7.10 0.47 7.13
C ASN A 66 8.08 1.34 6.37
N SER A 67 9.35 1.01 6.46
CA SER A 67 10.39 1.76 5.78
C SER A 67 11.19 0.81 4.89
N PHE A 68 11.25 1.10 3.61
CA PHE A 68 11.94 0.23 2.68
C PHE A 68 12.92 0.97 1.78
N THR A 69 14.06 0.37 1.57
CA THR A 69 15.08 0.93 0.71
C THR A 69 15.06 0.18 -0.61
N ILE A 70 14.97 0.92 -1.71
CA ILE A 70 14.96 0.31 -3.04
C ILE A 70 16.18 -0.57 -3.23
N ASP A 71 15.94 -1.82 -3.63
CA ASP A 71 16.98 -2.82 -3.88
C ASP A 71 17.53 -3.37 -2.56
N LYS A 72 16.75 -3.19 -1.50
CA LYS A 72 17.14 -3.64 -0.17
C LYS A 72 15.98 -4.35 0.51
N GLU A 73 16.29 -5.35 1.32
CA GLU A 73 15.28 -6.11 2.05
C GLU A 73 14.77 -5.28 3.23
N ALA A 74 13.46 -5.07 3.28
CA ALA A 74 12.86 -4.27 4.33
C ALA A 74 11.91 -5.09 5.19
N ASP A 75 11.71 -4.61 6.41
CA ASP A 75 10.82 -5.26 7.36
C ASP A 75 9.45 -4.62 7.25
N MET A 76 8.44 -5.42 6.97
CA MET A 76 7.11 -4.90 6.79
C MET A 76 6.10 -5.61 7.66
N GLU A 77 4.93 -5.00 7.75
CA GLU A 77 3.81 -5.53 8.51
C GLU A 77 2.51 -5.10 7.83
N THR A 78 1.50 -5.94 7.89
CA THR A 78 0.20 -5.61 7.32
C THR A 78 -0.74 -5.14 8.42
N MET A 79 -1.88 -4.59 8.03
CA MET A 79 -2.85 -4.13 9.01
C MET A 79 -3.56 -5.32 9.65
N GLY A 80 -3.18 -6.51 9.20
CA GLY A 80 -3.76 -7.73 9.74
C GLY A 80 -2.90 -8.27 10.86
N GLY A 81 -1.72 -7.67 11.06
CA GLY A 81 -0.82 -8.10 12.12
C GLY A 81 0.20 -9.12 11.65
N ARG A 82 0.63 -8.98 10.40
CA ARG A 82 1.60 -9.89 9.81
C ARG A 82 3.00 -9.28 9.83
N LYS A 83 3.95 -10.01 10.39
CA LYS A 83 5.34 -9.57 10.44
C LYS A 83 6.15 -10.33 9.39
N PHE A 84 6.77 -9.60 8.48
CA PHE A 84 7.54 -10.26 7.42
C PHE A 84 8.61 -9.33 6.86
N LYS A 85 9.41 -9.86 5.95
CA LYS A 85 10.46 -9.11 5.28
C LYS A 85 10.35 -9.31 3.78
N ALA A 86 10.67 -8.29 3.00
CA ALA A 86 10.59 -8.39 1.56
C ALA A 86 11.53 -7.39 0.88
N THR A 87 11.85 -7.65 -0.38
CA THR A 87 12.72 -6.79 -1.14
C THR A 87 11.89 -5.92 -2.09
N VAL A 88 12.14 -4.62 -2.06
CA VAL A 88 11.42 -3.68 -2.91
C VAL A 88 12.36 -3.06 -3.92
N LYS A 89 11.89 -2.89 -5.15
CA LYS A 89 12.69 -2.31 -6.21
C LYS A 89 11.90 -1.20 -6.90
N MET A 90 12.50 -0.57 -7.90
CA MET A 90 11.83 0.50 -8.62
C MET A 90 11.87 0.23 -10.12
N GLU A 91 10.73 0.43 -10.78
CA GLU A 91 10.63 0.20 -12.21
C GLU A 91 10.21 1.48 -12.94
N GLY A 92 11.20 2.24 -13.37
CA GLY A 92 10.93 3.48 -14.10
C GLY A 92 10.19 4.52 -13.30
N GLY A 93 10.66 4.81 -12.10
CA GLY A 93 10.02 5.81 -11.27
C GLY A 93 8.77 5.29 -10.57
N LYS A 94 8.60 3.98 -10.54
CA LYS A 94 7.46 3.35 -9.89
C LYS A 94 7.97 2.30 -8.92
N ILE A 95 7.55 2.38 -7.67
CA ILE A 95 7.99 1.43 -6.67
C ILE A 95 7.23 0.12 -6.78
N VAL A 96 7.98 -0.96 -6.97
CA VAL A 96 7.40 -2.28 -7.08
C VAL A 96 7.96 -3.22 -6.02
N ALA A 97 7.07 -3.91 -5.32
CA ALA A 97 7.47 -4.83 -4.28
C ALA A 97 7.21 -6.26 -4.72
N ASP A 98 8.16 -7.14 -4.42
CA ASP A 98 8.05 -8.54 -4.81
C ASP A 98 7.44 -9.39 -3.71
N PHE A 99 6.39 -10.10 -4.06
CA PHE A 99 5.68 -10.96 -3.12
C PHE A 99 5.08 -12.18 -3.82
N PRO A 100 4.83 -13.26 -3.08
CA PRO A 100 4.22 -14.47 -3.66
C PRO A 100 2.74 -14.27 -3.98
N ASN A 101 2.42 -14.31 -5.28
CA ASN A 101 1.05 -14.13 -5.77
C ASN A 101 0.53 -12.72 -5.48
N TYR A 102 1.45 -11.82 -5.16
CA TYR A 102 1.10 -10.44 -4.86
C TYR A 102 2.03 -9.49 -5.61
N HIS A 103 1.44 -8.52 -6.28
CA HIS A 103 2.18 -7.54 -7.06
C HIS A 103 1.76 -6.14 -6.63
N HIS A 104 2.64 -5.46 -5.90
CA HIS A 104 2.35 -4.11 -5.40
C HIS A 104 3.21 -3.06 -6.09
N THR A 105 2.57 -2.14 -6.79
CA THR A 105 3.25 -1.05 -7.47
C THR A 105 2.64 0.29 -7.09
N ALA A 106 3.50 1.23 -6.72
CA ALA A 106 3.06 2.56 -6.34
C ALA A 106 3.56 3.59 -7.34
N GLU A 107 2.68 4.44 -7.82
CA GLU A 107 3.05 5.46 -8.79
C GLU A 107 2.15 6.67 -8.68
N ILE A 108 2.56 7.73 -9.34
CA ILE A 108 1.81 8.98 -9.33
C ILE A 108 1.19 9.22 -10.70
N SER A 109 -0.12 9.40 -10.72
CA SER A 109 -0.82 9.65 -11.96
C SER A 109 -1.74 10.85 -11.81
N GLY A 110 -1.31 11.98 -12.37
CA GLY A 110 -2.09 13.21 -12.30
C GLY A 110 -2.11 13.81 -10.91
N GLY A 111 -1.01 13.63 -10.18
CA GLY A 111 -0.93 14.18 -8.84
C GLY A 111 -1.70 13.33 -7.84
N LYS A 112 -1.93 12.08 -8.20
CA LYS A 112 -2.65 11.15 -7.34
C LYS A 112 -1.87 9.86 -7.20
N LEU A 113 -1.87 9.32 -5.99
CA LEU A 113 -1.19 8.07 -5.71
C LEU A 113 -2.12 6.92 -6.03
N VAL A 114 -1.73 6.09 -6.97
CA VAL A 114 -2.55 4.96 -7.34
C VAL A 114 -1.74 3.68 -7.21
N GLU A 115 -2.05 2.92 -6.18
CA GLU A 115 -1.36 1.67 -5.92
C GLU A 115 -2.15 0.52 -6.49
N ILE A 116 -1.45 -0.38 -7.15
CA ILE A 116 -2.08 -1.56 -7.72
C ILE A 116 -1.56 -2.80 -7.01
N SER A 117 -2.48 -3.62 -6.54
CA SER A 117 -2.15 -4.84 -5.84
C SER A 117 -2.79 -6.03 -6.54
N THR A 118 -1.98 -6.78 -7.28
CA THR A 118 -2.47 -7.95 -7.98
C THR A 118 -2.31 -9.18 -7.10
N SER A 119 -3.38 -9.88 -6.85
CA SER A 119 -3.33 -11.08 -6.05
C SER A 119 -4.09 -12.21 -6.72
N SER A 120 -3.34 -13.15 -7.24
CA SER A 120 -3.89 -14.32 -7.91
C SER A 120 -4.78 -13.93 -9.09
N GLY A 121 -4.42 -12.86 -9.79
CA GLY A 121 -5.20 -12.42 -10.94
C GLY A 121 -6.02 -11.18 -10.67
N VAL A 122 -6.57 -11.08 -9.47
CA VAL A 122 -7.40 -9.93 -9.10
C VAL A 122 -6.55 -8.68 -8.91
N VAL A 123 -6.83 -7.66 -9.71
CA VAL A 123 -6.10 -6.40 -9.64
C VAL A 123 -6.83 -5.40 -8.77
N TYR A 124 -6.27 -5.10 -7.62
CA TYR A 124 -6.85 -4.13 -6.70
C TYR A 124 -6.17 -2.79 -6.88
N LYS A 125 -6.96 -1.75 -7.06
CA LYS A 125 -6.44 -0.40 -7.23
C LYS A 125 -6.94 0.51 -6.14
N ARG A 126 -6.08 1.38 -5.66
CA ARG A 126 -6.46 2.35 -4.64
C ARG A 126 -5.89 3.72 -4.98
N THR A 127 -6.78 4.67 -5.14
CA THR A 127 -6.39 6.03 -5.46
C THR A 127 -6.37 6.86 -4.20
N SER A 128 -5.31 7.63 -4.02
CA SER A 128 -5.18 8.49 -2.86
C SER A 128 -4.69 9.87 -3.30
N LYS A 129 -5.36 10.90 -2.81
CA LYS A 129 -4.98 12.27 -3.16
C LYS A 129 -3.79 12.74 -2.33
N LYS A 130 -2.99 13.62 -2.91
CA LYS A 130 -1.82 14.16 -2.22
C LYS A 130 -2.20 15.43 -1.47
N ILE A 131 -2.05 15.38 -0.16
CA ILE A 131 -2.37 16.51 0.70
C ILE A 131 -1.23 16.72 1.68
N ALA A 132 -1.29 17.84 2.40
CA ALA A 132 -0.30 18.15 3.41
C ALA A 132 -0.96 18.96 4.53
C1 CHO B . -6.18 -2.95 1.71
C2 CHO B . -4.79 -2.35 1.98
C3 CHO B . -3.70 -3.28 1.44
O3 CHO B . -2.42 -2.71 1.74
C4 CHO B . -3.82 -4.64 2.11
C5 CHO B . -5.20 -5.24 1.85
C6 CHO B . -5.28 -6.62 2.51
C7 CHO B . -5.16 -6.47 4.03
O7 CHO B . -3.88 -5.93 4.36
C8 CHO B . -6.26 -5.55 4.56
C9 CHO B . -6.18 -4.19 3.88
C10 CHO B . -6.30 -4.33 2.37
C11 CHO B . -7.26 -3.25 4.44
C12 CHO B . -7.16 -3.12 5.97
C13 CHO B . -7.26 -4.51 6.59
C14 CHO B . -6.11 -5.37 6.07
C15 CHO B . -6.33 -6.63 6.90
C16 CHO B . -6.58 -6.05 8.31
C17 CHO B . -6.92 -4.58 8.08
C18 CHO B . -8.61 -5.18 6.30
C19 CHO B . -7.67 -4.93 2.02
C20 CHO B . -8.05 -4.11 8.98
C21 CHO B . -8.44 -2.66 8.68
C22 CHO B . -7.68 -4.26 10.45
C23 CHO B . -8.82 -3.78 11.36
C24 CHO B . -8.48 -4.00 12.83
O24 CHO B . -8.00 -5.06 13.23
N25 CHO B . -8.74 -2.97 13.64
C26 CHO B . -8.47 -3.02 15.08
C27 CHO B . -7.85 -1.71 15.55
OT1 CHO B . -7.90 -0.74 14.76
OT2 CHO B . -7.35 -1.70 16.68
H11 CHO B . -6.31 -3.06 0.64
H12 CHO B . -6.94 -2.29 2.12
H21 CHO B . -4.67 -2.23 3.06
H22 CHO B . -4.72 -1.39 1.49
H3 CHO B . -3.81 -3.38 0.36
HO3 CHO B . -1.71 -3.27 1.33
H41 CHO B . -3.67 -4.53 3.19
H42 CHO B . -3.05 -5.30 1.70
H5 CHO B . -5.33 -5.35 0.77
H61 CHO B . -4.47 -7.25 2.14
H62 CHO B . -6.24 -7.09 2.26
H7 CHO B . -5.27 -7.46 4.48
HO7 CHO B . -3.79 -5.87 5.35
H8 CHO B . -7.22 -6.01 4.34
H9 CHO B . -5.20 -3.74 4.11
H111 CHO B . -8.24 -3.65 4.18
H112 CHO B . -7.11 -2.26 4.00
H121 CHO B . -7.97 -2.49 6.33
H122 CHO B . -6.21 -2.66 6.23
H14 CHO B . -5.10 -4.98 6.17
H151 CHO B . -5.43 -7.27 6.90
H152 CHO B . -7.12 -7.26 6.55
H161 CHO B . -5.69 -6.15 8.92
H162 CHO B . -7.38 -6.59 8.82
H17 CHO B . -6.10 -3.91 8.34
H181 CHO B . -8.45 -6.24 6.12
H182 CHO B . -9.04 -4.72 5.41
H183 CHO B . -9.27 -5.03 7.15
H191 CHO B . -7.55 -5.97 1.75
H192 CHO B . -8.11 -4.38 1.19
H193 CHO B . -8.33 -4.85 2.89
H20 CHO B . -8.93 -4.73 8.78
H211 CHO B . -8.32 -2.04 9.57
H212 CHO B . -9.47 -2.61 8.34
H213 CHO B . -7.78 -2.27 7.89
H221 CHO B . -6.79 -3.67 10.65
H222 CHO B . -7.49 -5.31 10.66
H231 CHO B . -9.72 -4.32 11.11
H232 CHO B . -8.95 -2.70 11.20
HN CHO B . -9.12 -2.11 13.31
H261 CHO B . -7.80 -3.84 15.29
H262 CHO B . -9.42 -3.18 15.60
C1 CHO C . 6.09 -1.97 -1.00
C2 CHO C . 5.14 -0.93 -1.61
C3 CHO C . 5.21 0.38 -0.82
O3 CHO C . 4.29 1.31 -1.40
C4 CHO C . 4.82 0.12 0.63
C5 CHO C . 5.78 -0.91 1.24
C6 CHO C . 5.43 -1.14 2.71
C7 CHO C . 4.04 -1.76 2.83
O7 CHO C . 3.06 -0.84 2.34
C8 CHO C . 3.96 -3.07 2.02
C9 CHO C . 4.31 -2.80 0.55
C10 CHO C . 5.72 -2.22 0.47
C11 CHO C . 4.20 -4.08 -0.28
C12 CHO C . 2.82 -4.74 -0.13
C13 CHO C . 2.57 -5.01 1.36
C14 CHO C . 2.56 -3.67 2.09
C15 CHO C . 2.14 -4.16 3.49
C16 CHO C . 0.90 -4.99 3.12
C17 CHO C . 1.17 -5.50 1.71
C18 CHO C . 3.64 -5.92 1.96
C19 CHO C . 6.71 -3.23 1.06
C20 CHO C . 1.07 -7.03 1.62
C21 CHO C . 1.44 -7.53 0.22
C22 CHO C . -0.32 -7.51 2.02
C23 CHO C . -0.43 -9.03 1.95
C24 CHO C . -1.78 -9.50 2.49
O24 CHO C . -2.25 -10.59 2.14
N25 CHO C . -2.38 -8.66 3.32
C26 CHO C . -3.67 -8.97 3.94
C27 CHO C . -3.44 -9.72 5.25
OT1 CHO C . -3.64 -10.95 5.24
OT2 CHO C . -3.06 -9.05 6.24
H11 CHO C . 7.12 -1.60 -1.06
H12 CHO C . 5.99 -2.90 -1.55
H21 CHO C . 4.12 -1.31 -1.59
H22 CHO C . 5.45 -0.73 -2.64
H3 CHO C . 6.23 0.78 -0.86
HO3 CHO C . 3.36 0.94 -1.35
H41 CHO C . 3.81 -0.26 0.68
H42 CHO C . 4.90 1.05 1.20
H5 CHO C . 6.80 -0.53 1.17
H61 CHO C . 5.44 -0.19 3.24
H62 CHO C . 6.17 -1.82 3.16
H7 CHO C . 3.85 -2.00 3.87
HO7 CHO C . 2.16 -1.27 2.34
H8 CHO C . 4.68 -3.76 2.44
H9 CHO C . 3.60 -2.08 0.15
H111 CHO C . 4.96 -4.78 0.05
H112 CHO C . 4.33 -3.82 -1.33
H121 CHO C . 2.81 -5.69 -0.67
H122 CHO C . 2.05 -4.09 -0.53
H14 CHO C . 1.92 -2.88 1.73
H151 CHO C . 1.89 -3.33 4.14
H152 CHO C . 2.91 -4.71 4.03
H161 CHO C . 0.01 -4.37 3.14
H162 CHO C . 0.75 -5.80 3.83
H17 CHO C . 0.41 -5.15 1.00
H181 CHO C . 3.83 -6.75 1.27
H182 CHO C . 3.29 -6.31 2.91
H183 CHO C . 4.56 -5.36 2.11
H191 CHO C . 6.84 -4.06 0.39
H192 CHO C . 6.32 -3.58 2.03
H193 CHO C . 7.67 -2.74 1.22
H20 CHO C . 1.80 -7.45 2.32
H211 CHO C . 1.18 -6.78 -0.52
H212 CHO C . 0.90 -8.46 0.01
H213 CHO C . 2.51 -7.74 0.17
H221 CHO C . -1.05 -7.07 1.33
H222 CHO C . -0.52 -7.19 3.04
H231 CHO C . 0.37 -9.48 2.54
H232 CHO C . -0.34 -9.35 0.91
HN CHO C . -1.97 -7.78 3.59
H261 CHO C . -4.27 -9.58 3.27
H262 CHO C . -4.20 -8.03 4.15
N ALA A 6 8.50 12.63 -6.32
CA ALA A 6 7.05 12.94 -6.33
C ALA A 6 6.27 11.95 -5.47
N PHE A 7 6.98 11.11 -4.73
CA PHE A 7 6.34 10.12 -3.87
C PHE A 7 6.12 10.68 -2.47
N THR A 8 6.93 11.67 -2.09
CA THR A 8 6.83 12.28 -0.78
C THR A 8 5.49 12.98 -0.58
N GLY A 9 4.97 12.93 0.64
CA GLY A 9 3.70 13.58 0.93
C GLY A 9 2.75 12.65 1.64
N LYS A 10 1.67 13.21 2.15
CA LYS A 10 0.66 12.40 2.81
C LYS A 10 -0.45 12.11 1.80
N TYR A 11 -1.01 10.92 1.85
CA TYR A 11 -2.04 10.53 0.91
C TYR A 11 -3.25 9.99 1.64
N GLU A 12 -4.42 10.37 1.18
CA GLU A 12 -5.66 9.92 1.79
C GLU A 12 -6.49 9.15 0.78
N PHE A 13 -7.30 8.22 1.29
CA PHE A 13 -8.17 7.40 0.45
C PHE A 13 -8.99 8.25 -0.51
N GLU A 14 -8.84 7.99 -1.80
CA GLU A 14 -9.57 8.74 -2.81
C GLU A 14 -10.50 7.82 -3.62
N SER A 15 -9.99 6.65 -4.00
CA SER A 15 -10.79 5.71 -4.76
C SER A 15 -10.31 4.28 -4.57
N ASP A 16 -11.07 3.34 -5.11
CA ASP A 16 -10.73 1.94 -5.02
C ASP A 16 -11.41 1.16 -6.14
N GLU A 17 -10.79 0.05 -6.51
CA GLU A 17 -11.30 -0.81 -7.57
C GLU A 17 -10.95 -2.27 -7.27
N ASN A 18 -11.92 -3.14 -7.51
CA ASN A 18 -11.78 -4.58 -7.29
C ASN A 18 -11.47 -4.89 -5.82
N TYR A 19 -12.05 -4.09 -4.93
CA TYR A 19 -11.82 -4.26 -3.49
C TYR A 19 -12.36 -5.61 -2.99
N ASP A 20 -13.66 -5.82 -3.19
CA ASP A 20 -14.32 -7.05 -2.74
C ASP A 20 -13.72 -8.29 -3.39
N ASP A 21 -13.39 -8.17 -4.67
CA ASP A 21 -12.80 -9.28 -5.41
C ASP A 21 -11.45 -9.64 -4.83
N PHE A 22 -10.70 -8.61 -4.47
CA PHE A 22 -9.38 -8.77 -3.89
C PHE A 22 -9.44 -9.42 -2.52
N VAL A 23 -10.21 -8.84 -1.62
CA VAL A 23 -10.35 -9.35 -0.27
C VAL A 23 -10.89 -10.78 -0.25
N LYS A 24 -11.84 -11.08 -1.15
CA LYS A 24 -12.40 -12.42 -1.21
C LYS A 24 -11.41 -13.41 -1.82
N LYS A 25 -10.53 -12.91 -2.67
CA LYS A 25 -9.55 -13.75 -3.33
C LYS A 25 -8.39 -14.11 -2.39
N ILE A 26 -7.91 -13.12 -1.65
CA ILE A 26 -6.80 -13.34 -0.73
C ILE A 26 -7.24 -14.04 0.55
N GLY A 27 -8.54 -14.08 0.78
CA GLY A 27 -9.06 -14.73 1.96
C GLY A 27 -9.04 -13.84 3.18
N LEU A 28 -9.29 -12.56 2.98
CA LEU A 28 -9.34 -11.60 4.07
C LEU A 28 -10.57 -11.86 4.92
N PRO A 29 -10.43 -11.90 6.25
CA PRO A 29 -11.57 -12.11 7.15
C PRO A 29 -12.55 -10.95 7.09
N ALA A 30 -13.84 -11.27 7.10
CA ALA A 30 -14.90 -10.25 7.04
C ALA A 30 -14.71 -9.19 8.11
N ASP A 31 -14.21 -9.63 9.27
CA ASP A 31 -13.96 -8.76 10.40
C ASP A 31 -13.08 -7.59 9.99
N LYS A 32 -12.04 -7.88 9.23
CA LYS A 32 -11.11 -6.85 8.80
C LYS A 32 -11.56 -6.21 7.50
N ILE A 33 -12.26 -6.98 6.68
CA ILE A 33 -12.76 -6.49 5.40
C ILE A 33 -13.66 -5.28 5.61
N GLU A 34 -14.73 -5.48 6.38
CA GLU A 34 -15.70 -4.43 6.67
C GLU A 34 -15.08 -3.33 7.52
N MET A 35 -14.05 -3.67 8.26
CA MET A 35 -13.37 -2.72 9.12
C MET A 35 -12.38 -1.87 8.34
N GLY A 36 -11.93 -2.36 7.20
CA GLY A 36 -10.97 -1.61 6.41
C GLY A 36 -11.51 -1.16 5.06
N ARG A 37 -12.82 -1.14 4.91
CA ARG A 37 -13.43 -0.75 3.64
C ARG A 37 -14.07 0.64 3.76
N ASN A 38 -13.76 1.50 2.79
CA ASN A 38 -14.28 2.87 2.73
C ASN A 38 -13.76 3.73 3.89
N CYS A 39 -12.81 3.20 4.64
CA CYS A 39 -12.24 3.90 5.76
C CYS A 39 -11.17 4.89 5.29
N LYS A 40 -10.88 5.89 6.11
CA LYS A 40 -9.88 6.89 5.74
C LYS A 40 -8.50 6.54 6.29
N ILE A 41 -7.68 5.96 5.43
CA ILE A 41 -6.32 5.59 5.80
C ILE A 41 -5.35 6.62 5.22
N VAL A 42 -4.56 7.22 6.09
CA VAL A 42 -3.59 8.23 5.65
C VAL A 42 -2.24 7.58 5.44
N THR A 43 -1.64 7.86 4.29
CA THR A 43 -0.33 7.32 3.95
C THR A 43 0.70 8.45 3.94
N GLU A 44 1.55 8.51 4.94
CA GLU A 44 2.56 9.55 5.02
C GLU A 44 3.89 9.04 4.51
N VAL A 45 4.31 9.56 3.37
CA VAL A 45 5.56 9.15 2.74
C VAL A 45 6.66 10.20 2.93
N VAL A 46 7.80 9.76 3.43
CA VAL A 46 8.94 10.66 3.62
C VAL A 46 10.07 10.19 2.72
N GLN A 47 10.65 11.11 1.96
CA GLN A 47 11.73 10.79 1.04
C GLN A 47 13.09 10.90 1.71
N ASN A 48 13.83 9.80 1.70
CA ASN A 48 15.18 9.76 2.25
C ASN A 48 16.10 9.04 1.28
N GLY A 49 16.45 9.71 0.18
CA GLY A 49 17.30 9.10 -0.81
C GLY A 49 16.55 8.06 -1.60
N ASN A 50 16.78 6.80 -1.28
CA ASN A 50 16.08 5.70 -1.93
C ASN A 50 15.28 4.94 -0.89
N ASP A 51 15.19 5.53 0.29
CA ASP A 51 14.47 4.95 1.41
C ASP A 51 13.16 5.71 1.62
N PHE A 52 12.04 5.06 1.34
CA PHE A 52 10.73 5.67 1.51
C PHE A 52 9.99 5.01 2.65
N THR A 53 9.36 5.82 3.49
CA THR A 53 8.60 5.32 4.61
C THR A 53 7.11 5.35 4.33
N TRP A 54 6.47 4.18 4.43
CA TRP A 54 5.05 4.08 4.20
C TRP A 54 4.33 4.06 5.54
N THR A 55 3.73 5.18 5.89
CA THR A 55 3.03 5.30 7.15
C THR A 55 1.53 5.28 6.95
N GLN A 56 0.89 4.21 7.36
CA GLN A 56 -0.55 4.07 7.23
C GLN A 56 -1.23 4.36 8.56
N HIS A 57 -2.07 5.38 8.57
CA HIS A 57 -2.80 5.77 9.77
C HIS A 57 -4.22 5.28 9.71
N PHE A 58 -4.62 4.52 10.72
CA PHE A 58 -5.97 4.02 10.78
C PHE A 58 -6.77 4.84 11.76
N PRO A 59 -8.00 5.26 11.37
CA PRO A 59 -8.85 6.06 12.23
C PRO A 59 -9.37 5.24 13.41
N GLY A 60 -8.93 5.61 14.61
CA GLY A 60 -9.36 4.91 15.81
C GLY A 60 -8.87 3.46 15.89
N GLY A 61 -7.72 3.18 15.27
CA GLY A 61 -7.18 1.83 15.30
C GLY A 61 -5.67 1.80 15.31
N ARG A 62 -5.10 0.63 15.05
CA ARG A 62 -3.66 0.46 15.02
C ARG A 62 -3.04 1.10 13.79
N THR A 63 -1.83 1.59 13.95
CA THR A 63 -1.12 2.20 12.84
C THR A 63 -0.18 1.18 12.21
N THR A 64 0.16 1.40 10.95
CA THR A 64 1.04 0.50 10.24
C THR A 64 2.11 1.29 9.51
N THR A 65 3.33 1.24 10.00
CA THR A 65 4.43 1.98 9.40
C THR A 65 5.57 1.06 8.98
N ASN A 66 5.88 1.06 7.70
CA ASN A 66 6.97 0.23 7.19
C ASN A 66 7.98 1.09 6.44
N SER A 67 9.25 0.90 6.75
CA SER A 67 10.30 1.65 6.10
C SER A 67 11.06 0.74 5.15
N PHE A 68 11.13 1.11 3.88
CA PHE A 68 11.79 0.27 2.89
C PHE A 68 12.72 1.07 1.98
N THR A 69 13.82 0.45 1.62
CA THR A 69 14.78 1.06 0.73
C THR A 69 14.79 0.32 -0.61
N ILE A 70 14.75 1.07 -1.70
CA ILE A 70 14.76 0.47 -3.02
C ILE A 70 16.01 -0.41 -3.22
N ASP A 71 15.77 -1.64 -3.67
CA ASP A 71 16.81 -2.64 -3.93
C ASP A 71 17.35 -3.19 -2.61
N LYS A 72 16.56 -3.01 -1.55
CA LYS A 72 16.94 -3.47 -0.22
C LYS A 72 15.75 -4.13 0.47
N GLU A 73 16.03 -5.18 1.26
CA GLU A 73 14.98 -5.86 2.00
C GLU A 73 14.49 -4.95 3.11
N ALA A 74 13.20 -5.04 3.43
CA ALA A 74 12.63 -4.21 4.47
C ALA A 74 11.68 -4.99 5.35
N ASP A 75 11.60 -4.58 6.61
CA ASP A 75 10.72 -5.21 7.57
C ASP A 75 9.34 -4.63 7.37
N MET A 76 8.40 -5.48 7.00
CA MET A 76 7.05 -5.03 6.73
C MET A 76 6.03 -5.70 7.62
N GLU A 77 4.84 -5.14 7.63
CA GLU A 77 3.73 -5.66 8.41
C GLU A 77 2.43 -5.19 7.78
N THR A 78 1.40 -6.01 7.87
CA THR A 78 0.11 -5.66 7.32
C THR A 78 -0.81 -5.19 8.43
N MET A 79 -1.93 -4.61 8.05
CA MET A 79 -2.92 -4.14 9.00
C MET A 79 -3.59 -5.32 9.71
N GLY A 80 -3.41 -6.51 9.16
CA GLY A 80 -3.98 -7.71 9.75
C GLY A 80 -3.09 -8.29 10.81
N GLY A 81 -1.85 -7.81 10.88
CA GLY A 81 -0.90 -8.28 11.87
C GLY A 81 0.00 -9.39 11.34
N ARG A 82 0.64 -9.13 10.21
CA ARG A 82 1.55 -10.11 9.62
C ARG A 82 2.97 -9.59 9.64
N LYS A 83 3.86 -10.31 10.30
CA LYS A 83 5.26 -9.94 10.38
C LYS A 83 6.04 -10.60 9.26
N PHE A 84 6.69 -9.81 8.42
CA PHE A 84 7.46 -10.36 7.30
C PHE A 84 8.46 -9.34 6.75
N LYS A 85 9.23 -9.77 5.77
CA LYS A 85 10.23 -8.93 5.13
C LYS A 85 10.26 -9.20 3.64
N ALA A 86 10.42 -8.16 2.86
CA ALA A 86 10.45 -8.29 1.41
C ALA A 86 11.38 -7.28 0.78
N THR A 87 11.76 -7.53 -0.46
CA THR A 87 12.64 -6.64 -1.20
C THR A 87 11.83 -5.77 -2.18
N VAL A 88 12.06 -4.47 -2.14
CA VAL A 88 11.34 -3.54 -2.99
C VAL A 88 12.26 -2.95 -4.05
N LYS A 89 11.74 -2.71 -5.24
CA LYS A 89 12.52 -2.14 -6.33
C LYS A 89 11.71 -1.06 -7.04
N MET A 90 12.31 -0.38 -8.01
CA MET A 90 11.63 0.68 -8.73
C MET A 90 11.71 0.46 -10.25
N GLU A 91 10.59 0.61 -10.92
CA GLU A 91 10.54 0.42 -12.37
C GLU A 91 10.12 1.73 -13.05
N GLY A 92 11.08 2.62 -13.24
CA GLY A 92 10.81 3.89 -13.89
C GLY A 92 9.92 4.80 -13.08
N GLY A 93 10.32 5.08 -11.85
CA GLY A 93 9.54 5.94 -10.98
C GLY A 93 8.29 5.26 -10.45
N LYS A 94 8.31 3.93 -10.44
CA LYS A 94 7.19 3.15 -9.93
C LYS A 94 7.70 2.10 -8.95
N ILE A 95 7.36 2.27 -7.69
CA ILE A 95 7.78 1.34 -6.65
C ILE A 95 7.03 0.02 -6.76
N VAL A 96 7.77 -1.06 -6.92
CA VAL A 96 7.16 -2.38 -7.02
C VAL A 96 7.76 -3.32 -5.98
N ALA A 97 6.90 -4.08 -5.34
CA ALA A 97 7.32 -5.02 -4.32
C ALA A 97 6.99 -6.45 -4.76
N ASP A 98 7.97 -7.33 -4.61
CA ASP A 98 7.80 -8.72 -5.01
C ASP A 98 7.30 -9.58 -3.86
N PHE A 99 6.17 -10.22 -4.10
CA PHE A 99 5.54 -11.09 -3.12
C PHE A 99 4.98 -12.32 -3.80
N PRO A 100 4.80 -13.43 -3.05
CA PRO A 100 4.25 -14.66 -3.61
C PRO A 100 2.78 -14.49 -4.01
N ASN A 101 2.53 -14.52 -5.32
CA ASN A 101 1.19 -14.38 -5.87
C ASN A 101 0.60 -13.00 -5.54
N TYR A 102 1.49 -12.06 -5.21
CA TYR A 102 1.09 -10.70 -4.87
C TYR A 102 2.05 -9.71 -5.52
N HIS A 103 1.48 -8.76 -6.25
CA HIS A 103 2.27 -7.76 -6.93
C HIS A 103 1.81 -6.36 -6.52
N HIS A 104 2.63 -5.66 -5.77
CA HIS A 104 2.30 -4.31 -5.31
C HIS A 104 3.10 -3.27 -6.07
N THR A 105 2.41 -2.38 -6.76
CA THR A 105 3.07 -1.33 -7.52
C THR A 105 2.48 0.04 -7.18
N ALA A 106 3.35 1.00 -6.92
CA ALA A 106 2.92 2.36 -6.58
C ALA A 106 3.50 3.37 -7.54
N GLU A 107 2.64 4.22 -8.11
CA GLU A 107 3.09 5.23 -9.05
C GLU A 107 2.24 6.49 -8.93
N ILE A 108 2.65 7.53 -9.62
CA ILE A 108 1.94 8.80 -9.60
C ILE A 108 1.30 9.05 -10.95
N SER A 109 -0.02 8.98 -10.99
CA SER A 109 -0.75 9.19 -12.22
C SER A 109 -1.69 10.38 -12.08
N GLY A 110 -1.32 11.49 -12.71
CA GLY A 110 -2.14 12.69 -12.65
C GLY A 110 -2.03 13.39 -11.31
N GLY A 111 -0.86 13.26 -10.68
CA GLY A 111 -0.66 13.89 -9.39
C GLY A 111 -1.27 13.09 -8.26
N LYS A 112 -1.62 11.84 -8.53
CA LYS A 112 -2.23 10.99 -7.53
C LYS A 112 -1.45 9.69 -7.36
N LEU A 113 -1.41 9.19 -6.14
CA LEU A 113 -0.71 7.94 -5.83
C LEU A 113 -1.67 6.78 -5.98
N VAL A 114 -1.49 6.02 -7.05
CA VAL A 114 -2.33 4.87 -7.31
C VAL A 114 -1.52 3.58 -7.10
N GLU A 115 -1.91 2.82 -6.10
CA GLU A 115 -1.22 1.58 -5.80
C GLU A 115 -2.02 0.39 -6.32
N ILE A 116 -1.35 -0.48 -7.06
CA ILE A 116 -1.98 -1.66 -7.62
C ILE A 116 -1.48 -2.92 -6.92
N SER A 117 -2.40 -3.79 -6.56
CA SER A 117 -2.07 -5.04 -5.89
C SER A 117 -2.71 -6.20 -6.65
N THR A 118 -1.88 -7.01 -7.28
CA THR A 118 -2.38 -8.15 -8.02
C THR A 118 -2.25 -9.42 -7.19
N SER A 119 -3.31 -10.19 -7.14
CA SER A 119 -3.32 -11.44 -6.38
C SER A 119 -4.23 -12.45 -7.05
N SER A 120 -3.62 -13.53 -7.52
CA SER A 120 -4.33 -14.62 -8.18
C SER A 120 -5.11 -14.13 -9.42
N GLY A 121 -4.63 -13.05 -10.03
CA GLY A 121 -5.28 -12.52 -11.22
C GLY A 121 -6.13 -11.30 -10.93
N VAL A 122 -6.51 -11.11 -9.67
CA VAL A 122 -7.32 -9.96 -9.29
C VAL A 122 -6.44 -8.73 -9.11
N VAL A 123 -6.72 -7.70 -9.88
CA VAL A 123 -5.96 -6.45 -9.79
C VAL A 123 -6.69 -5.43 -8.95
N TYR A 124 -6.17 -5.19 -7.76
CA TYR A 124 -6.75 -4.23 -6.83
C TYR A 124 -6.11 -2.86 -7.02
N LYS A 125 -6.91 -1.86 -7.31
CA LYS A 125 -6.40 -0.51 -7.49
C LYS A 125 -7.04 0.46 -6.51
N ARG A 126 -6.24 1.37 -6.01
CA ARG A 126 -6.75 2.39 -5.10
C ARG A 126 -5.98 3.69 -5.29
N THR A 127 -6.70 4.71 -5.69
CA THR A 127 -6.10 6.02 -5.92
C THR A 127 -6.13 6.83 -4.62
N SER A 128 -5.03 7.53 -4.36
CA SER A 128 -4.93 8.34 -3.15
C SER A 128 -4.48 9.77 -3.51
N LYS A 129 -5.12 10.76 -2.92
CA LYS A 129 -4.78 12.16 -3.19
C LYS A 129 -3.58 12.60 -2.35
N LYS A 130 -2.85 13.58 -2.85
CA LYS A 130 -1.67 14.10 -2.17
C LYS A 130 -2.03 15.32 -1.33
N ILE A 131 -1.64 15.27 -0.07
CA ILE A 131 -1.89 16.36 0.87
C ILE A 131 -0.74 16.46 1.85
N ALA A 132 -0.65 17.55 2.60
CA ALA A 132 0.40 17.70 3.58
C ALA A 132 -0.19 18.16 4.91
C1 CHO B . -6.12 -2.80 1.46
C2 CHO B . -4.83 -2.02 1.72
C3 CHO B . -3.62 -2.83 1.27
O3 CHO B . -2.43 -2.09 1.54
C4 CHO B . -3.59 -4.15 2.04
C5 CHO B . -4.87 -4.94 1.78
C6 CHO B . -4.82 -6.28 2.53
C7 CHO B . -4.80 -6.03 4.04
O7 CHO B . -3.62 -5.29 4.38
C8 CHO B . -6.02 -5.23 4.45
C9 CHO B . -6.06 -3.89 3.71
C10 CHO B . -6.11 -4.13 2.21
C11 CHO B . -7.25 -3.03 4.17
C12 CHO B . -7.24 -2.82 5.68
C13 CHO B . -7.25 -4.18 6.37
C14 CHO B . -6.00 -4.95 5.96
C15 CHO B . -6.14 -6.20 6.84
C16 CHO B . -6.59 -5.61 8.18
C17 CHO B . -6.98 -4.16 7.88
C18 CHO B . -8.51 -4.98 6.05
C19 CHO B . -7.37 -4.93 1.86
C20 CHO B . -8.17 -3.69 8.72
C21 CHO B . -8.47 -2.22 8.44
C22 CHO B . -7.89 -3.91 10.20
C23 CHO B . -9.04 -3.39 11.07
C24 CHO B . -8.82 -3.75 12.54
O24 CHO B . -8.27 -4.80 12.86
N25 CHO B . -9.25 -2.85 13.42
C26 CHO B . -9.11 -3.05 14.87
C27 CHO B . -8.04 -2.12 15.44
OT1 CHO B . -6.84 -2.44 15.23
OT2 CHO B . -8.43 -1.12 16.07
H11 CHO B . -6.22 -2.98 0.39
H12 CHO B . -6.97 -2.20 1.82
H21 CHO B . -4.74 -1.81 2.79
H22 CHO B . -4.86 -1.09 1.16
H3 CHO B . -3.68 -3.03 0.20
HO3 CHO B . -2.40 -1.28 0.96
H41 CHO B . -3.49 -3.95 3.10
H42 CHO B . -2.74 -4.75 1.70
H5 CHO B . -4.97 -5.13 0.71
H61 CHO B . -3.92 -6.81 2.23
H62 CHO B . -5.70 -6.87 2.26
H7 CHO B . -4.81 -6.99 4.55
HO7 CHO B . -3.78 -4.31 4.24
H8 CHO B . -6.92 -5.81 4.21
H9 CHO B . -5.15 -3.33 3.94
H111 CHO B . -8.18 -3.53 3.89
H112 CHO B . -7.16 -2.06 3.69
H121 CHO B . -8.12 -2.24 5.98
H122 CHO B . -6.34 -2.26 5.98
H14 CHO B . -5.04 -4.46 6.11
H151 CHO B . -5.19 -6.72 6.94
H152 CHO B . -6.83 -6.93 6.44
H161 CHO B . -5.78 -5.65 8.91
H162 CHO B . -7.42 -6.18 8.62
H17 CHO B . -6.20 -3.43 8.15
H181 CHO B . -8.30 -6.04 6.09
H182 CHO B . -8.84 -4.72 5.04
H183 CHO B . -9.29 -4.72 6.76
H191 CHO B . -7.15 -5.99 1.90
H192 CHO B . -7.70 -4.67 0.85
H193 CHO B . -8.15 -4.68 2.57
H20 CHO B . -9.04 -4.27 8.43
H211 CHO B . -8.34 -1.64 9.35
H212 CHO B . -9.50 -2.11 8.09
H213 CHO B . -7.79 -1.84 7.68
H221 CHO B . -6.97 -3.38 10.48
H222 CHO B . -7.78 -4.97 10.38
H231 CHO B . -9.98 -3.84 10.73
H232 CHO B . -9.09 -2.31 10.97
HN CHO B . -9.68 -1.98 13.15
H261 CHO B . -8.82 -4.09 15.06
H262 CHO B . -10.07 -2.83 15.35
C1 CHO C . 5.90 -1.98 -0.99
C2 CHO C . 4.95 -0.93 -1.57
C3 CHO C . 5.04 0.37 -0.77
O3 CHO C . 4.13 1.32 -1.32
C4 CHO C . 4.66 0.09 0.69
C5 CHO C . 5.61 -0.96 1.28
C6 CHO C . 5.27 -1.20 2.75
C7 CHO C . 3.87 -1.83 2.85
O7 CHO C . 2.90 -0.91 2.36
C8 CHO C . 3.80 -3.12 2.04
C9 CHO C . 4.13 -2.85 0.57
C10 CHO C . 5.55 -2.26 0.48
C11 CHO C . 4.03 -4.13 -0.26
C12 CHO C . 2.67 -4.81 -0.11
C13 CHO C . 2.44 -5.08 1.38
C14 CHO C . 2.41 -3.74 2.12
C15 CHO C . 2.00 -4.23 3.50
C16 CHO C . 0.75 -5.04 3.13
C17 CHO C . 1.05 -5.62 1.75
C18 CHO C . 3.54 -5.96 1.97
C19 CHO C . 6.55 -3.27 1.06
C20 CHO C . 1.04 -7.15 1.74
C21 CHO C . 1.35 -7.71 0.36
C22 CHO C . -0.31 -7.68 2.25
C23 CHO C . -0.30 -9.20 2.32
C24 CHO C . -1.57 -9.74 2.99
O24 CHO C . -1.80 -10.95 3.04
N25 CHO C . -2.37 -8.80 3.49
C26 CHO C . -3.63 -9.13 4.17
C27 CHO C . -3.53 -8.73 5.65
OT1 CHO C . -3.49 -9.66 6.49
OT2 CHO C . -3.50 -7.52 5.90
H11 CHO C . 6.92 -1.62 -1.05
H12 CHO C . 5.79 -2.91 -1.56
H21 CHO C . 3.93 -1.31 -1.54
H22 CHO C . 5.24 -0.73 -2.60
H3 CHO C . 6.05 0.77 -0.81
HO3 CHO C . 4.48 1.66 -2.19
H41 CHO C . 3.64 -0.29 0.73
H42 CHO C . 4.74 1.01 1.27
H5 CHO C . 6.63 -0.59 1.21
H61 CHO C . 5.28 -0.26 3.28
H62 CHO C . 6.00 -1.88 3.18
H7 CHO C . 3.68 -2.05 3.90
HO7 CHO C . 2.00 -1.33 2.39
H8 CHO C . 4.53 -3.81 2.46
H9 CHO C . 3.42 -2.13 0.17
H111 CHO C . 4.81 -4.81 0.04
H112 CHO C . 4.14 -3.84 -1.32
H121 CHO C . 2.66 -5.76 -0.65
H122 CHO C . 1.88 -4.17 -0.50
H14 CHO C . 1.75 -2.95 1.75
H151 CHO C . 1.77 -3.41 4.18
H152 CHO C . 2.76 -4.79 4.05
H161 CHO C . -0.13 -4.40 3.10
H162 CHO C . 0.54 -5.82 3.86
H17 CHO C . 0.30 -5.32 1.02
H181 CHO C . 3.74 -6.78 1.28
H182 CHO C . 3.21 -6.36 2.92
H183 CHO C . 4.44 -5.37 2.11
H191 CHO C . 6.67 -4.09 0.36
H192 CHO C . 6.17 -3.65 2.01
H193 CHO C . 7.50 -2.77 1.23
H20 CHO C . 1.83 -7.49 2.43
H211 CHO C . 1.10 -6.96 -0.40
H212 CHO C . 0.77 -8.61 0.18
H213 CHO C . 2.42 -7.95 0.29
H221 CHO C . -1.09 -7.35 1.57
H222 CHO C . -0.47 -7.29 3.25
H231 CHO C . 0.57 -9.53 2.89
H232 CHO C . -0.26 -9.59 1.30
HN CHO C . -2.18 -7.82 3.42
H261 CHO C . -3.82 -10.20 4.10
H262 CHO C . -4.46 -8.60 3.71
N ALA A 6 8.29 12.92 -6.49
CA ALA A 6 6.85 13.24 -6.36
C ALA A 6 6.13 12.21 -5.48
N PHE A 7 6.89 11.32 -4.85
CA PHE A 7 6.28 10.30 -3.99
C PHE A 7 6.14 10.77 -2.54
N THR A 8 6.97 11.72 -2.14
CA THR A 8 6.92 12.24 -0.78
C THR A 8 5.65 13.02 -0.50
N GLY A 9 5.10 12.82 0.70
CA GLY A 9 3.89 13.49 1.07
C GLY A 9 2.89 12.57 1.71
N LYS A 10 1.84 13.13 2.30
CA LYS A 10 0.81 12.32 2.92
C LYS A 10 -0.32 12.09 1.92
N TYR A 11 -0.90 10.91 1.94
CA TYR A 11 -1.97 10.58 1.03
C TYR A 11 -3.20 10.08 1.79
N GLU A 12 -4.37 10.51 1.33
CA GLU A 12 -5.62 10.10 1.96
C GLU A 12 -6.52 9.43 0.95
N PHE A 13 -7.30 8.48 1.43
CA PHE A 13 -8.26 7.74 0.60
C PHE A 13 -9.10 8.67 -0.26
N GLU A 14 -9.06 8.43 -1.55
CA GLU A 14 -9.84 9.22 -2.50
C GLU A 14 -10.73 8.32 -3.32
N SER A 15 -10.12 7.30 -3.90
CA SER A 15 -10.85 6.35 -4.73
C SER A 15 -10.24 4.95 -4.56
N ASP A 16 -11.05 3.92 -4.76
CA ASP A 16 -10.59 2.54 -4.62
C ASP A 16 -11.32 1.67 -5.62
N GLU A 17 -10.74 0.53 -5.97
CA GLU A 17 -11.34 -0.37 -6.95
C GLU A 17 -10.90 -1.82 -6.75
N ASN A 18 -11.85 -2.74 -6.94
CA ASN A 18 -11.62 -4.18 -6.83
C ASN A 18 -11.26 -4.60 -5.42
N TYR A 19 -11.86 -3.95 -4.44
CA TYR A 19 -11.61 -4.25 -3.04
C TYR A 19 -12.18 -5.61 -2.65
N ASP A 20 -13.49 -5.79 -2.88
CA ASP A 20 -14.16 -7.03 -2.51
C ASP A 20 -13.59 -8.23 -3.23
N ASP A 21 -13.28 -8.07 -4.50
CA ASP A 21 -12.72 -9.15 -5.29
C ASP A 21 -11.36 -9.57 -4.74
N PHE A 22 -10.60 -8.58 -4.31
CA PHE A 22 -9.28 -8.81 -3.75
C PHE A 22 -9.38 -9.49 -2.39
N VAL A 23 -10.18 -8.93 -1.51
CA VAL A 23 -10.35 -9.47 -0.18
C VAL A 23 -10.99 -10.85 -0.21
N LYS A 24 -11.97 -11.04 -1.10
CA LYS A 24 -12.62 -12.34 -1.24
C LYS A 24 -11.65 -13.38 -1.78
N LYS A 25 -10.66 -12.92 -2.52
CA LYS A 25 -9.67 -13.80 -3.12
C LYS A 25 -8.59 -14.20 -2.11
N ILE A 26 -8.04 -13.23 -1.38
CA ILE A 26 -6.99 -13.52 -0.40
C ILE A 26 -7.56 -14.19 0.86
N GLY A 27 -8.88 -14.31 0.92
CA GLY A 27 -9.51 -14.95 2.05
C GLY A 27 -9.53 -14.09 3.29
N LEU A 28 -9.69 -12.78 3.11
CA LEU A 28 -9.73 -11.86 4.23
C LEU A 28 -11.02 -12.08 5.02
N PRO A 29 -10.94 -12.16 6.35
CA PRO A 29 -12.12 -12.34 7.21
C PRO A 29 -13.07 -11.16 7.11
N ALA A 30 -14.37 -11.44 7.13
CA ALA A 30 -15.40 -10.40 7.03
C ALA A 30 -15.22 -9.34 8.09
N ASP A 31 -14.76 -9.77 9.27
CA ASP A 31 -14.51 -8.89 10.39
C ASP A 31 -13.55 -7.75 10.00
N LYS A 32 -12.52 -8.08 9.23
CA LYS A 32 -11.55 -7.08 8.82
C LYS A 32 -11.98 -6.43 7.53
N ILE A 33 -12.64 -7.19 6.66
CA ILE A 33 -13.10 -6.67 5.39
C ILE A 33 -14.01 -5.46 5.58
N GLU A 34 -15.05 -5.65 6.37
CA GLU A 34 -16.01 -4.59 6.62
C GLU A 34 -15.41 -3.45 7.44
N MET A 35 -14.43 -3.78 8.26
CA MET A 35 -13.77 -2.80 9.11
C MET A 35 -12.78 -1.95 8.31
N GLY A 36 -12.23 -2.51 7.25
CA GLY A 36 -11.27 -1.77 6.43
C GLY A 36 -11.79 -1.39 5.06
N ARG A 37 -13.10 -1.31 4.89
CA ARG A 37 -13.66 -0.97 3.60
C ARG A 37 -14.31 0.40 3.65
N ASN A 38 -14.04 1.20 2.62
CA ASN A 38 -14.59 2.56 2.51
C ASN A 38 -14.03 3.45 3.62
N CYS A 39 -12.95 3.00 4.23
CA CYS A 39 -12.32 3.75 5.31
C CYS A 39 -11.25 4.68 4.77
N LYS A 40 -10.98 5.75 5.50
CA LYS A 40 -9.99 6.72 5.10
C LYS A 40 -8.62 6.43 5.70
N ILE A 41 -7.81 5.67 4.97
CA ILE A 41 -6.47 5.33 5.42
C ILE A 41 -5.49 6.39 4.91
N VAL A 42 -4.58 6.81 5.78
CA VAL A 42 -3.60 7.81 5.40
C VAL A 42 -2.23 7.18 5.19
N THR A 43 -1.59 7.54 4.08
CA THR A 43 -0.27 7.03 3.76
C THR A 43 0.75 8.16 3.75
N GLU A 44 1.64 8.18 4.73
CA GLU A 44 2.66 9.23 4.81
C GLU A 44 3.99 8.71 4.30
N VAL A 45 4.47 9.32 3.23
CA VAL A 45 5.72 8.92 2.59
C VAL A 45 6.83 9.93 2.82
N VAL A 46 7.95 9.44 3.31
CA VAL A 46 9.14 10.26 3.54
C VAL A 46 10.25 9.80 2.60
N GLN A 47 10.81 10.72 1.83
CA GLN A 47 11.86 10.38 0.88
C GLN A 47 13.25 10.46 1.49
N ASN A 48 13.80 9.30 1.80
CA ASN A 48 15.14 9.21 2.37
C ASN A 48 16.09 8.62 1.35
N GLY A 49 16.43 9.40 0.33
CA GLY A 49 17.31 8.92 -0.72
C GLY A 49 16.64 7.83 -1.54
N ASN A 50 16.99 6.58 -1.26
CA ASN A 50 16.39 5.45 -1.95
C ASN A 50 15.48 4.69 -1.00
N ASP A 51 15.33 5.25 0.20
CA ASP A 51 14.50 4.67 1.24
C ASP A 51 13.21 5.46 1.39
N PHE A 52 12.10 4.83 1.01
CA PHE A 52 10.81 5.46 1.11
C PHE A 52 10.01 4.82 2.24
N THR A 53 9.41 5.64 3.07
CA THR A 53 8.63 5.14 4.18
C THR A 53 7.16 5.08 3.82
N TRP A 54 6.52 3.96 4.15
CA TRP A 54 5.11 3.79 3.89
C TRP A 54 4.37 3.70 5.21
N THR A 55 3.72 4.77 5.59
CA THR A 55 2.99 4.82 6.84
C THR A 55 1.50 4.73 6.58
N GLN A 56 0.86 3.71 7.13
CA GLN A 56 -0.57 3.52 6.95
C GLN A 56 -1.31 3.84 8.24
N HIS A 57 -2.15 4.85 8.20
CA HIS A 57 -2.92 5.25 9.37
C HIS A 57 -4.36 4.82 9.20
N PHE A 58 -4.93 4.26 10.25
CA PHE A 58 -6.29 3.81 10.21
C PHE A 58 -7.17 4.69 11.06
N PRO A 59 -8.32 5.14 10.52
CA PRO A 59 -9.25 5.99 11.25
C PRO A 59 -9.82 5.28 12.47
N GLY A 60 -9.48 5.78 13.65
CA GLY A 60 -9.96 5.18 14.88
C GLY A 60 -9.38 3.78 15.11
N GLY A 61 -8.22 3.50 14.53
CA GLY A 61 -7.62 2.19 14.71
C GLY A 61 -6.11 2.22 14.72
N ARG A 62 -5.52 1.02 14.70
CA ARG A 62 -4.08 0.84 14.74
C ARG A 62 -3.38 1.45 13.53
N THR A 63 -2.17 1.92 13.74
CA THR A 63 -1.38 2.50 12.67
C THR A 63 -0.30 1.50 12.27
N THR A 64 0.24 1.66 11.08
CA THR A 64 1.25 0.75 10.56
C THR A 64 2.34 1.54 9.85
N THR A 65 3.59 1.29 10.21
CA THR A 65 4.69 2.02 9.60
C THR A 65 5.84 1.10 9.20
N ASN A 66 6.26 1.19 7.95
CA ASN A 66 7.37 0.41 7.43
C ASN A 66 8.22 1.27 6.51
N SER A 67 9.54 1.09 6.58
CA SER A 67 10.45 1.84 5.75
C SER A 67 11.22 0.88 4.85
N PHE A 68 11.18 1.12 3.56
CA PHE A 68 11.87 0.25 2.64
C PHE A 68 12.89 1.00 1.80
N THR A 69 13.97 0.32 1.47
CA THR A 69 15.01 0.90 0.66
C THR A 69 15.04 0.21 -0.70
N ILE A 70 14.95 1.00 -1.76
CA ILE A 70 15.00 0.45 -3.11
C ILE A 70 16.23 -0.43 -3.31
N ASP A 71 15.99 -1.65 -3.80
CA ASP A 71 17.03 -2.65 -4.06
C ASP A 71 17.54 -3.24 -2.74
N LYS A 72 16.74 -3.07 -1.71
CA LYS A 72 17.07 -3.56 -0.39
C LYS A 72 15.83 -4.18 0.26
N GLU A 73 16.03 -5.16 1.13
CA GLU A 73 14.92 -5.78 1.84
C GLU A 73 14.48 -4.85 2.97
N ALA A 74 13.21 -4.91 3.32
CA ALA A 74 12.70 -4.06 4.37
C ALA A 74 11.77 -4.80 5.31
N ASP A 75 11.71 -4.33 6.54
CA ASP A 75 10.84 -4.92 7.55
C ASP A 75 9.45 -4.33 7.42
N MET A 76 8.48 -5.15 7.03
CA MET A 76 7.13 -4.67 6.85
C MET A 76 6.12 -5.37 7.75
N GLU A 77 4.92 -4.81 7.78
CA GLU A 77 3.81 -5.36 8.55
C GLU A 77 2.50 -4.91 7.93
N THR A 78 1.52 -5.80 7.89
CA THR A 78 0.22 -5.46 7.34
C THR A 78 -0.74 -5.04 8.43
N MET A 79 -1.89 -4.50 8.04
CA MET A 79 -2.92 -4.08 8.97
C MET A 79 -3.51 -5.29 9.69
N GLY A 80 -3.21 -6.48 9.17
CA GLY A 80 -3.69 -7.70 9.76
C GLY A 80 -2.77 -8.22 10.85
N GLY A 81 -1.60 -7.58 10.97
CA GLY A 81 -0.65 -7.98 11.98
C GLY A 81 0.29 -9.06 11.49
N ARG A 82 0.93 -8.79 10.35
CA ARG A 82 1.85 -9.76 9.78
C ARG A 82 3.25 -9.19 9.70
N LYS A 83 4.20 -9.87 10.29
CA LYS A 83 5.59 -9.45 10.25
C LYS A 83 6.31 -10.17 9.14
N PHE A 84 6.88 -9.41 8.22
CA PHE A 84 7.58 -9.99 7.09
C PHE A 84 8.62 -9.03 6.53
N LYS A 85 9.46 -9.54 5.65
CA LYS A 85 10.49 -8.75 5.00
C LYS A 85 10.46 -9.03 3.51
N ALA A 86 10.57 -7.99 2.72
CA ALA A 86 10.55 -8.13 1.27
C ALA A 86 11.50 -7.15 0.60
N THR A 87 11.86 -7.45 -0.64
CA THR A 87 12.74 -6.60 -1.41
C THR A 87 11.93 -5.71 -2.33
N VAL A 88 12.22 -4.42 -2.32
CA VAL A 88 11.50 -3.47 -3.14
C VAL A 88 12.43 -2.87 -4.17
N LYS A 89 11.91 -2.64 -5.37
CA LYS A 89 12.70 -2.06 -6.44
C LYS A 89 11.93 -0.94 -7.13
N MET A 90 12.57 -0.27 -8.06
CA MET A 90 11.93 0.82 -8.79
C MET A 90 12.08 0.58 -10.28
N GLU A 91 10.95 0.43 -10.97
CA GLU A 91 10.96 0.17 -12.41
C GLU A 91 10.12 1.21 -13.15
N GLY A 92 10.79 2.14 -13.81
CA GLY A 92 10.10 3.17 -14.56
C GLY A 92 9.46 4.22 -13.67
N GLY A 93 10.14 4.57 -12.59
CA GLY A 93 9.62 5.55 -11.67
C GLY A 93 8.44 5.01 -10.89
N LYS A 94 8.42 3.70 -10.69
CA LYS A 94 7.36 3.05 -9.95
C LYS A 94 7.94 2.11 -8.91
N ILE A 95 7.51 2.27 -7.67
CA ILE A 95 7.98 1.41 -6.60
C ILE A 95 7.23 0.09 -6.63
N VAL A 96 7.92 -0.97 -6.99
CA VAL A 96 7.31 -2.28 -7.08
C VAL A 96 7.95 -3.24 -6.07
N ALA A 97 7.10 -3.99 -5.38
CA ALA A 97 7.55 -4.95 -4.39
C ALA A 97 7.21 -6.37 -4.83
N ASP A 98 8.10 -7.32 -4.54
CA ASP A 98 7.88 -8.70 -4.93
C ASP A 98 7.44 -9.55 -3.75
N PHE A 99 6.29 -10.19 -3.91
CA PHE A 99 5.71 -11.06 -2.89
C PHE A 99 5.14 -12.31 -3.55
N PRO A 100 5.00 -13.41 -2.80
CA PRO A 100 4.42 -14.63 -3.34
C PRO A 100 2.95 -14.45 -3.70
N ASN A 101 2.66 -14.50 -5.00
CA ASN A 101 1.30 -14.34 -5.51
C ASN A 101 0.76 -12.92 -5.24
N TYR A 102 1.64 -12.02 -4.84
CA TYR A 102 1.24 -10.65 -4.55
C TYR A 102 2.23 -9.69 -5.19
N HIS A 103 1.70 -8.81 -6.03
CA HIS A 103 2.52 -7.83 -6.73
C HIS A 103 2.04 -6.42 -6.37
N HIS A 104 2.89 -5.65 -5.74
CA HIS A 104 2.55 -4.29 -5.32
C HIS A 104 3.32 -3.25 -6.11
N THR A 105 2.61 -2.30 -6.69
CA THR A 105 3.24 -1.23 -7.46
C THR A 105 2.65 0.12 -7.09
N ALA A 106 3.51 1.09 -6.80
CA ALA A 106 3.06 2.42 -6.43
C ALA A 106 3.57 3.45 -7.45
N GLU A 107 2.70 4.37 -7.83
CA GLU A 107 3.06 5.39 -8.81
C GLU A 107 2.21 6.64 -8.64
N ILE A 108 2.53 7.66 -9.42
CA ILE A 108 1.82 8.93 -9.37
C ILE A 108 1.15 9.20 -10.70
N SER A 109 -0.16 9.27 -10.70
CA SER A 109 -0.92 9.50 -11.91
C SER A 109 -1.91 10.64 -11.71
N GLY A 110 -1.61 11.78 -12.32
CA GLY A 110 -2.48 12.94 -12.21
C GLY A 110 -2.30 13.66 -10.89
N GLY A 111 -1.10 13.56 -10.34
CA GLY A 111 -0.81 14.20 -9.07
C GLY A 111 -1.40 13.44 -7.90
N LYS A 112 -1.65 12.15 -8.10
CA LYS A 112 -2.24 11.31 -7.07
C LYS A 112 -1.47 9.99 -6.98
N LEU A 113 -1.48 9.43 -5.79
CA LEU A 113 -0.80 8.17 -5.54
C LEU A 113 -1.75 7.01 -5.78
N VAL A 114 -1.37 6.14 -6.69
CA VAL A 114 -2.19 4.98 -6.99
C VAL A 114 -1.38 3.70 -6.78
N GLU A 115 -1.88 2.84 -5.91
CA GLU A 115 -1.22 1.58 -5.61
C GLU A 115 -1.99 0.43 -6.21
N ILE A 116 -1.27 -0.47 -6.85
CA ILE A 116 -1.87 -1.63 -7.47
C ILE A 116 -1.35 -2.90 -6.80
N SER A 117 -2.26 -3.78 -6.42
CA SER A 117 -1.91 -5.03 -5.77
C SER A 117 -2.54 -6.20 -6.52
N THR A 118 -1.70 -7.04 -7.08
CA THR A 118 -2.18 -8.21 -7.80
C THR A 118 -2.06 -9.46 -6.95
N SER A 119 -3.14 -10.23 -6.86
CA SER A 119 -3.15 -11.46 -6.10
C SER A 119 -4.04 -12.48 -6.77
N SER A 120 -3.44 -13.56 -7.25
CA SER A 120 -4.15 -14.64 -7.94
C SER A 120 -4.87 -14.12 -9.18
N GLY A 121 -4.36 -13.03 -9.75
CA GLY A 121 -4.97 -12.47 -10.94
C GLY A 121 -5.87 -11.29 -10.64
N VAL A 122 -6.16 -11.06 -9.35
CA VAL A 122 -7.01 -9.96 -8.95
C VAL A 122 -6.18 -8.69 -8.79
N VAL A 123 -6.47 -7.70 -9.61
CA VAL A 123 -5.78 -6.42 -9.57
C VAL A 123 -6.54 -5.42 -8.71
N TYR A 124 -6.04 -5.19 -7.52
CA TYR A 124 -6.65 -4.25 -6.59
C TYR A 124 -5.97 -2.89 -6.75
N LYS A 125 -6.76 -1.83 -6.88
CA LYS A 125 -6.22 -0.51 -7.05
C LYS A 125 -6.83 0.48 -6.10
N ARG A 126 -6.03 1.45 -5.68
CA ARG A 126 -6.49 2.51 -4.79
C ARG A 126 -5.80 3.82 -5.14
N THR A 127 -6.57 4.88 -5.16
CA THR A 127 -6.06 6.20 -5.47
C THR A 127 -6.14 7.10 -4.24
N SER A 128 -5.01 7.62 -3.81
CA SER A 128 -4.96 8.50 -2.67
C SER A 128 -4.44 9.88 -3.06
N LYS A 129 -5.14 10.91 -2.62
CA LYS A 129 -4.76 12.28 -2.93
C LYS A 129 -3.58 12.71 -2.05
N LYS A 130 -2.86 13.74 -2.51
CA LYS A 130 -1.69 14.23 -1.80
C LYS A 130 -2.01 15.48 -0.98
N ILE A 131 -1.62 15.43 0.29
CA ILE A 131 -1.83 16.53 1.22
C ILE A 131 -0.68 16.58 2.20
N ALA A 132 -0.55 17.66 2.96
CA ALA A 132 0.50 17.77 3.95
C ALA A 132 -0.07 18.32 5.24
C1 CHO B . -6.40 -3.13 1.51
C2 CHO B . -5.06 -2.43 1.76
C3 CHO B . -3.90 -3.32 1.30
O3 CHO B . -2.66 -2.66 1.55
C4 CHO B . -3.93 -4.64 2.07
C5 CHO B . -5.27 -5.35 1.83
C6 CHO B . -5.28 -6.68 2.58
C7 CHO B . -5.20 -6.41 4.08
O7 CHO B . -3.98 -5.75 4.40
C8 CHO B . -6.38 -5.54 4.53
C9 CHO B . -6.36 -4.21 3.77
C10 CHO B . -6.45 -4.46 2.26
C11 CHO B . -7.50 -3.30 4.22
C12 CHO B . -7.47 -3.07 5.74
C13 CHO B . -7.51 -4.43 6.44
C14 CHO B . -6.30 -5.25 6.03
C15 CHO B . -6.48 -6.47 6.94
C16 CHO B . -6.78 -5.81 8.28
C17 CHO B . -7.24 -4.38 7.96
C18 CHO B . -8.80 -5.19 6.14
C19 CHO B . -7.76 -5.17 1.94
C20 CHO B . -8.48 -3.97 8.75
C21 CHO B . -8.88 -2.52 8.41
C22 CHO B . -8.21 -4.09 10.26
C23 CHO B . -9.42 -3.63 11.06
C24 CHO B . -9.23 -3.86 12.56
O24 CHO B . -8.90 -4.97 12.99
N25 CHO B . -9.43 -2.80 13.33
C26 CHO B . -9.29 -2.86 14.78
C27 CHO B . -7.89 -2.39 15.20
OT1 CHO B . -7.04 -3.27 15.47
OT2 CHO B . -7.71 -1.15 15.29
H11 CHO B . -6.51 -3.32 0.44
H12 CHO B . -7.19 -2.50 1.87
H21 CHO B . -4.95 -2.23 2.82
H22 CHO B . -5.03 -1.50 1.20
H3 CHO B . -3.99 -3.52 0.22
HO3 CHO B . -2.46 -2.70 2.53
H41 CHO B . -3.82 -4.44 3.13
H42 CHO B . -3.12 -5.28 1.73
H5 CHO B . -5.38 -5.54 0.76
H61 CHO B . -4.41 -7.28 2.27
H62 CHO B . -6.19 -7.23 2.35
H7 CHO B . -5.26 -7.36 4.61
HO7 CHO B . -3.99 -5.46 5.36
H8 CHO B . -7.30 -6.07 4.31
H9 CHO B . -5.42 -3.70 3.98
H111 CHO B . -8.45 -3.76 3.96
H112 CHO B . -7.39 -2.33 3.74
H121 CHO B . -8.34 -2.47 6.04
H122 CHO B . -6.55 -2.54 6.02
H14 CHO B . -5.31 -4.79 6.14
H151 CHO B . -5.56 -7.06 6.98
H152 CHO B . -7.24 -7.16 6.59
H161 CHO B . -5.89 -5.78 8.91
H162 CHO B . -7.54 -6.36 8.84
H17 CHO B . -6.50 -3.64 8.22
H181 CHO B . -8.60 -6.26 6.13
H182 CHO B . -9.17 -4.89 5.15
H183 CHO B . -9.56 -4.96 6.88
H191 CHO B . -7.58 -6.25 1.85
H192 CHO B . -8.16 -4.80 1.00
H193 CHO B . -8.47 -4.99 2.74
H20 CHO B . -9.29 -4.62 8.49
H211 CHO B . -8.78 -1.89 9.30
H212 CHO B . -9.92 -2.51 8.08
H213 CHO B . -8.24 -2.15 7.62
H221 CHO B . -7.35 -3.48 10.52
H222 CHO B . -8.01 -5.14 10.49
H231 CHO B . -10.31 -4.18 10.72
H232 CHO B . -9.55 -2.56 10.90
HN CHO B . -9.68 -1.90 12.96
H261 CHO B . -9.44 -3.89 15.13
H262 CHO B . -10.03 -2.20 15.24
C1 CHO C . 6.14 -2.00 -1.24
C2 CHO C . 5.21 -1.10 -2.06
C3 CHO C . 5.10 0.29 -1.42
O3 CHO C . 4.20 1.09 -2.18
C4 CHO C . 4.59 0.16 0.01
C5 CHO C . 5.55 -0.73 0.82
C6 CHO C . 5.08 -0.82 2.27
C7 CHO C . 3.73 -1.54 2.33
O7 CHO C . 2.74 -0.74 1.67
C8 CHO C . 3.80 -2.91 1.68
C9 CHO C . 4.27 -2.78 0.22
C10 CHO C . 5.65 -2.12 0.20
C11 CHO C . 4.29 -4.15 -0.47
C12 CHO C . 2.95 -4.86 -0.37
C13 CHO C . 2.56 -5.00 1.10
C14 CHO C . 2.43 -3.59 1.68
C15 CHO C . 1.88 -3.95 3.06
C16 CHO C . 0.69 -4.81 2.64
C17 CHO C . 1.17 -5.55 1.38
C18 CHO C . 3.63 -5.76 1.88
C19 CHO C . 6.62 -2.96 1.02
C20 CHO C . 1.19 -7.06 1.59
C21 CHO C . 1.72 -7.78 0.35
C22 CHO C . -0.20 -7.57 1.95
C23 CHO C . -0.18 -9.07 2.23
C24 CHO C . -1.55 -9.56 2.71
O24 CHO C . -1.91 -10.73 2.50
N25 CHO C . -2.29 -8.66 3.34
C26 CHO C . -3.63 -8.96 3.87
C27 CHO C . -3.50 -9.77 5.16
OT1 CHO C . -4.00 -10.92 5.17
OT2 CHO C . -2.90 -9.23 6.11
H11 CHO C . 7.14 -1.57 -1.25
H12 CHO C . 6.16 -2.99 -1.69
H21 CHO C . 4.21 -1.55 -2.09
H22 CHO C . 5.60 -0.99 -3.07
H3 CHO C . 6.09 0.75 -1.42
HO3 CHO C . 4.48 1.09 -3.14
H41 CHO C . 3.60 -0.30 0.01
H42 CHO C . 4.54 1.14 0.46
H5 CHO C . 6.54 -0.28 0.80
H61 CHO C . 4.98 0.19 2.69
H62 CHO C . 5.81 -1.38 2.85
H7 CHO C . 3.46 -1.67 3.38
HO7 CHO C . 1.86 -1.20 1.71
H8 CHO C . 4.51 -3.52 2.24
H9 CHO C . 3.56 -2.16 -0.32
H111 CHO C . 5.06 -4.76 0.00
H112 CHO C . 4.51 -3.98 -1.52
H121 CHO C . 3.03 -5.86 -0.82
H122 CHO C . 2.18 -4.30 -0.91
H14 CHO C . 1.80 -2.88 1.16
H151 CHO C . 1.57 -3.07 3.62
H152 CHO C . 2.60 -4.42 3.73
H161 CHO C . -0.18 -4.20 2.42
H162 CHO C . 0.39 -5.51 3.43
H17 CHO C . 0.49 -5.38 0.54
H181 CHO C . 3.88 -6.68 1.35
H182 CHO C . 3.24 -6.02 2.87
H183 CHO C . 4.52 -5.15 1.99
H191 CHO C . 6.82 -3.90 0.50
H192 CHO C . 6.19 -3.16 2.01
H193 CHO C . 7.56 -2.42 1.13
H20 CHO C . 1.87 -7.28 2.42
H211 CHO C . 1.48 -7.19 -0.54
H212 CHO C . 1.28 -8.77 0.27
H213 CHO C . 2.81 -7.88 0.42
H221 CHO C . -0.89 -7.37 1.12
H222 CHO C . -0.54 -7.05 2.85
H231 CHO C . 0.55 -9.28 3.00
H232 CHO C . 0.06 -9.59 1.30
HN CHO C . -1.98 -7.72 3.49
H261 CHO C . -4.19 -9.54 3.14
H262 CHO C . -4.16 -8.03 4.08
N ALA A 6 8.65 12.99 -6.11
CA ALA A 6 7.21 13.34 -6.13
C ALA A 6 6.40 12.35 -5.29
N PHE A 7 7.08 11.36 -4.70
CA PHE A 7 6.41 10.36 -3.89
C PHE A 7 6.13 10.87 -2.47
N THR A 8 6.94 11.82 -2.02
CA THR A 8 6.81 12.38 -0.68
C THR A 8 5.46 13.05 -0.46
N GLY A 9 4.91 12.86 0.73
CA GLY A 9 3.65 13.47 1.05
C GLY A 9 2.70 12.53 1.73
N LYS A 10 1.67 13.09 2.33
CA LYS A 10 0.65 12.29 3.00
C LYS A 10 -0.47 12.05 2.01
N TYR A 11 -1.03 10.85 2.02
CA TYR A 11 -2.09 10.49 1.09
C TYR A 11 -3.30 9.94 1.84
N GLU A 12 -4.47 10.19 1.31
CA GLU A 12 -5.69 9.70 1.91
C GLU A 12 -6.56 9.01 0.87
N PHE A 13 -7.38 8.06 1.32
CA PHE A 13 -8.28 7.30 0.46
C PHE A 13 -9.07 8.21 -0.49
N GLU A 14 -8.84 8.05 -1.78
CA GLU A 14 -9.53 8.83 -2.79
C GLU A 14 -10.42 7.93 -3.65
N SER A 15 -9.92 6.76 -3.98
CA SER A 15 -10.67 5.82 -4.80
C SER A 15 -10.20 4.39 -4.59
N ASP A 16 -10.95 3.44 -5.13
CA ASP A 16 -10.62 2.02 -5.02
C ASP A 16 -11.28 1.25 -6.15
N GLU A 17 -10.68 0.13 -6.53
CA GLU A 17 -11.20 -0.72 -7.58
C GLU A 17 -10.83 -2.16 -7.31
N ASN A 18 -11.80 -3.05 -7.50
CA ASN A 18 -11.62 -4.49 -7.27
C ASN A 18 -11.34 -4.78 -5.79
N TYR A 19 -11.95 -3.99 -4.91
CA TYR A 19 -11.76 -4.15 -3.48
C TYR A 19 -12.27 -5.49 -2.99
N ASP A 20 -13.55 -5.76 -3.20
CA ASP A 20 -14.18 -7.00 -2.73
C ASP A 20 -13.53 -8.22 -3.36
N ASP A 21 -13.17 -8.11 -4.63
CA ASP A 21 -12.54 -9.21 -5.33
C ASP A 21 -11.19 -9.51 -4.72
N PHE A 22 -10.47 -8.47 -4.36
CA PHE A 22 -9.16 -8.61 -3.75
C PHE A 22 -9.27 -9.25 -2.38
N VAL A 23 -10.11 -8.67 -1.53
CA VAL A 23 -10.29 -9.16 -0.18
C VAL A 23 -10.83 -10.59 -0.16
N LYS A 24 -11.72 -10.90 -1.08
CA LYS A 24 -12.29 -12.25 -1.15
C LYS A 24 -11.29 -13.25 -1.71
N LYS A 25 -10.36 -12.76 -2.54
CA LYS A 25 -9.35 -13.62 -3.15
C LYS A 25 -8.26 -13.98 -2.15
N ILE A 26 -7.80 -12.99 -1.40
CA ILE A 26 -6.75 -13.22 -0.41
C ILE A 26 -7.29 -13.91 0.84
N GLY A 27 -8.61 -13.94 0.97
CA GLY A 27 -9.23 -14.61 2.10
C GLY A 27 -9.27 -13.73 3.34
N LEU A 28 -9.39 -12.42 3.14
CA LEU A 28 -9.45 -11.48 4.24
C LEU A 28 -10.74 -11.70 5.03
N PRO A 29 -10.68 -11.72 6.37
CA PRO A 29 -11.86 -11.90 7.20
C PRO A 29 -12.84 -10.75 7.04
N ALA A 30 -14.12 -11.08 6.99
CA ALA A 30 -15.19 -10.09 6.82
C ALA A 30 -15.09 -9.00 7.87
N ASP A 31 -14.73 -9.39 9.09
CA ASP A 31 -14.60 -8.47 10.20
C ASP A 31 -13.62 -7.35 9.87
N LYS A 32 -12.51 -7.71 9.21
CA LYS A 32 -11.50 -6.72 8.87
C LYS A 32 -11.82 -6.07 7.53
N ILE A 33 -12.49 -6.81 6.66
CA ILE A 33 -12.87 -6.30 5.35
C ILE A 33 -13.78 -5.09 5.52
N GLU A 34 -14.86 -5.29 6.27
CA GLU A 34 -15.84 -4.24 6.52
C GLU A 34 -15.20 -3.13 7.35
N MET A 35 -14.29 -3.53 8.21
CA MET A 35 -13.60 -2.60 9.08
C MET A 35 -12.71 -1.64 8.28
N GLY A 36 -12.04 -2.17 7.25
CA GLY A 36 -11.14 -1.35 6.45
C GLY A 36 -11.64 -0.97 5.07
N ARG A 37 -12.95 -0.94 4.87
CA ARG A 37 -13.49 -0.60 3.55
C ARG A 37 -14.05 0.82 3.54
N ASN A 38 -13.60 1.60 2.55
CA ASN A 38 -14.03 3.00 2.38
C ASN A 38 -13.57 3.85 3.56
N CYS A 39 -12.56 3.37 4.26
CA CYS A 39 -12.02 4.07 5.41
C CYS A 39 -10.91 5.01 4.97
N LYS A 40 -10.86 6.19 5.59
CA LYS A 40 -9.84 7.20 5.25
C LYS A 40 -8.46 6.80 5.75
N ILE A 41 -7.76 6.01 4.95
CA ILE A 41 -6.42 5.57 5.29
C ILE A 41 -5.41 6.63 4.91
N VAL A 42 -4.59 7.04 5.86
CA VAL A 42 -3.58 8.04 5.60
C VAL A 42 -2.23 7.36 5.35
N THR A 43 -1.58 7.74 4.27
CA THR A 43 -0.29 7.19 3.93
C THR A 43 0.76 8.29 3.91
N GLU A 44 1.60 8.34 4.93
CA GLU A 44 2.64 9.36 5.01
C GLU A 44 3.94 8.82 4.43
N VAL A 45 4.36 9.41 3.33
CA VAL A 45 5.58 9.01 2.65
C VAL A 45 6.69 10.02 2.82
N VAL A 46 7.80 9.55 3.38
CA VAL A 46 8.99 10.38 3.56
C VAL A 46 10.03 9.95 2.54
N GLN A 47 10.66 10.92 1.88
CA GLN A 47 11.66 10.62 0.87
C GLN A 47 13.06 10.77 1.42
N ASN A 48 13.76 9.65 1.53
CA ASN A 48 15.12 9.64 2.04
C ASN A 48 16.04 8.93 1.06
N GLY A 49 16.42 9.64 0.01
CA GLY A 49 17.28 9.07 -1.02
C GLY A 49 16.55 8.03 -1.84
N ASN A 50 16.62 6.79 -1.42
CA ASN A 50 15.93 5.71 -2.10
C ASN A 50 15.11 4.90 -1.11
N ASP A 51 14.97 5.46 0.09
CA ASP A 51 14.19 4.83 1.15
C ASP A 51 12.87 5.56 1.31
N PHE A 52 11.79 4.90 0.96
CA PHE A 52 10.47 5.49 1.08
C PHE A 52 9.72 4.86 2.23
N THR A 53 9.09 5.70 3.04
CA THR A 53 8.34 5.21 4.19
C THR A 53 6.86 5.07 3.85
N TRP A 54 6.28 3.96 4.27
CA TRP A 54 4.87 3.74 4.04
C TRP A 54 4.16 3.65 5.38
N THR A 55 3.51 4.75 5.75
CA THR A 55 2.80 4.83 7.00
C THR A 55 1.30 4.77 6.75
N GLN A 56 0.66 3.74 7.29
CA GLN A 56 -0.78 3.56 7.13
C GLN A 56 -1.49 3.91 8.42
N HIS A 57 -2.32 4.93 8.37
CA HIS A 57 -3.07 5.35 9.55
C HIS A 57 -4.51 4.95 9.40
N PHE A 58 -4.99 4.19 10.36
CA PHE A 58 -6.36 3.74 10.34
C PHE A 58 -7.23 4.60 11.24
N PRO A 59 -8.32 5.17 10.70
CA PRO A 59 -9.23 6.01 11.47
C PRO A 59 -9.89 5.26 12.61
N GLY A 60 -9.58 5.68 13.83
CA GLY A 60 -10.14 5.04 15.00
C GLY A 60 -9.62 3.64 15.22
N GLY A 61 -8.46 3.32 14.67
CA GLY A 61 -7.92 1.99 14.83
C GLY A 61 -6.40 1.96 14.91
N ARG A 62 -5.83 0.77 14.75
CA ARG A 62 -4.39 0.57 14.83
C ARG A 62 -3.67 1.17 13.62
N THR A 63 -2.45 1.65 13.86
CA THR A 63 -1.66 2.22 12.79
C THR A 63 -0.59 1.22 12.35
N THR A 64 -0.10 1.37 11.13
CA THR A 64 0.91 0.49 10.57
C THR A 64 1.98 1.31 9.88
N THR A 65 3.26 1.02 10.15
CA THR A 65 4.34 1.78 9.54
C THR A 65 5.51 0.88 9.16
N ASN A 66 6.08 1.13 7.99
CA ASN A 66 7.22 0.36 7.50
C ASN A 66 8.07 1.26 6.60
N SER A 67 9.34 0.93 6.46
CA SER A 67 10.24 1.69 5.62
C SER A 67 11.00 0.76 4.70
N PHE A 68 11.05 1.09 3.42
CA PHE A 68 11.73 0.24 2.46
C PHE A 68 12.67 1.01 1.56
N THR A 69 13.82 0.44 1.32
CA THR A 69 14.82 1.04 0.45
C THR A 69 14.82 0.30 -0.87
N ILE A 70 14.75 1.04 -1.97
CA ILE A 70 14.75 0.46 -3.30
C ILE A 70 15.98 -0.42 -3.51
N ASP A 71 15.73 -1.67 -3.90
CA ASP A 71 16.78 -2.67 -4.16
C ASP A 71 17.36 -3.18 -2.84
N LYS A 72 16.57 -3.02 -1.78
CA LYS A 72 16.97 -3.45 -0.46
C LYS A 72 15.81 -4.12 0.27
N GLU A 73 16.10 -5.24 0.94
CA GLU A 73 15.09 -5.93 1.71
C GLU A 73 14.66 -5.07 2.90
N ALA A 74 13.36 -5.03 3.16
CA ALA A 74 12.83 -4.21 4.24
C ALA A 74 11.90 -4.98 5.15
N ASP A 75 11.81 -4.51 6.40
CA ASP A 75 10.93 -5.10 7.40
C ASP A 75 9.57 -4.46 7.27
N MET A 76 8.57 -5.27 6.96
CA MET A 76 7.23 -4.75 6.79
C MET A 76 6.24 -5.43 7.70
N GLU A 77 5.05 -4.87 7.74
CA GLU A 77 3.96 -5.39 8.55
C GLU A 77 2.64 -4.99 7.92
N THR A 78 1.69 -5.90 7.90
CA THR A 78 0.39 -5.61 7.34
C THR A 78 -0.51 -5.06 8.43
N MET A 79 -1.67 -4.58 8.04
CA MET A 79 -2.61 -4.04 9.00
C MET A 79 -3.31 -5.17 9.74
N GLY A 80 -3.01 -6.41 9.35
CA GLY A 80 -3.58 -7.56 9.99
C GLY A 80 -2.68 -8.08 11.09
N GLY A 81 -1.49 -7.50 11.18
CA GLY A 81 -0.54 -7.90 12.20
C GLY A 81 0.49 -8.90 11.70
N ARG A 82 0.79 -8.87 10.41
CA ARG A 82 1.77 -9.79 9.85
C ARG A 82 3.12 -9.11 9.74
N LYS A 83 4.13 -9.66 10.39
CA LYS A 83 5.47 -9.12 10.33
C LYS A 83 6.30 -9.95 9.36
N PHE A 84 6.96 -9.29 8.41
CA PHE A 84 7.74 -10.02 7.40
C PHE A 84 8.81 -9.13 6.76
N LYS A 85 9.60 -9.72 5.88
CA LYS A 85 10.65 -8.99 5.17
C LYS A 85 10.54 -9.28 3.69
N ALA A 86 10.69 -8.25 2.87
CA ALA A 86 10.60 -8.40 1.43
C ALA A 86 11.46 -7.35 0.72
N THR A 87 11.76 -7.60 -0.55
CA THR A 87 12.57 -6.67 -1.33
C THR A 87 11.68 -5.80 -2.22
N VAL A 88 12.02 -4.54 -2.33
CA VAL A 88 11.25 -3.60 -3.14
C VAL A 88 12.15 -2.96 -4.18
N LYS A 89 11.69 -2.87 -5.41
CA LYS A 89 12.47 -2.27 -6.49
C LYS A 89 11.65 -1.20 -7.19
N MET A 90 12.23 -0.53 -8.16
CA MET A 90 11.54 0.53 -8.89
C MET A 90 11.66 0.31 -10.39
N GLU A 91 10.58 0.60 -11.09
CA GLU A 91 10.55 0.47 -12.54
C GLU A 91 9.94 1.72 -13.18
N GLY A 92 10.80 2.55 -13.76
CA GLY A 92 10.36 3.76 -14.41
C GLY A 92 9.67 4.73 -13.48
N GLY A 93 10.15 4.79 -12.24
CA GLY A 93 9.56 5.69 -11.26
C GLY A 93 8.35 5.08 -10.56
N LYS A 94 8.20 3.77 -10.69
CA LYS A 94 7.09 3.06 -10.06
C LYS A 94 7.64 2.02 -9.11
N ILE A 95 7.22 2.08 -7.88
CA ILE A 95 7.69 1.15 -6.86
C ILE A 95 6.98 -0.20 -6.95
N VAL A 96 7.74 -1.25 -7.18
CA VAL A 96 7.18 -2.59 -7.26
C VAL A 96 7.78 -3.51 -6.20
N ALA A 97 6.93 -4.18 -5.45
CA ALA A 97 7.35 -5.09 -4.40
C ALA A 97 7.17 -6.53 -4.85
N ASP A 98 8.11 -7.40 -4.48
CA ASP A 98 8.04 -8.81 -4.86
C ASP A 98 7.45 -9.66 -3.76
N PHE A 99 6.37 -10.35 -4.09
CA PHE A 99 5.67 -11.23 -3.17
C PHE A 99 5.11 -12.43 -3.92
N PRO A 100 4.90 -13.56 -3.22
CA PRO A 100 4.35 -14.76 -3.85
C PRO A 100 2.90 -14.55 -4.29
N ASN A 101 2.68 -14.52 -5.60
CA ASN A 101 1.35 -14.31 -6.20
C ASN A 101 0.78 -12.94 -5.84
N TYR A 102 1.62 -12.08 -5.28
CA TYR A 102 1.20 -10.74 -4.90
C TYR A 102 2.16 -9.73 -5.55
N HIS A 103 1.58 -8.77 -6.24
CA HIS A 103 2.36 -7.75 -6.93
C HIS A 103 1.88 -6.37 -6.51
N HIS A 104 2.71 -5.67 -5.75
CA HIS A 104 2.36 -4.33 -5.28
C HIS A 104 3.14 -3.28 -6.06
N THR A 105 2.43 -2.42 -6.76
CA THR A 105 3.07 -1.36 -7.52
C THR A 105 2.49 0.00 -7.13
N ALA A 106 3.37 0.94 -6.84
CA ALA A 106 2.96 2.28 -6.45
C ALA A 106 3.56 3.31 -7.39
N GLU A 107 2.75 4.26 -7.82
CA GLU A 107 3.21 5.29 -8.74
C GLU A 107 2.42 6.58 -8.55
N ILE A 108 2.88 7.63 -9.20
CA ILE A 108 2.24 8.93 -9.14
C ILE A 108 1.55 9.22 -10.46
N SER A 109 0.26 9.47 -10.41
CA SER A 109 -0.50 9.75 -11.59
C SER A 109 -1.44 10.93 -11.36
N GLY A 110 -1.01 12.10 -11.82
CA GLY A 110 -1.80 13.30 -11.64
C GLY A 110 -1.72 13.83 -10.23
N GLY A 111 -0.55 13.70 -9.63
CA GLY A 111 -0.35 14.15 -8.27
C GLY A 111 -1.11 13.28 -7.29
N LYS A 112 -1.28 12.02 -7.64
CA LYS A 112 -2.00 11.07 -6.82
C LYS A 112 -1.25 9.75 -6.72
N LEU A 113 -1.36 9.10 -5.58
CA LEU A 113 -0.71 7.83 -5.36
C LEU A 113 -1.68 6.71 -5.72
N VAL A 114 -1.35 5.97 -6.76
CA VAL A 114 -2.18 4.87 -7.19
C VAL A 114 -1.42 3.56 -6.98
N GLU A 115 -1.90 2.76 -6.04
CA GLU A 115 -1.28 1.48 -5.74
C GLU A 115 -2.07 0.33 -6.34
N ILE A 116 -1.36 -0.56 -7.01
CA ILE A 116 -1.96 -1.73 -7.63
C ILE A 116 -1.43 -2.99 -6.95
N SER A 117 -2.34 -3.84 -6.50
CA SER A 117 -1.99 -5.08 -5.83
C SER A 117 -2.64 -6.26 -6.53
N THR A 118 -1.84 -7.03 -7.25
CA THR A 118 -2.33 -8.20 -7.95
C THR A 118 -2.16 -9.44 -7.10
N SER A 119 -3.17 -10.30 -7.07
CA SER A 119 -3.11 -11.53 -6.29
C SER A 119 -3.97 -12.62 -6.94
N SER A 120 -3.29 -13.65 -7.43
CA SER A 120 -3.96 -14.80 -8.07
C SER A 120 -4.88 -14.38 -9.22
N GLY A 121 -4.49 -13.33 -9.94
CA GLY A 121 -5.27 -12.87 -11.06
C GLY A 121 -6.04 -11.60 -10.76
N VAL A 122 -6.46 -11.43 -9.51
CA VAL A 122 -7.22 -10.25 -9.12
C VAL A 122 -6.31 -9.06 -8.97
N VAL A 123 -6.64 -7.98 -9.66
CA VAL A 123 -5.85 -6.76 -9.61
C VAL A 123 -6.57 -5.66 -8.83
N TYR A 124 -6.08 -5.39 -7.63
CA TYR A 124 -6.65 -4.37 -6.77
C TYR A 124 -5.98 -3.02 -7.05
N LYS A 125 -6.78 -1.98 -7.14
CA LYS A 125 -6.28 -0.65 -7.41
C LYS A 125 -6.88 0.37 -6.45
N ARG A 126 -6.06 1.29 -5.99
CA ARG A 126 -6.53 2.33 -5.07
C ARG A 126 -5.79 3.63 -5.31
N THR A 127 -6.55 4.70 -5.43
CA THR A 127 -5.98 6.02 -5.66
C THR A 127 -6.07 6.83 -4.38
N SER A 128 -4.99 7.51 -4.05
CA SER A 128 -4.97 8.34 -2.85
C SER A 128 -4.56 9.76 -3.19
N LYS A 129 -5.25 10.73 -2.59
CA LYS A 129 -4.98 12.14 -2.83
C LYS A 129 -3.75 12.59 -2.05
N LYS A 130 -3.10 13.65 -2.52
CA LYS A 130 -1.90 14.17 -1.85
C LYS A 130 -2.27 15.37 -0.98
N ILE A 131 -1.94 15.27 0.29
CA ILE A 131 -2.20 16.33 1.24
C ILE A 131 -1.04 16.43 2.20
N ALA A 132 -1.00 17.49 2.99
CA ALA A 132 0.06 17.66 3.96
C ALA A 132 -0.54 18.13 5.28
C1 CHO B . -6.04 -2.86 1.79
C2 CHO B . -4.70 -2.20 2.10
C3 CHO B . -3.55 -3.10 1.66
O3 CHO B . -2.31 -2.47 1.99
C4 CHO B . -3.65 -4.44 2.39
C5 CHO B . -4.98 -5.10 2.09
C6 CHO B . -5.06 -6.45 2.80
C7 CHO B . -5.02 -6.23 4.31
O7 CHO B . -3.76 -5.62 4.67
C8 CHO B . -6.16 -5.32 4.76
C9 CHO B . -6.10 -3.98 4.02
C10 CHO B . -6.15 -4.20 2.51
C11 CHO B . -7.24 -3.07 4.48
C12 CHO B . -7.22 -2.85 6.00
C13 CHO B . -7.27 -4.21 6.70
C14 CHO B . -6.07 -5.04 6.26
C15 CHO B . -6.24 -6.26 7.16
C16 CHO B . -6.52 -5.60 8.52
C17 CHO B . -6.96 -4.17 8.20
C18 CHO B . -8.57 -4.96 6.39
C19 CHO B . -7.47 -4.88 2.14
C20 CHO B . -8.14 -3.73 9.06
C21 CHO B . -8.67 -2.36 8.62
C22 CHO B . -7.72 -3.69 10.53
C23 CHO B . -8.86 -3.25 11.44
C24 CHO B . -8.40 -3.21 12.90
O24 CHO B . -7.56 -4.01 13.30
N25 CHO B . -8.96 -2.26 13.64
C26 CHO B . -8.62 -2.08 15.07
C27 CHO B . -8.85 -3.40 15.82
OT1 CHO B . -7.92 -3.79 16.57
OT2 CHO B . -9.94 -3.97 15.66
H11 CHO B . -6.13 -3.02 0.71
H12 CHO B . -6.84 -2.21 2.13
H21 CHO B . -4.63 -2.01 3.17
H22 CHO B . -4.63 -1.26 1.54
H3 CHO B . -3.60 -3.26 0.59
HO3 CHO B . -2.25 -2.34 2.99
H41 CHO B . -3.56 -4.27 3.47
H42 CHO B . -2.84 -5.09 2.06
H5 CHO B . -5.07 -5.27 1.01
H61 CHO B . -4.21 -7.07 2.49
H62 CHO B . -5.99 -6.96 2.54
H7 CHO B . -5.11 -7.19 4.81
HO7 CHO B . -3.84 -4.63 4.58
H8 CHO B . -7.09 -5.83 4.53
H9 CHO B . -5.16 -3.49 4.26
H111 CHO B . -8.20 -3.52 4.21
H112 CHO B . -7.12 -2.10 4.00
H121 CHO B . -8.07 -2.25 6.30
H122 CHO B . -6.30 -2.33 6.27
H14 CHO B . -5.07 -4.59 6.37
H151 CHO B . -5.34 -6.87 7.19
H152 CHO B . -7.03 -6.94 6.83
H161 CHO B . -5.62 -5.60 9.14
H162 CHO B . -7.27 -6.14 9.09
H17 CHO B . -6.20 -3.43 8.43
H181 CHO B . -8.38 -6.03 6.38
H182 CHO B . -8.95 -4.64 5.44
H183 CHO B . -9.31 -4.74 7.18
H191 CHO B . -7.31 -5.94 1.98
H192 CHO B . -7.87 -4.43 1.22
H193 CHO B . -8.20 -4.74 2.94
H20 CHO B . -8.95 -4.45 8.94
H211 CHO B . -8.58 -1.66 9.43
H212 CHO B . -9.72 -2.46 8.32
H213 CHO B . -8.09 -2.01 7.76
H221 CHO B . -6.89 -3.00 10.64
H222 CHO B . -7.43 -4.70 10.82
H231 CHO B . -9.70 -3.94 11.35
H232 CHO B . -9.19 -2.25 11.15
HN CHO B . -9.63 -1.62 13.30
H261 CHO B . -9.25 -1.31 15.49
H262 CHO B . -7.57 -1.80 15.14
C1 CHO C . 6.07 -2.19 -1.14
C2 CHO C . 5.09 -1.31 -1.91
C3 CHO C . 5.00 0.08 -1.27
O3 CHO C . 4.05 0.87 -1.98
C4 CHO C . 4.55 -0.06 0.19
C5 CHO C . 5.55 -0.94 0.95
C6 CHO C . 5.13 -1.05 2.41
C7 CHO C . 3.79 -1.79 2.53
O7 CHO C . 2.77 -1.01 1.92
C8 CHO C . 3.85 -3.16 1.85
C9 CHO C . 4.27 -2.99 0.38
C10 CHO C . 5.64 -2.33 0.31
C11 CHO C . 4.28 -4.36 -0.33
C12 CHO C . 2.93 -5.07 -0.22
C13 CHO C . 2.58 -5.22 1.27
C14 CHO C . 2.48 -3.83 1.89
C15 CHO C . 1.99 -4.21 3.28
C16 CHO C . 0.80 -5.11 2.91
C17 CHO C . 1.18 -5.75 1.57
C18 CHO C . 3.65 -6.05 2.00
C19 CHO C . 6.65 -3.16 1.09
C20 CHO C . 1.12 -7.27 1.64
C21 CHO C . 1.51 -7.89 0.29
C22 CHO C . -0.28 -7.73 2.07
C23 CHO C . -0.35 -9.26 2.21
C24 CHO C . -1.70 -9.65 2.81
O24 CHO C . -2.19 -10.76 2.58
N25 CHO C . -2.27 -8.73 3.57
C26 CHO C . -3.56 -8.94 4.24
C27 CHO C . -3.31 -9.47 5.66
OT1 CHO C . -2.97 -8.64 6.52
OT2 CHO C . -3.47 -10.70 5.84
H11 CHO C . 7.07 -1.74 -1.18
H12 CHO C . 6.09 -3.18 -1.60
H21 CHO C . 4.10 -1.76 -1.91
H22 CHO C . 5.45 -1.19 -2.94
H3 CHO C . 5.98 0.57 -1.31
HO3 CHO C . 3.15 0.45 -1.91
H41 CHO C . 3.57 -0.52 0.22
H42 CHO C . 4.52 0.92 0.65
H5 CHO C . 6.53 -0.48 0.90
H61 CHO C . 5.03 -0.05 2.85
H62 CHO C . 5.89 -1.62 2.96
H7 CHO C . 3.58 -1.95 3.58
HO7 CHO C . 1.88 -1.44 2.06
H8 CHO C . 4.58 -3.77 2.38
H9 CHO C . 3.54 -2.37 -0.13
H111 CHO C . 5.04 -4.99 0.11
H112 CHO C . 4.47 -4.18 -1.39
H121 CHO C . 2.99 -6.05 -0.68
H122 CHO C . 2.15 -4.49 -0.72
H14 CHO C . 1.83 -3.10 1.41
H151 CHO C . 1.69 -3.35 3.86
H152 CHO C . 2.74 -4.69 3.92
H161 CHO C . -0.11 -4.50 2.81
H162 CHO C . 0.60 -5.86 3.67
H17 CHO C . 0.47 -5.48 0.78
H181 CHO C . 3.88 -6.93 1.42
H182 CHO C . 3.27 -6.33 2.98
H183 CHO C . 4.54 -5.45 2.12
H191 CHO C . 6.86 -4.09 0.55
H192 CHO C . 6.24 -3.41 2.07
H193 CHO C . 7.57 -2.60 1.22
H20 CHO C . 1.85 -7.61 2.38
H211 CHO C . 1.26 -7.21 -0.51
H212 CHO C . 0.97 -8.83 0.16
H213 CHO C . 2.58 -8.10 0.28
H221 CHO C . -1.00 -7.40 1.32
H222 CHO C . -0.49 -7.29 3.04
H231 CHO C . 0.45 -9.60 2.85
H232 CHO C . -0.26 -9.70 1.22
HN CHO C . -1.85 -7.84 3.74
H261 CHO C . -4.15 -9.67 3.67
H262 CHO C . -4.11 -8.00 4.29
N ALA A 6 8.64 12.88 -5.62
CA ALA A 6 7.26 12.81 -6.14
C ALA A 6 6.40 11.86 -5.31
N PHE A 7 7.05 11.12 -4.42
CA PHE A 7 6.36 10.18 -3.55
C PHE A 7 6.15 10.74 -2.15
N THR A 8 7.01 11.66 -1.75
CA THR A 8 6.91 12.26 -0.42
C THR A 8 5.59 13.01 -0.24
N GLY A 9 5.06 12.96 0.97
CA GLY A 9 3.82 13.63 1.26
C GLY A 9 2.82 12.73 1.93
N LYS A 10 1.68 13.28 2.32
CA LYS A 10 0.64 12.49 2.95
C LYS A 10 -0.42 12.15 1.91
N TYR A 11 -0.97 10.95 1.99
CA TYR A 11 -1.98 10.51 1.05
C TYR A 11 -3.23 10.07 1.79
N GLU A 12 -4.37 10.23 1.15
CA GLU A 12 -5.63 9.84 1.75
C GLU A 12 -6.47 9.05 0.76
N PHE A 13 -7.25 8.11 1.28
CA PHE A 13 -8.13 7.27 0.48
C PHE A 13 -8.99 8.11 -0.45
N GLU A 14 -8.79 7.98 -1.75
CA GLU A 14 -9.56 8.72 -2.72
C GLU A 14 -10.58 7.81 -3.41
N SER A 15 -10.10 6.70 -3.94
CA SER A 15 -10.95 5.75 -4.64
C SER A 15 -10.35 4.35 -4.61
N ASP A 16 -11.18 3.33 -4.84
CA ASP A 16 -10.73 1.94 -4.81
C ASP A 16 -11.51 1.10 -5.82
N GLU A 17 -10.87 0.08 -6.34
CA GLU A 17 -11.50 -0.81 -7.29
C GLU A 17 -11.18 -2.26 -6.96
N ASN A 18 -12.16 -3.12 -7.18
CA ASN A 18 -12.04 -4.56 -6.92
C ASN A 18 -11.75 -4.83 -5.43
N TYR A 19 -12.36 -4.06 -4.56
CA TYR A 19 -12.14 -4.22 -3.11
C TYR A 19 -12.66 -5.58 -2.63
N ASP A 20 -13.96 -5.80 -2.78
CA ASP A 20 -14.60 -7.05 -2.34
C ASP A 20 -13.94 -8.24 -3.00
N ASP A 21 -13.56 -8.08 -4.25
CA ASP A 21 -12.92 -9.15 -5.00
C ASP A 21 -11.57 -9.49 -4.41
N PHE A 22 -10.78 -8.45 -4.12
CA PHE A 22 -9.46 -8.62 -3.55
C PHE A 22 -9.51 -9.24 -2.17
N VAL A 23 -10.30 -8.64 -1.28
CA VAL A 23 -10.42 -9.12 0.10
C VAL A 23 -10.98 -10.54 0.16
N LYS A 24 -11.89 -10.88 -0.74
CA LYS A 24 -12.48 -12.22 -0.76
C LYS A 24 -11.52 -13.22 -1.38
N LYS A 25 -10.63 -12.72 -2.22
CA LYS A 25 -9.65 -13.56 -2.89
C LYS A 25 -8.49 -13.93 -1.98
N ILE A 26 -7.97 -12.94 -1.26
CA ILE A 26 -6.85 -13.17 -0.36
C ILE A 26 -7.29 -13.89 0.92
N GLY A 27 -8.58 -13.88 1.19
CA GLY A 27 -9.08 -14.55 2.37
C GLY A 27 -9.12 -13.66 3.59
N LEU A 28 -9.29 -12.36 3.36
CA LEU A 28 -9.34 -11.40 4.44
C LEU A 28 -10.58 -11.67 5.30
N PRO A 29 -10.44 -11.61 6.64
CA PRO A 29 -11.56 -11.84 7.54
C PRO A 29 -12.66 -10.80 7.37
N ALA A 30 -13.90 -11.27 7.35
CA ALA A 30 -15.07 -10.40 7.18
C ALA A 30 -15.08 -9.28 8.19
N ASP A 31 -14.68 -9.62 9.41
CA ASP A 31 -14.65 -8.67 10.51
C ASP A 31 -13.85 -7.41 10.15
N LYS A 32 -12.67 -7.60 9.55
CA LYS A 32 -11.82 -6.48 9.20
C LYS A 32 -12.17 -5.93 7.82
N ILE A 33 -12.77 -6.77 6.98
CA ILE A 33 -13.15 -6.37 5.64
C ILE A 33 -14.09 -5.19 5.65
N GLU A 34 -15.22 -5.35 6.34
CA GLU A 34 -16.23 -4.30 6.42
C GLU A 34 -15.77 -3.17 7.32
N MET A 35 -14.97 -3.51 8.32
CA MET A 35 -14.45 -2.53 9.25
C MET A 35 -13.43 -1.60 8.58
N GLY A 36 -12.74 -2.14 7.58
CA GLY A 36 -11.73 -1.35 6.88
C GLY A 36 -12.12 -1.01 5.46
N ARG A 37 -13.41 -0.93 5.21
CA ARG A 37 -13.91 -0.62 3.87
C ARG A 37 -14.42 0.80 3.82
N ASN A 38 -14.05 1.51 2.76
CA ASN A 38 -14.48 2.90 2.56
C ASN A 38 -13.98 3.78 3.70
N CYS A 39 -12.92 3.33 4.37
CA CYS A 39 -12.35 4.05 5.48
C CYS A 39 -11.26 5.02 5.00
N LYS A 40 -10.93 6.00 5.82
CA LYS A 40 -9.93 6.99 5.45
C LYS A 40 -8.54 6.61 5.95
N ILE A 41 -7.75 6.03 5.06
CA ILE A 41 -6.38 5.63 5.39
C ILE A 41 -5.40 6.71 4.96
N VAL A 42 -4.60 7.18 5.90
CA VAL A 42 -3.61 8.19 5.61
C VAL A 42 -2.24 7.55 5.41
N THR A 43 -1.59 7.89 4.33
CA THR A 43 -0.27 7.34 4.02
C THR A 43 0.78 8.44 4.06
N GLU A 44 1.62 8.42 5.07
CA GLU A 44 2.67 9.43 5.19
C GLU A 44 3.97 8.88 4.62
N VAL A 45 4.45 9.52 3.58
CA VAL A 45 5.70 9.13 2.93
C VAL A 45 6.78 10.18 3.14
N VAL A 46 7.89 9.75 3.73
CA VAL A 46 9.02 10.64 3.97
C VAL A 46 10.17 10.24 3.04
N GLN A 47 10.76 11.22 2.37
CA GLN A 47 11.86 10.95 1.45
C GLN A 47 13.20 10.83 2.17
N ASN A 48 13.79 9.65 2.11
CA ASN A 48 15.09 9.40 2.73
C ASN A 48 16.02 8.76 1.72
N GLY A 49 16.44 9.52 0.72
CA GLY A 49 17.32 9.01 -0.31
C GLY A 49 16.63 7.93 -1.13
N ASN A 50 16.81 6.68 -0.73
CA ASN A 50 16.19 5.54 -1.41
C ASN A 50 15.27 4.80 -0.45
N ASP A 51 15.20 5.31 0.78
CA ASP A 51 14.36 4.70 1.80
C ASP A 51 13.08 5.51 1.95
N PHE A 52 11.98 4.94 1.49
CA PHE A 52 10.70 5.59 1.58
C PHE A 52 9.89 4.98 2.70
N THR A 53 9.36 5.83 3.55
CA THR A 53 8.57 5.38 4.68
C THR A 53 7.09 5.33 4.29
N TRP A 54 6.48 4.18 4.48
CA TRP A 54 5.07 4.00 4.15
C TRP A 54 4.28 3.84 5.44
N THR A 55 3.59 4.90 5.83
CA THR A 55 2.79 4.86 7.05
C THR A 55 1.32 4.73 6.71
N GLN A 56 0.64 3.82 7.39
CA GLN A 56 -0.79 3.64 7.19
C GLN A 56 -1.53 3.98 8.48
N HIS A 57 -2.34 5.01 8.43
CA HIS A 57 -3.09 5.44 9.59
C HIS A 57 -4.53 5.02 9.51
N PHE A 58 -4.98 4.32 10.53
CA PHE A 58 -6.34 3.86 10.58
C PHE A 58 -7.14 4.71 11.56
N PRO A 59 -8.26 5.29 11.12
CA PRO A 59 -9.08 6.15 11.97
C PRO A 59 -9.63 5.40 13.17
N GLY A 60 -9.17 5.77 14.36
CA GLY A 60 -9.62 5.13 15.58
C GLY A 60 -9.22 3.67 15.64
N GLY A 61 -8.10 3.32 15.02
CA GLY A 61 -7.66 1.94 15.03
C GLY A 61 -6.15 1.78 15.03
N ARG A 62 -5.73 0.54 14.77
CA ARG A 62 -4.31 0.17 14.72
C ARG A 62 -3.58 0.92 13.62
N THR A 63 -2.30 1.12 13.80
CA THR A 63 -1.50 1.80 12.81
C THR A 63 -0.39 0.88 12.30
N THR A 64 0.11 1.18 11.12
CA THR A 64 1.16 0.38 10.51
C THR A 64 2.19 1.29 9.85
N THR A 65 3.46 1.08 10.16
CA THR A 65 4.52 1.90 9.58
C THR A 65 5.68 1.03 9.09
N ASN A 66 5.96 1.10 7.79
CA ASN A 66 7.04 0.33 7.20
C ASN A 66 8.03 1.24 6.52
N SER A 67 9.29 0.86 6.56
CA SER A 67 10.35 1.62 5.95
C SER A 67 11.14 0.71 5.02
N PHE A 68 11.20 1.06 3.75
CA PHE A 68 11.89 0.23 2.79
C PHE A 68 12.87 1.04 1.96
N THR A 69 14.00 0.43 1.66
CA THR A 69 15.01 1.06 0.85
C THR A 69 15.04 0.37 -0.51
N ILE A 70 14.94 1.16 -1.57
CA ILE A 70 14.98 0.62 -2.93
C ILE A 70 16.24 -0.21 -3.14
N ASP A 71 16.03 -1.45 -3.60
CA ASP A 71 17.09 -2.42 -3.88
C ASP A 71 17.66 -2.98 -2.58
N LYS A 72 16.85 -2.91 -1.53
CA LYS A 72 17.25 -3.40 -0.22
C LYS A 72 16.09 -4.18 0.43
N GLU A 73 16.43 -5.24 1.17
CA GLU A 73 15.43 -6.03 1.87
C GLU A 73 14.91 -5.24 3.05
N ALA A 74 13.60 -5.07 3.12
CA ALA A 74 13.00 -4.28 4.19
C ALA A 74 12.05 -5.11 5.04
N ASP A 75 11.74 -4.56 6.21
CA ASP A 75 10.82 -5.19 7.15
C ASP A 75 9.44 -4.59 6.94
N MET A 76 8.46 -5.44 6.64
CA MET A 76 7.12 -4.95 6.40
C MET A 76 6.09 -5.65 7.25
N GLU A 77 4.90 -5.07 7.25
CA GLU A 77 3.77 -5.60 7.99
C GLU A 77 2.49 -5.09 7.35
N THR A 78 1.49 -5.94 7.28
CA THR A 78 0.23 -5.53 6.71
C THR A 78 -0.63 -4.91 7.78
N MET A 79 -1.85 -4.55 7.42
CA MET A 79 -2.77 -3.95 8.37
C MET A 79 -3.45 -5.06 9.15
N GLY A 80 -3.15 -6.31 8.78
CA GLY A 80 -3.72 -7.45 9.45
C GLY A 80 -2.80 -7.94 10.56
N GLY A 81 -1.61 -7.34 10.64
CA GLY A 81 -0.65 -7.71 11.65
C GLY A 81 0.30 -8.80 11.21
N ARG A 82 0.57 -8.85 9.91
CA ARG A 82 1.47 -9.85 9.36
C ARG A 82 2.89 -9.32 9.26
N LYS A 83 3.83 -10.00 9.90
CA LYS A 83 5.22 -9.58 9.88
C LYS A 83 6.00 -10.38 8.84
N PHE A 84 6.65 -9.66 7.93
CA PHE A 84 7.42 -10.30 6.87
C PHE A 84 8.50 -9.37 6.35
N LYS A 85 9.36 -9.91 5.47
CA LYS A 85 10.43 -9.14 4.88
C LYS A 85 10.41 -9.34 3.37
N ALA A 86 10.74 -8.30 2.62
CA ALA A 86 10.75 -8.36 1.17
C ALA A 86 11.68 -7.32 0.59
N THR A 87 12.06 -7.50 -0.66
CA THR A 87 12.93 -6.56 -1.33
C THR A 87 12.13 -5.69 -2.30
N VAL A 88 12.31 -4.38 -2.22
CA VAL A 88 11.58 -3.46 -3.07
C VAL A 88 12.52 -2.76 -4.04
N LYS A 89 12.05 -2.49 -5.24
CA LYS A 89 12.85 -1.84 -6.26
C LYS A 89 12.05 -0.73 -6.93
N MET A 90 12.66 -0.05 -7.90
CA MET A 90 11.99 1.03 -8.60
C MET A 90 12.15 0.85 -10.10
N GLU A 91 11.03 0.95 -10.82
CA GLU A 91 11.05 0.81 -12.27
C GLU A 91 10.49 2.06 -12.93
N GLY A 92 11.38 2.98 -13.28
CA GLY A 92 10.97 4.21 -13.93
C GLY A 92 10.07 5.07 -13.06
N GLY A 93 10.49 5.32 -11.83
CA GLY A 93 9.72 6.13 -10.92
C GLY A 93 8.55 5.40 -10.31
N LYS A 94 8.56 4.09 -10.37
CA LYS A 94 7.49 3.28 -9.81
C LYS A 94 8.06 2.30 -8.79
N ILE A 95 7.61 2.42 -7.55
CA ILE A 95 8.08 1.53 -6.49
C ILE A 95 7.38 0.19 -6.61
N VAL A 96 8.11 -0.82 -7.04
CA VAL A 96 7.57 -2.15 -7.21
C VAL A 96 8.19 -3.13 -6.21
N ALA A 97 7.34 -3.94 -5.60
CA ALA A 97 7.78 -4.93 -4.62
C ALA A 97 7.45 -6.33 -5.13
N ASP A 98 8.31 -7.29 -4.82
CA ASP A 98 8.12 -8.67 -5.27
C ASP A 98 7.59 -9.55 -4.16
N PHE A 99 6.46 -10.19 -4.42
CA PHE A 99 5.81 -11.09 -3.46
C PHE A 99 5.24 -12.30 -4.18
N PRO A 100 5.07 -13.43 -3.46
CA PRO A 100 4.51 -14.64 -4.05
C PRO A 100 2.99 -14.54 -4.24
N ASN A 101 2.57 -14.58 -5.52
CA ASN A 101 1.14 -14.49 -5.88
C ASN A 101 0.59 -13.10 -5.59
N TYR A 102 1.49 -12.18 -5.25
CA TYR A 102 1.10 -10.82 -4.93
C TYR A 102 2.06 -9.84 -5.59
N HIS A 103 1.52 -8.92 -6.36
CA HIS A 103 2.33 -7.91 -7.02
C HIS A 103 1.89 -6.54 -6.57
N HIS A 104 2.81 -5.75 -6.03
CA HIS A 104 2.48 -4.42 -5.54
C HIS A 104 3.34 -3.36 -6.21
N THR A 105 2.69 -2.45 -6.91
CA THR A 105 3.37 -1.36 -7.58
C THR A 105 2.77 -0.02 -7.20
N ALA A 106 3.61 0.91 -6.78
CA ALA A 106 3.17 2.24 -6.41
C ALA A 106 3.71 3.24 -7.41
N GLU A 107 2.84 4.09 -7.92
CA GLU A 107 3.25 5.07 -8.91
C GLU A 107 2.35 6.30 -8.88
N ILE A 108 2.74 7.30 -9.64
CA ILE A 108 2.00 8.55 -9.71
C ILE A 108 1.34 8.67 -11.08
N SER A 109 0.03 8.81 -11.09
CA SER A 109 -0.73 8.93 -12.32
C SER A 109 -1.78 10.01 -12.17
N GLY A 110 -1.62 11.09 -12.92
CA GLY A 110 -2.54 12.20 -12.87
C GLY A 110 -2.35 13.00 -11.60
N GLY A 111 -1.12 12.99 -11.08
CA GLY A 111 -0.81 13.70 -9.85
C GLY A 111 -1.41 13.01 -8.65
N LYS A 112 -1.60 11.70 -8.77
CA LYS A 112 -2.18 10.91 -7.69
C LYS A 112 -1.42 9.60 -7.52
N LEU A 113 -1.47 9.08 -6.30
CA LEU A 113 -0.80 7.84 -5.97
C LEU A 113 -1.77 6.68 -6.18
N VAL A 114 -1.41 5.79 -7.09
CA VAL A 114 -2.25 4.63 -7.36
C VAL A 114 -1.46 3.35 -7.13
N GLU A 115 -1.90 2.57 -6.15
CA GLU A 115 -1.25 1.32 -5.82
C GLU A 115 -2.04 0.17 -6.40
N ILE A 116 -1.36 -0.66 -7.17
CA ILE A 116 -2.00 -1.81 -7.79
C ILE A 116 -1.48 -3.08 -7.12
N SER A 117 -2.39 -3.92 -6.68
CA SER A 117 -2.05 -5.17 -6.03
C SER A 117 -2.73 -6.33 -6.72
N THR A 118 -1.94 -7.21 -7.31
CA THR A 118 -2.49 -8.36 -8.00
C THR A 118 -2.35 -9.62 -7.14
N SER A 119 -3.44 -10.35 -6.99
CA SER A 119 -3.42 -11.57 -6.21
C SER A 119 -4.40 -12.59 -6.80
N SER A 120 -3.84 -13.68 -7.32
CA SER A 120 -4.61 -14.77 -7.91
C SER A 120 -5.55 -14.29 -9.02
N GLY A 121 -5.08 -13.33 -9.82
CA GLY A 121 -5.88 -12.84 -10.93
C GLY A 121 -6.65 -11.57 -10.60
N VAL A 122 -6.89 -11.33 -9.33
CA VAL A 122 -7.65 -10.14 -8.94
C VAL A 122 -6.72 -8.94 -8.81
N VAL A 123 -7.00 -7.91 -9.61
CA VAL A 123 -6.22 -6.70 -9.59
C VAL A 123 -6.89 -5.62 -8.74
N TYR A 124 -6.33 -5.39 -7.57
CA TYR A 124 -6.85 -4.38 -6.66
C TYR A 124 -6.15 -3.06 -6.93
N LYS A 125 -6.93 -2.00 -7.09
CA LYS A 125 -6.37 -0.70 -7.37
C LYS A 125 -6.93 0.36 -6.44
N ARG A 126 -6.05 1.05 -5.76
CA ARG A 126 -6.46 2.10 -4.84
C ARG A 126 -5.77 3.41 -5.19
N THR A 127 -6.55 4.45 -5.35
CA THR A 127 -6.03 5.77 -5.68
C THR A 127 -6.08 6.66 -4.45
N SER A 128 -4.99 7.35 -4.18
CA SER A 128 -4.92 8.25 -3.05
C SER A 128 -4.44 9.63 -3.49
N LYS A 129 -5.07 10.65 -2.95
CA LYS A 129 -4.71 12.03 -3.27
C LYS A 129 -3.53 12.46 -2.39
N LYS A 130 -2.80 13.47 -2.83
CA LYS A 130 -1.66 13.96 -2.08
C LYS A 130 -2.00 15.27 -1.40
N ILE A 131 -1.88 15.28 -0.08
CA ILE A 131 -2.15 16.47 0.71
C ILE A 131 -1.01 16.69 1.70
N ALA A 132 -0.96 17.87 2.29
CA ALA A 132 0.06 18.19 3.26
C ALA A 132 -0.55 19.00 4.39
C1 CHO B . -6.59 -2.62 1.59
C2 CHO B . -5.26 -1.90 1.78
C3 CHO B . -4.11 -2.71 1.17
O3 CHO B . -2.88 -2.03 1.39
C4 CHO B . -4.06 -4.09 1.82
C5 CHO B . -5.38 -4.81 1.62
C6 CHO B . -5.31 -6.20 2.24
C7 CHO B . -5.10 -6.07 3.76
O7 CHO B . -3.87 -5.38 4.01
C8 CHO B . -6.25 -5.27 4.38
C9 CHO B . -6.33 -3.88 3.73
C10 CHO B . -6.55 -4.02 2.22
C11 CHO B . -7.45 -3.05 4.38
C12 CHO B . -7.25 -2.93 5.89
C13 CHO B . -7.19 -4.32 6.50
C14 CHO B . -6.03 -5.10 5.88
C15 CHO B . -6.07 -6.39 6.69
C16 CHO B . -6.36 -5.88 8.11
C17 CHO B . -6.70 -4.40 7.94
C18 CHO B . -8.51 -5.09 6.30
C19 CHO B . -7.87 -4.74 1.96
C20 CHO B . -7.73 -3.92 8.97
C21 CHO B . -8.10 -2.45 8.71
C22 CHO B . -7.17 -4.09 10.39
C23 CHO B . -8.17 -3.59 11.42
C24 CHO B . -7.65 -3.82 12.84
O24 CHO B . -6.87 -4.73 13.10
N25 CHO B . -8.13 -2.97 13.76
C26 CHO B . -7.73 -3.06 15.18
C27 CHO B . -8.28 -4.36 15.78
OT1 CHO B . -9.27 -4.87 15.23
OT2 CHO B . -7.66 -4.82 16.78
H11 CHO B . -6.79 -2.72 0.52
H12 CHO B . -7.38 -2.04 2.06
H21 CHO B . -5.08 -1.77 2.85
H22 CHO B . -5.31 -0.93 1.30
H3 CHO B . -4.28 -2.82 0.09
HO3 CHO B . -2.91 -1.13 0.94
H41 CHO B . -3.87 -3.97 2.89
H42 CHO B . -3.25 -4.67 1.37
H5 CHO B . -5.58 -4.91 0.55
H61 CHO B . -4.46 -6.76 1.82
H62 CHO B . -6.22 -6.76 2.05
H7 CHO B . -5.08 -7.07 4.20
HO7 CHO B . -4.03 -4.60 4.61
H8 CHO B . -7.18 -5.81 4.20
H9 CHO B . -5.40 -3.36 3.90
H111 CHO B . -8.40 -3.52 4.18
H112 CHO B . -7.41 -2.05 3.94
H121 CHO B . -8.07 -2.37 6.33
H122 CHO B . -6.31 -2.40 6.10
H14 CHO B . -5.05 -4.63 5.92
H151 CHO B . -5.12 -6.91 6.65
H152 CHO B . -6.81 -7.10 6.34
H161 CHO B . -5.48 -6.00 8.74
H162 CHO B . -7.16 -6.44 8.59
H17 CHO B . -5.85 -3.73 8.12
H181 CHO B . -8.32 -6.15 6.32
H182 CHO B . -8.95 -4.80 5.35
H183 CHO B . -9.19 -4.83 7.12
H191 CHO B . -7.68 -5.82 1.90
H192 CHO B . -8.28 -4.40 1.00
H193 CHO B . -8.56 -4.54 2.76
H20 CHO B . -8.63 -4.52 8.86
H211 CHO B . -7.98 -1.88 9.64
H212 CHO B . -9.15 -2.40 8.40
H213 CHO B . -7.46 -2.04 7.94
H221 CHO B . -6.25 -3.53 10.48
H222 CHO B . -7.00 -5.15 10.56
H231 CHO B . -9.12 -4.11 11.30
H232 CHO B . -8.31 -2.51 11.29
HN CHO B . -8.77 -2.24 13.54
H261 CHO B . -8.15 -2.21 15.72
H262 CHO B . -6.65 -3.05 15.25
C1 CHO C . 6.37 -1.99 -1.27
C2 CHO C . 5.46 -0.92 -1.90
C3 CHO C . 5.56 0.38 -1.10
O3 CHO C . 4.66 1.34 -1.67
C4 CHO C . 5.15 0.12 0.36
C5 CHO C . 6.06 -0.95 0.97
C6 CHO C . 5.68 -1.18 2.43
C7 CHO C . 4.28 -1.76 2.51
O7 CHO C . 3.33 -0.82 2.02
C8 CHO C . 4.17 -3.06 1.70
C9 CHO C . 4.54 -2.78 0.23
C10 CHO C . 5.97 -2.25 0.18
C11 CHO C . 4.40 -4.05 -0.61
C12 CHO C . 3.01 -4.68 -0.48
C13 CHO C . 2.74 -4.95 1.00
C14 CHO C . 2.76 -3.63 1.76
C15 CHO C . 2.31 -4.12 3.13
C16 CHO C . 1.05 -4.90 2.74
C17 CHO C . 1.33 -5.43 1.33
C18 CHO C . 3.79 -5.90 1.57
C19 CHO C . 6.90 -3.30 0.79
C20 CHO C . 1.19 -6.95 1.26
C21 CHO C . 1.56 -7.48 -0.12
C22 CHO C . -0.23 -7.37 1.64
C23 CHO C . -0.40 -8.89 1.62
C24 CHO C . -1.78 -9.29 2.14
O24 CHO C . -2.29 -10.37 1.81
N25 CHO C . -2.36 -8.41 2.96
C26 CHO C . -3.68 -8.63 3.56
C27 CHO C . -3.54 -8.67 5.08
OT1 CHO C . -3.64 -9.79 5.64
OT2 CHO C . -3.35 -7.59 5.67
H11 CHO C . 7.40 -1.65 -1.31
H12 CHO C . 6.27 -2.92 -1.85
H21 CHO C . 4.44 -1.28 -1.89
H22 CHO C . 5.79 -0.73 -2.92
H3 CHO C . 6.58 0.75 -1.13
HO3 CHO C . 4.88 1.46 -2.63
H41 CHO C . 4.12 -0.23 0.39
H42 CHO C . 5.24 1.04 0.92
H5 CHO C . 7.09 -0.60 0.92
H61 CHO C . 5.71 -0.22 2.97
H62 CHO C . 6.39 -1.87 2.88
H7 CHO C . 4.05 -2.00 3.56
HO7 CHO C . 2.41 -1.22 2.05
H8 CHO C . 4.87 -3.77 2.12
H9 CHO C . 3.85 -2.04 -0.17
H111 CHO C . 5.14 -4.78 -0.28
H112 CHO C . 4.55 -3.77 -1.66
H121 CHO C . 2.97 -5.61 -1.05
H122 CHO C . 2.25 -3.99 -0.88
H14 CHO C . 2.14 -2.82 1.39
H151 CHO C . 2.09 -3.29 3.80
H152 CHO C . 3.06 -4.70 3.68
H161 CHO C . 0.18 -4.24 2.74
H162 CHO C . 0.82 -5.70 3.45
H17 CHO C . 0.60 -5.06 0.61
H181 CHO C . 3.97 -6.72 0.87
H182 CHO C . 3.44 -6.30 2.53
H183 CHO C . 4.73 -5.36 1.73
H191 CHO C . 6.98 -4.15 0.13
H192 CHO C . 6.50 -3.61 1.76
H193 CHO C . 7.90 -2.86 0.94
H20 CHO C . 1.89 -7.39 1.98
H211 CHO C . 1.30 -6.73 -0.87
H212 CHO C . 1.02 -8.41 -0.32
H213 CHO C . 2.63 -7.67 -0.16
H221 CHO C . -0.94 -6.92 0.94
H222 CHO C . -0.43 -7.03 2.66
H231 CHO C . 0.36 -9.34 2.26
H232 CHO C . -0.29 -9.24 0.59
HN CHO C . -1.92 -7.55 3.21
H261 CHO C . -4.08 -9.59 3.20
H262 CHO C . -4.35 -7.83 3.26
N ALA A 6 9.35 11.55 -5.53
CA ALA A 6 8.04 12.18 -5.85
C ALA A 6 6.91 11.55 -5.05
N PHE A 7 7.21 10.52 -4.26
CA PHE A 7 6.17 9.85 -3.47
C PHE A 7 5.98 10.49 -2.11
N THR A 8 6.81 11.46 -1.77
CA THR A 8 6.73 12.13 -0.48
C THR A 8 5.39 12.81 -0.26
N GLY A 9 4.92 12.79 0.97
CA GLY A 9 3.69 13.44 1.30
C GLY A 9 2.68 12.51 1.95
N LYS A 10 1.56 13.09 2.36
CA LYS A 10 0.49 12.31 2.98
C LYS A 10 -0.55 11.99 1.91
N TYR A 11 -1.17 10.84 2.02
CA TYR A 11 -2.17 10.44 1.05
C TYR A 11 -3.42 9.96 1.76
N GLU A 12 -4.56 10.31 1.22
CA GLU A 12 -5.84 9.91 1.80
C GLU A 12 -6.69 9.23 0.75
N PHE A 13 -7.50 8.27 1.20
CA PHE A 13 -8.38 7.50 0.33
C PHE A 13 -9.22 8.39 -0.57
N GLU A 14 -9.07 8.21 -1.88
CA GLU A 14 -9.82 8.98 -2.86
C GLU A 14 -10.73 8.06 -3.66
N SER A 15 -10.15 6.98 -4.20
CA SER A 15 -10.91 6.02 -4.98
C SER A 15 -10.25 4.65 -4.94
N ASP A 16 -10.96 3.62 -5.37
CA ASP A 16 -10.44 2.25 -5.38
C ASP A 16 -11.24 1.41 -6.37
N GLU A 17 -10.74 0.22 -6.65
CA GLU A 17 -11.40 -0.69 -7.58
C GLU A 17 -11.07 -2.14 -7.24
N ASN A 18 -12.09 -2.99 -7.37
CA ASN A 18 -11.99 -4.43 -7.11
C ASN A 18 -11.61 -4.73 -5.66
N TYR A 19 -12.03 -3.87 -4.74
CA TYR A 19 -11.72 -4.07 -3.33
C TYR A 19 -12.32 -5.36 -2.81
N ASP A 20 -13.65 -5.48 -2.92
CA ASP A 20 -14.38 -6.66 -2.45
C ASP A 20 -13.85 -7.94 -3.09
N ASP A 21 -13.57 -7.89 -4.38
CA ASP A 21 -13.07 -9.06 -5.10
C ASP A 21 -11.70 -9.46 -4.57
N PHE A 22 -10.86 -8.46 -4.38
CA PHE A 22 -9.51 -8.67 -3.89
C PHE A 22 -9.50 -9.27 -2.49
N VAL A 23 -10.17 -8.59 -1.57
CA VAL A 23 -10.24 -9.04 -0.19
C VAL A 23 -10.85 -10.44 -0.06
N LYS A 24 -11.84 -10.72 -0.88
CA LYS A 24 -12.49 -12.02 -0.85
C LYS A 24 -11.61 -13.09 -1.48
N LYS A 25 -10.77 -12.69 -2.43
CA LYS A 25 -9.85 -13.60 -3.11
C LYS A 25 -8.66 -13.95 -2.24
N ILE A 26 -8.12 -12.94 -1.55
CA ILE A 26 -6.95 -13.16 -0.69
C ILE A 26 -7.33 -13.86 0.60
N GLY A 27 -8.63 -13.90 0.90
CA GLY A 27 -9.08 -14.56 2.11
C GLY A 27 -9.12 -13.65 3.31
N LEU A 28 -9.38 -12.37 3.07
CA LEU A 28 -9.47 -11.41 4.17
C LEU A 28 -10.75 -11.65 4.96
N PRO A 29 -10.65 -11.75 6.29
CA PRO A 29 -11.82 -11.97 7.15
C PRO A 29 -12.77 -10.77 7.12
N ALA A 30 -14.08 -11.06 7.15
CA ALA A 30 -15.10 -10.01 7.12
C ALA A 30 -14.87 -8.98 8.22
N ASP A 31 -14.40 -9.45 9.36
CA ASP A 31 -14.13 -8.60 10.52
C ASP A 31 -13.19 -7.46 10.14
N LYS A 32 -12.16 -7.78 9.37
CA LYS A 32 -11.16 -6.81 8.96
C LYS A 32 -11.61 -6.09 7.69
N ILE A 33 -12.36 -6.79 6.85
CA ILE A 33 -12.86 -6.23 5.60
C ILE A 33 -13.76 -5.03 5.87
N GLU A 34 -14.80 -5.24 6.68
CA GLU A 34 -15.74 -4.18 7.03
C GLU A 34 -15.05 -3.09 7.81
N MET A 35 -14.05 -3.49 8.58
CA MET A 35 -13.28 -2.58 9.41
C MET A 35 -12.47 -1.63 8.56
N GLY A 36 -11.94 -2.12 7.44
CA GLY A 36 -11.14 -1.29 6.56
C GLY A 36 -11.77 -1.10 5.20
N ARG A 37 -13.10 -1.06 5.15
CA ARG A 37 -13.78 -0.89 3.87
C ARG A 37 -13.94 0.57 3.50
N ASN A 38 -13.10 1.01 2.56
CA ASN A 38 -13.14 2.38 2.02
C ASN A 38 -13.00 3.42 3.14
N CYS A 39 -12.31 3.05 4.21
CA CYS A 39 -12.09 3.95 5.33
C CYS A 39 -11.02 4.98 5.01
N LYS A 40 -10.96 6.05 5.81
CA LYS A 40 -9.97 7.11 5.58
C LYS A 40 -8.57 6.69 6.03
N ILE A 41 -7.91 5.89 5.21
CA ILE A 41 -6.55 5.45 5.50
C ILE A 41 -5.56 6.51 5.05
N VAL A 42 -4.75 7.00 5.98
CA VAL A 42 -3.76 8.00 5.66
C VAL A 42 -2.39 7.35 5.46
N THR A 43 -1.76 7.64 4.34
CA THR A 43 -0.44 7.11 4.02
C THR A 43 0.60 8.23 4.07
N GLU A 44 1.46 8.23 5.07
CA GLU A 44 2.49 9.25 5.18
C GLU A 44 3.80 8.73 4.64
N VAL A 45 4.32 9.41 3.61
CA VAL A 45 5.57 9.00 2.98
C VAL A 45 6.67 10.03 3.20
N VAL A 46 7.78 9.61 3.80
CA VAL A 46 8.92 10.47 4.01
C VAL A 46 10.03 10.06 3.05
N GLN A 47 10.54 11.01 2.29
CA GLN A 47 11.56 10.71 1.29
C GLN A 47 12.96 11.05 1.77
N ASN A 48 13.75 10.04 2.03
CA ASN A 48 15.13 10.23 2.43
C ASN A 48 16.03 9.42 1.50
N GLY A 49 16.16 9.95 0.30
CA GLY A 49 16.97 9.32 -0.73
C GLY A 49 16.21 8.22 -1.45
N ASN A 50 16.65 7.00 -1.24
CA ASN A 50 16.03 5.85 -1.86
C ASN A 50 15.14 5.11 -0.86
N ASP A 51 15.09 5.63 0.37
CA ASP A 51 14.28 5.01 1.41
C ASP A 51 12.97 5.74 1.59
N PHE A 52 11.88 5.07 1.27
CA PHE A 52 10.55 5.62 1.42
C PHE A 52 9.82 4.91 2.55
N THR A 53 9.12 5.69 3.36
CA THR A 53 8.39 5.14 4.47
C THR A 53 6.89 5.13 4.20
N TRP A 54 6.26 4.02 4.49
CA TRP A 54 4.82 3.89 4.30
C TRP A 54 4.15 3.84 5.67
N THR A 55 3.57 4.97 6.07
CA THR A 55 2.89 5.06 7.34
C THR A 55 1.38 5.03 7.13
N GLN A 56 0.77 3.92 7.50
CA GLN A 56 -0.67 3.76 7.34
C GLN A 56 -1.37 4.05 8.65
N HIS A 57 -2.22 5.06 8.64
CA HIS A 57 -2.96 5.44 9.83
C HIS A 57 -4.40 5.00 9.74
N PHE A 58 -4.81 4.23 10.72
CA PHE A 58 -6.15 3.72 10.80
C PHE A 58 -6.96 4.57 11.78
N PRO A 59 -8.11 5.11 11.35
CA PRO A 59 -8.97 5.93 12.19
C PRO A 59 -9.55 5.12 13.35
N GLY A 60 -9.17 5.49 14.56
CA GLY A 60 -9.64 4.77 15.74
C GLY A 60 -9.15 3.34 15.80
N GLY A 61 -7.97 3.10 15.25
CA GLY A 61 -7.41 1.77 15.24
C GLY A 61 -5.90 1.77 15.33
N ARG A 62 -5.31 0.60 15.07
CA ARG A 62 -3.86 0.43 15.11
C ARG A 62 -3.20 1.00 13.86
N THR A 63 -2.00 1.51 14.03
CA THR A 63 -1.24 2.07 12.93
C THR A 63 -0.23 1.07 12.39
N THR A 64 0.24 1.30 11.18
CA THR A 64 1.23 0.40 10.56
C THR A 64 2.25 1.21 9.77
N THR A 65 3.49 1.20 10.20
CA THR A 65 4.55 1.94 9.53
C THR A 65 5.64 1.01 9.01
N ASN A 66 5.89 1.07 7.71
CA ASN A 66 6.93 0.25 7.10
C ASN A 66 7.94 1.12 6.39
N SER A 67 9.20 0.85 6.62
CA SER A 67 10.27 1.61 5.98
C SER A 67 11.01 0.71 5.02
N PHE A 68 11.07 1.11 3.75
CA PHE A 68 11.72 0.30 2.75
C PHE A 68 12.65 1.11 1.86
N THR A 69 13.82 0.55 1.64
CA THR A 69 14.81 1.18 0.80
C THR A 69 14.85 0.45 -0.54
N ILE A 70 14.76 1.20 -1.62
CA ILE A 70 14.79 0.61 -2.96
C ILE A 70 16.05 -0.25 -3.15
N ASP A 71 15.82 -1.49 -3.59
CA ASP A 71 16.87 -2.49 -3.84
C ASP A 71 17.41 -3.04 -2.52
N LYS A 72 16.63 -2.85 -1.47
CA LYS A 72 17.01 -3.32 -0.14
C LYS A 72 15.86 -4.09 0.49
N GLU A 73 16.18 -5.13 1.24
CA GLU A 73 15.18 -5.92 1.93
C GLU A 73 14.68 -5.14 3.13
N ALA A 74 13.38 -4.94 3.21
CA ALA A 74 12.79 -4.18 4.30
C ALA A 74 11.90 -5.05 5.18
N ASP A 75 11.69 -4.59 6.42
CA ASP A 75 10.86 -5.29 7.36
C ASP A 75 9.48 -4.68 7.30
N MET A 76 8.49 -5.49 6.97
CA MET A 76 7.13 -4.99 6.84
C MET A 76 6.16 -5.72 7.74
N GLU A 77 4.98 -5.15 7.83
CA GLU A 77 3.88 -5.70 8.60
C GLU A 77 2.57 -5.19 8.03
N THR A 78 1.56 -6.04 8.00
CA THR A 78 0.26 -5.64 7.49
C THR A 78 -0.65 -5.23 8.62
N MET A 79 -1.81 -4.71 8.27
CA MET A 79 -2.78 -4.29 9.27
C MET A 79 -3.48 -5.52 9.84
N GLY A 80 -3.25 -6.67 9.21
CA GLY A 80 -3.84 -7.90 9.67
C GLY A 80 -3.00 -8.50 10.77
N GLY A 81 -1.76 -8.04 10.85
CA GLY A 81 -0.86 -8.54 11.88
C GLY A 81 0.19 -9.48 11.32
N ARG A 82 0.47 -9.37 10.03
CA ARG A 82 1.47 -10.23 9.41
C ARG A 82 2.84 -9.57 9.41
N LYS A 83 3.80 -10.21 10.07
CA LYS A 83 5.17 -9.69 10.13
C LYS A 83 6.04 -10.45 9.12
N PHE A 84 6.68 -9.72 8.22
CA PHE A 84 7.48 -10.33 7.16
C PHE A 84 8.51 -9.35 6.60
N LYS A 85 9.32 -9.82 5.66
CA LYS A 85 10.32 -8.98 5.02
C LYS A 85 10.33 -9.22 3.53
N ALA A 86 10.61 -8.17 2.76
CA ALA A 86 10.62 -8.28 1.30
C ALA A 86 11.53 -7.23 0.68
N THR A 87 11.90 -7.46 -0.57
CA THR A 87 12.75 -6.54 -1.30
C THR A 87 11.91 -5.66 -2.21
N VAL A 88 12.13 -4.36 -2.15
CA VAL A 88 11.37 -3.43 -2.97
C VAL A 88 12.30 -2.77 -3.97
N LYS A 89 11.84 -2.62 -5.20
CA LYS A 89 12.66 -1.99 -6.24
C LYS A 89 11.88 -0.89 -6.95
N MET A 90 12.53 -0.19 -7.85
CA MET A 90 11.88 0.90 -8.57
C MET A 90 12.11 0.73 -10.07
N GLU A 91 11.03 0.72 -10.84
CA GLU A 91 11.12 0.58 -12.28
C GLU A 91 10.44 1.74 -12.99
N GLY A 92 11.24 2.65 -13.51
CA GLY A 92 10.71 3.80 -14.23
C GLY A 92 9.98 4.78 -13.32
N GLY A 93 10.50 4.95 -12.10
CA GLY A 93 9.88 5.86 -11.16
C GLY A 93 8.64 5.26 -10.50
N LYS A 94 8.55 3.94 -10.56
CA LYS A 94 7.43 3.23 -9.97
C LYS A 94 7.95 2.23 -8.95
N ILE A 95 7.44 2.31 -7.73
CA ILE A 95 7.86 1.40 -6.68
C ILE A 95 7.16 0.06 -6.82
N VAL A 96 7.92 -0.97 -7.10
CA VAL A 96 7.38 -2.31 -7.27
C VAL A 96 7.92 -3.25 -6.19
N ALA A 97 7.03 -3.93 -5.51
CA ALA A 97 7.40 -4.87 -4.47
C ALA A 97 7.21 -6.30 -4.95
N ASP A 98 8.16 -7.18 -4.63
CA ASP A 98 8.08 -8.57 -5.06
C ASP A 98 7.52 -9.45 -3.95
N PHE A 99 6.44 -10.14 -4.29
CA PHE A 99 5.76 -11.04 -3.34
C PHE A 99 5.18 -12.24 -4.09
N PRO A 100 4.91 -13.34 -3.38
CA PRO A 100 4.32 -14.54 -3.98
C PRO A 100 2.81 -14.38 -4.12
N ASN A 101 2.32 -14.47 -5.36
CA ASN A 101 0.89 -14.31 -5.66
C ASN A 101 0.43 -12.90 -5.30
N TYR A 102 1.37 -11.97 -5.25
CA TYR A 102 1.07 -10.60 -4.92
C TYR A 102 2.03 -9.65 -5.64
N HIS A 103 1.47 -8.68 -6.34
CA HIS A 103 2.24 -7.70 -7.07
C HIS A 103 1.78 -6.31 -6.65
N HIS A 104 2.66 -5.56 -6.02
CA HIS A 104 2.33 -4.23 -5.55
C HIS A 104 3.18 -3.17 -6.24
N THR A 105 2.54 -2.33 -7.04
CA THR A 105 3.24 -1.25 -7.72
C THR A 105 2.59 0.10 -7.38
N ALA A 106 3.41 1.05 -6.96
CA ALA A 106 2.94 2.37 -6.62
C ALA A 106 3.53 3.40 -7.56
N GLU A 107 2.71 4.33 -8.02
CA GLU A 107 3.18 5.37 -8.95
C GLU A 107 2.30 6.60 -8.87
N ILE A 108 2.69 7.64 -9.60
CA ILE A 108 1.95 8.88 -9.62
C ILE A 108 1.33 9.08 -10.99
N SER A 109 0.02 8.99 -11.05
CA SER A 109 -0.71 9.14 -12.29
C SER A 109 -1.72 10.28 -12.15
N GLY A 110 -1.54 11.32 -12.96
CA GLY A 110 -2.43 12.46 -12.89
C GLY A 110 -2.27 13.22 -11.58
N GLY A 111 -1.05 13.18 -11.05
CA GLY A 111 -0.76 13.85 -9.79
C GLY A 111 -1.37 13.11 -8.61
N LYS A 112 -1.71 11.85 -8.82
CA LYS A 112 -2.30 11.02 -7.79
C LYS A 112 -1.51 9.75 -7.57
N LEU A 113 -1.58 9.23 -6.36
CA LEU A 113 -0.90 8.00 -6.00
C LEU A 113 -1.83 6.83 -6.27
N VAL A 114 -1.42 5.97 -7.18
CA VAL A 114 -2.22 4.80 -7.52
C VAL A 114 -1.41 3.53 -7.34
N GLU A 115 -1.89 2.68 -6.46
CA GLU A 115 -1.22 1.42 -6.19
C GLU A 115 -2.03 0.27 -6.76
N ILE A 116 -1.38 -0.55 -7.57
CA ILE A 116 -2.01 -1.70 -8.16
C ILE A 116 -1.50 -2.95 -7.47
N SER A 117 -2.43 -3.72 -6.91
CA SER A 117 -2.10 -4.94 -6.19
C SER A 117 -2.77 -6.14 -6.81
N THR A 118 -1.97 -7.01 -7.41
CA THR A 118 -2.50 -8.19 -8.04
C THR A 118 -2.35 -9.40 -7.13
N SER A 119 -3.39 -10.22 -7.05
CA SER A 119 -3.36 -11.42 -6.23
C SER A 119 -4.26 -12.50 -6.83
N SER A 120 -3.63 -13.58 -7.28
CA SER A 120 -4.33 -14.71 -7.87
C SER A 120 -5.16 -14.29 -9.08
N GLY A 121 -4.69 -13.31 -9.81
CA GLY A 121 -5.40 -12.86 -10.99
C GLY A 121 -6.21 -11.61 -10.77
N VAL A 122 -6.67 -11.39 -9.54
CA VAL A 122 -7.48 -10.21 -9.23
C VAL A 122 -6.60 -8.97 -9.10
N VAL A 123 -6.94 -7.94 -9.85
CA VAL A 123 -6.19 -6.69 -9.83
C VAL A 123 -6.91 -5.64 -8.99
N TYR A 124 -6.34 -5.35 -7.84
CA TYR A 124 -6.89 -4.35 -6.95
C TYR A 124 -6.18 -3.03 -7.18
N LYS A 125 -6.95 -1.97 -7.38
CA LYS A 125 -6.37 -0.67 -7.61
C LYS A 125 -6.90 0.34 -6.61
N ARG A 126 -6.04 1.25 -6.19
CA ARG A 126 -6.41 2.29 -5.24
C ARG A 126 -5.81 3.62 -5.65
N THR A 127 -6.60 4.66 -5.57
CA THR A 127 -6.18 6.00 -5.91
C THR A 127 -6.23 6.89 -4.68
N SER A 128 -5.10 7.49 -4.35
CA SER A 128 -5.00 8.38 -3.20
C SER A 128 -4.48 9.74 -3.63
N LYS A 129 -5.05 10.80 -3.06
CA LYS A 129 -4.63 12.15 -3.39
C LYS A 129 -3.47 12.57 -2.50
N LYS A 130 -2.66 13.49 -2.98
CA LYS A 130 -1.51 13.97 -2.22
C LYS A 130 -1.84 15.27 -1.52
N ILE A 131 -1.84 15.23 -0.21
CA ILE A 131 -2.12 16.41 0.61
C ILE A 131 -0.98 16.64 1.57
N ALA A 132 -0.82 17.87 2.01
CA ALA A 132 0.23 18.23 2.95
C ALA A 132 -0.17 19.47 3.73
C1 CHO B . -6.16 -2.74 1.68
C2 CHO B . -4.81 -2.06 1.88
C3 CHO B . -3.68 -2.93 1.32
O3 CHO B . -2.43 -2.29 1.53
C4 CHO B . -3.69 -4.29 2.03
C5 CHO B . -5.04 -4.97 1.82
C6 CHO B . -5.02 -6.34 2.50
C7 CHO B . -4.88 -6.17 4.02
O7 CHO B . -3.63 -5.53 4.30
C8 CHO B . -6.02 -5.31 4.55
C9 CHO B . -6.03 -3.94 3.88
C10 CHO B . -6.19 -4.11 2.36
C11 CHO B . -7.13 -3.05 4.45
C12 CHO B . -7.02 -2.92 5.96
C13 CHO B . -7.06 -4.31 6.59
C14 CHO B . -5.87 -5.12 6.06
C15 CHO B . -6.01 -6.39 6.89
C16 CHO B . -6.29 -5.83 8.29
C17 CHO B . -6.72 -4.37 8.08
C18 CHO B . -8.37 -5.04 6.30
C19 CHO B . -7.51 -4.81 2.06
C20 CHO B . -7.88 -3.96 8.99
C21 CHO B . -8.31 -2.52 8.72
C22 CHO B . -7.50 -4.15 10.46
C23 CHO B . -8.64 -3.73 11.38
C24 CHO B . -8.33 -4.06 12.84
O24 CHO B . -7.69 -5.07 13.13
N25 CHO B . -8.81 -3.22 13.74
C26 CHO B . -8.61 -3.42 15.18
C27 CHO B . -7.44 -2.55 15.67
OT1 CHO B . -6.46 -3.16 16.14
OT2 CHO B . -7.58 -1.31 15.60
H11 CHO B . -6.34 -2.87 0.61
H12 CHO B . -6.93 -2.12 2.12
H21 CHO B . -4.63 -1.91 2.95
H22 CHO B . -4.81 -1.10 1.37
H3 CHO B . -3.83 -3.08 0.25
HO3 CHO B . -2.40 -1.42 1.04
H41 CHO B . -3.52 -4.14 3.10
H42 CHO B . -2.90 -4.92 1.62
H5 CHO B . -5.21 -5.11 0.75
H61 CHO B . -4.19 -6.93 2.12
H62 CHO B . -5.95 -6.87 2.28
H7 CHO B . -4.91 -7.15 4.49
HO7 CHO B . -3.81 -4.59 4.59
H8 CHO B . -6.96 -5.82 4.35
H9 CHO B . -5.07 -3.44 4.07
H111 CHO B . -8.10 -3.49 4.20
H112 CHO B . -7.04 -2.06 4.01
H121 CHO B . -7.87 -2.32 6.35
H122 CHO B . -6.10 -2.42 6.22
H14 CHO B . -4.88 -4.67 6.17
H151 CHO B . -5.10 -6.97 6.88
H152 CHO B . -6.79 -7.06 6.53
H161 CHO B . -5.40 -5.88 8.91
H162 CHO B . -7.06 -6.40 8.81
H17 CHO B . -5.93 -3.66 8.34
H181 CHO B . -8.19 -6.12 6.24
H182 CHO B . -8.77 -4.69 5.34
H183 CHO B . -9.09 -4.83 7.09
H191 CHO B . -7.35 -5.88 1.95
H192 CHO B . -7.94 -4.40 1.14
H193 CHO B . -8.20 -4.64 2.89
H20 CHO B . -8.73 -4.61 8.76
H211 CHO B . -8.18 -1.94 9.64
H212 CHO B . -9.35 -2.50 8.42
H213 CHO B . -7.68 -2.10 7.94
H221 CHO B . -6.61 -3.56 10.67
H222 CHO B . -7.29 -5.21 10.63
H231 CHO B . -9.55 -4.24 11.08
H232 CHO B . -8.75 -2.65 11.30
HN CHO B . -9.35 -2.40 13.49
H261 CHO B . -8.39 -4.46 15.37
H262 CHO B . -9.52 -3.11 15.70
C1 CHO C . 5.97 -2.01 -1.13
C2 CHO C . 5.00 -0.94 -1.64
C3 CHO C . 5.14 0.34 -0.81
O3 CHO C . 4.21 1.31 -1.27
C4 CHO C . 4.85 0.02 0.67
C5 CHO C . 5.82 -1.05 1.17
C6 CHO C . 5.55 -1.33 2.65
C7 CHO C . 4.15 -1.93 2.82
O7 CHO C . 3.17 -0.98 2.41
C8 CHO C . 4.02 -3.20 1.97
C9 CHO C . 4.27 -2.90 0.49
C10 CHO C . 5.69 -2.33 0.34
C11 CHO C . 4.10 -4.15 -0.37
C12 CHO C . 2.72 -4.79 -0.16
C13 CHO C . 2.55 -5.10 1.32
C14 CHO C . 2.61 -3.79 2.10
C15 CHO C . 2.24 -4.31 3.49
C16 CHO C . 0.95 -5.06 3.15
C17 CHO C . 1.15 -5.59 1.72
C18 CHO C . 3.63 -6.05 1.82
C19 CHO C . 6.70 -3.36 0.84
C20 CHO C . 1.04 -7.11 1.66
C21 CHO C . 1.34 -7.62 0.25
C22 CHO C . -0.35 -7.57 2.12
C23 CHO C . -0.46 -9.09 2.12
C24 CHO C . -1.82 -9.54 2.65
O24 CHO C . -2.33 -10.60 2.26
N25 CHO C . -2.38 -8.73 3.54
C26 CHO C . -3.68 -9.01 4.15
C27 CHO C . -3.57 -8.86 5.68
OT1 CHO C . -3.81 -9.89 6.36
OT2 CHO C . -3.26 -7.75 6.13
H11 CHO C . 6.99 -1.65 -1.24
H12 CHO C . 5.82 -2.91 -1.72
H21 CHO C . 3.98 -1.30 -1.56
H22 CHO C . 5.23 -0.71 -2.68
H3 CHO C . 6.15 0.72 -0.90
HO3 CHO C . 4.42 1.55 -2.21
H41 CHO C . 3.82 -0.34 0.76
H42 CHO C . 4.96 0.93 1.26
H5 CHO C . 6.84 -0.69 1.06
H61 CHO C . 5.61 -0.40 3.21
H62 CHO C . 6.30 -2.04 3.02
H7 CHO C . 4.01 -2.20 3.86
HO7 CHO C . 3.21 -0.18 3.01
H8 CHO C . 4.74 -3.92 2.33
H9 CHO C . 3.56 -2.16 0.16
H111 CHO C . 4.87 -4.87 -0.11
H112 CHO C . 4.18 -3.84 -1.41
H121 CHO C . 2.67 -5.72 -0.74
H122 CHO C . 1.95 -4.12 -0.50
H14 CHO C . 1.97 -2.97 1.79
H151 CHO C . 2.06 -3.50 4.19
H152 CHO C . 3.01 -4.91 3.97
H161 CHO C . 0.09 -4.39 3.19
H162 CHO C . 0.74 -5.86 3.86
H17 CHO C . 0.39 -5.22 1.04
H181 CHO C . 3.81 -6.83 1.08
H182 CHO C . 3.31 -6.51 2.76
H183 CHO C . 4.56 -5.50 1.99
H191 CHO C . 6.82 -4.14 0.09
H192 CHO C . 6.35 -3.80 1.77
H193 CHO C . 7.66 -2.88 1.02
H20 CHO C . 1.79 -7.54 2.33
H211 CHO C . 1.09 -6.86 -0.48
H212 CHO C . 0.75 -8.52 0.06
H213 CHO C . 2.39 -7.87 0.16
H221 CHO C . -1.09 -7.16 1.44
H222 CHO C . -0.50 -7.20 3.13
H231 CHO C . 0.33 -9.50 2.76
H232 CHO C . -0.34 -9.45 1.10
HN CHO C . -1.94 -7.87 3.84
H261 CHO C . -3.99 -10.02 3.91
H262 CHO C . -4.42 -8.30 3.77
N ALA A 6 8.20 12.72 -6.65
CA ALA A 6 6.87 13.17 -6.19
C ALA A 6 6.18 12.10 -5.33
N PHE A 7 6.96 11.20 -4.74
CA PHE A 7 6.39 10.15 -3.91
C PHE A 7 6.19 10.63 -2.48
N THR A 8 7.05 11.55 -2.04
CA THR A 8 6.96 12.07 -0.68
C THR A 8 5.68 12.83 -0.43
N GLY A 9 5.13 12.67 0.77
CA GLY A 9 3.92 13.36 1.12
C GLY A 9 2.89 12.44 1.75
N LYS A 10 1.82 13.03 2.25
CA LYS A 10 0.74 12.24 2.85
C LYS A 10 -0.33 11.99 1.80
N TYR A 11 -0.93 10.82 1.86
CA TYR A 11 -1.97 10.46 0.91
C TYR A 11 -3.18 9.95 1.66
N GLU A 12 -4.35 10.40 1.23
CA GLU A 12 -5.59 9.99 1.86
C GLU A 12 -6.50 9.30 0.85
N PHE A 13 -7.22 8.30 1.34
CA PHE A 13 -8.15 7.51 0.53
C PHE A 13 -9.07 8.38 -0.31
N GLU A 14 -8.93 8.27 -1.62
CA GLU A 14 -9.76 9.02 -2.55
C GLU A 14 -10.70 8.07 -3.28
N SER A 15 -10.14 6.99 -3.81
CA SER A 15 -10.92 6.01 -4.55
C SER A 15 -10.26 4.63 -4.49
N ASP A 16 -11.02 3.60 -4.82
CA ASP A 16 -10.51 2.24 -4.82
C ASP A 16 -11.22 1.43 -5.91
N GLU A 17 -10.63 0.31 -6.26
CA GLU A 17 -11.19 -0.54 -7.30
C GLU A 17 -10.84 -2.00 -7.03
N ASN A 18 -11.83 -2.86 -7.24
CA ASN A 18 -11.71 -4.30 -7.04
C ASN A 18 -11.42 -4.67 -5.58
N TYR A 19 -12.12 -4.02 -4.65
CA TYR A 19 -11.91 -4.28 -3.23
C TYR A 19 -12.44 -5.64 -2.82
N ASP A 20 -13.73 -5.87 -3.03
CA ASP A 20 -14.39 -7.12 -2.64
C ASP A 20 -13.73 -8.32 -3.31
N ASP A 21 -13.41 -8.16 -4.59
CA ASP A 21 -12.77 -9.23 -5.35
C ASP A 21 -11.41 -9.57 -4.75
N PHE A 22 -10.69 -8.52 -4.36
CA PHE A 22 -9.37 -8.65 -3.78
C PHE A 22 -9.43 -9.36 -2.43
N VAL A 23 -10.24 -8.81 -1.54
CA VAL A 23 -10.38 -9.35 -0.20
C VAL A 23 -10.88 -10.80 -0.22
N LYS A 24 -11.81 -11.09 -1.11
CA LYS A 24 -12.34 -12.45 -1.22
C LYS A 24 -11.33 -13.41 -1.84
N LYS A 25 -10.41 -12.88 -2.63
CA LYS A 25 -9.40 -13.69 -3.28
C LYS A 25 -8.23 -14.00 -2.35
N ILE A 26 -7.71 -12.98 -1.68
CA ILE A 26 -6.58 -13.13 -0.78
C ILE A 26 -6.95 -13.93 0.47
N GLY A 27 -8.24 -14.00 0.74
CA GLY A 27 -8.69 -14.74 1.91
C GLY A 27 -8.77 -13.88 3.14
N LEU A 28 -9.21 -12.64 2.96
CA LEU A 28 -9.34 -11.72 4.07
C LEU A 28 -10.58 -12.04 4.89
N PRO A 29 -10.45 -12.14 6.21
CA PRO A 29 -11.59 -12.42 7.10
C PRO A 29 -12.57 -11.25 7.13
N ALA A 30 -13.86 -11.57 7.24
CA ALA A 30 -14.90 -10.54 7.29
C ALA A 30 -14.63 -9.54 8.41
N ASP A 31 -14.04 -10.03 9.49
CA ASP A 31 -13.73 -9.20 10.65
C ASP A 31 -12.84 -8.02 10.26
N LYS A 32 -11.86 -8.28 9.40
CA LYS A 32 -10.94 -7.25 8.97
C LYS A 32 -11.49 -6.51 7.76
N ILE A 33 -12.22 -7.25 6.91
CA ILE A 33 -12.81 -6.69 5.70
C ILE A 33 -13.71 -5.52 6.04
N GLU A 34 -14.72 -5.79 6.87
CA GLU A 34 -15.69 -4.77 7.26
C GLU A 34 -15.02 -3.64 8.03
N MET A 35 -14.03 -4.00 8.83
CA MET A 35 -13.30 -3.06 9.64
C MET A 35 -12.53 -2.06 8.75
N GLY A 36 -11.99 -2.56 7.65
CA GLY A 36 -11.24 -1.72 6.73
C GLY A 36 -11.95 -1.49 5.41
N ARG A 37 -13.27 -1.41 5.45
CA ARG A 37 -14.06 -1.22 4.24
C ARG A 37 -14.29 0.26 3.94
N ASN A 38 -13.62 0.73 2.90
CA ASN A 38 -13.73 2.12 2.44
C ASN A 38 -13.34 3.12 3.54
N CYS A 39 -12.49 2.68 4.44
CA CYS A 39 -12.02 3.53 5.52
C CYS A 39 -10.93 4.46 5.00
N LYS A 40 -10.92 5.70 5.49
CA LYS A 40 -9.94 6.68 5.03
C LYS A 40 -8.54 6.36 5.57
N ILE A 41 -7.79 5.56 4.80
CA ILE A 41 -6.43 5.19 5.17
C ILE A 41 -5.46 6.26 4.72
N VAL A 42 -4.68 6.77 5.67
CA VAL A 42 -3.69 7.79 5.37
C VAL A 42 -2.34 7.14 5.17
N THR A 43 -1.63 7.56 4.14
CA THR A 43 -0.32 7.02 3.83
C THR A 43 0.73 8.14 3.84
N GLU A 44 1.56 8.17 4.88
CA GLU A 44 2.61 9.19 4.98
C GLU A 44 3.92 8.64 4.43
N VAL A 45 4.38 9.24 3.34
CA VAL A 45 5.60 8.81 2.69
C VAL A 45 6.72 9.83 2.88
N VAL A 46 7.84 9.38 3.39
CA VAL A 46 9.00 10.23 3.57
C VAL A 46 10.12 9.70 2.68
N GLN A 47 10.74 10.58 1.92
CA GLN A 47 11.80 10.15 1.00
C GLN A 47 13.17 10.58 1.50
N ASN A 48 14.09 9.62 1.55
CA ASN A 48 15.44 9.87 1.96
C ASN A 48 16.38 9.02 1.10
N GLY A 49 16.83 9.60 0.01
CA GLY A 49 17.73 8.90 -0.90
C GLY A 49 17.00 7.84 -1.71
N ASN A 50 17.04 6.60 -1.24
CA ASN A 50 16.37 5.50 -1.91
C ASN A 50 15.47 4.76 -0.94
N ASP A 51 15.27 5.35 0.22
CA ASP A 51 14.43 4.75 1.24
C ASP A 51 13.11 5.51 1.35
N PHE A 52 12.01 4.80 1.16
CA PHE A 52 10.70 5.38 1.24
C PHE A 52 9.92 4.77 2.40
N THR A 53 9.30 5.61 3.21
CA THR A 53 8.53 5.13 4.34
C THR A 53 7.06 5.09 4.02
N TRP A 54 6.39 4.06 4.52
CA TRP A 54 4.96 3.88 4.30
C TRP A 54 4.26 3.85 5.65
N THR A 55 3.64 4.96 6.00
CA THR A 55 2.93 5.08 7.26
C THR A 55 1.42 4.99 7.02
N GLN A 56 0.82 3.90 7.44
CA GLN A 56 -0.60 3.70 7.24
C GLN A 56 -1.38 3.99 8.51
N HIS A 57 -2.27 4.97 8.42
CA HIS A 57 -3.07 5.36 9.57
C HIS A 57 -4.50 4.93 9.40
N PHE A 58 -4.95 4.15 10.38
CA PHE A 58 -6.30 3.64 10.39
C PHE A 58 -7.19 4.51 11.27
N PRO A 59 -8.26 5.10 10.71
CA PRO A 59 -9.16 5.95 11.48
C PRO A 59 -9.87 5.19 12.59
N GLY A 60 -9.56 5.55 13.83
CA GLY A 60 -10.16 4.90 14.97
C GLY A 60 -9.59 3.50 15.21
N GLY A 61 -8.39 3.25 14.70
CA GLY A 61 -7.77 1.95 14.86
C GLY A 61 -6.27 2.02 15.04
N ARG A 62 -5.62 0.87 14.99
CA ARG A 62 -4.17 0.78 15.15
C ARG A 62 -3.45 1.26 13.89
N THR A 63 -2.29 1.90 14.10
CA THR A 63 -1.49 2.40 12.99
C THR A 63 -0.40 1.40 12.63
N THR A 64 0.16 1.52 11.43
CA THR A 64 1.21 0.62 10.97
C THR A 64 2.21 1.36 10.09
N THR A 65 3.45 1.47 10.56
CA THR A 65 4.49 2.17 9.82
C THR A 65 5.57 1.20 9.33
N ASN A 66 5.98 1.38 8.07
CA ASN A 66 7.01 0.55 7.45
C ASN A 66 8.02 1.42 6.73
N SER A 67 9.22 0.91 6.59
CA SER A 67 10.29 1.64 5.92
C SER A 67 11.01 0.68 4.97
N PHE A 68 11.07 1.03 3.70
CA PHE A 68 11.72 0.16 2.73
C PHE A 68 12.69 0.91 1.83
N THR A 69 13.83 0.30 1.61
CA THR A 69 14.85 0.88 0.75
C THR A 69 14.89 0.12 -0.57
N ILE A 70 14.87 0.86 -1.68
CA ILE A 70 14.92 0.26 -3.01
C ILE A 70 16.15 -0.65 -3.15
N ASP A 71 15.90 -1.89 -3.58
CA ASP A 71 16.92 -2.93 -3.77
C ASP A 71 17.45 -3.41 -2.43
N LYS A 72 16.63 -3.26 -1.41
CA LYS A 72 17.01 -3.67 -0.06
C LYS A 72 15.84 -4.39 0.61
N GLU A 73 16.15 -5.39 1.43
CA GLU A 73 15.12 -6.13 2.16
C GLU A 73 14.64 -5.27 3.32
N ALA A 74 13.33 -5.10 3.42
CA ALA A 74 12.75 -4.29 4.47
C ALA A 74 11.84 -5.10 5.38
N ASP A 75 11.62 -4.60 6.58
CA ASP A 75 10.76 -5.25 7.55
C ASP A 75 9.40 -4.59 7.45
N MET A 76 8.41 -5.37 7.07
CA MET A 76 7.08 -4.85 6.89
C MET A 76 6.07 -5.53 7.79
N GLU A 77 4.91 -4.92 7.86
CA GLU A 77 3.81 -5.43 8.65
C GLU A 77 2.50 -4.88 8.10
N THR A 78 1.49 -5.71 8.06
CA THR A 78 0.19 -5.30 7.55
C THR A 78 -0.70 -4.88 8.71
N MET A 79 -1.88 -4.37 8.39
CA MET A 79 -2.83 -3.99 9.41
C MET A 79 -3.53 -5.22 9.93
N GLY A 80 -3.22 -6.37 9.32
CA GLY A 80 -3.79 -7.62 9.73
C GLY A 80 -2.97 -8.24 10.85
N GLY A 81 -1.88 -7.59 11.20
CA GLY A 81 -1.01 -8.07 12.26
C GLY A 81 0.03 -9.04 11.74
N ARG A 82 0.37 -8.90 10.47
CA ARG A 82 1.33 -9.79 9.85
C ARG A 82 2.71 -9.14 9.75
N LYS A 83 3.70 -9.78 10.35
CA LYS A 83 5.07 -9.28 10.32
C LYS A 83 5.88 -10.10 9.35
N PHE A 84 6.57 -9.43 8.43
CA PHE A 84 7.35 -10.12 7.41
C PHE A 84 8.42 -9.21 6.80
N LYS A 85 9.22 -9.76 5.91
CA LYS A 85 10.27 -9.01 5.23
C LYS A 85 10.21 -9.28 3.74
N ALA A 86 10.45 -8.25 2.95
CA ALA A 86 10.41 -8.36 1.50
C ALA A 86 11.35 -7.36 0.85
N THR A 87 11.67 -7.59 -0.41
CA THR A 87 12.55 -6.71 -1.16
C THR A 87 11.75 -5.87 -2.15
N VAL A 88 12.01 -4.57 -2.17
CA VAL A 88 11.31 -3.66 -3.05
C VAL A 88 12.26 -3.04 -4.06
N LYS A 89 11.80 -2.84 -5.28
CA LYS A 89 12.63 -2.24 -6.32
C LYS A 89 11.87 -1.11 -7.00
N MET A 90 12.52 -0.42 -7.92
CA MET A 90 11.89 0.69 -8.62
C MET A 90 12.09 0.55 -10.13
N GLU A 91 11.00 0.43 -10.86
CA GLU A 91 11.06 0.27 -12.31
C GLU A 91 10.32 1.41 -13.00
N GLY A 92 11.07 2.26 -13.69
CA GLY A 92 10.49 3.38 -14.41
C GLY A 92 9.88 4.41 -13.48
N GLY A 93 10.48 4.57 -12.31
CA GLY A 93 9.98 5.54 -11.34
C GLY A 93 8.73 5.05 -10.66
N LYS A 94 8.60 3.73 -10.56
CA LYS A 94 7.45 3.12 -9.92
C LYS A 94 7.94 2.12 -8.89
N ILE A 95 7.42 2.23 -7.68
CA ILE A 95 7.83 1.32 -6.62
C ILE A 95 7.10 0.00 -6.73
N VAL A 96 7.82 -1.05 -7.09
CA VAL A 96 7.23 -2.37 -7.22
C VAL A 96 7.81 -3.32 -6.16
N ALA A 97 6.91 -3.94 -5.40
CA ALA A 97 7.30 -4.89 -4.37
C ALA A 97 7.07 -6.31 -4.85
N ASP A 98 7.97 -7.22 -4.48
CA ASP A 98 7.85 -8.61 -4.88
C ASP A 98 7.32 -9.47 -3.75
N PHE A 99 6.21 -10.14 -4.03
CA PHE A 99 5.57 -11.02 -3.06
C PHE A 99 5.00 -12.24 -3.77
N PRO A 100 4.65 -13.30 -3.01
CA PRO A 100 4.09 -14.50 -3.60
C PRO A 100 2.62 -14.30 -3.96
N ASN A 101 2.34 -14.32 -5.26
CA ASN A 101 0.98 -14.13 -5.79
C ASN A 101 0.48 -12.71 -5.50
N TYR A 102 1.39 -11.82 -5.14
CA TYR A 102 1.03 -10.45 -4.83
C TYR A 102 2.03 -9.50 -5.48
N HIS A 103 1.52 -8.55 -6.22
CA HIS A 103 2.33 -7.56 -6.90
C HIS A 103 1.85 -6.17 -6.53
N HIS A 104 2.70 -5.40 -5.86
CA HIS A 104 2.33 -4.05 -5.45
C HIS A 104 3.17 -3.01 -6.18
N THR A 105 2.51 -2.17 -6.96
CA THR A 105 3.19 -1.12 -7.70
C THR A 105 2.55 0.23 -7.41
N ALA A 106 3.34 1.21 -7.04
CA ALA A 106 2.82 2.54 -6.73
C ALA A 106 3.43 3.59 -7.65
N GLU A 107 2.60 4.51 -8.14
CA GLU A 107 3.06 5.56 -9.03
C GLU A 107 2.17 6.79 -8.93
N ILE A 108 2.57 7.85 -9.60
CA ILE A 108 1.83 9.10 -9.60
C ILE A 108 1.25 9.32 -10.99
N SER A 109 -0.06 9.23 -11.09
CA SER A 109 -0.74 9.41 -12.36
C SER A 109 -1.79 10.50 -12.24
N GLY A 110 -1.60 11.60 -12.97
CA GLY A 110 -2.52 12.70 -12.94
C GLY A 110 -2.43 13.46 -11.63
N GLY A 111 -1.27 13.38 -11.00
CA GLY A 111 -1.06 14.05 -9.73
C GLY A 111 -1.72 13.29 -8.59
N LYS A 112 -1.94 12.00 -8.80
CA LYS A 112 -2.56 11.15 -7.80
C LYS A 112 -1.77 9.87 -7.62
N LEU A 113 -1.68 9.42 -6.38
CA LEU A 113 -0.97 8.19 -6.07
C LEU A 113 -1.89 7.01 -6.30
N VAL A 114 -1.57 6.19 -7.28
CA VAL A 114 -2.37 5.03 -7.58
C VAL A 114 -1.54 3.77 -7.43
N GLU A 115 -1.90 2.99 -6.42
CA GLU A 115 -1.20 1.75 -6.16
C GLU A 115 -1.99 0.58 -6.71
N ILE A 116 -1.30 -0.35 -7.31
CA ILE A 116 -1.91 -1.53 -7.90
C ILE A 116 -1.43 -2.78 -7.20
N SER A 117 -2.38 -3.59 -6.74
CA SER A 117 -2.08 -4.84 -6.04
C SER A 117 -2.72 -6.00 -6.78
N THR A 118 -1.90 -6.84 -7.38
CA THR A 118 -2.40 -8.00 -8.11
C THR A 118 -2.29 -9.26 -7.27
N SER A 119 -3.39 -10.00 -7.22
CA SER A 119 -3.43 -11.26 -6.48
C SER A 119 -4.34 -12.25 -7.19
N SER A 120 -3.74 -13.30 -7.75
CA SER A 120 -4.47 -14.33 -8.48
C SER A 120 -5.21 -13.73 -9.67
N GLY A 121 -4.65 -12.67 -10.24
CA GLY A 121 -5.27 -12.02 -11.38
C GLY A 121 -6.13 -10.85 -10.98
N VAL A 122 -6.49 -10.77 -9.71
CA VAL A 122 -7.32 -9.68 -9.21
C VAL A 122 -6.49 -8.42 -9.04
N VAL A 123 -6.79 -7.42 -9.86
CA VAL A 123 -6.08 -6.16 -9.81
C VAL A 123 -6.79 -5.16 -8.91
N TYR A 124 -6.24 -4.96 -7.73
CA TYR A 124 -6.78 -4.02 -6.75
C TYR A 124 -6.06 -2.69 -6.90
N LYS A 125 -6.80 -1.63 -7.11
CA LYS A 125 -6.21 -0.32 -7.29
C LYS A 125 -6.76 0.70 -6.31
N ARG A 126 -5.90 1.56 -5.81
CA ARG A 126 -6.30 2.60 -4.88
C ARG A 126 -5.78 3.95 -5.34
N THR A 127 -6.67 4.91 -5.42
CA THR A 127 -6.32 6.25 -5.81
C THR A 127 -6.27 7.13 -4.57
N SER A 128 -5.10 7.68 -4.28
CA SER A 128 -4.93 8.52 -3.12
C SER A 128 -4.38 9.88 -3.53
N LYS A 129 -4.94 10.93 -2.99
CA LYS A 129 -4.49 12.28 -3.31
C LYS A 129 -3.33 12.69 -2.42
N LYS A 130 -2.53 13.63 -2.91
CA LYS A 130 -1.39 14.12 -2.17
C LYS A 130 -1.78 15.37 -1.38
N ILE A 131 -1.62 15.31 -0.07
CA ILE A 131 -1.93 16.43 0.79
C ILE A 131 -0.82 16.61 1.83
N ALA A 132 -0.84 17.74 2.51
CA ALA A 132 0.14 18.04 3.53
C ALA A 132 -0.44 19.06 4.51
C1 CHO B . -6.25 -2.54 1.76
C2 CHO B . -5.03 -1.68 2.12
C3 CHO B . -3.74 -2.35 1.61
O3 CHO B . -2.62 -1.55 1.99
C4 CHO B . -3.61 -3.74 2.24
C5 CHO B . -4.83 -4.60 1.89
C6 CHO B . -4.67 -5.98 2.52
C7 CHO B . -4.63 -5.85 4.03
O7 CHO B . -3.50 -5.09 4.43
C8 CHO B . -5.90 -5.18 4.55
C9 CHO B . -6.07 -3.80 3.91
C10 CHO B . -6.12 -3.93 2.39
C11 CHO B . -7.32 -3.10 4.46
C12 CHO B . -7.29 -2.99 5.98
C13 CHO B . -7.14 -4.39 6.58
C14 CHO B . -5.84 -5.01 6.07
C15 CHO B . -5.84 -6.31 6.88
C16 CHO B . -6.23 -5.84 8.28
C17 CHO B . -6.82 -4.43 8.07
C18 CHO B . -8.32 -5.29 6.23
C19 CHO B . -7.32 -4.79 1.99
C20 CHO B . -8.04 -4.19 8.96
C21 CHO B . -8.61 -2.80 8.70
C22 CHO B . -7.66 -4.35 10.44
C23 CHO B . -8.86 -4.09 11.34
C24 CHO B . -8.53 -4.39 12.80
O24 CHO B . -8.10 -5.49 13.15
N25 CHO B . -8.73 -3.38 13.64
C26 CHO B . -8.45 -3.51 15.09
C27 CHO B . -8.42 -2.13 15.75
OT1 CHO B . -7.32 -1.53 15.77
OT2 CHO B . -9.49 -1.71 16.25
H11 CHO B . -6.31 -2.65 0.68
H12 CHO B . -7.14 -2.06 2.16
H21 CHO B . -4.97 -1.56 3.19
H22 CHO B . -5.13 -0.72 1.62
H3 CHO B . -3.78 -2.45 0.52
HO3 CHO B . -2.73 -0.64 1.61
H41 CHO B . -3.54 -3.63 3.32
H42 CHO B . -2.71 -4.23 1.86
H5 CHO B . -4.91 -4.68 0.81
H61 CHO B . -3.74 -6.43 2.17
H62 CHO B . -5.50 -6.62 2.22
H7 CHO B . -4.56 -6.86 4.46
HO7 CHO B . -3.52 -4.91 5.41
H8 CHO B . -6.75 -5.82 4.29
H9 CHO B . -5.21 -3.19 4.18
H111 CHO B . -8.20 -3.68 4.15
H112 CHO B . -7.35 -2.10 4.04
H121 CHO B . -8.21 -2.54 6.33
H122 CHO B . -6.44 -2.37 6.29
H14 CHO B . -4.92 -4.44 6.21
H151 CHO B . -4.85 -6.78 6.87
H152 CHO B . -6.50 -7.08 6.47
H161 CHO B . -5.36 -5.80 8.93
H162 CHO B . -6.94 -6.52 8.75
H17 CHO B . -6.14 -3.64 8.37
H181 CHO B . -8.07 -6.33 6.45
H182 CHO B . -8.56 -5.19 5.17
H183 CHO B . -9.19 -4.99 6.82
H191 CHO B . -7.08 -5.83 2.12
H192 CHO B . -7.57 -4.60 0.94
H193 CHO B . -8.17 -4.53 2.62
H20 CHO B . -8.80 -4.92 8.71
H211 CHO B . -8.47 -2.17 9.58
H212 CHO B . -9.68 -2.88 8.49
H213 CHO B . -8.11 -2.34 7.84
H221 CHO B . -6.87 -3.64 10.67
H222 CHO B . -7.32 -5.37 10.59
H231 CHO B . -9.69 -4.73 11.03
H232 CHO B . -9.15 -3.04 11.25
HN CHO B . -9.08 -2.48 13.35
H261 CHO B . -7.50 -4.00 15.23
H262 CHO B . -9.25 -4.10 15.54
C1 CHO C . 6.08 -2.01 -0.94
C2 CHO C . 5.17 -0.96 -1.58
C3 CHO C . 5.22 0.34 -0.79
O3 CHO C . 4.34 1.30 -1.39
C4 CHO C . 4.80 0.10 0.66
C5 CHO C . 5.72 -0.94 1.29
C6 CHO C . 5.32 -1.17 2.75
C7 CHO C . 3.91 -1.76 2.82
O7 CHO C . 2.96 -0.83 2.30
C8 CHO C . 3.84 -3.07 2.02
C9 CHO C . 4.23 -2.81 0.57
C10 CHO C . 5.66 -2.26 0.51
C11 CHO C . 4.13 -4.09 -0.27
C12 CHO C . 2.73 -4.72 -0.16
C13 CHO C . 2.43 -4.98 1.31
C14 CHO C . 2.42 -3.64 2.05
C15 CHO C . 1.95 -4.12 3.42
C16 CHO C . 0.70 -4.91 3.01
C17 CHO C . 1.01 -5.46 1.61
C18 CHO C . 3.47 -5.92 1.94
C19 CHO C . 6.60 -3.28 1.16
C20 CHO C . 0.91 -6.98 1.55
C21 CHO C . 1.29 -7.51 0.17
C22 CHO C . -0.50 -7.45 1.94
C23 CHO C . -0.61 -8.97 1.88
C24 CHO C . -1.95 -9.44 2.46
O24 CHO C . -2.36 -10.57 2.25
N25 CHO C . -2.60 -8.52 3.18
C26 CHO C . -3.89 -8.79 3.82
C27 CHO C . -3.76 -8.56 5.32
OT1 CHO C . -4.81 -8.36 5.96
OT2 CHO C . -2.61 -8.60 5.80
H11 CHO C . 7.10 -1.67 -0.96
H12 CHO C . 5.99 -2.95 -1.49
H21 CHO C . 4.13 -1.33 -1.58
H22 CHO C . 5.50 -0.78 -2.60
H3 CHO C . 6.24 0.73 -0.81
HO3 CHO C . 3.40 0.98 -1.28
H41 CHO C . 3.77 -0.26 0.68
H42 CHO C . 4.87 1.03 1.22
H5 CHO C . 6.75 -0.58 1.26
H61 CHO C . 5.34 -0.21 3.28
H62 CHO C . 6.02 -1.86 3.22
H7 CHO C . 3.69 -1.99 3.87
HO7 CHO C . 2.06 -1.24 2.32
H8 CHO C . 4.53 -3.78 2.47
H9 CHO C . 3.55 -2.08 0.14
H111 CHO C . 4.87 -4.80 0.08
H112 CHO C . 4.29 -3.83 -1.32
H121 CHO C . 2.72 -5.67 -0.71
H122 CHO C . 1.98 -4.06 -0.60
H14 CHO C . 1.81 -2.84 1.65
H151 CHO C . 1.70 -3.29 4.07
H152 CHO C . 2.68 -4.70 3.99
H161 CHO C . -0.18 -4.26 2.98
H162 CHO C . 0.47 -5.70 3.72
H17 CHO C . 0.28 -5.10 0.89
H181 CHO C . 3.64 -6.76 1.28
H182 CHO C . 3.10 -6.27 2.90
H183 CHO C . 4.40 -5.37 2.09
H191 CHO C . 6.71 -4.15 0.51
H192 CHO C . 6.20 -3.59 2.12
H193 CHO C . 7.59 -2.82 1.30
H20 CHO C . 1.62 -7.39 2.27
H211 CHO C . 1.02 -6.77 -0.59
H212 CHO C . 0.74 -8.44 -0.02
H213 CHO C . 2.35 -7.70 0.13
H221 CHO C . -1.22 -7.00 1.25
H222 CHO C . -0.70 -7.13 2.96
H231 CHO C . 0.20 -9.42 2.47
H232 CHO C . -0.55 -9.28 0.84
HN CHO C . -2.24 -7.60 3.33
H261 CHO C . -4.18 -9.83 3.63
H262 CHO C . -4.65 -8.13 3.40
N ALA A 6 8.53 13.02 -5.88
CA ALA A 6 7.14 12.91 -6.38
C ALA A 6 6.32 11.90 -5.59
N PHE A 7 6.98 11.15 -4.73
CA PHE A 7 6.30 10.13 -3.93
C PHE A 7 6.07 10.60 -2.50
N THR A 8 6.83 11.61 -2.08
CA THR A 8 6.72 12.15 -0.74
C THR A 8 5.38 12.85 -0.53
N GLY A 9 4.91 12.84 0.71
CA GLY A 9 3.65 13.49 1.02
C GLY A 9 2.67 12.55 1.68
N LYS A 10 1.56 13.09 2.14
CA LYS A 10 0.54 12.28 2.77
C LYS A 10 -0.53 11.97 1.73
N TYR A 11 -1.12 10.79 1.83
CA TYR A 11 -2.16 10.39 0.90
C TYR A 11 -3.37 9.89 1.65
N GLU A 12 -4.54 10.25 1.17
CA GLU A 12 -5.78 9.85 1.79
C GLU A 12 -6.71 9.19 0.76
N PHE A 13 -7.65 8.40 1.26
CA PHE A 13 -8.60 7.69 0.43
C PHE A 13 -9.29 8.62 -0.58
N GLU A 14 -9.18 8.29 -1.85
CA GLU A 14 -9.80 9.07 -2.91
C GLU A 14 -10.71 8.19 -3.74
N SER A 15 -10.16 7.09 -4.23
CA SER A 15 -10.92 6.15 -5.03
C SER A 15 -10.34 4.74 -4.89
N ASP A 16 -11.15 3.74 -5.25
CA ASP A 16 -10.73 2.35 -5.17
C ASP A 16 -11.50 1.52 -6.17
N GLU A 17 -10.94 0.40 -6.56
CA GLU A 17 -11.58 -0.48 -7.52
C GLU A 17 -11.22 -1.93 -7.23
N ASN A 18 -12.23 -2.80 -7.38
CA ASN A 18 -12.06 -4.24 -7.13
C ASN A 18 -11.72 -4.51 -5.67
N TYR A 19 -12.25 -3.69 -4.78
CA TYR A 19 -11.99 -3.84 -3.35
C TYR A 19 -12.55 -5.16 -2.83
N ASP A 20 -13.84 -5.37 -3.03
CA ASP A 20 -14.50 -6.60 -2.59
C ASP A 20 -13.90 -7.81 -3.26
N ASP A 21 -13.62 -7.69 -4.55
CA ASP A 21 -13.04 -8.78 -5.32
C ASP A 21 -11.70 -9.18 -4.74
N PHE A 22 -10.89 -8.17 -4.43
CA PHE A 22 -9.57 -8.37 -3.85
C PHE A 22 -9.65 -9.07 -2.50
N VAL A 23 -10.41 -8.48 -1.58
CA VAL A 23 -10.54 -9.02 -0.23
C VAL A 23 -11.15 -10.43 -0.24
N LYS A 24 -12.10 -10.68 -1.14
CA LYS A 24 -12.73 -11.99 -1.22
C LYS A 24 -11.80 -13.02 -1.86
N LYS A 25 -10.83 -12.53 -2.63
CA LYS A 25 -9.88 -13.40 -3.30
C LYS A 25 -8.77 -13.84 -2.35
N ILE A 26 -8.24 -12.88 -1.59
CA ILE A 26 -7.17 -13.16 -0.64
C ILE A 26 -7.67 -13.89 0.60
N GLY A 27 -8.99 -13.90 0.78
CA GLY A 27 -9.58 -14.56 1.92
C GLY A 27 -9.52 -13.72 3.19
N LEU A 28 -9.69 -12.42 3.03
CA LEU A 28 -9.67 -11.51 4.17
C LEU A 28 -10.94 -11.71 5.00
N PRO A 29 -10.82 -11.78 6.33
CA PRO A 29 -11.98 -11.96 7.21
C PRO A 29 -12.94 -10.77 7.11
N ALA A 30 -14.23 -11.07 7.11
CA ALA A 30 -15.27 -10.05 7.01
C ALA A 30 -15.08 -8.96 8.06
N ASP A 31 -14.68 -9.39 9.24
CA ASP A 31 -14.45 -8.49 10.36
C ASP A 31 -13.47 -7.38 10.00
N LYS A 32 -12.43 -7.72 9.25
CA LYS A 32 -11.41 -6.74 8.86
C LYS A 32 -11.80 -6.07 7.57
N ILE A 33 -12.51 -6.80 6.72
CA ILE A 33 -12.95 -6.28 5.42
C ILE A 33 -13.85 -5.07 5.63
N GLU A 34 -14.93 -5.28 6.37
CA GLU A 34 -15.90 -4.23 6.64
C GLU A 34 -15.28 -3.12 7.47
N MET A 35 -14.32 -3.49 8.30
CA MET A 35 -13.64 -2.53 9.15
C MET A 35 -12.71 -1.62 8.35
N GLY A 36 -12.14 -2.13 7.27
CA GLY A 36 -11.24 -1.32 6.47
C GLY A 36 -11.85 -0.80 5.17
N ARG A 37 -13.16 -0.88 5.04
CA ARG A 37 -13.84 -0.43 3.83
C ARG A 37 -14.53 0.89 4.07
N ASN A 38 -14.44 1.79 3.09
CA ASN A 38 -15.05 3.12 3.18
C ASN A 38 -14.41 3.91 4.31
N CYS A 39 -13.24 3.47 4.72
CA CYS A 39 -12.51 4.11 5.80
C CYS A 39 -11.36 4.94 5.23
N LYS A 40 -10.96 5.97 5.97
CA LYS A 40 -9.88 6.84 5.53
C LYS A 40 -8.52 6.38 6.03
N ILE A 41 -7.84 5.57 5.22
CA ILE A 41 -6.51 5.09 5.58
C ILE A 41 -5.48 6.08 5.04
N VAL A 42 -4.81 6.77 5.94
CA VAL A 42 -3.83 7.76 5.55
C VAL A 42 -2.48 7.10 5.29
N THR A 43 -1.81 7.54 4.24
CA THR A 43 -0.51 7.03 3.89
C THR A 43 0.50 8.16 3.86
N GLU A 44 1.35 8.24 4.88
CA GLU A 44 2.37 9.28 4.94
C GLU A 44 3.68 8.76 4.40
N VAL A 45 4.17 9.41 3.35
CA VAL A 45 5.42 9.02 2.72
C VAL A 45 6.50 10.07 2.91
N VAL A 46 7.66 9.63 3.38
CA VAL A 46 8.80 10.51 3.56
C VAL A 46 9.93 10.02 2.66
N GLN A 47 10.52 10.92 1.89
CA GLN A 47 11.58 10.55 0.97
C GLN A 47 12.97 10.75 1.59
N ASN A 48 13.65 9.65 1.82
CA ASN A 48 15.00 9.67 2.36
C ASN A 48 15.94 9.03 1.35
N GLY A 49 16.22 9.76 0.29
CA GLY A 49 17.08 9.25 -0.76
C GLY A 49 16.38 8.15 -1.54
N ASN A 50 16.70 6.92 -1.20
CA ASN A 50 16.08 5.77 -1.85
C ASN A 50 15.24 5.02 -0.84
N ASP A 51 15.13 5.58 0.35
CA ASP A 51 14.36 4.98 1.43
C ASP A 51 13.05 5.72 1.60
N PHE A 52 11.95 5.05 1.27
CA PHE A 52 10.63 5.64 1.38
C PHE A 52 9.87 5.00 2.52
N THR A 53 9.23 5.83 3.33
CA THR A 53 8.47 5.33 4.45
C THR A 53 6.98 5.29 4.16
N TRP A 54 6.41 4.10 4.25
CA TRP A 54 4.99 3.92 4.01
C TRP A 54 4.27 3.82 5.35
N THR A 55 3.61 4.89 5.74
CA THR A 55 2.90 4.92 7.01
C THR A 55 1.40 4.85 6.79
N GLN A 56 0.78 3.76 7.24
CA GLN A 56 -0.65 3.57 7.11
C GLN A 56 -1.34 3.91 8.42
N HIS A 57 -2.21 4.90 8.38
CA HIS A 57 -2.94 5.31 9.56
C HIS A 57 -4.37 4.85 9.48
N PHE A 58 -4.84 4.22 10.55
CA PHE A 58 -6.20 3.73 10.59
C PHE A 58 -7.03 4.57 11.55
N PRO A 59 -8.21 5.01 11.11
CA PRO A 59 -9.08 5.83 11.95
C PRO A 59 -9.64 5.03 13.13
N GLY A 60 -9.21 5.39 14.34
CA GLY A 60 -9.66 4.70 15.54
C GLY A 60 -9.10 3.29 15.66
N GLY A 61 -7.92 3.06 15.09
CA GLY A 61 -7.32 1.74 15.16
C GLY A 61 -5.81 1.77 15.19
N ARG A 62 -5.22 0.59 14.98
CA ARG A 62 -3.77 0.43 14.99
C ARG A 62 -3.14 1.00 13.74
N THR A 63 -1.92 1.50 13.88
CA THR A 63 -1.21 2.05 12.75
C THR A 63 -0.18 1.05 12.25
N THR A 64 0.17 1.15 10.98
CA THR A 64 1.13 0.24 10.38
C THR A 64 2.16 1.03 9.58
N THR A 65 3.41 0.98 10.02
CA THR A 65 4.46 1.70 9.33
C THR A 65 5.61 0.79 8.92
N ASN A 66 5.97 0.85 7.65
CA ASN A 66 7.07 0.06 7.12
C ASN A 66 7.95 0.92 6.23
N SER A 67 9.21 0.98 6.58
CA SER A 67 10.18 1.75 5.82
C SER A 67 10.93 0.82 4.88
N PHE A 68 11.05 1.22 3.63
CA PHE A 68 11.75 0.39 2.66
C PHE A 68 12.73 1.19 1.83
N THR A 69 13.88 0.62 1.62
CA THR A 69 14.91 1.23 0.81
C THR A 69 14.98 0.49 -0.52
N ILE A 70 14.90 1.23 -1.62
CA ILE A 70 14.98 0.62 -2.95
C ILE A 70 16.24 -0.23 -3.08
N ASP A 71 16.04 -1.46 -3.54
CA ASP A 71 17.11 -2.44 -3.73
C ASP A 71 17.65 -2.91 -2.38
N LYS A 72 16.81 -2.81 -1.36
CA LYS A 72 17.18 -3.20 -0.02
C LYS A 72 16.02 -3.95 0.64
N GLU A 73 16.35 -4.98 1.41
CA GLU A 73 15.34 -5.74 2.12
C GLU A 73 14.77 -4.87 3.25
N ALA A 74 13.47 -4.87 3.40
CA ALA A 74 12.84 -4.05 4.42
C ALA A 74 11.93 -4.86 5.32
N ASP A 75 11.92 -4.48 6.60
CA ASP A 75 11.07 -5.14 7.58
C ASP A 75 9.67 -4.59 7.44
N MET A 76 8.73 -5.45 7.07
CA MET A 76 7.36 -5.03 6.87
C MET A 76 6.39 -5.76 7.78
N GLU A 77 5.20 -5.21 7.88
CA GLU A 77 4.13 -5.77 8.68
C GLU A 77 2.82 -5.31 8.09
N THR A 78 1.81 -6.15 8.13
CA THR A 78 0.51 -5.79 7.59
C THR A 78 -0.46 -5.44 8.71
N MET A 79 -1.57 -4.85 8.33
CA MET A 79 -2.62 -4.49 9.26
C MET A 79 -3.22 -5.75 9.90
N GLY A 80 -2.91 -6.91 9.30
CA GLY A 80 -3.40 -8.17 9.82
C GLY A 80 -2.45 -8.78 10.84
N GLY A 81 -1.27 -8.19 10.98
CA GLY A 81 -0.29 -8.68 11.95
C GLY A 81 0.72 -9.66 11.35
N ARG A 82 1.04 -9.49 10.08
CA ARG A 82 2.00 -10.36 9.43
C ARG A 82 3.41 -9.78 9.54
N LYS A 83 4.32 -10.56 10.12
CA LYS A 83 5.72 -10.15 10.26
C LYS A 83 6.51 -10.75 9.11
N PHE A 84 7.14 -9.90 8.31
CA PHE A 84 7.91 -10.38 7.17
C PHE A 84 8.85 -9.32 6.63
N LYS A 85 9.63 -9.71 5.64
CA LYS A 85 10.58 -8.82 5.00
C LYS A 85 10.62 -9.09 3.50
N ALA A 86 10.76 -8.04 2.73
CA ALA A 86 10.80 -8.16 1.28
C ALA A 86 11.74 -7.14 0.68
N THR A 87 12.17 -7.36 -0.54
CA THR A 87 13.05 -6.44 -1.22
C THR A 87 12.26 -5.62 -2.23
N VAL A 88 12.30 -4.31 -2.09
CA VAL A 88 11.56 -3.42 -2.97
C VAL A 88 12.50 -2.78 -3.97
N LYS A 89 12.05 -2.65 -5.21
CA LYS A 89 12.85 -2.05 -6.26
C LYS A 89 12.05 -0.95 -6.95
N MET A 90 12.66 -0.29 -7.92
CA MET A 90 12.00 0.79 -8.64
C MET A 90 12.18 0.60 -10.14
N GLU A 91 11.07 0.42 -10.85
CA GLU A 91 11.12 0.22 -12.28
C GLU A 91 10.55 1.43 -13.03
N GLY A 92 11.44 2.32 -13.47
CA GLY A 92 11.02 3.50 -14.19
C GLY A 92 10.23 4.46 -13.33
N GLY A 93 10.68 4.68 -12.10
CA GLY A 93 9.99 5.58 -11.21
C GLY A 93 8.74 4.98 -10.59
N LYS A 94 8.70 3.65 -10.55
CA LYS A 94 7.57 2.94 -9.96
C LYS A 94 8.06 2.02 -8.88
N ILE A 95 7.55 2.19 -7.67
CA ILE A 95 7.95 1.35 -6.56
C ILE A 95 7.24 0.00 -6.66
N VAL A 96 8.00 -1.03 -7.00
CA VAL A 96 7.44 -2.36 -7.15
C VAL A 96 8.02 -3.32 -6.10
N ALA A 97 7.14 -4.08 -5.48
CA ALA A 97 7.54 -5.05 -4.48
C ALA A 97 7.18 -6.46 -4.94
N ASP A 98 8.05 -7.41 -4.67
CA ASP A 98 7.82 -8.79 -5.09
C ASP A 98 7.36 -9.65 -3.94
N PHE A 99 6.19 -10.25 -4.12
CA PHE A 99 5.60 -11.11 -3.11
C PHE A 99 4.97 -12.33 -3.76
N PRO A 100 4.79 -13.42 -3.01
CA PRO A 100 4.18 -14.65 -3.53
C PRO A 100 2.72 -14.42 -3.95
N ASN A 101 2.47 -14.49 -5.25
CA ASN A 101 1.14 -14.31 -5.83
C ASN A 101 0.60 -12.90 -5.55
N TYR A 102 1.47 -12.01 -5.09
CA TYR A 102 1.10 -10.65 -4.79
C TYR A 102 2.07 -9.68 -5.46
N HIS A 103 1.52 -8.75 -6.22
CA HIS A 103 2.33 -7.78 -6.94
C HIS A 103 1.90 -6.37 -6.54
N HIS A 104 2.80 -5.65 -5.89
CA HIS A 104 2.50 -4.29 -5.45
C HIS A 104 3.33 -3.27 -6.21
N THR A 105 2.66 -2.43 -6.97
CA THR A 105 3.33 -1.37 -7.72
C THR A 105 2.71 -0.03 -7.39
N ALA A 106 3.55 0.94 -7.04
CA ALA A 106 3.07 2.28 -6.70
C ALA A 106 3.63 3.30 -7.68
N GLU A 107 2.78 4.23 -8.11
CA GLU A 107 3.19 5.25 -9.06
C GLU A 107 2.32 6.50 -8.93
N ILE A 108 2.58 7.45 -9.81
CA ILE A 108 1.85 8.71 -9.83
C ILE A 108 1.08 8.81 -11.13
N SER A 109 -0.22 9.00 -11.01
CA SER A 109 -1.08 9.12 -12.18
C SER A 109 -2.01 10.31 -12.00
N GLY A 110 -1.70 11.39 -12.70
CA GLY A 110 -2.50 12.60 -12.61
C GLY A 110 -2.39 13.28 -11.27
N GLY A 111 -1.19 13.24 -10.69
CA GLY A 111 -0.95 13.84 -9.39
C GLY A 111 -1.60 13.05 -8.28
N LYS A 112 -1.78 11.77 -8.52
CA LYS A 112 -2.40 10.88 -7.56
C LYS A 112 -1.58 9.60 -7.40
N LEU A 113 -1.60 9.04 -6.20
CA LEU A 113 -0.88 7.82 -5.91
C LEU A 113 -1.81 6.64 -6.14
N VAL A 114 -1.48 5.83 -7.12
CA VAL A 114 -2.28 4.67 -7.41
C VAL A 114 -1.46 3.41 -7.17
N GLU A 115 -1.81 2.71 -6.11
CA GLU A 115 -1.12 1.48 -5.75
C GLU A 115 -1.89 0.29 -6.30
N ILE A 116 -1.25 -0.47 -7.16
CA ILE A 116 -1.86 -1.63 -7.75
C ILE A 116 -1.37 -2.89 -7.04
N SER A 117 -2.32 -3.73 -6.64
CA SER A 117 -2.00 -4.96 -5.94
C SER A 117 -2.69 -6.13 -6.61
N THR A 118 -1.90 -6.99 -7.24
CA THR A 118 -2.43 -8.16 -7.89
C THR A 118 -2.34 -9.37 -6.99
N SER A 119 -3.44 -10.11 -6.86
CA SER A 119 -3.48 -11.29 -6.04
C SER A 119 -4.30 -12.37 -6.73
N SER A 120 -3.62 -13.43 -7.14
CA SER A 120 -4.26 -14.55 -7.82
C SER A 120 -4.97 -14.09 -9.10
N GLY A 121 -4.48 -13.00 -9.69
CA GLY A 121 -5.07 -12.50 -10.91
C GLY A 121 -5.88 -11.24 -10.72
N VAL A 122 -6.45 -11.06 -9.51
CA VAL A 122 -7.26 -9.88 -9.22
C VAL A 122 -6.38 -8.65 -9.08
N VAL A 123 -6.72 -7.62 -9.84
CA VAL A 123 -5.99 -6.37 -9.79
C VAL A 123 -6.72 -5.35 -8.94
N TYR A 124 -6.18 -5.11 -7.76
CA TYR A 124 -6.76 -4.13 -6.84
C TYR A 124 -6.10 -2.79 -7.06
N LYS A 125 -6.91 -1.76 -7.27
CA LYS A 125 -6.39 -0.43 -7.49
C LYS A 125 -6.93 0.54 -6.46
N ARG A 126 -6.03 1.31 -5.86
CA ARG A 126 -6.43 2.31 -4.88
C ARG A 126 -5.81 3.64 -5.25
N THR A 127 -6.67 4.64 -5.40
CA THR A 127 -6.24 5.97 -5.75
C THR A 127 -6.23 6.85 -4.51
N SER A 128 -5.06 7.34 -4.17
CA SER A 128 -4.92 8.20 -3.02
C SER A 128 -4.45 9.59 -3.43
N LYS A 129 -5.14 10.61 -2.91
CA LYS A 129 -4.80 11.99 -3.23
C LYS A 129 -3.62 12.45 -2.39
N LYS A 130 -2.91 13.45 -2.88
CA LYS A 130 -1.75 13.97 -2.18
C LYS A 130 -2.12 15.24 -1.41
N ILE A 131 -1.86 15.21 -0.11
CA ILE A 131 -2.14 16.33 0.77
C ILE A 131 -0.99 16.47 1.76
N ALA A 132 -0.93 17.59 2.49
CA ALA A 132 0.14 17.77 3.45
C ALA A 132 -0.38 18.38 4.76
C1 CHO B . -5.76 -2.73 1.79
C2 CHO B . -4.46 -2.02 2.19
C3 CHO B . -3.25 -2.85 1.78
O3 CHO B . -2.05 -2.17 2.18
C4 CHO B . -3.31 -4.21 2.49
C5 CHO B . -4.61 -4.93 2.10
C6 CHO B . -4.64 -6.30 2.78
C7 CHO B . -4.71 -6.12 4.29
O7 CHO B . -3.53 -5.44 4.74
C8 CHO B . -5.94 -5.30 4.68
C9 CHO B . -5.89 -3.93 3.98
C10 CHO B . -5.84 -4.10 2.47
C11 CHO B . -7.09 -3.08 4.39
C12 CHO B . -7.20 -2.93 5.92
C13 CHO B . -7.27 -4.32 6.54
C14 CHO B . -6.00 -5.09 6.19
C15 CHO B . -6.21 -6.37 7.00
C16 CHO B . -6.69 -5.81 8.35
C17 CHO B . -7.12 -4.37 8.07
C18 CHO B . -8.51 -5.09 6.09
C19 CHO B . -7.10 -4.83 1.99
C20 CHO B . -8.42 -3.99 8.80
C21 CHO B . -8.81 -2.54 8.51
C22 CHO B . -8.25 -4.19 10.31
C23 CHO B . -9.51 -3.76 11.05
C24 CHO B . -9.39 -3.99 12.56
O24 CHO B . -9.49 -5.12 13.03
N25 CHO B . -9.19 -2.89 13.28
C26 CHO B . -9.05 -2.96 14.75
C27 CHO B . -8.03 -1.92 15.22
OT1 CHO B . -8.16 -1.49 16.39
OT2 CHO B . -7.14 -1.59 14.42
H11 CHO B . -5.78 -2.86 0.71
H12 CHO B . -6.60 -2.14 2.12
H21 CHO B . -4.45 -1.85 3.27
H22 CHO B . -4.42 -1.05 1.68
H3 CHO B . -3.25 -2.99 0.70
HO3 CHO B . -1.26 -2.69 1.86
H41 CHO B . -3.29 -4.06 3.56
H42 CHO B . -2.45 -4.81 2.19
H5 CHO B . -4.63 -5.06 1.01
H61 CHO B . -3.74 -6.86 2.51
H62 CHO B . -5.52 -6.85 2.44
H7 CHO B . -4.77 -7.10 4.76
HO7 CHO B . -3.65 -4.46 4.64
H8 CHO B . -6.82 -5.84 4.35
H9 CHO B . -4.99 -3.41 4.31
H111 CHO B . -8.01 -3.55 4.03
H112 CHO B . -6.97 -2.08 3.97
H121 CHO B . -8.09 -2.37 6.18
H122 CHO B . -6.32 -2.41 6.30
H14 CHO B . -5.04 -4.62 6.42
H151 CHO B . -5.29 -6.92 7.11
H152 CHO B . -6.91 -7.06 6.54
H161 CHO B . -5.88 -5.83 9.08
H162 CHO B . -7.51 -6.40 8.77
H17 CHO B . -6.41 -3.63 8.43
H181 CHO B . -8.29 -6.16 6.07
H182 CHO B . -8.79 -4.76 5.08
H183 CHO B . -9.33 -4.90 6.77
H191 CHO B . -6.90 -5.89 1.92
H192 CHO B . -7.40 -4.44 1.02
H193 CHO B . -7.90 -4.67 2.71
H20 CHO B . -9.21 -4.64 8.44
H211 CHO B . -8.69 -1.95 9.41
H212 CHO B . -9.85 -2.51 8.17
H213 CHO B . -8.17 -2.14 7.72
H221 CHO B . -7.41 -3.60 10.66
H222 CHO B . -8.08 -5.25 10.51
H231 CHO B . -10.37 -4.33 10.67
H232 CHO B . -9.66 -2.69 10.88
HN CHO B . -9.11 -1.98 12.89
H261 CHO B . -8.71 -3.95 15.04
H262 CHO B . -10.02 -2.75 15.20
C1 CHO C . 6.12 -2.13 -1.29
C2 CHO C . 5.18 -1.07 -1.85
C3 CHO C . 5.36 0.25 -1.09
O3 CHO C . 4.46 1.23 -1.62
C4 CHO C . 5.06 0.03 0.39
C5 CHO C . 6.01 -1.03 0.95
C6 CHO C . 5.76 -1.23 2.45
C7 CHO C . 4.37 -1.82 2.67
O7 CHO C . 3.37 -0.89 2.22
C8 CHO C . 4.20 -3.13 1.89
C9 CHO C . 4.44 -2.90 0.39
C10 CHO C . 5.86 -2.36 0.20
C11 CHO C . 4.23 -4.18 -0.40
C12 CHO C . 2.86 -4.81 -0.14
C13 CHO C . 2.72 -5.06 1.37
C14 CHO C . 2.80 -3.71 2.08
C15 CHO C . 2.47 -4.16 3.50
C16 CHO C . 1.18 -4.95 3.23
C17 CHO C . 1.33 -5.52 1.83
C18 CHO C . 3.82 -5.99 1.89
C19 CHO C . 6.85 -3.38 0.77
C20 CHO C . 1.21 -7.05 1.80
C21 CHO C . 1.45 -7.60 0.39
C22 CHO C . -0.16 -7.48 2.33
C23 CHO C . -0.26 -9.01 2.37
C24 CHO C . -1.59 -9.48 2.93
O24 CHO C . -2.01 -10.61 2.71
N25 CHO C . -2.24 -8.58 3.67
C26 CHO C . -3.54 -8.87 4.30
C27 CHO C . -3.45 -8.63 5.81
OT1 CHO C . -4.01 -7.60 6.26
OT2 CHO C . -2.85 -9.49 6.48
H11 CHO C . 7.16 -1.80 -1.43
H12 CHO C . 5.96 -3.07 -1.83
H21 CHO C . 4.15 -1.41 -1.74
H22 CHO C . 5.40 -0.91 -2.90
H3 CHO C . 6.38 0.60 -1.21
HO3 CHO C . 4.76 2.14 -1.34
H41 CHO C . 4.04 -0.31 0.51
H42 CHO C . 5.21 0.96 0.93
H5 CHO C . 7.04 -0.70 0.81
H61 CHO C . 5.82 -0.27 2.95
H62 CHO C . 6.50 -1.92 2.85
H7 CHO C . 4.24 -2.03 3.73
HO7 CHO C . 3.25 -0.98 1.24
H8 CHO C . 4.94 -3.84 2.28
H9 CHO C . 3.72 -2.17 0.04
H111 CHO C . 5.01 -4.90 -0.13
H112 CHO C . 4.29 -3.94 -1.46
H121 CHO C . 2.79 -5.77 -0.67
H122 CHO C . 2.08 -4.15 -0.49
H14 CHO C . 2.15 -2.91 1.74
H151 CHO C . 2.30 -3.32 4.17
H152 CHO C . 3.26 -4.73 3.99
H161 CHO C . 0.32 -4.28 3.29
H162 CHO C . 1.01 -5.73 3.97
H17 CHO C . 0.54 -5.17 1.16
H181 CHO C . 4.01 -6.78 1.15
H182 CHO C . 3.51 -6.44 2.83
H183 CHO C . 4.74 -5.42 2.05
H191 CHO C . 6.98 -4.19 0.05
H192 CHO C . 6.48 -3.77 1.70
H193 CHO C . 7.81 -2.89 0.92
H20 CHO C . 1.98 -7.45 2.47
H211 CHO C . 1.22 -6.83 -0.33
H212 CHO C . 0.80 -8.46 0.24
H213 CHO C . 2.49 -7.91 0.30
H221 CHO C . -0.94 -7.10 1.66
H222 CHO C . -0.30 -7.09 3.33
H231 CHO C . 0.55 -9.40 2.99
H232 CHO C . -0.17 -9.38 1.35
HN CHO C . -1.88 -7.66 3.84
H261 CHO C . -3.82 -9.91 4.11
H262 CHO C . -4.30 -8.21 3.88
N ALA A 6 8.00 12.17 -7.23
CA ALA A 6 7.08 12.89 -6.32
C ALA A 6 6.30 11.91 -5.46
N PHE A 7 7.01 10.99 -4.80
CA PHE A 7 6.38 10.01 -3.94
C PHE A 7 6.16 10.56 -2.54
N THR A 8 7.00 11.50 -2.15
CA THR A 8 6.90 12.13 -0.84
C THR A 8 5.59 12.87 -0.69
N GLY A 9 5.01 12.81 0.49
CA GLY A 9 3.76 13.48 0.74
C GLY A 9 2.77 12.56 1.43
N LYS A 10 1.69 13.15 1.91
CA LYS A 10 0.65 12.37 2.56
C LYS A 10 -0.47 12.11 1.56
N TYR A 11 -1.06 10.93 1.61
CA TYR A 11 -2.11 10.56 0.70
C TYR A 11 -3.33 10.04 1.45
N GLU A 12 -4.50 10.41 0.98
CA GLU A 12 -5.74 9.97 1.62
C GLU A 12 -6.64 9.27 0.61
N PHE A 13 -7.54 8.45 1.13
CA PHE A 13 -8.48 7.71 0.30
C PHE A 13 -9.20 8.62 -0.68
N GLU A 14 -9.32 8.16 -1.91
CA GLU A 14 -9.99 8.92 -2.96
C GLU A 14 -10.86 7.98 -3.78
N SER A 15 -10.25 6.94 -4.33
CA SER A 15 -10.97 5.97 -5.14
C SER A 15 -10.30 4.60 -5.07
N ASP A 16 -11.12 3.55 -5.10
CA ASP A 16 -10.62 2.17 -5.02
C ASP A 16 -11.39 1.28 -5.97
N GLU A 17 -10.74 0.23 -6.46
CA GLU A 17 -11.36 -0.69 -7.39
C GLU A 17 -11.07 -2.13 -7.00
N ASN A 18 -12.02 -3.02 -7.29
CA ASN A 18 -11.92 -4.45 -6.97
C ASN A 18 -11.70 -4.66 -5.48
N TYR A 19 -12.49 -3.95 -4.68
CA TYR A 19 -12.40 -4.01 -3.23
C TYR A 19 -12.76 -5.39 -2.69
N ASP A 20 -14.04 -5.74 -2.81
CA ASP A 20 -14.52 -7.03 -2.31
C ASP A 20 -13.90 -8.19 -3.08
N ASP A 21 -13.68 -7.99 -4.36
CA ASP A 21 -13.09 -9.02 -5.22
C ASP A 21 -11.69 -9.40 -4.71
N PHE A 22 -10.92 -8.39 -4.34
CA PHE A 22 -9.57 -8.58 -3.85
C PHE A 22 -9.57 -9.29 -2.50
N VAL A 23 -10.32 -8.74 -1.57
CA VAL A 23 -10.39 -9.30 -0.23
C VAL A 23 -10.98 -10.70 -0.22
N LYS A 24 -11.95 -10.96 -1.10
CA LYS A 24 -12.55 -12.29 -1.20
C LYS A 24 -11.57 -13.28 -1.81
N LYS A 25 -10.68 -12.78 -2.65
CA LYS A 25 -9.67 -13.62 -3.32
C LYS A 25 -8.57 -14.00 -2.35
N ILE A 26 -8.06 -13.03 -1.60
CA ILE A 26 -7.00 -13.28 -0.65
C ILE A 26 -7.50 -14.03 0.59
N GLY A 27 -8.82 -14.15 0.70
CA GLY A 27 -9.39 -14.85 1.83
C GLY A 27 -9.39 -14.02 3.09
N LEU A 28 -9.54 -12.70 2.94
CA LEU A 28 -9.56 -11.81 4.07
C LEU A 28 -10.84 -12.04 4.88
N PRO A 29 -10.74 -12.15 6.21
CA PRO A 29 -11.90 -12.35 7.07
C PRO A 29 -12.88 -11.20 6.96
N ALA A 30 -14.16 -11.53 6.88
CA ALA A 30 -15.21 -10.52 6.75
C ALA A 30 -15.15 -9.54 7.90
N ASP A 31 -14.79 -10.04 9.08
CA ASP A 31 -14.69 -9.22 10.28
C ASP A 31 -13.71 -8.08 10.08
N LYS A 32 -12.57 -8.37 9.46
CA LYS A 32 -11.56 -7.36 9.23
C LYS A 32 -11.82 -6.62 7.93
N ILE A 33 -12.56 -7.26 7.03
CA ILE A 33 -12.92 -6.64 5.75
C ILE A 33 -13.77 -5.40 5.99
N GLU A 34 -14.89 -5.58 6.67
CA GLU A 34 -15.79 -4.49 6.98
C GLU A 34 -15.13 -3.49 7.91
N MET A 35 -14.21 -4.00 8.73
CA MET A 35 -13.48 -3.16 9.66
C MET A 35 -12.53 -2.23 8.91
N GLY A 36 -11.98 -2.73 7.82
CA GLY A 36 -11.07 -1.93 7.04
C GLY A 36 -11.60 -1.63 5.66
N ARG A 37 -12.88 -1.25 5.59
CA ARG A 37 -13.51 -0.92 4.33
C ARG A 37 -14.12 0.46 4.38
N ASN A 38 -13.85 1.26 3.34
CA ASN A 38 -14.35 2.63 3.24
C ASN A 38 -13.77 3.49 4.34
N CYS A 39 -12.59 3.12 4.80
CA CYS A 39 -11.93 3.85 5.86
C CYS A 39 -10.90 4.83 5.30
N LYS A 40 -10.84 6.02 5.88
CA LYS A 40 -9.90 7.06 5.45
C LYS A 40 -8.47 6.70 5.86
N ILE A 41 -7.80 5.92 5.03
CA ILE A 41 -6.43 5.51 5.28
C ILE A 41 -5.47 6.58 4.78
N VAL A 42 -4.63 7.06 5.67
CA VAL A 42 -3.66 8.09 5.30
C VAL A 42 -2.29 7.45 5.09
N THR A 43 -1.69 7.73 3.95
CA THR A 43 -0.37 7.23 3.61
C THR A 43 0.65 8.37 3.64
N GLU A 44 1.47 8.41 4.67
CA GLU A 44 2.47 9.46 4.78
C GLU A 44 3.83 8.94 4.35
N VAL A 45 4.34 9.51 3.26
CA VAL A 45 5.61 9.10 2.70
C VAL A 45 6.70 10.17 2.90
N VAL A 46 7.88 9.72 3.32
CA VAL A 46 9.02 10.61 3.50
C VAL A 46 10.18 10.11 2.65
N GLN A 47 10.82 11.02 1.91
CA GLN A 47 11.92 10.65 1.05
C GLN A 47 13.27 10.76 1.76
N ASN A 48 13.92 9.63 1.94
CA ASN A 48 15.23 9.59 2.58
C ASN A 48 16.22 8.86 1.68
N GLY A 49 16.68 9.55 0.64
CA GLY A 49 17.60 8.94 -0.31
C GLY A 49 16.90 7.93 -1.17
N ASN A 50 17.07 6.65 -0.87
CA ASN A 50 16.40 5.59 -1.60
C ASN A 50 15.49 4.83 -0.66
N ASP A 51 15.38 5.35 0.55
CA ASP A 51 14.54 4.75 1.58
C ASP A 51 13.25 5.56 1.70
N PHE A 52 12.15 4.96 1.28
CA PHE A 52 10.86 5.62 1.34
C PHE A 52 10.03 5.00 2.45
N THR A 53 9.46 5.84 3.27
CA THR A 53 8.65 5.38 4.38
C THR A 53 7.17 5.37 4.02
N TRP A 54 6.53 4.24 4.27
CA TRP A 54 5.11 4.09 3.99
C TRP A 54 4.35 4.00 5.30
N THR A 55 3.72 5.09 5.68
CA THR A 55 2.95 5.14 6.91
C THR A 55 1.46 5.01 6.63
N GLN A 56 0.85 4.00 7.23
CA GLN A 56 -0.58 3.77 7.05
C GLN A 56 -1.31 4.12 8.34
N HIS A 57 -2.18 5.11 8.26
CA HIS A 57 -2.94 5.54 9.43
C HIS A 57 -4.37 5.06 9.37
N PHE A 58 -4.77 4.38 10.42
CA PHE A 58 -6.12 3.86 10.55
C PHE A 58 -6.91 4.70 11.53
N PRO A 59 -8.05 5.27 11.09
CA PRO A 59 -8.89 6.11 11.96
C PRO A 59 -9.49 5.31 13.11
N GLY A 60 -9.08 5.65 14.32
CA GLY A 60 -9.58 4.95 15.50
C GLY A 60 -9.11 3.52 15.58
N GLY A 61 -7.94 3.24 15.02
CA GLY A 61 -7.40 1.90 15.05
C GLY A 61 -5.90 1.87 15.17
N ARG A 62 -5.31 0.71 14.94
CA ARG A 62 -3.87 0.54 15.03
C ARG A 62 -3.18 1.10 13.79
N THR A 63 -2.05 1.75 13.99
CA THR A 63 -1.30 2.31 12.88
C THR A 63 -0.20 1.35 12.42
N THR A 64 0.24 1.54 11.19
CA THR A 64 1.27 0.69 10.60
C THR A 64 2.28 1.56 9.85
N THR A 65 3.56 1.43 10.16
CA THR A 65 4.59 2.22 9.50
C THR A 65 5.80 1.37 9.13
N ASN A 66 6.13 1.32 7.85
CA ASN A 66 7.26 0.54 7.38
C ASN A 66 8.17 1.38 6.50
N SER A 67 9.46 1.13 6.62
CA SER A 67 10.46 1.82 5.84
C SER A 67 11.16 0.83 4.93
N PHE A 68 11.24 1.15 3.65
CA PHE A 68 11.86 0.26 2.70
C PHE A 68 12.86 1.00 1.83
N THR A 69 13.98 0.37 1.57
CA THR A 69 14.99 0.94 0.71
C THR A 69 15.01 0.22 -0.63
N ILE A 70 15.00 0.98 -1.70
CA ILE A 70 15.02 0.41 -3.05
C ILE A 70 16.20 -0.55 -3.23
N ASP A 71 15.88 -1.78 -3.64
CA ASP A 71 16.86 -2.85 -3.88
C ASP A 71 17.43 -3.35 -2.55
N LYS A 72 16.62 -3.25 -1.50
CA LYS A 72 17.03 -3.67 -0.17
C LYS A 72 15.90 -4.41 0.55
N GLU A 73 16.28 -5.32 1.45
CA GLU A 73 15.32 -6.05 2.25
C GLU A 73 14.71 -5.11 3.28
N ALA A 74 13.40 -5.09 3.39
CA ALA A 74 12.75 -4.20 4.34
C ALA A 74 11.75 -4.93 5.22
N ASP A 75 11.80 -4.63 6.50
CA ASP A 75 10.91 -5.25 7.48
C ASP A 75 9.52 -4.66 7.31
N MET A 76 8.57 -5.51 6.96
CA MET A 76 7.21 -5.04 6.75
C MET A 76 6.18 -5.70 7.67
N GLU A 77 4.99 -5.10 7.71
CA GLU A 77 3.89 -5.59 8.52
C GLU A 77 2.58 -5.11 7.91
N THR A 78 1.55 -5.96 7.95
CA THR A 78 0.27 -5.57 7.40
C THR A 78 -0.65 -5.12 8.52
N MET A 79 -1.81 -4.61 8.16
CA MET A 79 -2.78 -4.16 9.14
C MET A 79 -3.47 -5.35 9.79
N GLY A 80 -3.30 -6.53 9.18
CA GLY A 80 -3.92 -7.73 9.72
C GLY A 80 -3.08 -8.34 10.81
N GLY A 81 -1.88 -7.80 10.97
CA GLY A 81 -0.97 -8.29 11.98
C GLY A 81 0.00 -9.31 11.44
N ARG A 82 0.39 -9.15 10.18
CA ARG A 82 1.34 -10.07 9.58
C ARG A 82 2.75 -9.50 9.64
N LYS A 83 3.67 -10.26 10.21
CA LYS A 83 5.06 -9.84 10.31
C LYS A 83 5.87 -10.56 9.24
N PHE A 84 6.52 -9.78 8.40
CA PHE A 84 7.31 -10.31 7.28
C PHE A 84 8.24 -9.22 6.75
N LYS A 85 9.02 -9.55 5.74
CA LYS A 85 9.90 -8.60 5.10
C LYS A 85 10.02 -8.93 3.62
N ALA A 86 10.32 -7.94 2.80
CA ALA A 86 10.42 -8.16 1.37
C ALA A 86 11.33 -7.14 0.69
N THR A 87 11.73 -7.44 -0.53
CA THR A 87 12.59 -6.57 -1.31
C THR A 87 11.74 -5.66 -2.20
N VAL A 88 12.10 -4.39 -2.26
CA VAL A 88 11.37 -3.42 -3.06
C VAL A 88 12.32 -2.77 -4.06
N LYS A 89 11.84 -2.46 -5.25
CA LYS A 89 12.70 -1.82 -6.25
C LYS A 89 11.93 -0.76 -7.03
N MET A 90 12.62 0.00 -7.85
CA MET A 90 11.99 1.05 -8.65
C MET A 90 12.20 0.79 -10.14
N GLU A 91 11.10 0.70 -10.87
CA GLU A 91 11.18 0.47 -12.31
C GLU A 91 10.52 1.60 -13.09
N GLY A 92 11.35 2.53 -13.55
CA GLY A 92 10.84 3.65 -14.33
C GLY A 92 10.05 4.65 -13.50
N GLY A 93 10.47 4.87 -12.26
CA GLY A 93 9.77 5.80 -11.40
C GLY A 93 8.56 5.18 -10.76
N LYS A 94 8.60 3.87 -10.57
CA LYS A 94 7.51 3.13 -9.96
C LYS A 94 8.06 2.17 -8.91
N ILE A 95 7.62 2.33 -7.67
CA ILE A 95 8.06 1.45 -6.60
C ILE A 95 7.30 0.14 -6.66
N VAL A 96 8.01 -0.91 -7.01
CA VAL A 96 7.40 -2.23 -7.10
C VAL A 96 7.98 -3.17 -6.04
N ALA A 97 7.09 -3.86 -5.36
CA ALA A 97 7.46 -4.80 -4.32
C ALA A 97 7.23 -6.22 -4.79
N ASP A 98 8.19 -7.10 -4.53
CA ASP A 98 8.08 -8.49 -4.96
C ASP A 98 7.50 -9.37 -3.86
N PHE A 99 6.40 -10.05 -4.19
CA PHE A 99 5.71 -10.93 -3.26
C PHE A 99 5.16 -12.14 -3.99
N PRO A 100 5.00 -13.27 -3.28
CA PRO A 100 4.45 -14.49 -3.86
C PRO A 100 2.92 -14.39 -4.02
N ASN A 101 2.47 -14.40 -5.28
CA ASN A 101 1.05 -14.32 -5.59
C ASN A 101 0.51 -12.91 -5.27
N TYR A 102 1.42 -11.97 -5.09
CA TYR A 102 1.06 -10.60 -4.77
C TYR A 102 2.02 -9.63 -5.45
N HIS A 103 1.48 -8.70 -6.19
CA HIS A 103 2.28 -7.70 -6.90
C HIS A 103 1.83 -6.31 -6.48
N HIS A 104 2.74 -5.55 -5.86
CA HIS A 104 2.42 -4.21 -5.39
C HIS A 104 3.25 -3.17 -6.13
N THR A 105 2.59 -2.28 -6.85
CA THR A 105 3.28 -1.23 -7.59
C THR A 105 2.71 0.15 -7.25
N ALA A 106 3.58 1.08 -6.89
CA ALA A 106 3.17 2.44 -6.56
C ALA A 106 3.69 3.41 -7.59
N GLU A 107 2.82 4.28 -8.09
CA GLU A 107 3.19 5.26 -9.10
C GLU A 107 2.41 6.55 -8.91
N ILE A 108 2.74 7.54 -9.73
CA ILE A 108 2.07 8.83 -9.68
C ILE A 108 1.52 9.16 -11.06
N SER A 109 0.20 9.16 -11.18
CA SER A 109 -0.44 9.46 -12.44
C SER A 109 -1.56 10.48 -12.24
N GLY A 110 -1.31 11.71 -12.68
CA GLY A 110 -2.29 12.77 -12.53
C GLY A 110 -2.19 13.44 -11.18
N GLY A 111 -0.99 13.44 -10.62
CA GLY A 111 -0.79 14.04 -9.31
C GLY A 111 -1.48 13.26 -8.22
N LYS A 112 -1.59 11.95 -8.43
CA LYS A 112 -2.24 11.06 -7.48
C LYS A 112 -1.46 9.78 -7.34
N LEU A 113 -1.55 9.19 -6.16
CA LEU A 113 -0.87 7.95 -5.86
C LEU A 113 -1.82 6.80 -6.11
N VAL A 114 -1.50 6.00 -7.11
CA VAL A 114 -2.33 4.85 -7.44
C VAL A 114 -1.52 3.57 -7.24
N GLU A 115 -1.88 2.82 -6.21
CA GLU A 115 -1.21 1.58 -5.90
C GLU A 115 -1.98 0.42 -6.49
N ILE A 116 -1.26 -0.45 -7.18
CA ILE A 116 -1.86 -1.63 -7.77
C ILE A 116 -1.37 -2.88 -7.06
N SER A 117 -2.31 -3.67 -6.56
CA SER A 117 -2.00 -4.90 -5.86
C SER A 117 -2.68 -6.07 -6.55
N THR A 118 -1.89 -6.91 -7.18
CA THR A 118 -2.42 -8.07 -7.89
C THR A 118 -2.28 -9.33 -7.05
N SER A 119 -3.34 -10.11 -6.99
CA SER A 119 -3.33 -11.35 -6.24
C SER A 119 -4.17 -12.40 -6.96
N SER A 120 -3.48 -13.38 -7.56
CA SER A 120 -4.14 -14.47 -8.28
C SER A 120 -4.97 -13.94 -9.45
N GLY A 121 -4.50 -12.85 -10.07
CA GLY A 121 -5.21 -12.28 -11.19
C GLY A 121 -5.98 -11.03 -10.85
N VAL A 122 -6.56 -10.98 -9.66
CA VAL A 122 -7.32 -9.82 -9.24
C VAL A 122 -6.43 -8.59 -9.03
N VAL A 123 -6.74 -7.52 -9.75
CA VAL A 123 -5.99 -6.28 -9.67
C VAL A 123 -6.69 -5.27 -8.77
N TYR A 124 -6.13 -5.04 -7.60
CA TYR A 124 -6.68 -4.09 -6.64
C TYR A 124 -6.04 -2.72 -6.85
N LYS A 125 -6.82 -1.76 -7.30
CA LYS A 125 -6.33 -0.42 -7.52
C LYS A 125 -6.84 0.54 -6.47
N ARG A 126 -5.94 1.32 -5.90
CA ARG A 126 -6.32 2.30 -4.89
C ARG A 126 -5.69 3.65 -5.24
N THR A 127 -6.53 4.63 -5.46
CA THR A 127 -6.09 5.97 -5.81
C THR A 127 -6.20 6.87 -4.59
N SER A 128 -5.08 7.48 -4.22
CA SER A 128 -5.06 8.38 -3.08
C SER A 128 -4.59 9.76 -3.52
N LYS A 129 -5.26 10.79 -3.02
CA LYS A 129 -4.91 12.16 -3.37
C LYS A 129 -3.72 12.62 -2.52
N LYS A 130 -2.99 13.62 -3.03
CA LYS A 130 -1.82 14.14 -2.34
C LYS A 130 -2.16 15.38 -1.52
N ILE A 131 -1.80 15.33 -0.25
CA ILE A 131 -2.03 16.43 0.66
C ILE A 131 -0.86 16.54 1.63
N ALA A 132 -0.78 17.65 2.34
CA ALA A 132 0.29 17.86 3.31
C ALA A 132 -0.28 18.51 4.56
C1 CHO B . -6.37 -2.95 1.63
C2 CHO B . -5.00 -2.32 1.83
C3 CHO B . -3.90 -3.23 1.27
O3 CHO B . -2.62 -2.64 1.51
C4 CHO B . -3.97 -4.58 2.00
C5 CHO B . -5.35 -5.22 1.80
C6 CHO B . -5.38 -6.58 2.49
C7 CHO B . -5.20 -6.39 4.00
O7 CHO B . -3.92 -5.82 4.27
C8 CHO B . -6.30 -5.47 4.56
C9 CHO B . -6.27 -4.12 3.84
C10 CHO B . -6.45 -4.30 2.33
C11 CHO B . -7.34 -3.18 4.41
C12 CHO B . -7.18 -3.00 5.92
C13 CHO B . -7.22 -4.37 6.59
C14 CHO B . -6.08 -5.23 6.04
C15 CHO B . -6.24 -6.47 6.92
C16 CHO B . -6.42 -5.85 8.32
C17 CHO B . -6.80 -4.39 8.06
C18 CHO B . -8.57 -5.07 6.38
C19 CHO B . -7.82 -4.94 2.05
C20 CHO B . -7.88 -3.92 9.03
C21 CHO B . -8.31 -2.48 8.71
C22 CHO B . -7.36 -4.02 10.47
C23 CHO B . -8.40 -3.55 11.49
C24 CHO B . -7.86 -3.73 12.90
O24 CHO B . -6.91 -4.48 13.13
N25 CHO B . -8.49 -3.03 13.84
C26 CHO B . -8.10 -3.10 15.26
C27 CHO B . -8.65 -4.38 15.88
OT1 CHO B . -9.10 -5.25 15.10
OT2 CHO B . -8.60 -4.48 17.13
H11 CHO B . -6.56 -3.09 0.56
H12 CHO B . -7.13 -2.28 2.05
H21 CHO B . -4.83 -2.15 2.89
H22 CHO B . -4.96 -1.37 1.29
H3 CHO B . -4.05 -3.38 0.21
HO3 CHO B . -1.92 -3.19 1.05
H41 CHO B . -3.79 -4.43 3.06
H42 CHO B . -3.20 -5.25 1.60
H5 CHO B . -5.52 -5.35 0.73
H61 CHO B . -4.57 -7.20 2.11
H62 CHO B . -6.33 -7.06 2.29
H7 CHO B . -5.28 -7.36 4.49
HO7 CHO B . -3.98 -4.82 4.20
H8 CHO B . -7.26 -5.95 4.39
H9 CHO B . -5.30 -3.65 4.00
H111 CHO B . -8.33 -3.60 4.21
H112 CHO B . -7.24 -2.20 3.94
H121 CHO B . -7.99 -2.38 6.31
H122 CHO B . -6.22 -2.52 6.13
H14 CHO B . -5.08 -4.82 6.10
H151 CHO B . -5.35 -7.10 6.88
H152 CHO B . -7.05 -7.13 6.62
H161 CHO B . -5.50 -5.93 8.89
H162 CHO B . -7.19 -6.39 8.89
H17 CHO B . -5.98 -3.70 8.24
H181 CHO B . -8.41 -6.14 6.28
H182 CHO B . -9.04 -4.68 5.48
H183 CHO B . -9.21 -4.88 7.24
H191 CHO B . -7.67 -6.01 1.84
H192 CHO B . -8.27 -4.46 1.20
H193 CHO B . -8.46 -4.83 2.92
H20 CHO B . -8.76 -4.54 8.92
H211 CHO B . -8.19 -1.86 9.61
H212 CHO B . -9.35 -2.46 8.40
H213 CHO B . -7.68 -2.07 7.92
H221 CHO B . -6.46 -3.39 10.56
H222 CHO B . -7.12 -5.06 10.67
H231 CHO B . -9.31 -4.14 11.37
H232 CHO B . -8.62 -2.49 11.32
HN CHO B . -9.26 -2.42 13.64
H261 CHO B . -8.51 -2.24 15.79
H262 CHO B . -7.02 -3.09 15.33
C1 CHO C . 5.99 -1.90 -0.93
C2 CHO C . 5.05 -0.87 -1.55
C3 CHO C . 5.10 0.44 -0.75
O3 CHO C . 4.18 1.36 -1.34
C4 CHO C . 4.68 0.17 0.69
C5 CHO C . 5.64 -0.85 1.31
C6 CHO C . 5.26 -1.10 2.78
C7 CHO C . 3.87 -1.73 2.85
O7 CHO C . 2.89 -0.82 2.35
C8 CHO C . 3.82 -3.04 2.04
C9 CHO C . 4.18 -2.74 0.58
C10 CHO C . 5.60 -2.16 0.52
C11 CHO C . 4.09 -4.01 -0.27
C12 CHO C . 2.72 -4.69 -0.15
C13 CHO C . 2.47 -4.98 1.33
C14 CHO C . 2.43 -3.65 2.09
C15 CHO C . 1.99 -4.16 3.46
C16 CHO C . 0.74 -4.95 3.04
C17 CHO C . 1.07 -5.53 1.66
C18 CHO C . 3.56 -5.87 1.92
C19 CHO C . 6.57 -3.17 1.16
C20 CHO C . 1.09 -7.06 1.68
C21 CHO C . 1.48 -7.62 0.31
C22 CHO C . -0.28 -7.60 2.10
C23 CHO C . -0.27 -9.13 2.16
C24 CHO C . -1.60 -9.67 2.68
O24 CHO C . -1.95 -10.83 2.43
N25 CHO C . -2.33 -8.82 3.39
C26 CHO C . -3.63 -9.17 3.96
C27 CHO C . -3.52 -9.26 5.48
OT1 CHO C . -3.85 -10.34 6.02
OT2 CHO C . -3.08 -8.26 6.09
H11 CHO C . 7.01 -1.52 -0.96
H12 CHO C . 5.92 -2.83 -1.49
H21 CHO C . 4.03 -1.26 -1.54
H22 CHO C . 5.37 -0.67 -2.57
H3 CHO C . 6.10 0.85 -0.78
HO3 CHO C . 3.24 1.04 -1.20
H41 CHO C . 3.66 -0.22 0.72
H42 CHO C . 4.73 1.10 1.26
H5 CHO C . 6.65 -0.46 1.28
H61 CHO C . 5.25 -0.15 3.31
H62 CHO C . 5.99 -1.77 3.24
H7 CHO C . 3.66 -1.98 3.91
HO7 CHO C . 1.98 -1.21 2.46
H8 CHO C . 4.54 -3.72 2.47
H9 CHO C . 3.46 -2.02 0.17
H111 CHO C . 4.86 -4.72 0.05
H112 CHO C . 4.23 -3.72 -1.32
H121 CHO C . 2.72 -5.62 -0.71
H122 CHO C . 1.94 -4.04 -0.55
H14 CHO C . 1.78 -2.86 1.71
H151 CHO C . 1.75 -3.34 4.13
H152 CHO C . 2.73 -4.74 4.00
H161 CHO C . -0.12 -4.28 2.97
H162 CHO C . 0.48 -5.72 3.76
H17 CHO C . 0.33 -5.25 0.92
H181 CHO C . 3.77 -6.69 1.23
H182 CHO C . 3.23 -6.28 2.88
H183 CHO C . 4.46 -5.29 2.06
H191 CHO C . 6.68 -4.03 0.50
H192 CHO C . 6.17 -3.51 2.11
H193 CHO C . 7.53 -2.70 1.30
H20 CHO C . 1.83 -7.38 2.41
H211 CHO C . 1.23 -6.91 -0.46
H212 CHO C . 0.96 -8.56 0.13
H213 CHO C . 2.56 -7.80 0.29
H221 CHO C . -1.03 -7.28 1.37
H222 CHO C . -0.52 -7.21 3.09
H231 CHO C . 0.52 -9.45 2.84
H232 CHO C . -0.10 -9.52 1.17
HN CHO C . -2.03 -7.88 3.58
H261 CHO C . -3.96 -10.14 3.56
H262 CHO C . -4.36 -8.41 3.70
N ALA A 6 8.54 12.59 -6.83
CA ALA A 6 7.28 13.22 -6.39
C ALA A 6 6.44 12.23 -5.59
N PHE A 7 7.09 11.41 -4.78
CA PHE A 7 6.39 10.42 -3.97
C PHE A 7 6.18 10.92 -2.55
N THR A 8 7.02 11.86 -2.12
CA THR A 8 6.93 12.40 -0.77
C THR A 8 5.63 13.15 -0.54
N GLY A 9 5.04 12.94 0.62
CA GLY A 9 3.82 13.62 0.96
C GLY A 9 2.83 12.71 1.65
N LYS A 10 1.77 13.28 2.17
CA LYS A 10 0.73 12.50 2.83
C LYS A 10 -0.37 12.21 1.82
N TYR A 11 -0.93 11.01 1.90
CA TYR A 11 -1.98 10.62 0.98
C TYR A 11 -3.19 10.12 1.73
N GLU A 12 -4.37 10.43 1.24
CA GLU A 12 -5.59 10.00 1.88
C GLU A 12 -6.51 9.33 0.87
N PHE A 13 -7.28 8.36 1.37
CA PHE A 13 -8.22 7.59 0.56
C PHE A 13 -9.07 8.47 -0.37
N GLU A 14 -8.86 8.30 -1.66
CA GLU A 14 -9.59 9.04 -2.68
C GLU A 14 -10.56 8.13 -3.42
N SER A 15 -10.04 7.06 -4.00
CA SER A 15 -10.86 6.12 -4.75
C SER A 15 -10.31 4.70 -4.60
N ASP A 16 -11.12 3.71 -5.00
CA ASP A 16 -10.75 2.31 -4.89
C ASP A 16 -11.44 1.50 -5.98
N GLU A 17 -10.85 0.36 -6.33
CA GLU A 17 -11.39 -0.50 -7.36
C GLU A 17 -11.01 -1.96 -7.11
N ASN A 18 -11.99 -2.84 -7.30
CA ASN A 18 -11.81 -4.30 -7.12
C ASN A 18 -11.48 -4.67 -5.68
N TYR A 19 -12.07 -3.95 -4.74
CA TYR A 19 -11.83 -4.20 -3.31
C TYR A 19 -12.29 -5.59 -2.89
N ASP A 20 -13.60 -5.85 -2.99
CA ASP A 20 -14.17 -7.13 -2.57
C ASP A 20 -13.55 -8.30 -3.31
N ASP A 21 -13.28 -8.13 -4.59
CA ASP A 21 -12.68 -9.17 -5.39
C ASP A 21 -11.31 -9.54 -4.83
N PHE A 22 -10.59 -8.51 -4.39
CA PHE A 22 -9.27 -8.67 -3.82
C PHE A 22 -9.33 -9.39 -2.48
N VAL A 23 -10.12 -8.84 -1.55
CA VAL A 23 -10.25 -9.41 -0.21
C VAL A 23 -10.80 -10.84 -0.25
N LYS A 24 -11.70 -11.12 -1.18
CA LYS A 24 -12.27 -12.46 -1.30
C LYS A 24 -11.24 -13.44 -1.84
N LYS A 25 -10.27 -12.94 -2.61
CA LYS A 25 -9.24 -13.78 -3.19
C LYS A 25 -8.13 -14.07 -2.20
N ILE A 26 -7.69 -13.05 -1.48
CA ILE A 26 -6.62 -13.20 -0.52
C ILE A 26 -7.04 -14.00 0.71
N GLY A 27 -8.36 -14.12 0.88
CA GLY A 27 -8.89 -14.86 2.00
C GLY A 27 -8.98 -14.03 3.26
N LEU A 28 -9.36 -12.78 3.09
CA LEU A 28 -9.50 -11.88 4.23
C LEU A 28 -10.81 -12.15 4.96
N PRO A 29 -10.77 -12.22 6.29
CA PRO A 29 -11.96 -12.46 7.11
C PRO A 29 -12.94 -11.29 7.05
N ALA A 30 -14.23 -11.59 7.09
CA ALA A 30 -15.27 -10.56 7.03
C ALA A 30 -15.07 -9.49 8.11
N ASP A 31 -14.60 -9.94 9.26
CA ASP A 31 -14.37 -9.05 10.40
C ASP A 31 -13.36 -7.96 10.06
N LYS A 32 -12.36 -8.31 9.27
CA LYS A 32 -11.33 -7.35 8.91
C LYS A 32 -11.73 -6.59 7.65
N ILE A 33 -12.42 -7.28 6.75
CA ILE A 33 -12.87 -6.67 5.50
C ILE A 33 -13.70 -5.42 5.76
N GLU A 34 -14.77 -5.58 6.54
CA GLU A 34 -15.66 -4.46 6.86
C GLU A 34 -14.95 -3.42 7.73
N MET A 35 -14.04 -3.91 8.55
CA MET A 35 -13.27 -3.06 9.44
C MET A 35 -12.36 -2.14 8.63
N GLY A 36 -11.79 -2.67 7.56
CA GLY A 36 -10.89 -1.89 6.74
C GLY A 36 -11.45 -1.54 5.37
N ARG A 37 -12.73 -1.24 5.29
CA ARG A 37 -13.33 -0.89 4.00
C ARG A 37 -13.91 0.52 4.03
N ASN A 38 -13.63 1.27 2.95
CA ASN A 38 -14.12 2.65 2.80
C ASN A 38 -13.65 3.56 3.93
N CYS A 39 -12.57 3.18 4.58
CA CYS A 39 -12.03 3.96 5.68
C CYS A 39 -10.94 4.91 5.15
N LYS A 40 -10.77 6.05 5.81
CA LYS A 40 -9.78 7.02 5.39
C LYS A 40 -8.36 6.64 5.85
N ILE A 41 -7.69 5.86 5.04
CA ILE A 41 -6.33 5.45 5.35
C ILE A 41 -5.34 6.52 4.88
N VAL A 42 -4.53 7.01 5.80
CA VAL A 42 -3.56 8.03 5.46
C VAL A 42 -2.20 7.40 5.24
N THR A 43 -1.63 7.67 4.09
CA THR A 43 -0.32 7.15 3.73
C THR A 43 0.72 8.26 3.77
N GLU A 44 1.56 8.26 4.80
CA GLU A 44 2.61 9.27 4.92
C GLU A 44 3.90 8.75 4.32
N VAL A 45 4.37 9.43 3.28
CA VAL A 45 5.60 9.05 2.60
C VAL A 45 6.71 10.06 2.84
N VAL A 46 7.83 9.58 3.36
CA VAL A 46 9.00 10.42 3.60
C VAL A 46 10.14 9.93 2.71
N GLN A 47 10.73 10.82 1.94
CA GLN A 47 11.81 10.44 1.03
C GLN A 47 13.18 10.60 1.69
N ASN A 48 13.90 9.50 1.77
CA ASN A 48 15.25 9.51 2.34
C ASN A 48 16.21 8.85 1.36
N GLY A 49 16.55 9.58 0.30
CA GLY A 49 17.45 9.04 -0.71
C GLY A 49 16.76 8.01 -1.56
N ASN A 50 16.95 6.75 -1.20
CA ASN A 50 16.31 5.65 -1.91
C ASN A 50 15.44 4.87 -0.94
N ASP A 51 15.29 5.42 0.26
CA ASP A 51 14.48 4.81 1.30
C ASP A 51 13.20 5.62 1.48
N PHE A 52 12.09 5.04 1.06
CA PHE A 52 10.80 5.69 1.20
C PHE A 52 10.02 5.04 2.33
N THR A 53 9.38 5.85 3.14
CA THR A 53 8.61 5.32 4.25
C THR A 53 7.14 5.26 3.89
N TRP A 54 6.49 4.19 4.30
CA TRP A 54 5.07 4.00 4.04
C TRP A 54 4.33 3.91 5.36
N THR A 55 3.68 4.99 5.73
CA THR A 55 2.92 5.02 6.96
C THR A 55 1.44 4.86 6.68
N GLN A 56 0.82 3.88 7.29
CA GLN A 56 -0.61 3.65 7.13
C GLN A 56 -1.33 4.00 8.43
N HIS A 57 -2.19 5.00 8.37
CA HIS A 57 -2.93 5.43 9.54
C HIS A 57 -4.36 4.99 9.48
N PHE A 58 -4.80 4.30 10.51
CA PHE A 58 -6.15 3.83 10.61
C PHE A 58 -6.94 4.73 11.54
N PRO A 59 -8.04 5.34 11.06
CA PRO A 59 -8.86 6.23 11.86
C PRO A 59 -9.54 5.47 13.01
N GLY A 60 -9.16 5.81 14.23
CA GLY A 60 -9.74 5.14 15.38
C GLY A 60 -9.24 3.71 15.52
N GLY A 61 -8.04 3.45 15.01
CA GLY A 61 -7.48 2.12 15.10
C GLY A 61 -5.97 2.12 15.23
N ARG A 62 -5.38 0.95 15.01
CA ARG A 62 -3.93 0.78 15.11
C ARG A 62 -3.24 1.30 13.86
N THR A 63 -2.04 1.83 14.05
CA THR A 63 -1.27 2.37 12.94
C THR A 63 -0.24 1.36 12.45
N THR A 64 0.18 1.50 11.21
CA THR A 64 1.16 0.60 10.62
C THR A 64 2.20 1.38 9.82
N THR A 65 3.44 1.37 10.28
CA THR A 65 4.49 2.10 9.60
C THR A 65 5.64 1.19 9.16
N ASN A 66 5.99 1.25 7.88
CA ASN A 66 7.08 0.43 7.36
C ASN A 66 7.94 1.25 6.40
N SER A 67 9.24 1.18 6.61
CA SER A 67 10.18 1.89 5.77
C SER A 67 10.88 0.91 4.86
N PHE A 68 11.03 1.26 3.59
CA PHE A 68 11.67 0.35 2.65
C PHE A 68 12.66 1.07 1.76
N THR A 69 13.79 0.44 1.54
CA THR A 69 14.81 1.00 0.69
C THR A 69 14.83 0.26 -0.64
N ILE A 70 14.86 1.02 -1.73
CA ILE A 70 14.90 0.43 -3.06
C ILE A 70 16.12 -0.47 -3.23
N ASP A 71 15.87 -1.72 -3.64
CA ASP A 71 16.91 -2.73 -3.84
C ASP A 71 17.39 -3.25 -2.49
N LYS A 72 16.50 -3.13 -1.51
CA LYS A 72 16.78 -3.56 -0.15
C LYS A 72 15.58 -4.29 0.45
N GLU A 73 15.87 -5.23 1.35
CA GLU A 73 14.84 -5.97 2.05
C GLU A 73 14.37 -5.16 3.25
N ALA A 74 13.07 -4.95 3.35
CA ALA A 74 12.51 -4.15 4.44
C ALA A 74 11.47 -4.92 5.24
N ASP A 75 11.49 -4.72 6.55
CA ASP A 75 10.54 -5.37 7.46
C ASP A 75 9.18 -4.72 7.31
N MET A 76 8.22 -5.49 6.84
CA MET A 76 6.88 -4.97 6.63
C MET A 76 5.83 -5.63 7.52
N GLU A 77 4.70 -4.96 7.67
CA GLU A 77 3.60 -5.46 8.46
C GLU A 77 2.27 -4.98 7.89
N THR A 78 1.26 -5.83 7.94
CA THR A 78 -0.05 -5.48 7.44
C THR A 78 -0.95 -5.10 8.60
N MET A 79 -2.10 -4.53 8.30
CA MET A 79 -3.03 -4.14 9.34
C MET A 79 -3.74 -5.37 9.88
N GLY A 80 -3.42 -6.54 9.33
CA GLY A 80 -4.01 -7.78 9.78
C GLY A 80 -3.15 -8.46 10.83
N GLY A 81 -2.01 -7.84 11.12
CA GLY A 81 -1.10 -8.39 12.11
C GLY A 81 -0.09 -9.32 11.50
N ARG A 82 0.20 -9.15 10.22
CA ARG A 82 1.17 -10.00 9.55
C ARG A 82 2.55 -9.39 9.59
N LYS A 83 3.48 -10.10 10.19
CA LYS A 83 4.86 -9.67 10.28
C LYS A 83 5.67 -10.40 9.22
N PHE A 84 6.33 -9.63 8.37
CA PHE A 84 7.11 -10.18 7.27
C PHE A 84 8.05 -9.12 6.74
N LYS A 85 8.79 -9.45 5.70
CA LYS A 85 9.68 -8.50 5.07
C LYS A 85 9.87 -8.90 3.61
N ALA A 86 10.12 -7.93 2.77
CA ALA A 86 10.28 -8.17 1.33
C ALA A 86 11.22 -7.17 0.68
N THR A 87 11.66 -7.50 -0.53
CA THR A 87 12.55 -6.63 -1.28
C THR A 87 11.74 -5.76 -2.23
N VAL A 88 12.06 -4.48 -2.26
CA VAL A 88 11.36 -3.54 -3.11
C VAL A 88 12.32 -2.88 -4.09
N LYS A 89 11.91 -2.75 -5.34
CA LYS A 89 12.76 -2.13 -6.36
C LYS A 89 11.98 -1.06 -7.11
N MET A 90 12.69 -0.25 -7.90
CA MET A 90 12.06 0.82 -8.66
C MET A 90 12.33 0.64 -10.14
N GLU A 91 11.27 0.68 -10.94
CA GLU A 91 11.39 0.54 -12.38
C GLU A 91 10.44 1.47 -13.09
N GLY A 92 10.99 2.38 -13.88
CA GLY A 92 10.17 3.34 -14.61
C GLY A 92 9.52 4.35 -13.70
N GLY A 93 10.20 4.66 -12.60
CA GLY A 93 9.67 5.61 -11.64
C GLY A 93 8.48 5.01 -10.90
N LYS A 94 8.52 3.71 -10.70
CA LYS A 94 7.45 3.01 -10.00
C LYS A 94 8.02 2.06 -8.98
N ILE A 95 7.52 2.15 -7.76
CA ILE A 95 7.97 1.28 -6.69
C ILE A 95 7.23 -0.04 -6.74
N VAL A 96 7.94 -1.11 -7.09
CA VAL A 96 7.34 -2.43 -7.16
C VAL A 96 7.93 -3.35 -6.09
N ALA A 97 7.06 -4.06 -5.41
CA ALA A 97 7.49 -4.95 -4.34
C ALA A 97 7.35 -6.42 -4.77
N ASP A 98 8.36 -7.21 -4.45
CA ASP A 98 8.37 -8.64 -4.82
C ASP A 98 7.66 -9.49 -3.77
N PHE A 99 6.60 -10.17 -4.20
CA PHE A 99 5.82 -11.03 -3.31
C PHE A 99 5.28 -12.22 -4.06
N PRO A 100 5.07 -13.34 -3.35
CA PRO A 100 4.52 -14.56 -3.95
C PRO A 100 3.03 -14.44 -4.21
N ASN A 101 2.65 -14.48 -5.50
CA ASN A 101 1.25 -14.36 -5.91
C ASN A 101 0.71 -12.97 -5.57
N TYR A 102 1.62 -12.03 -5.31
CA TYR A 102 1.24 -10.67 -4.96
C TYR A 102 2.16 -9.68 -5.64
N HIS A 103 1.57 -8.69 -6.29
CA HIS A 103 2.33 -7.67 -6.96
C HIS A 103 1.84 -6.29 -6.55
N HIS A 104 2.66 -5.55 -5.82
CA HIS A 104 2.29 -4.22 -5.37
C HIS A 104 3.16 -3.17 -6.06
N THR A 105 2.52 -2.33 -6.86
CA THR A 105 3.21 -1.26 -7.57
C THR A 105 2.61 0.10 -7.23
N ALA A 106 3.46 1.05 -6.86
CA ALA A 106 3.02 2.39 -6.52
C ALA A 106 3.57 3.40 -7.52
N GLU A 107 2.73 4.31 -7.99
CA GLU A 107 3.15 5.31 -8.96
C GLU A 107 2.33 6.60 -8.82
N ILE A 108 2.68 7.59 -9.62
CA ILE A 108 1.99 8.87 -9.61
C ILE A 108 1.30 9.10 -10.94
N SER A 109 -0.03 9.09 -10.92
CA SER A 109 -0.79 9.31 -12.12
C SER A 109 -1.76 10.48 -11.94
N GLY A 110 -1.43 11.59 -12.55
CA GLY A 110 -2.25 12.78 -12.46
C GLY A 110 -2.12 13.46 -11.11
N GLY A 111 -0.91 13.42 -10.56
CA GLY A 111 -0.66 14.01 -9.25
C GLY A 111 -1.31 13.24 -8.13
N LYS A 112 -1.52 11.95 -8.36
CA LYS A 112 -2.15 11.09 -7.36
C LYS A 112 -1.41 9.78 -7.23
N LEU A 113 -1.43 9.23 -6.03
CA LEU A 113 -0.79 7.96 -5.74
C LEU A 113 -1.77 6.83 -6.00
N VAL A 114 -1.44 5.99 -6.96
CA VAL A 114 -2.29 4.86 -7.29
C VAL A 114 -1.51 3.57 -7.11
N GLU A 115 -1.89 2.79 -6.11
CA GLU A 115 -1.24 1.54 -5.82
C GLU A 115 -2.04 0.38 -6.40
N ILE A 116 -1.34 -0.54 -7.05
CA ILE A 116 -1.96 -1.69 -7.63
C ILE A 116 -1.47 -2.95 -6.94
N SER A 117 -2.39 -3.80 -6.53
CA SER A 117 -2.06 -5.03 -5.84
C SER A 117 -2.69 -6.20 -6.57
N THR A 118 -1.87 -7.00 -7.23
CA THR A 118 -2.36 -8.14 -7.97
C THR A 118 -2.21 -9.44 -7.18
N SER A 119 -3.31 -10.17 -7.08
CA SER A 119 -3.28 -11.44 -6.38
C SER A 119 -4.07 -12.47 -7.17
N SER A 120 -3.37 -13.41 -7.79
CA SER A 120 -3.99 -14.46 -8.59
C SER A 120 -4.82 -13.86 -9.73
N GLY A 121 -4.27 -12.82 -10.36
CA GLY A 121 -4.97 -12.19 -11.46
C GLY A 121 -5.80 -11.01 -11.03
N VAL A 122 -6.34 -11.07 -9.81
CA VAL A 122 -7.16 -10.00 -9.29
C VAL A 122 -6.34 -8.73 -9.10
N VAL A 123 -6.65 -7.72 -9.89
CA VAL A 123 -5.93 -6.46 -9.81
C VAL A 123 -6.67 -5.47 -8.92
N TYR A 124 -6.10 -5.20 -7.77
CA TYR A 124 -6.65 -4.26 -6.82
C TYR A 124 -6.05 -2.88 -7.02
N LYS A 125 -6.88 -1.86 -7.03
CA LYS A 125 -6.40 -0.50 -7.22
C LYS A 125 -6.96 0.44 -6.17
N ARG A 126 -6.12 1.32 -5.66
CA ARG A 126 -6.53 2.31 -4.69
C ARG A 126 -5.84 3.63 -4.99
N THR A 127 -6.64 4.67 -5.20
CA THR A 127 -6.13 5.99 -5.51
C THR A 127 -6.15 6.86 -4.28
N SER A 128 -5.04 7.52 -4.01
CA SER A 128 -4.92 8.40 -2.87
C SER A 128 -4.43 9.77 -3.31
N LYS A 129 -5.10 10.81 -2.82
CA LYS A 129 -4.74 12.18 -3.16
C LYS A 129 -3.54 12.62 -2.33
N LYS A 130 -2.79 13.60 -2.84
CA LYS A 130 -1.62 14.10 -2.14
C LYS A 130 -1.95 15.39 -1.42
N ILE A 131 -1.73 15.41 -0.11
CA ILE A 131 -1.98 16.58 0.68
C ILE A 131 -0.78 16.86 1.58
N ALA A 132 -0.73 18.06 2.14
CA ALA A 132 0.36 18.45 3.02
C ALA A 132 -0.11 19.51 4.00
C1 CHO B . -6.53 -3.00 1.81
C2 CHO B . -5.11 -2.44 1.96
C3 CHO B . -4.08 -3.40 1.37
O3 CHO B . -2.77 -2.88 1.56
C4 CHO B . -4.20 -4.76 2.07
C5 CHO B . -5.61 -5.31 1.90
C6 CHO B . -5.70 -6.68 2.57
C7 CHO B . -5.48 -6.53 4.08
O7 CHO B . -4.16 -6.04 4.33
C8 CHO B . -6.50 -5.56 4.68
C9 CHO B . -6.42 -4.20 3.99
C10 CHO B . -6.65 -4.36 2.49
C11 CHO B . -7.42 -3.22 4.60
C12 CHO B . -7.22 -3.09 6.11
C13 CHO B . -7.34 -4.47 6.75
C14 CHO B . -6.26 -5.37 6.17
C15 CHO B . -6.47 -6.63 7.03
C16 CHO B . -6.64 -6.04 8.43
C17 CHO B . -6.93 -4.55 8.22
C18 CHO B . -8.73 -5.09 6.51
C19 CHO B . -8.05 -4.94 2.24
C20 CHO B . -8.01 -4.02 9.17
C21 CHO B . -8.28 -2.54 8.92
C22 CHO B . -7.59 -4.26 10.63
C23 CHO B . -8.65 -3.71 11.59
C24 CHO B . -8.29 -4.04 13.04
O24 CHO B . -7.82 -5.13 13.34
N25 CHO B . -8.55 -3.07 13.92
C26 CHO B . -8.27 -3.22 15.35
C27 CHO B . -7.49 -2.01 15.88
OT1 CHO B . -7.82 -0.89 15.45
OT2 CHO B . -6.59 -2.24 16.71
H11 CHO B . -6.75 -3.11 0.74
H12 CHO B . -7.24 -2.30 2.27
H21 CHO B . -4.90 -2.31 3.03
H22 CHO B . -5.04 -1.48 1.45
H3 CHO B . -4.28 -3.52 0.30
HO3 CHO B . -2.57 -2.84 2.54
H41 CHO B . -3.98 -4.64 3.13
H42 CHO B . -3.48 -5.45 1.64
H5 CHO B . -5.82 -5.43 0.84
H61 CHO B . -4.93 -7.35 2.17
H62 CHO B . -6.69 -7.12 2.39
H7 CHO B . -5.61 -7.51 4.55
HO7 CHO B . -4.15 -5.05 4.26
H8 CHO B . -7.49 -5.99 4.53
H9 CHO B . -5.41 -3.80 4.13
H111 CHO B . -8.42 -3.57 4.40
H112 CHO B . -7.25 -2.24 4.15
H121 CHO B . -7.99 -2.42 6.52
H122 CHO B . -6.24 -2.66 6.32
H14 CHO B . -5.22 -5.02 6.23
H151 CHO B . -5.61 -7.29 6.98
H152 CHO B . -7.31 -7.23 6.70
H161 CHO B . -5.74 -6.17 9.02
H162 CHO B . -7.44 -6.53 8.98
H17 CHO B . -6.08 -3.91 8.44
H181 CHO B . -8.61 -6.14 6.25
H182 CHO B . -9.22 -4.55 5.70
H183 CHO B . -9.32 -5.00 7.42
H191 CHO B . -7.97 -5.97 1.91
H192 CHO B . -8.56 -4.34 1.49
H193 CHO B . -8.62 -4.89 3.18
H20 CHO B . -8.94 -4.57 8.98
H211 CHO B . -8.12 -1.98 9.85
H212 CHO B . -9.30 -2.40 8.58
H213 CHO B . -7.59 -2.17 8.17
H221 CHO B . -6.64 -3.76 10.82
H222 CHO B . -7.50 -5.33 10.79
H231 CHO B . -9.61 -4.16 11.35
H232 CHO B . -8.68 -2.62 11.48
HN CHO B . -8.94 -2.18 13.65
H261 CHO B . -7.68 -4.13 15.50
H262 CHO B . -9.21 -3.29 15.89
C1 CHO C . 6.03 -1.92 -0.94
C2 CHO C . 5.16 -0.84 -1.56
C3 CHO C . 5.27 0.46 -0.77
O3 CHO C . 4.41 1.45 -1.35
C4 CHO C . 4.85 0.22 0.68
C5 CHO C . 5.73 -0.86 1.30
C6 CHO C . 5.34 -1.08 2.76
C7 CHO C . 3.93 -1.67 2.85
O7 CHO C . 2.98 -0.72 2.36
C8 CHO C . 3.83 -2.96 2.03
C9 CHO C . 4.19 -2.69 0.57
C10 CHO C . 5.63 -2.17 0.51
C11 CHO C . 4.04 -3.94 -0.29
C12 CHO C . 2.65 -4.57 -0.16
C13 CHO C . 2.40 -4.86 1.32
C14 CHO C . 2.41 -3.53 2.08
C15 CHO C . 1.96 -4.02 3.46
C16 CHO C . 0.69 -4.77 3.05
C17 CHO C . 0.99 -5.35 1.66
C18 CHO C . 3.47 -5.79 1.89
C19 CHO C . 6.56 -3.22 1.13
C20 CHO C . 0.92 -6.88 1.65
C21 CHO C . 1.35 -7.45 0.31
C22 CHO C . -0.49 -7.35 2.01
C23 CHO C . -0.57 -8.88 2.06
C24 CHO C . -1.97 -9.35 2.47
O24 CHO C . -2.48 -10.35 1.95
N25 CHO C . -2.57 -8.60 3.40
C26 CHO C . -3.91 -8.92 3.91
C27 CHO C . -3.79 -9.73 5.19
OT1 CHO C . -4.17 -10.93 5.15
OT2 CHO C . -3.32 -9.15 6.19
H11 CHO C . 7.08 -1.61 -0.98
H12 CHO C . 5.91 -2.85 -1.51
H21 CHO C . 4.12 -1.17 -1.56
H22 CHO C . 5.49 -0.66 -2.59
H3 CHO C . 6.30 0.81 -0.79
HO3 CHO C . 3.46 1.17 -1.22
H41 CHO C . 3.81 -0.11 0.70
H42 CHO C . 4.95 1.14 1.25
H5 CHO C . 6.77 -0.53 1.27
H61 CHO C . 5.37 -0.13 3.29
H62 CHO C . 6.05 -1.78 3.22
H7 CHO C . 3.72 -1.90 3.90
HO7 CHO C . 2.95 -0.75 1.36
H8 CHO C . 4.52 -3.68 2.46
H9 CHO C . 3.51 -1.93 0.16
H111 CHO C . 4.79 -4.68 0.03
H112 CHO C . 4.18 -3.66 -1.33
H121 CHO C . 2.61 -5.50 -0.72
H122 CHO C . 1.89 -3.90 -0.55
H14 CHO C . 1.79 -2.71 1.71
H151 CHO C . 1.75 -3.20 4.13
H152 CHO C . 2.69 -4.62 3.99
H161 CHO C . -0.16 -4.09 3.00
H162 CHO C . 0.43 -5.55 3.76
H17 CHO C . 0.25 -5.03 0.92
H181 CHO C . 3.65 -6.60 1.19
H182 CHO C . 3.12 -6.20 2.84
H183 CHO C . 4.39 -5.23 2.05
H191 CHO C . 6.62 -4.08 0.47
H192 CHO C . 6.16 -3.53 2.10
H193 CHO C . 7.55 -2.79 1.27
H20 CHO C . 1.61 -7.26 2.42
H211 CHO C . 1.09 -6.75 -0.48
H212 CHO C . 0.84 -8.40 0.12
H213 CHO C . 2.43 -7.61 0.30
H221 CHO C . -1.19 -6.98 1.27
H222 CHO C . -0.74 -6.97 3.00
H231 CHO C . 0.15 -9.25 2.79
H232 CHO C . -0.34 -9.27 1.07
HN CHO C . -2.14 -7.79 3.80
H261 CHO C . -4.45 -9.50 3.16
H262 CHO C . -4.45 -8.00 4.10
N ALA A 6 7.76 12.14 -6.77
CA ALA A 6 6.66 12.88 -6.10
C ALA A 6 5.87 11.95 -5.18
N PHE A 7 6.57 11.02 -4.54
CA PHE A 7 5.92 10.07 -3.64
C PHE A 7 5.76 10.70 -2.26
N THR A 8 6.61 11.66 -1.96
CA THR A 8 6.57 12.35 -0.67
C THR A 8 5.25 13.08 -0.47
N GLY A 9 4.74 13.03 0.74
CA GLY A 9 3.48 13.69 1.02
C GLY A 9 2.54 12.81 1.80
N LYS A 10 1.44 13.39 2.25
CA LYS A 10 0.44 12.64 2.98
C LYS A 10 -0.66 12.26 2.00
N TYR A 11 -1.20 11.06 2.14
CA TYR A 11 -2.22 10.60 1.23
C TYR A 11 -3.45 10.15 2.00
N GLU A 12 -4.60 10.50 1.46
CA GLU A 12 -5.87 10.13 2.05
C GLU A 12 -6.68 9.35 1.03
N PHE A 13 -7.41 8.35 1.50
CA PHE A 13 -8.24 7.51 0.64
C PHE A 13 -9.10 8.36 -0.29
N GLU A 14 -9.06 8.04 -1.57
CA GLU A 14 -9.83 8.77 -2.56
C GLU A 14 -10.75 7.81 -3.33
N SER A 15 -10.16 6.80 -3.92
CA SER A 15 -10.91 5.83 -4.70
C SER A 15 -10.27 4.45 -4.62
N ASP A 16 -11.01 3.43 -5.02
CA ASP A 16 -10.53 2.06 -4.99
C ASP A 16 -11.20 1.27 -6.10
N GLU A 17 -10.59 0.17 -6.48
CA GLU A 17 -11.12 -0.69 -7.52
C GLU A 17 -10.79 -2.15 -7.21
N ASN A 18 -11.77 -3.00 -7.45
CA ASN A 18 -11.65 -4.44 -7.22
C ASN A 18 -11.33 -4.75 -5.75
N TYR A 19 -11.98 -4.03 -4.84
CA TYR A 19 -11.74 -4.23 -3.42
C TYR A 19 -12.34 -5.56 -2.94
N ASP A 20 -13.64 -5.73 -3.12
CA ASP A 20 -14.34 -6.93 -2.69
C ASP A 20 -13.79 -8.18 -3.37
N ASP A 21 -13.45 -8.05 -4.64
CA ASP A 21 -12.92 -9.18 -5.40
C ASP A 21 -11.57 -9.60 -4.83
N PHE A 22 -10.77 -8.60 -4.49
CA PHE A 22 -9.45 -8.81 -3.93
C PHE A 22 -9.54 -9.51 -2.58
N VAL A 23 -10.37 -8.95 -1.70
CA VAL A 23 -10.53 -9.50 -0.36
C VAL A 23 -11.16 -10.89 -0.40
N LYS A 24 -12.09 -11.12 -1.30
CA LYS A 24 -12.72 -12.42 -1.42
C LYS A 24 -11.71 -13.45 -1.90
N LYS A 25 -10.76 -13.01 -2.74
CA LYS A 25 -9.74 -13.87 -3.27
C LYS A 25 -8.70 -14.22 -2.22
N ILE A 26 -8.14 -13.20 -1.60
CA ILE A 26 -7.12 -13.40 -0.56
C ILE A 26 -7.74 -14.04 0.69
N GLY A 27 -9.05 -14.22 0.67
CA GLY A 27 -9.74 -14.83 1.80
C GLY A 27 -9.71 -13.97 3.05
N LEU A 28 -9.85 -12.67 2.88
CA LEU A 28 -9.86 -11.74 3.99
C LEU A 28 -11.17 -11.85 4.76
N PRO A 29 -11.11 -11.90 6.10
CA PRO A 29 -12.32 -11.97 6.94
C PRO A 29 -13.14 -10.69 6.84
N ALA A 30 -14.47 -10.85 6.83
CA ALA A 30 -15.39 -9.72 6.72
C ALA A 30 -15.10 -8.66 7.79
N ASP A 31 -14.74 -9.13 8.98
CA ASP A 31 -14.43 -8.26 10.10
C ASP A 31 -13.34 -7.25 9.72
N LYS A 32 -12.35 -7.70 8.97
CA LYS A 32 -11.25 -6.84 8.56
C LYS A 32 -11.58 -6.13 7.26
N ILE A 33 -12.33 -6.80 6.40
CA ILE A 33 -12.71 -6.24 5.10
C ILE A 33 -13.45 -4.92 5.25
N GLU A 34 -14.59 -4.96 5.94
CA GLU A 34 -15.42 -3.78 6.14
C GLU A 34 -14.72 -2.77 7.04
N MET A 35 -13.89 -3.27 7.93
CA MET A 35 -13.15 -2.44 8.85
C MET A 35 -12.12 -1.60 8.10
N GLY A 36 -11.46 -2.21 7.11
CA GLY A 36 -10.46 -1.51 6.35
C GLY A 36 -10.98 -0.96 5.04
N ARG A 37 -12.28 -0.71 4.96
CA ARG A 37 -12.86 -0.20 3.73
C ARG A 37 -13.62 1.10 4.00
N ASN A 38 -13.59 2.00 3.02
CA ASN A 38 -14.29 3.29 3.10
C ASN A 38 -13.81 4.09 4.31
N CYS A 39 -12.58 3.82 4.73
CA CYS A 39 -12.00 4.51 5.88
C CYS A 39 -10.96 5.53 5.43
N LYS A 40 -10.72 6.53 6.27
CA LYS A 40 -9.75 7.57 5.94
C LYS A 40 -8.33 7.15 6.31
N ILE A 41 -7.69 6.43 5.40
CA ILE A 41 -6.32 5.98 5.60
C ILE A 41 -5.35 7.10 5.23
N VAL A 42 -4.51 7.48 6.18
CA VAL A 42 -3.54 8.53 5.93
C VAL A 42 -2.16 7.92 5.74
N THR A 43 -1.53 8.23 4.63
CA THR A 43 -0.21 7.72 4.32
C THR A 43 0.82 8.85 4.26
N GLU A 44 1.71 8.89 5.24
CA GLU A 44 2.75 9.91 5.28
C GLU A 44 4.06 9.35 4.75
N VAL A 45 4.46 9.85 3.58
CA VAL A 45 5.68 9.40 2.93
C VAL A 45 6.74 10.49 2.97
N VAL A 46 7.92 10.14 3.46
CA VAL A 46 9.03 11.08 3.51
C VAL A 46 10.14 10.60 2.57
N GLN A 47 10.72 11.53 1.81
CA GLN A 47 11.79 11.17 0.87
C GLN A 47 13.14 11.15 1.57
N ASN A 48 13.72 9.96 1.67
CA ASN A 48 15.02 9.78 2.29
C ASN A 48 15.95 9.04 1.33
N GLY A 49 16.42 9.73 0.31
CA GLY A 49 17.29 9.12 -0.67
C GLY A 49 16.54 8.11 -1.50
N ASN A 50 16.73 6.84 -1.19
CA ASN A 50 16.02 5.79 -1.89
C ASN A 50 15.20 4.99 -0.88
N ASP A 51 15.14 5.55 0.32
CA ASP A 51 14.38 4.95 1.41
C ASP A 51 13.08 5.71 1.60
N PHE A 52 11.97 5.08 1.24
CA PHE A 52 10.67 5.72 1.39
C PHE A 52 9.91 5.10 2.54
N THR A 53 9.38 5.93 3.41
CA THR A 53 8.64 5.45 4.56
C THR A 53 7.16 5.35 4.24
N TRP A 54 6.61 4.15 4.36
CA TRP A 54 5.21 3.97 4.11
C TRP A 54 4.48 3.93 5.44
N THR A 55 3.87 5.04 5.80
CA THR A 55 3.15 5.15 7.06
C THR A 55 1.65 5.15 6.81
N GLN A 56 0.95 4.15 7.33
CA GLN A 56 -0.49 4.07 7.16
C GLN A 56 -1.20 4.29 8.48
N HIS A 57 -2.01 5.32 8.54
CA HIS A 57 -2.76 5.64 9.75
C HIS A 57 -4.20 5.19 9.61
N PHE A 58 -4.65 4.45 10.60
CA PHE A 58 -6.01 3.94 10.61
C PHE A 58 -6.87 4.77 11.56
N PRO A 59 -8.00 5.31 11.06
CA PRO A 59 -8.92 6.13 11.87
C PRO A 59 -9.50 5.36 13.04
N GLY A 60 -9.15 5.79 14.24
CA GLY A 60 -9.64 5.14 15.45
C GLY A 60 -9.12 3.72 15.60
N GLY A 61 -8.06 3.39 14.87
CA GLY A 61 -7.51 2.05 14.94
C GLY A 61 -5.99 2.05 15.05
N ARG A 62 -5.41 0.87 14.91
CA ARG A 62 -3.96 0.70 15.01
C ARG A 62 -3.25 1.26 13.78
N THR A 63 -2.10 1.87 14.01
CA THR A 63 -1.31 2.43 12.93
C THR A 63 -0.37 1.36 12.39
N THR A 64 0.07 1.53 11.16
CA THR A 64 0.97 0.58 10.54
C THR A 64 2.01 1.32 9.72
N THR A 65 3.28 1.16 10.08
CA THR A 65 4.36 1.81 9.36
C THR A 65 5.43 0.82 8.93
N ASN A 66 5.77 0.88 7.64
CA ASN A 66 6.81 0.03 7.08
C ASN A 66 7.64 0.84 6.11
N SER A 67 8.89 1.00 6.46
CA SER A 67 9.82 1.76 5.64
C SER A 67 10.64 0.81 4.77
N PHE A 68 11.00 1.25 3.58
CA PHE A 68 11.76 0.39 2.67
C PHE A 68 12.72 1.18 1.81
N THR A 69 13.83 0.54 1.46
CA THR A 69 14.84 1.14 0.63
C THR A 69 14.90 0.41 -0.71
N ILE A 70 14.84 1.16 -1.80
CA ILE A 70 14.91 0.58 -3.13
C ILE A 70 16.17 -0.26 -3.30
N ASP A 71 15.97 -1.52 -3.70
CA ASP A 71 17.05 -2.49 -3.92
C ASP A 71 17.58 -3.01 -2.59
N LYS A 72 16.74 -2.90 -1.56
CA LYS A 72 17.09 -3.36 -0.23
C LYS A 72 15.90 -4.07 0.41
N GLU A 73 16.16 -5.15 1.15
CA GLU A 73 15.13 -5.89 1.85
C GLU A 73 14.62 -5.04 3.02
N ALA A 74 13.31 -4.97 3.18
CA ALA A 74 12.73 -4.15 4.24
C ALA A 74 11.77 -4.93 5.12
N ASP A 75 11.65 -4.48 6.36
CA ASP A 75 10.75 -5.09 7.34
C ASP A 75 9.37 -4.48 7.22
N MET A 76 8.38 -5.29 6.89
CA MET A 76 7.03 -4.81 6.71
C MET A 76 6.04 -5.52 7.63
N GLU A 77 4.85 -4.97 7.70
CA GLU A 77 3.77 -5.53 8.51
C GLU A 77 2.44 -5.06 7.93
N THR A 78 1.44 -5.92 7.93
CA THR A 78 0.13 -5.53 7.41
C THR A 78 -0.78 -5.13 8.55
N MET A 79 -1.93 -4.58 8.20
CA MET A 79 -2.90 -4.15 9.21
C MET A 79 -3.57 -5.37 9.83
N GLY A 80 -3.41 -6.51 9.18
CA GLY A 80 -3.98 -7.74 9.68
C GLY A 80 -3.14 -8.34 10.78
N GLY A 81 -1.88 -7.93 10.84
CA GLY A 81 -0.97 -8.42 11.86
C GLY A 81 0.02 -9.43 11.31
N ARG A 82 0.50 -9.19 10.10
CA ARG A 82 1.45 -10.09 9.48
C ARG A 82 2.86 -9.51 9.54
N LYS A 83 3.79 -10.30 10.05
CA LYS A 83 5.19 -9.88 10.15
C LYS A 83 5.98 -10.53 9.01
N PHE A 84 6.63 -9.72 8.19
CA PHE A 84 7.40 -10.24 7.06
C PHE A 84 8.41 -9.23 6.53
N LYS A 85 9.24 -9.70 5.61
CA LYS A 85 10.25 -8.88 4.99
C LYS A 85 10.34 -9.20 3.51
N ALA A 86 10.47 -8.16 2.70
CA ALA A 86 10.53 -8.32 1.26
C ALA A 86 11.45 -7.27 0.64
N THR A 87 11.87 -7.52 -0.59
CA THR A 87 12.73 -6.59 -1.31
C THR A 87 11.88 -5.70 -2.21
N VAL A 88 12.23 -4.42 -2.25
CA VAL A 88 11.49 -3.47 -3.05
C VAL A 88 12.43 -2.81 -4.05
N LYS A 89 11.96 -2.61 -5.27
CA LYS A 89 12.75 -1.96 -6.30
C LYS A 89 11.91 -0.92 -7.03
N MET A 90 12.51 -0.22 -7.97
CA MET A 90 11.80 0.81 -8.72
C MET A 90 11.95 0.60 -10.22
N GLU A 91 10.85 0.73 -10.94
CA GLU A 91 10.86 0.58 -12.38
C GLU A 91 10.15 1.75 -13.06
N GLY A 92 10.95 2.65 -13.63
CA GLY A 92 10.39 3.80 -14.32
C GLY A 92 9.59 4.72 -13.40
N GLY A 93 10.11 4.97 -12.21
CA GLY A 93 9.43 5.83 -11.26
C GLY A 93 8.27 5.15 -10.56
N LYS A 94 8.28 3.83 -10.58
CA LYS A 94 7.22 3.03 -9.93
C LYS A 94 7.85 2.09 -8.92
N ILE A 95 7.36 2.13 -7.70
CA ILE A 95 7.87 1.26 -6.66
C ILE A 95 7.22 -0.11 -6.78
N VAL A 96 8.02 -1.13 -7.09
CA VAL A 96 7.50 -2.47 -7.25
C VAL A 96 8.08 -3.42 -6.19
N ALA A 97 7.19 -4.25 -5.63
CA ALA A 97 7.59 -5.21 -4.61
C ALA A 97 7.32 -6.63 -5.09
N ASP A 98 8.15 -7.57 -4.65
CA ASP A 98 8.00 -8.97 -5.05
C ASP A 98 7.45 -9.81 -3.91
N PHE A 99 6.35 -10.48 -4.17
CA PHE A 99 5.70 -11.32 -3.16
C PHE A 99 5.12 -12.57 -3.81
N PRO A 100 5.01 -13.66 -3.04
CA PRO A 100 4.45 -14.92 -3.55
C PRO A 100 2.96 -14.80 -3.82
N ASN A 101 2.59 -14.90 -5.11
CA ASN A 101 1.19 -14.79 -5.55
C ASN A 101 0.63 -13.39 -5.23
N TYR A 102 1.54 -12.43 -5.04
CA TYR A 102 1.14 -11.07 -4.74
C TYR A 102 2.09 -10.09 -5.44
N HIS A 103 1.52 -9.15 -6.15
CA HIS A 103 2.30 -8.15 -6.88
C HIS A 103 1.83 -6.76 -6.47
N HIS A 104 2.71 -6.01 -5.81
CA HIS A 104 2.35 -4.67 -5.37
C HIS A 104 3.21 -3.61 -6.06
N THR A 105 2.55 -2.71 -6.78
CA THR A 105 3.23 -1.63 -7.47
C THR A 105 2.62 -0.29 -7.07
N ALA A 106 3.46 0.66 -6.71
CA ALA A 106 3.01 1.99 -6.31
C ALA A 106 3.53 3.03 -7.27
N GLU A 107 2.69 4.01 -7.59
CA GLU A 107 3.08 5.06 -8.52
C GLU A 107 2.18 6.27 -8.36
N ILE A 108 2.56 7.35 -9.05
CA ILE A 108 1.80 8.60 -8.99
C ILE A 108 1.16 8.88 -10.35
N SER A 109 -0.17 8.89 -10.39
CA SER A 109 -0.89 9.15 -11.62
C SER A 109 -1.62 10.50 -11.55
N GLY A 110 -0.99 11.54 -12.09
CA GLY A 110 -1.61 12.85 -12.09
C GLY A 110 -1.63 13.49 -10.71
N GLY A 111 -0.60 13.19 -9.91
CA GLY A 111 -0.53 13.75 -8.58
C GLY A 111 -1.28 12.91 -7.56
N LYS A 112 -1.68 11.70 -7.94
CA LYS A 112 -2.39 10.81 -7.04
C LYS A 112 -1.65 9.50 -6.89
N LEU A 113 -1.60 8.99 -5.67
CA LEU A 113 -0.94 7.74 -5.37
C LEU A 113 -1.88 6.59 -5.64
N VAL A 114 -1.44 5.66 -6.47
CA VAL A 114 -2.23 4.52 -6.79
C VAL A 114 -1.43 3.24 -6.60
N GLU A 115 -1.93 2.36 -5.77
CA GLU A 115 -1.28 1.09 -5.48
C GLU A 115 -2.05 -0.05 -6.11
N ILE A 116 -1.35 -0.89 -6.84
CA ILE A 116 -1.96 -2.04 -7.49
C ILE A 116 -1.46 -3.31 -6.83
N SER A 117 -2.37 -4.20 -6.51
CA SER A 117 -2.05 -5.46 -5.86
C SER A 117 -2.69 -6.63 -6.58
N THR A 118 -1.88 -7.42 -7.28
CA THR A 118 -2.38 -8.57 -8.00
C THR A 118 -2.35 -9.81 -7.13
N SER A 119 -3.47 -10.53 -7.10
CA SER A 119 -3.57 -11.74 -6.31
C SER A 119 -4.24 -12.86 -7.11
N SER A 120 -3.43 -13.79 -7.60
CA SER A 120 -3.93 -14.93 -8.38
C SER A 120 -4.73 -14.49 -9.60
N GLY A 121 -4.46 -13.28 -10.09
CA GLY A 121 -5.16 -12.78 -11.26
C GLY A 121 -5.96 -11.53 -10.98
N VAL A 122 -6.48 -11.41 -9.76
CA VAL A 122 -7.28 -10.24 -9.39
C VAL A 122 -6.38 -9.03 -9.18
N VAL A 123 -6.61 -7.99 -9.97
CA VAL A 123 -5.84 -6.76 -9.87
C VAL A 123 -6.57 -5.73 -9.01
N TYR A 124 -6.06 -5.52 -7.82
CA TYR A 124 -6.63 -4.56 -6.88
C TYR A 124 -5.98 -3.19 -7.08
N LYS A 125 -6.77 -2.14 -6.95
CA LYS A 125 -6.27 -0.79 -7.12
C LYS A 125 -6.85 0.13 -6.05
N ARG A 126 -6.02 1.06 -5.57
CA ARG A 126 -6.46 2.02 -4.57
C ARG A 126 -5.77 3.36 -4.83
N THR A 127 -6.58 4.39 -5.03
CA THR A 127 -6.08 5.72 -5.31
C THR A 127 -6.20 6.63 -4.09
N SER A 128 -5.12 7.33 -3.77
CA SER A 128 -5.10 8.23 -2.65
C SER A 128 -4.68 9.61 -3.11
N LYS A 129 -5.35 10.64 -2.62
CA LYS A 129 -5.04 12.00 -2.99
C LYS A 129 -3.83 12.50 -2.21
N LYS A 130 -3.12 13.49 -2.76
CA LYS A 130 -1.93 14.04 -2.11
C LYS A 130 -2.27 15.34 -1.40
N ILE A 131 -2.03 15.35 -0.10
CA ILE A 131 -2.28 16.52 0.72
C ILE A 131 -1.16 16.65 1.75
N ALA A 132 -1.09 17.79 2.41
CA ALA A 132 -0.08 18.00 3.43
C ALA A 132 -0.71 18.68 4.65
C1 CHO B . -5.95 -2.91 1.47
C2 CHO B . -4.60 -2.25 1.75
C3 CHO B . -3.46 -3.13 1.25
O3 CHO B . -2.21 -2.50 1.55
C4 CHO B . -3.52 -4.49 1.95
C5 CHO B . -4.87 -5.16 1.68
C6 CHO B . -4.90 -6.52 2.38
C7 CHO B . -4.83 -6.33 3.90
O7 CHO B . -3.58 -5.72 4.24
C8 CHO B . -5.97 -5.45 4.38
C9 CHO B . -5.92 -4.09 3.68
C10 CHO B . -6.02 -4.27 2.17
C11 CHO B . -7.03 -3.16 4.20
C12 CHO B . -6.94 -2.99 5.72
C13 CHO B . -7.03 -4.37 6.37
C14 CHO B . -5.87 -5.22 5.89
C15 CHO B . -6.07 -6.48 6.74
C16 CHO B . -6.45 -5.91 8.12
C17 CHO B . -6.73 -4.42 7.87
C18 CHO B . -8.36 -5.06 6.05
C19 CHO B . -7.36 -4.94 1.81
C20 CHO B . -7.89 -3.90 8.73
C21 CHO B . -8.13 -2.42 8.45
C22 CHO B . -7.58 -4.12 10.21
C23 CHO B . -8.74 -3.60 11.07
C24 CHO B . -8.51 -3.92 12.56
O24 CHO B . -8.29 -5.07 12.93
N25 CHO B . -8.55 -2.87 13.36
C26 CHO B . -8.36 -2.98 14.82
C27 CHO B . -8.38 -1.60 15.46
OT1 CHO B . -7.30 -1.19 15.96
OT2 CHO B . -9.46 -0.98 15.45
H11 CHO B . -6.08 -3.04 0.40
H12 CHO B . -6.73 -2.27 1.86
H21 CHO B . -4.48 -2.09 2.82
H22 CHO B . -4.56 -1.29 1.22
H3 CHO B . -3.54 -3.27 0.17
HO3 CHO B . -1.45 -3.08 1.22
H41 CHO B . -3.40 -4.34 3.03
H42 CHO B . -2.72 -5.13 1.58
H5 CHO B . -4.99 -5.29 0.61
H61 CHO B . -4.06 -7.12 2.04
H62 CHO B . -5.83 -7.03 2.13
H7 CHO B . -4.90 -7.30 4.37
HO7 CHO B . -3.67 -4.72 4.19
H8 CHO B . -6.91 -5.94 4.16
H9 CHO B . -4.97 -3.61 3.90
H111 CHO B . -7.99 -3.58 3.94
H112 CHO B . -6.89 -2.18 3.74
H121 CHO B . -7.76 -2.36 6.07
H122 CHO B . -6.00 -2.52 5.99
H14 CHO B . -4.87 -4.81 6.02
H151 CHO B . -5.17 -7.08 6.80
H152 CHO B . -6.84 -7.15 6.33
H161 CHO B . -5.61 -6.02 8.81
H162 CHO B . -7.31 -6.42 8.55
H17 CHO B . -5.90 -3.78 8.15
H181 CHO B . -8.20 -6.13 5.91
H182 CHO B . -8.78 -4.63 5.13
H183 CHO B . -9.06 -4.90 6.86
H191 CHO B . -7.20 -6.00 1.66
H192 CHO B . -7.76 -4.49 0.91
H193 CHO B . -8.06 -4.80 2.64
H20 CHO B . -8.79 -4.45 8.47
H211 CHO B . -7.99 -1.85 9.36
H212 CHO B . -9.15 -2.27 8.09
H213 CHO B . -7.43 -2.07 7.69
H221 CHO B . -6.67 -3.58 10.47
H222 CHO B . -7.46 -5.19 10.39
H231 CHO B . -9.67 -4.08 10.75
H232 CHO B . -8.80 -2.53 10.95
HN CHO B . -8.73 -1.93 13.04
H261 CHO B . -7.40 -3.47 15.01
H262 CHO B . -9.17 -3.58 15.24
C1 CHO C . 6.22 -2.16 -1.39
C2 CHO C . 5.34 -1.13 -2.08
C3 CHO C . 5.42 0.22 -1.36
O3 CHO C . 4.58 1.16 -2.02
C4 CHO C . 4.98 0.06 0.08
C5 CHO C . 5.87 -0.99 0.78
C6 CHO C . 5.46 -1.11 2.25
C7 CHO C . 4.04 -1.71 2.34
O7 CHO C . 3.11 -0.80 1.75
C8 CHO C . 3.98 -3.05 1.62
C9 CHO C . 4.38 -2.88 0.14
C10 CHO C . 5.80 -2.34 0.07
C11 CHO C . 4.28 -4.22 -0.60
C12 CHO C . 2.90 -4.87 -0.45
C13 CHO C . 2.61 -5.02 1.05
C14 CHO C . 2.57 -3.64 1.67
C15 CHO C . 2.08 -4.02 3.08
C16 CHO C . 0.83 -4.82 2.70
C17 CHO C . 1.20 -5.54 1.40
C18 CHO C . 3.67 -5.88 1.72
C19 CHO C . 6.75 -3.32 0.77
C20 CHO C . 1.21 -7.06 1.55
C21 CHO C . 1.66 -7.75 0.27
C22 CHO C . -0.17 -7.56 1.99
C23 CHO C . -0.14 -9.08 2.21
C24 CHO C . -1.49 -9.60 2.71
O24 CHO C . -1.84 -10.76 2.49
N25 CHO C . -2.23 -8.72 3.38
C26 CHO C . -3.56 -9.05 3.92
C27 CHO C . -3.51 -8.96 5.45
OT1 CHO C . -3.74 -10.01 6.09
OT2 CHO C . -3.26 -7.85 5.95
H11 CHO C . 7.26 -1.83 -1.42
H12 CHO C . 6.11 -3.13 -1.90
H21 CHO C . 4.30 -1.47 -2.07
H22 CHO C . 5.68 -1.01 -3.11
H3 CHO C . 6.45 0.58 -1.39
HO3 CHO C . 4.72 2.07 -1.65
H41 CHO C . 3.94 -0.28 0.11
H42 CHO C . 5.07 1.00 0.61
H5 CHO C . 6.90 -0.64 0.74
H61 CHO C . 5.46 -0.14 2.72
H62 CHO C . 6.15 -1.77 2.77
H7 CHO C . 3.79 -1.86 3.39
HO7 CHO C . 2.19 -1.18 1.81
H8 CHO C . 4.67 -3.73 2.12
H9 CHO C . 3.69 -2.18 -0.33
H111 CHO C . 5.02 -4.89 -0.21
H112 CHO C . 4.43 -4.01 -1.67
H121 CHO C . 2.89 -5.84 -0.93
H122 CHO C . 2.13 -4.24 -0.92
H14 CHO C . 1.95 -2.86 1.23
H151 CHO C . 1.84 -3.14 3.68
H152 CHO C . 2.81 -4.56 3.69
H161 CHO C . -0.01 -4.16 2.55
H162 CHO C . 0.55 -5.53 3.48
H17 CHO C . 0.48 -5.33 0.60
H181 CHO C . 3.90 -6.74 1.10
H182 CHO C . 3.32 -6.21 2.70
H183 CHO C . 4.59 -5.28 1.85
H191 CHO C . 6.86 -4.21 0.15
H192 CHO C . 6.34 -3.59 1.74
H193 CHO C . 7.72 -2.85 0.91
H20 CHO C . 1.92 -7.30 2.35
H211 CHO C . 1.42 -7.13 -0.59
H212 CHO C . 1.16 -8.71 0.18
H213 CHO C . 2.73 -7.91 0.31
H221 CHO C . -0.90 -7.33 1.20
H222 CHO C . -0.45 -7.07 2.91
H231 CHO C . 0.62 -9.31 2.95
H232 CHO C . 0.07 -9.56 1.26
HN CHO C . -1.94 -7.78 3.55
H261 CHO C . -3.83 -10.07 3.62
H262 CHO C . -4.30 -8.36 3.53
N ALA A 6 8.37 12.10 -6.75
CA ALA A 6 7.32 12.89 -6.08
C ALA A 6 6.43 12.00 -5.23
N PHE A 7 7.01 10.96 -4.65
CA PHE A 7 6.26 10.04 -3.81
C PHE A 7 6.08 10.63 -2.41
N THR A 8 6.94 11.57 -2.06
CA THR A 8 6.89 12.21 -0.76
C THR A 8 5.56 12.92 -0.53
N GLY A 9 5.06 12.84 0.69
CA GLY A 9 3.82 13.48 1.01
C GLY A 9 2.85 12.53 1.66
N LYS A 10 1.78 13.08 2.21
CA LYS A 10 0.76 12.27 2.84
C LYS A 10 -0.33 12.00 1.82
N TYR A 11 -0.91 10.82 1.87
CA TYR A 11 -1.95 10.45 0.95
C TYR A 11 -3.17 9.96 1.70
N GLU A 12 -4.33 10.39 1.25
CA GLU A 12 -5.58 10.00 1.87
C GLU A 12 -6.52 9.39 0.85
N PHE A 13 -7.31 8.43 1.29
CA PHE A 13 -8.26 7.72 0.45
C PHE A 13 -9.07 8.67 -0.43
N GLU A 14 -9.12 8.35 -1.71
CA GLU A 14 -9.87 9.13 -2.67
C GLU A 14 -10.81 8.21 -3.44
N SER A 15 -10.27 7.09 -3.90
CA SER A 15 -11.05 6.12 -4.66
C SER A 15 -10.42 4.73 -4.54
N ASP A 16 -11.17 3.70 -4.93
CA ASP A 16 -10.70 2.33 -4.87
C ASP A 16 -11.33 1.53 -6.01
N GLU A 17 -10.76 0.37 -6.31
CA GLU A 17 -11.29 -0.47 -7.38
C GLU A 17 -10.96 -1.93 -7.11
N ASN A 18 -11.96 -2.76 -7.31
CA ASN A 18 -11.85 -4.21 -7.12
C ASN A 18 -11.48 -4.57 -5.68
N TYR A 19 -11.92 -3.75 -4.73
CA TYR A 19 -11.62 -4.00 -3.33
C TYR A 19 -12.26 -5.32 -2.85
N ASP A 20 -13.58 -5.41 -3.01
CA ASP A 20 -14.31 -6.60 -2.59
C ASP A 20 -13.84 -7.83 -3.33
N ASP A 21 -13.52 -7.67 -4.61
CA ASP A 21 -13.06 -8.78 -5.43
C ASP A 21 -11.71 -9.27 -4.94
N PHE A 22 -10.88 -8.33 -4.50
CA PHE A 22 -9.55 -8.64 -4.00
C PHE A 22 -9.63 -9.39 -2.69
N VAL A 23 -10.36 -8.82 -1.74
CA VAL A 23 -10.51 -9.41 -0.42
C VAL A 23 -11.16 -10.80 -0.50
N LYS A 24 -12.11 -10.96 -1.41
CA LYS A 24 -12.79 -12.24 -1.58
C LYS A 24 -11.87 -13.25 -2.27
N LYS A 25 -10.88 -12.74 -3.00
CA LYS A 25 -9.94 -13.59 -3.70
C LYS A 25 -8.85 -14.10 -2.77
N ILE A 26 -8.28 -13.20 -2.00
CA ILE A 26 -7.21 -13.56 -1.07
C ILE A 26 -7.73 -14.33 0.14
N GLY A 27 -9.05 -14.25 0.36
CA GLY A 27 -9.66 -14.95 1.47
C GLY A 27 -9.61 -14.16 2.75
N LEU A 28 -9.65 -12.83 2.63
CA LEU A 28 -9.61 -11.96 3.79
C LEU A 28 -10.83 -12.21 4.68
N PRO A 29 -10.62 -12.28 6.01
CA PRO A 29 -11.72 -12.50 6.96
C PRO A 29 -12.71 -11.35 6.97
N ALA A 30 -13.99 -11.68 7.07
CA ALA A 30 -15.05 -10.67 7.09
C ALA A 30 -14.83 -9.66 8.20
N ASP A 31 -14.30 -10.14 9.31
CA ASP A 31 -14.04 -9.30 10.47
C ASP A 31 -13.13 -8.13 10.10
N LYS A 32 -12.13 -8.41 9.28
CA LYS A 32 -11.18 -7.38 8.85
C LYS A 32 -11.67 -6.67 7.60
N ILE A 33 -12.35 -7.42 6.73
CA ILE A 33 -12.87 -6.86 5.49
C ILE A 33 -13.75 -5.66 5.79
N GLU A 34 -14.75 -5.88 6.64
CA GLU A 34 -15.69 -4.84 7.04
C GLU A 34 -14.97 -3.71 7.77
N MET A 35 -13.97 -4.10 8.55
CA MET A 35 -13.19 -3.16 9.33
C MET A 35 -12.42 -2.21 8.42
N GLY A 36 -11.94 -2.71 7.29
CA GLY A 36 -11.19 -1.89 6.37
C GLY A 36 -11.91 -1.65 5.04
N ARG A 37 -13.23 -1.64 5.05
CA ARG A 37 -14.00 -1.45 3.82
C ARG A 37 -14.29 0.02 3.56
N ASN A 38 -13.57 0.59 2.60
CA ASN A 38 -13.72 1.98 2.20
C ASN A 38 -13.31 2.95 3.30
N CYS A 39 -12.46 2.50 4.19
CA CYS A 39 -11.99 3.32 5.30
C CYS A 39 -10.88 4.24 4.81
N LYS A 40 -10.82 5.45 5.37
CA LYS A 40 -9.84 6.45 4.96
C LYS A 40 -8.43 6.15 5.51
N ILE A 41 -7.64 5.45 4.71
CA ILE A 41 -6.28 5.11 5.08
C ILE A 41 -5.33 6.25 4.68
N VAL A 42 -4.50 6.69 5.61
CA VAL A 42 -3.54 7.74 5.33
C VAL A 42 -2.17 7.14 5.13
N THR A 43 -1.47 7.58 4.09
CA THR A 43 -0.14 7.10 3.79
C THR A 43 0.87 8.24 3.83
N GLU A 44 1.72 8.27 4.84
CA GLU A 44 2.72 9.33 4.95
C GLU A 44 4.05 8.84 4.40
N VAL A 45 4.51 9.46 3.32
CA VAL A 45 5.76 9.09 2.67
C VAL A 45 6.83 10.16 2.83
N VAL A 46 8.01 9.75 3.28
CA VAL A 46 9.14 10.66 3.44
C VAL A 46 10.27 10.17 2.53
N GLN A 47 10.89 11.05 1.78
CA GLN A 47 11.94 10.65 0.86
C GLN A 47 13.33 11.00 1.36
N ASN A 48 14.16 9.98 1.56
CA ASN A 48 15.54 10.18 1.97
C ASN A 48 16.46 9.30 1.12
N GLY A 49 16.66 9.74 -0.12
CA GLY A 49 17.50 9.02 -1.06
C GLY A 49 16.72 7.95 -1.79
N ASN A 50 17.01 6.71 -1.46
CA ASN A 50 16.32 5.58 -2.08
C ASN A 50 15.51 4.83 -1.03
N ASP A 51 15.36 5.47 0.12
CA ASP A 51 14.59 4.89 1.22
C ASP A 51 13.28 5.64 1.39
N PHE A 52 12.18 4.97 1.08
CA PHE A 52 10.86 5.57 1.21
C PHE A 52 10.11 4.96 2.37
N THR A 53 9.43 5.80 3.14
CA THR A 53 8.66 5.33 4.27
C THR A 53 7.18 5.26 3.92
N TRP A 54 6.52 4.23 4.39
CA TRP A 54 5.10 4.05 4.16
C TRP A 54 4.39 3.97 5.49
N THR A 55 3.79 5.08 5.89
CA THR A 55 3.09 5.15 7.16
C THR A 55 1.59 5.10 6.93
N GLN A 56 0.98 3.98 7.29
CA GLN A 56 -0.45 3.80 7.09
C GLN A 56 -1.22 4.06 8.36
N HIS A 57 -2.11 5.04 8.32
CA HIS A 57 -2.92 5.40 9.46
C HIS A 57 -4.35 4.94 9.26
N PHE A 58 -4.80 4.11 10.17
CA PHE A 58 -6.15 3.59 10.13
C PHE A 58 -7.07 4.52 10.91
N PRO A 59 -8.21 4.92 10.31
CA PRO A 59 -9.17 5.80 10.97
C PRO A 59 -9.68 5.22 12.28
N GLY A 60 -9.36 5.88 13.38
CA GLY A 60 -9.78 5.41 14.69
C GLY A 60 -9.22 4.04 15.00
N GLY A 61 -8.08 3.72 14.40
CA GLY A 61 -7.47 2.43 14.63
C GLY A 61 -5.98 2.52 14.82
N ARG A 62 -5.32 1.37 14.78
CA ARG A 62 -3.88 1.29 14.96
C ARG A 62 -3.15 1.72 13.69
N THR A 63 -1.99 2.33 13.84
CA THR A 63 -1.20 2.76 12.71
C THR A 63 -0.10 1.75 12.39
N THR A 64 0.42 1.79 11.18
CA THR A 64 1.44 0.87 10.74
C THR A 64 2.49 1.58 9.88
N THR A 65 3.70 1.71 10.40
CA THR A 65 4.76 2.37 9.67
C THR A 65 5.79 1.38 9.13
N ASN A 66 6.09 1.50 7.85
CA ASN A 66 7.07 0.63 7.20
C ASN A 66 8.12 1.49 6.53
N SER A 67 9.34 0.98 6.49
CA SER A 67 10.45 1.68 5.86
C SER A 67 11.16 0.73 4.92
N PHE A 68 11.32 1.12 3.67
CA PHE A 68 11.98 0.26 2.70
C PHE A 68 12.97 1.01 1.84
N THR A 69 14.02 0.32 1.45
CA THR A 69 15.03 0.89 0.59
C THR A 69 15.04 0.13 -0.73
N ILE A 70 15.02 0.86 -1.84
CA ILE A 70 15.02 0.24 -3.16
C ILE A 70 16.22 -0.71 -3.34
N ASP A 71 15.91 -1.94 -3.76
CA ASP A 71 16.91 -3.00 -3.99
C ASP A 71 17.48 -3.46 -2.66
N LYS A 72 16.71 -3.27 -1.61
CA LYS A 72 17.10 -3.65 -0.27
C LYS A 72 15.92 -4.31 0.45
N GLU A 73 16.21 -5.32 1.27
CA GLU A 73 15.18 -6.01 2.03
C GLU A 73 14.68 -5.08 3.13
N ALA A 74 13.38 -5.10 3.38
CA ALA A 74 12.80 -4.22 4.39
C ALA A 74 11.89 -4.97 5.35
N ASP A 75 11.65 -4.33 6.49
CA ASP A 75 10.78 -4.88 7.52
C ASP A 75 9.40 -4.29 7.35
N MET A 76 8.43 -5.12 7.00
CA MET A 76 7.09 -4.64 6.79
C MET A 76 6.10 -5.29 7.74
N GLU A 77 4.93 -4.69 7.80
CA GLU A 77 3.84 -5.18 8.62
C GLU A 77 2.53 -4.66 8.06
N THR A 78 1.52 -5.51 8.06
CA THR A 78 0.21 -5.11 7.56
C THR A 78 -0.67 -4.68 8.73
N MET A 79 -1.78 -4.04 8.41
CA MET A 79 -2.71 -3.59 9.43
C MET A 79 -3.48 -4.79 9.98
N GLY A 80 -3.20 -5.97 9.42
CA GLY A 80 -3.86 -7.17 9.85
C GLY A 80 -3.07 -7.84 10.96
N GLY A 81 -1.84 -7.38 11.15
CA GLY A 81 -0.98 -7.92 12.18
C GLY A 81 0.03 -8.91 11.64
N ARG A 82 0.53 -8.65 10.44
CA ARG A 82 1.51 -9.53 9.83
C ARG A 82 2.87 -8.86 9.74
N LYS A 83 3.86 -9.41 10.40
CA LYS A 83 5.21 -8.88 10.36
C LYS A 83 6.04 -9.76 9.44
N PHE A 84 6.62 -9.16 8.42
CA PHE A 84 7.40 -9.91 7.44
C PHE A 84 8.50 -9.07 6.83
N LYS A 85 9.31 -9.70 5.99
CA LYS A 85 10.40 -9.02 5.30
C LYS A 85 10.33 -9.31 3.83
N ALA A 86 10.46 -8.27 3.02
CA ALA A 86 10.39 -8.42 1.58
C ALA A 86 11.31 -7.42 0.89
N THR A 87 11.64 -7.67 -0.36
CA THR A 87 12.49 -6.77 -1.12
C THR A 87 11.65 -5.83 -1.97
N VAL A 88 12.07 -4.57 -2.06
CA VAL A 88 11.34 -3.58 -2.83
C VAL A 88 12.27 -2.97 -3.87
N LYS A 89 11.76 -2.78 -5.08
CA LYS A 89 12.57 -2.20 -6.14
C LYS A 89 11.75 -1.14 -6.87
N MET A 90 12.33 -0.55 -7.91
CA MET A 90 11.64 0.48 -8.66
C MET A 90 11.70 0.18 -10.15
N GLU A 91 10.58 0.39 -10.84
CA GLU A 91 10.51 0.14 -12.27
C GLU A 91 10.14 1.41 -13.04
N GLY A 92 11.10 2.30 -13.20
CA GLY A 92 10.86 3.53 -13.94
C GLY A 92 10.06 4.55 -13.15
N GLY A 93 10.48 4.80 -11.91
CA GLY A 93 9.79 5.78 -11.08
C GLY A 93 8.58 5.20 -10.37
N LYS A 94 8.39 3.89 -10.51
CA LYS A 94 7.28 3.21 -9.88
C LYS A 94 7.80 2.17 -8.91
N ILE A 95 7.38 2.25 -7.66
CA ILE A 95 7.85 1.31 -6.66
C ILE A 95 7.12 -0.02 -6.78
N VAL A 96 7.86 -1.09 -7.00
CA VAL A 96 7.29 -2.42 -7.12
C VAL A 96 7.88 -3.34 -6.06
N ALA A 97 7.00 -4.06 -5.37
CA ALA A 97 7.42 -4.97 -4.32
C ALA A 97 7.29 -6.42 -4.78
N ASP A 98 8.17 -7.27 -4.26
CA ASP A 98 8.18 -8.69 -4.62
C ASP A 98 7.47 -9.52 -3.55
N PHE A 99 6.41 -10.22 -3.96
CA PHE A 99 5.63 -11.06 -3.06
C PHE A 99 5.06 -12.26 -3.80
N PRO A 100 4.85 -13.38 -3.10
CA PRO A 100 4.28 -14.58 -3.69
C PRO A 100 2.79 -14.42 -3.97
N ASN A 101 2.42 -14.47 -5.26
CA ASN A 101 1.02 -14.33 -5.68
C ASN A 101 0.51 -12.92 -5.33
N TYR A 102 1.45 -12.01 -5.14
CA TYR A 102 1.10 -10.65 -4.79
C TYR A 102 2.06 -9.66 -5.46
N HIS A 103 1.49 -8.79 -6.28
CA HIS A 103 2.25 -7.78 -6.98
C HIS A 103 1.74 -6.41 -6.55
N HIS A 104 2.51 -5.74 -5.71
CA HIS A 104 2.11 -4.43 -5.22
C HIS A 104 3.00 -3.34 -5.80
N THR A 105 2.39 -2.41 -6.51
CA THR A 105 3.10 -1.30 -7.11
C THR A 105 2.50 0.03 -6.70
N ALA A 106 3.33 1.05 -6.66
CA ALA A 106 2.90 2.39 -6.31
C ALA A 106 3.46 3.40 -7.31
N GLU A 107 2.60 4.32 -7.75
CA GLU A 107 3.01 5.32 -8.72
C GLU A 107 2.15 6.57 -8.59
N ILE A 108 2.52 7.60 -9.33
CA ILE A 108 1.80 8.85 -9.32
C ILE A 108 1.08 9.04 -10.63
N SER A 109 -0.21 9.26 -10.55
CA SER A 109 -1.02 9.45 -11.73
C SER A 109 -1.94 10.65 -11.53
N GLY A 110 -1.57 11.77 -12.14
CA GLY A 110 -2.36 12.99 -12.02
C GLY A 110 -2.19 13.63 -10.65
N GLY A 111 -0.98 13.56 -10.11
CA GLY A 111 -0.72 14.13 -8.81
C GLY A 111 -1.38 13.33 -7.71
N LYS A 112 -1.70 12.10 -8.01
CA LYS A 112 -2.35 11.21 -7.06
C LYS A 112 -1.59 9.90 -6.95
N LEU A 113 -1.65 9.30 -5.78
CA LEU A 113 -0.98 8.04 -5.51
C LEU A 113 -1.93 6.89 -5.81
N VAL A 114 -1.54 6.04 -6.73
CA VAL A 114 -2.35 4.90 -7.08
C VAL A 114 -1.57 3.61 -6.88
N GLU A 115 -2.02 2.80 -5.94
CA GLU A 115 -1.37 1.54 -5.64
C GLU A 115 -2.13 0.41 -6.33
N ILE A 116 -1.38 -0.49 -6.93
CA ILE A 116 -1.96 -1.63 -7.61
C ILE A 116 -1.47 -2.92 -6.96
N SER A 117 -2.40 -3.74 -6.53
CA SER A 117 -2.08 -5.00 -5.87
C SER A 117 -2.75 -6.14 -6.61
N THR A 118 -1.97 -7.10 -7.07
CA THR A 118 -2.50 -8.24 -7.79
C THR A 118 -2.33 -9.53 -7.00
N SER A 119 -3.38 -10.34 -7.00
CA SER A 119 -3.36 -11.62 -6.32
C SER A 119 -4.27 -12.61 -7.02
N SER A 120 -3.65 -13.62 -7.61
CA SER A 120 -4.37 -14.68 -8.33
C SER A 120 -5.23 -14.12 -9.48
N GLY A 121 -4.69 -13.13 -10.18
CA GLY A 121 -5.40 -12.55 -11.31
C GLY A 121 -6.18 -11.29 -10.99
N VAL A 122 -6.65 -11.16 -9.75
CA VAL A 122 -7.43 -9.98 -9.37
C VAL A 122 -6.53 -8.78 -9.14
N VAL A 123 -6.84 -7.69 -9.85
CA VAL A 123 -6.07 -6.45 -9.73
C VAL A 123 -6.83 -5.43 -8.89
N TYR A 124 -6.30 -5.16 -7.72
CA TYR A 124 -6.90 -4.20 -6.81
C TYR A 124 -6.14 -2.87 -6.90
N LYS A 125 -6.88 -1.79 -7.03
CA LYS A 125 -6.28 -0.48 -7.14
C LYS A 125 -6.92 0.50 -6.18
N ARG A 126 -6.13 1.47 -5.74
CA ARG A 126 -6.64 2.49 -4.83
C ARG A 126 -5.97 3.83 -5.13
N THR A 127 -6.78 4.86 -5.25
CA THR A 127 -6.30 6.19 -5.55
C THR A 127 -6.33 7.06 -4.30
N SER A 128 -5.18 7.64 -3.96
CA SER A 128 -5.09 8.51 -2.80
C SER A 128 -4.56 9.88 -3.23
N LYS A 129 -5.16 10.93 -2.69
CA LYS A 129 -4.74 12.29 -3.02
C LYS A 129 -3.51 12.70 -2.22
N LYS A 130 -2.79 13.71 -2.71
CA LYS A 130 -1.59 14.19 -2.04
C LYS A 130 -1.91 15.44 -1.23
N ILE A 131 -1.64 15.37 0.06
CA ILE A 131 -1.90 16.47 0.98
C ILE A 131 -0.78 16.54 2.01
N ALA A 132 -0.71 17.62 2.76
CA ALA A 132 0.30 17.78 3.80
C ALA A 132 -0.28 18.53 4.98
C1 CHO B . -6.35 -3.40 1.52
C2 CHO B . -4.98 -2.73 1.69
C3 CHO B . -3.87 -3.64 1.14
O3 CHO B . -2.60 -3.01 1.33
C4 CHO B . -3.90 -4.98 1.90
C5 CHO B . -5.26 -5.65 1.74
C6 CHO B . -5.26 -6.98 2.47
C7 CHO B . -5.08 -6.75 3.97
O7 CHO B . -3.82 -6.13 4.21
C8 CHO B . -6.19 -5.85 4.50
C9 CHO B . -6.20 -4.51 3.76
C10 CHO B . -6.39 -4.73 2.27
C11 CHO B . -7.28 -3.58 4.32
C12 CHO B . -7.14 -3.38 5.82
C13 CHO B . -7.17 -4.75 6.51
C14 CHO B . -6.01 -5.59 6.00
C15 CHO B . -6.15 -6.82 6.88
C16 CHO B . -6.43 -6.20 8.26
C17 CHO B . -6.78 -4.74 7.99
C18 CHO B . -8.51 -5.46 6.29
C19 CHO B . -7.73 -5.41 2.01
C20 CHO B . -7.90 -4.23 8.91
C21 CHO B . -8.31 -2.81 8.53
C22 CHO B . -7.45 -4.29 10.37
C23 CHO B . -8.54 -3.76 11.30
C24 CHO B . -8.11 -3.90 12.77
O24 CHO B . -7.67 -4.96 13.19
N25 CHO B . -8.28 -2.81 13.51
C26 CHO B . -7.90 -2.79 14.94
C27 CHO B . -8.20 -1.42 15.55
OT1 CHO B . -7.22 -0.65 15.72
OT2 CHO B . -9.38 -1.17 15.87
H11 CHO B . -6.53 -3.56 0.46
H12 CHO B . -7.11 -2.74 1.93
H21 CHO B . -4.79 -2.54 2.75
H22 CHO B . -4.97 -1.79 1.13
H3 CHO B . -4.03 -3.82 0.09
HO3 CHO B . -2.50 -2.26 0.68
H41 CHO B . -3.70 -4.79 2.96
H42 CHO B . -3.12 -5.63 1.50
H5 CHO B . -5.45 -5.81 0.68
H61 CHO B . -4.44 -7.60 2.10
H62 CHO B . -6.21 -7.50 2.29
H7 CHO B . -5.13 -7.71 4.48
HO7 CHO B . -3.81 -5.76 5.15
H8 CHO B . -7.15 -6.35 4.33
H9 CHO B . -5.23 -4.03 3.92
H111 CHO B . -8.25 -4.02 4.11
H112 CHO B . -7.17 -2.61 3.83
H121 CHO B . -7.95 -2.76 6.19
H122 CHO B . -6.19 -2.88 6.05
H14 CHO B . -5.01 -5.16 6.05
H151 CHO B . -5.24 -7.41 6.90
H152 CHO B . -6.93 -7.51 6.55
H161 CHO B . -5.55 -6.27 8.90
H162 CHO B . -7.24 -6.73 8.78
H17 CHO B . -5.96 -4.05 8.20
H181 CHO B . -8.34 -6.53 6.21
H182 CHO B . -8.96 -5.09 5.36
H183 CHO B . -9.17 -5.25 7.13
H191 CHO B . -7.58 -6.47 1.86
H192 CHO B . -8.20 -4.98 1.13
H193 CHO B . -8.38 -5.25 2.88
H20 CHO B . -8.76 -4.88 8.78
H211 CHO B . -8.21 -2.15 9.39
H212 CHO B . -9.35 -2.81 8.18
H213 CHO B . -7.66 -2.45 7.72
H221 CHO B . -6.55 -3.68 10.49
H222 CHO B . -7.25 -5.32 10.62
H231 CHO B . -9.45 -4.33 11.14
H232 CHO B . -8.70 -2.70 11.09
HN CHO B . -8.64 -1.95 13.16
H261 CHO B . -6.85 -3.02 15.04
H262 CHO B . -8.50 -3.54 15.46
C1 CHO C . 6.11 -1.95 -1.14
C2 CHO C . 5.22 -0.86 -1.72
C3 CHO C . 5.42 0.46 -0.96
O3 CHO C . 4.56 1.46 -1.50
C4 CHO C . 5.09 0.24 0.52
C5 CHO C . 5.98 -0.86 1.10
C6 CHO C . 5.68 -1.04 2.58
C7 CHO C . 4.26 -1.57 2.77
O7 CHO C . 3.32 -0.58 2.32
C8 CHO C . 4.06 -2.87 1.99
C9 CHO C . 4.35 -2.64 0.50
C10 CHO C . 5.79 -2.17 0.34
C11 CHO C . 4.10 -3.92 -0.30
C12 CHO C . 2.70 -4.48 -0.08
C13 CHO C . 2.49 -4.72 1.41
C14 CHO C . 2.62 -3.38 2.14
C15 CHO C . 2.23 -3.80 3.55
C16 CHO C . 0.92 -4.53 3.26
C17 CHO C . 1.07 -5.09 1.83
C18 CHO C . 3.51 -5.71 1.98
C19 CHO C . 6.73 -3.23 0.91
C20 CHO C . 0.82 -6.59 1.78
C21 CHO C . 1.14 -7.16 0.39
C22 CHO C . -0.63 -6.91 2.16
C23 CHO C . -0.91 -8.41 2.16
C24 CHO C . -2.35 -8.70 2.53
O24 CHO C . -3.26 -8.56 1.70
N25 CHO C . -2.56 -9.10 3.78
C26 CHO C . -3.89 -9.41 4.29
C27 CHO C . -3.83 -9.62 5.81
OT1 CHO C . -4.41 -10.63 6.26
OT2 CHO C . -3.19 -8.78 6.48
H11 CHO C . 7.15 -1.66 -1.25
H12 CHO C . 5.92 -2.88 -1.68
H21 CHO C . 4.17 -1.15 -1.64
H22 CHO C . 5.49 -0.70 -2.77
H3 CHO C . 6.46 0.78 -1.05
HO3 CHO C . 3.60 1.21 -1.31
H41 CHO C . 4.04 -0.06 0.62
H42 CHO C . 5.25 1.17 1.07
H5 CHO C . 7.03 -0.56 0.98
H61 CHO C . 5.79 -0.08 3.09
H62 CHO C . 6.39 -1.76 3.01
H7 CHO C . 4.10 -1.77 3.83
HO7 CHO C . 3.21 -0.66 1.32
H8 CHO C . 4.75 -3.61 2.40
H9 CHO C . 3.67 -1.88 0.12
H111 CHO C . 4.84 -4.67 0.00
H112 CHO C . 4.20 -3.67 -1.35
H121 CHO C . 2.59 -5.43 -0.61
H122 CHO C . 1.95 -3.77 -0.45
H14 CHO C . 2.02 -2.54 1.78
H151 CHO C . 2.08 -2.95 4.20
H152 CHO C . 2.98 -4.40 4.07
H161 CHO C . 0.07 -3.84 3.31
H162 CHO C . 0.71 -5.33 3.98
H17 CHO C . 0.33 -4.66 1.15
H181 CHO C . 3.65 -6.52 1.26
H182 CHO C . 3.15 -6.11 2.92
H183 CHO C . 4.45 -5.20 2.14
H191 CHO C . 6.81 -4.07 0.22
H192 CHO C . 6.34 -3.59 1.87
H193 CHO C . 7.72 -2.80 1.07
H20 CHO C . 1.48 -7.08 2.50
H211 CHO C . 0.88 -6.41 -0.37
H212 CHO C . 0.56 -8.06 0.22
H213 CHO C . 2.20 -7.39 0.33
H221 CHO C . -1.30 -6.43 1.45
H222 CHO C . -0.81 -6.53 3.18
H231 CHO C . -0.24 -8.90 2.88
H232 CHO C . -0.71 -8.80 1.16
HN CHO C . -1.81 -9.21 4.44
H261 CHO C . -4.25 -10.33 3.82
H262 CHO C . -4.57 -8.59 4.07
N ALA A 6 7.79 12.42 -6.74
CA ALA A 6 6.72 13.13 -6.02
C ALA A 6 5.97 12.19 -5.07
N PHE A 7 6.67 11.17 -4.57
CA PHE A 7 6.07 10.21 -3.66
C PHE A 7 5.89 10.78 -2.27
N THR A 8 6.77 11.70 -1.89
CA THR A 8 6.72 12.32 -0.58
C THR A 8 5.39 13.05 -0.33
N GLY A 9 4.92 12.99 0.90
CA GLY A 9 3.68 13.64 1.25
C GLY A 9 2.72 12.71 1.94
N LYS A 10 1.61 13.25 2.40
CA LYS A 10 0.59 12.46 3.06
C LYS A 10 -0.48 12.08 2.04
N TYR A 11 -1.04 10.90 2.17
CA TYR A 11 -2.06 10.45 1.24
C TYR A 11 -3.30 9.99 1.99
N GLU A 12 -4.45 10.24 1.39
CA GLU A 12 -5.71 9.85 1.98
C GLU A 12 -6.60 9.20 0.93
N PHE A 13 -7.54 8.38 1.38
CA PHE A 13 -8.45 7.67 0.48
C PHE A 13 -9.07 8.61 -0.55
N GLU A 14 -8.98 8.22 -1.81
CA GLU A 14 -9.54 9.01 -2.89
C GLU A 14 -10.46 8.15 -3.74
N SER A 15 -9.93 7.05 -4.23
CA SER A 15 -10.69 6.13 -5.06
C SER A 15 -10.19 4.71 -4.84
N ASP A 16 -10.97 3.74 -5.28
CA ASP A 16 -10.63 2.34 -5.11
C ASP A 16 -11.29 1.52 -6.21
N GLU A 17 -10.73 0.36 -6.51
CA GLU A 17 -11.29 -0.50 -7.55
C GLU A 17 -10.98 -1.96 -7.27
N ASN A 18 -12.01 -2.79 -7.43
CA ASN A 18 -11.91 -4.24 -7.23
C ASN A 18 -11.50 -4.60 -5.80
N TYR A 19 -12.05 -3.90 -4.82
CA TYR A 19 -11.73 -4.14 -3.42
C TYR A 19 -12.28 -5.48 -2.94
N ASP A 20 -13.60 -5.64 -3.04
CA ASP A 20 -14.27 -6.85 -2.59
C ASP A 20 -13.71 -8.09 -3.30
N ASP A 21 -13.57 -8.00 -4.61
CA ASP A 21 -13.06 -9.11 -5.40
C ASP A 21 -11.69 -9.55 -4.89
N PHE A 22 -10.86 -8.57 -4.58
CA PHE A 22 -9.52 -8.81 -4.08
C PHE A 22 -9.55 -9.47 -2.71
N VAL A 23 -10.22 -8.82 -1.77
CA VAL A 23 -10.30 -9.33 -0.39
C VAL A 23 -10.97 -10.70 -0.31
N LYS A 24 -11.95 -10.95 -1.19
CA LYS A 24 -12.64 -12.22 -1.19
C LYS A 24 -11.74 -13.33 -1.72
N LYS A 25 -10.79 -12.96 -2.57
CA LYS A 25 -9.87 -13.93 -3.16
C LYS A 25 -8.72 -14.28 -2.21
N ILE A 26 -8.20 -13.28 -1.50
CA ILE A 26 -7.10 -13.53 -0.57
C ILE A 26 -7.59 -14.11 0.74
N GLY A 27 -8.90 -14.19 0.89
CA GLY A 27 -9.49 -14.77 2.09
C GLY A 27 -9.47 -13.83 3.28
N LEU A 28 -9.66 -12.54 3.02
CA LEU A 28 -9.68 -11.56 4.10
C LEU A 28 -10.96 -11.73 4.90
N PRO A 29 -10.87 -11.76 6.23
CA PRO A 29 -12.04 -11.90 7.09
C PRO A 29 -12.97 -10.70 6.96
N ALA A 30 -14.26 -10.95 6.92
CA ALA A 30 -15.26 -9.89 6.79
C ALA A 30 -15.13 -8.85 7.89
N ASP A 31 -14.69 -9.31 9.06
CA ASP A 31 -14.48 -8.44 10.21
C ASP A 31 -13.51 -7.32 9.88
N LYS A 32 -12.46 -7.66 9.15
CA LYS A 32 -11.46 -6.68 8.76
C LYS A 32 -11.84 -6.01 7.44
N ILE A 33 -12.54 -6.76 6.59
CA ILE A 33 -12.96 -6.23 5.30
C ILE A 33 -13.85 -5.01 5.51
N GLU A 34 -14.96 -5.20 6.23
CA GLU A 34 -15.92 -4.13 6.51
C GLU A 34 -15.29 -3.06 7.39
N MET A 35 -14.20 -3.42 8.05
CA MET A 35 -13.51 -2.51 8.94
C MET A 35 -12.51 -1.64 8.17
N GLY A 36 -11.97 -2.16 7.08
CA GLY A 36 -11.01 -1.41 6.30
C GLY A 36 -11.52 -0.99 4.93
N ARG A 37 -12.84 -0.90 4.79
CA ARG A 37 -13.42 -0.51 3.51
C ARG A 37 -13.93 0.91 3.57
N ASN A 38 -13.50 1.73 2.61
CA ASN A 38 -13.91 3.13 2.51
C ASN A 38 -13.51 3.92 3.76
N CYS A 39 -12.51 3.41 4.47
CA CYS A 39 -12.05 4.07 5.67
C CYS A 39 -10.95 5.06 5.33
N LYS A 40 -10.78 6.09 6.16
CA LYS A 40 -9.77 7.11 5.90
C LYS A 40 -8.41 6.72 6.44
N ILE A 41 -7.61 6.11 5.59
CA ILE A 41 -6.26 5.70 5.95
C ILE A 41 -5.26 6.73 5.44
N VAL A 42 -4.48 7.28 6.36
CA VAL A 42 -3.49 8.28 5.98
C VAL A 42 -2.14 7.64 5.75
N THR A 43 -1.55 7.90 4.60
CA THR A 43 -0.24 7.37 4.27
C THR A 43 0.79 8.49 4.24
N GLU A 44 1.65 8.54 5.25
CA GLU A 44 2.66 9.58 5.33
C GLU A 44 3.99 9.06 4.77
N VAL A 45 4.39 9.60 3.63
CA VAL A 45 5.61 9.19 2.96
C VAL A 45 6.73 10.20 3.15
N VAL A 46 7.85 9.73 3.66
CA VAL A 46 9.02 10.57 3.86
C VAL A 46 10.11 10.13 2.90
N GLN A 47 10.65 11.06 2.12
CA GLN A 47 11.67 10.72 1.14
C GLN A 47 13.08 10.96 1.68
N ASN A 48 13.94 9.99 1.43
CA ASN A 48 15.34 10.07 1.84
C ASN A 48 16.20 9.25 0.88
N GLY A 49 16.62 9.88 -0.20
CA GLY A 49 17.45 9.20 -1.19
C GLY A 49 16.68 8.13 -1.93
N ASN A 50 16.81 6.88 -1.48
CA ASN A 50 16.10 5.77 -2.09
C ASN A 50 15.22 5.10 -1.05
N ASP A 51 15.11 5.75 0.10
CA ASP A 51 14.30 5.24 1.20
C ASP A 51 12.97 5.97 1.28
N PHE A 52 11.89 5.22 1.15
CA PHE A 52 10.55 5.77 1.25
C PHE A 52 9.80 5.09 2.38
N THR A 53 9.24 5.90 3.26
CA THR A 53 8.51 5.37 4.39
C THR A 53 7.01 5.30 4.10
N TRP A 54 6.45 4.12 4.30
CA TRP A 54 5.03 3.92 4.09
C TRP A 54 4.36 3.85 5.46
N THR A 55 3.74 4.95 5.85
CA THR A 55 3.08 5.01 7.15
C THR A 55 1.58 5.05 6.97
N GLN A 56 0.90 3.97 7.34
CA GLN A 56 -0.54 3.92 7.21
C GLN A 56 -1.22 4.09 8.56
N HIS A 57 -2.00 5.15 8.66
CA HIS A 57 -2.71 5.46 9.89
C HIS A 57 -4.16 5.04 9.79
N PHE A 58 -4.64 4.35 10.80
CA PHE A 58 -6.01 3.90 10.83
C PHE A 58 -6.79 4.70 11.85
N PRO A 59 -7.98 5.19 11.48
CA PRO A 59 -8.80 6.00 12.38
C PRO A 59 -9.27 5.20 13.59
N GLY A 60 -8.76 5.54 14.76
CA GLY A 60 -9.14 4.85 15.99
C GLY A 60 -8.70 3.40 16.03
N GLY A 61 -7.66 3.06 15.27
CA GLY A 61 -7.19 1.68 15.26
C GLY A 61 -5.68 1.57 15.25
N ARG A 62 -5.18 0.38 14.96
CA ARG A 62 -3.74 0.13 14.92
C ARG A 62 -3.09 0.87 13.75
N THR A 63 -1.84 1.24 13.91
CA THR A 63 -1.12 1.93 12.85
C THR A 63 -0.08 0.98 12.26
N THR A 64 0.20 1.15 10.99
CA THR A 64 1.17 0.30 10.32
C THR A 64 2.21 1.16 9.62
N THR A 65 3.43 1.11 10.12
CA THR A 65 4.51 1.90 9.55
C THR A 65 5.65 1.01 9.05
N ASN A 66 5.88 1.02 7.76
CA ASN A 66 6.95 0.21 7.17
C ASN A 66 7.91 1.10 6.40
N SER A 67 9.18 0.92 6.67
CA SER A 67 10.22 1.68 6.02
C SER A 67 10.99 0.78 5.06
N PHE A 68 11.05 1.17 3.81
CA PHE A 68 11.74 0.38 2.81
C PHE A 68 12.68 1.21 1.96
N THR A 69 13.75 0.58 1.51
CA THR A 69 14.72 1.25 0.67
C THR A 69 14.81 0.50 -0.66
N ILE A 70 14.73 1.25 -1.75
CA ILE A 70 14.80 0.65 -3.08
C ILE A 70 16.08 -0.19 -3.24
N ASP A 71 15.88 -1.44 -3.65
CA ASP A 71 16.97 -2.41 -3.86
C ASP A 71 17.52 -2.89 -2.52
N LYS A 72 16.69 -2.77 -1.50
CA LYS A 72 17.06 -3.19 -0.15
C LYS A 72 15.90 -3.92 0.52
N GLU A 73 16.20 -4.98 1.25
CA GLU A 73 15.18 -5.73 1.97
C GLU A 73 14.64 -4.87 3.10
N ALA A 74 13.34 -4.93 3.33
CA ALA A 74 12.71 -4.13 4.37
C ALA A 74 11.76 -4.94 5.22
N ASP A 75 11.63 -4.54 6.49
CA ASP A 75 10.73 -5.19 7.42
C ASP A 75 9.35 -4.62 7.22
N MET A 76 8.41 -5.47 6.88
CA MET A 76 7.06 -5.03 6.63
C MET A 76 6.06 -5.71 7.53
N GLU A 77 4.84 -5.21 7.49
CA GLU A 77 3.74 -5.74 8.26
C GLU A 77 2.44 -5.28 7.62
N THR A 78 1.43 -6.12 7.69
CA THR A 78 0.15 -5.78 7.11
C THR A 78 -0.72 -5.08 8.15
N MET A 79 -1.93 -4.74 7.76
CA MET A 79 -2.85 -4.08 8.68
C MET A 79 -3.51 -5.14 9.55
N GLY A 80 -3.33 -6.39 9.17
CA GLY A 80 -3.89 -7.50 9.90
C GLY A 80 -2.94 -7.98 10.98
N GLY A 81 -1.68 -7.58 10.87
CA GLY A 81 -0.68 -7.96 11.85
C GLY A 81 0.15 -9.14 11.40
N ARG A 82 0.86 -8.98 10.29
CA ARG A 82 1.71 -10.05 9.76
C ARG A 82 3.14 -9.56 9.63
N LYS A 83 4.07 -10.28 10.25
CA LYS A 83 5.47 -9.92 10.19
C LYS A 83 6.17 -10.64 9.06
N PHE A 84 6.77 -9.87 8.16
CA PHE A 84 7.49 -10.43 7.03
C PHE A 84 8.46 -9.41 6.46
N LYS A 85 9.34 -9.86 5.57
CA LYS A 85 10.30 -8.98 4.95
C LYS A 85 10.31 -9.22 3.45
N ALA A 86 10.51 -8.16 2.69
CA ALA A 86 10.54 -8.26 1.24
C ALA A 86 11.48 -7.23 0.65
N THR A 87 11.86 -7.47 -0.60
CA THR A 87 12.76 -6.55 -1.30
C THR A 87 11.93 -5.68 -2.24
N VAL A 88 12.18 -4.38 -2.22
CA VAL A 88 11.46 -3.46 -3.06
C VAL A 88 12.39 -2.82 -4.08
N LYS A 89 11.91 -2.64 -5.29
CA LYS A 89 12.71 -2.03 -6.34
C LYS A 89 11.92 -0.93 -7.03
N MET A 90 12.50 -0.28 -8.02
CA MET A 90 11.82 0.81 -8.72
C MET A 90 12.01 0.67 -10.22
N GLU A 91 10.92 0.82 -10.95
CA GLU A 91 10.95 0.73 -12.41
C GLU A 91 10.23 1.92 -13.03
N GLY A 92 11.00 2.82 -13.61
CA GLY A 92 10.43 3.99 -14.25
C GLY A 92 9.72 4.91 -13.27
N GLY A 93 10.24 4.99 -12.05
CA GLY A 93 9.63 5.83 -11.05
C GLY A 93 8.46 5.16 -10.34
N LYS A 94 8.39 3.85 -10.46
CA LYS A 94 7.32 3.07 -9.83
C LYS A 94 7.90 2.14 -8.80
N ILE A 95 7.38 2.21 -7.58
CA ILE A 95 7.85 1.34 -6.52
C ILE A 95 7.17 -0.01 -6.60
N VAL A 96 7.94 -1.02 -6.98
CA VAL A 96 7.43 -2.37 -7.11
C VAL A 96 8.00 -3.30 -6.05
N ALA A 97 7.11 -4.02 -5.38
CA ALA A 97 7.50 -4.96 -4.34
C ALA A 97 7.33 -6.41 -4.82
N ASP A 98 8.25 -7.28 -4.43
CA ASP A 98 8.21 -8.68 -4.84
C ASP A 98 7.62 -9.57 -3.74
N PHE A 99 6.54 -10.25 -4.07
CA PHE A 99 5.85 -11.14 -3.15
C PHE A 99 5.31 -12.36 -3.90
N PRO A 100 5.14 -13.50 -3.21
CA PRO A 100 4.60 -14.71 -3.82
C PRO A 100 3.11 -14.58 -4.12
N ASN A 101 2.76 -14.59 -5.41
CA ASN A 101 1.37 -14.49 -5.88
C ASN A 101 0.81 -13.08 -5.65
N TYR A 102 1.62 -12.21 -5.07
CA TYR A 102 1.22 -10.85 -4.78
C TYR A 102 2.16 -9.87 -5.48
N HIS A 103 1.59 -8.95 -6.22
CA HIS A 103 2.37 -7.95 -6.93
C HIS A 103 1.89 -6.57 -6.55
N HIS A 104 2.74 -5.81 -5.86
CA HIS A 104 2.36 -4.47 -5.41
C HIS A 104 3.21 -3.40 -6.09
N THR A 105 2.56 -2.56 -6.88
CA THR A 105 3.24 -1.48 -7.57
C THR A 105 2.61 -0.14 -7.20
N ALA A 106 3.42 0.81 -6.79
CA ALA A 106 2.93 2.13 -6.43
C ALA A 106 3.50 3.18 -7.39
N GLU A 107 2.65 4.12 -7.80
CA GLU A 107 3.08 5.16 -8.74
C GLU A 107 2.21 6.41 -8.61
N ILE A 108 2.54 7.42 -9.40
CA ILE A 108 1.82 8.67 -9.40
C ILE A 108 1.16 8.89 -10.75
N SER A 109 -0.15 8.82 -10.77
CA SER A 109 -0.91 9.02 -11.99
C SER A 109 -1.86 10.20 -11.83
N GLY A 110 -1.59 11.26 -12.59
CA GLY A 110 -2.42 12.45 -12.51
C GLY A 110 -2.23 13.18 -11.21
N GLY A 111 -1.04 13.04 -10.63
CA GLY A 111 -0.74 13.68 -9.37
C GLY A 111 -1.38 12.94 -8.21
N LYS A 112 -1.69 11.67 -8.44
CA LYS A 112 -2.31 10.84 -7.42
C LYS A 112 -1.56 9.52 -7.26
N LEU A 113 -1.48 9.05 -6.03
CA LEU A 113 -0.81 7.81 -5.71
C LEU A 113 -1.77 6.67 -5.97
N VAL A 114 -1.39 5.75 -6.83
CA VAL A 114 -2.21 4.62 -7.16
C VAL A 114 -1.43 3.33 -6.97
N GLU A 115 -1.91 2.49 -6.06
CA GLU A 115 -1.26 1.22 -5.79
C GLU A 115 -2.03 0.10 -6.47
N ILE A 116 -1.30 -0.77 -7.15
CA ILE A 116 -1.91 -1.91 -7.81
C ILE A 116 -1.42 -3.18 -7.14
N SER A 117 -2.36 -4.00 -6.68
CA SER A 117 -2.02 -5.25 -5.99
C SER A 117 -2.65 -6.42 -6.72
N THR A 118 -1.81 -7.27 -7.27
CA THR A 118 -2.30 -8.44 -7.97
C THR A 118 -2.16 -9.68 -7.09
N SER A 119 -3.21 -10.46 -7.02
CA SER A 119 -3.22 -11.69 -6.24
C SER A 119 -4.07 -12.73 -6.91
N SER A 120 -3.43 -13.81 -7.36
CA SER A 120 -4.12 -14.90 -8.04
C SER A 120 -4.79 -14.43 -9.33
N GLY A 121 -4.24 -13.37 -9.91
CA GLY A 121 -4.79 -12.84 -11.14
C GLY A 121 -5.74 -11.67 -10.88
N VAL A 122 -6.17 -11.52 -9.63
CA VAL A 122 -7.06 -10.43 -9.26
C VAL A 122 -6.27 -9.15 -9.08
N VAL A 123 -6.65 -8.12 -9.83
CA VAL A 123 -5.96 -6.84 -9.75
C VAL A 123 -6.75 -5.86 -8.90
N TYR A 124 -6.11 -5.41 -7.83
CA TYR A 124 -6.71 -4.44 -6.93
C TYR A 124 -6.06 -3.08 -7.13
N LYS A 125 -6.87 -2.05 -7.30
CA LYS A 125 -6.36 -0.70 -7.50
C LYS A 125 -6.90 0.25 -6.44
N ARG A 126 -6.06 1.17 -6.01
CA ARG A 126 -6.46 2.16 -5.02
C ARG A 126 -5.80 3.49 -5.32
N THR A 127 -6.58 4.56 -5.27
CA THR A 127 -6.08 5.88 -5.54
C THR A 127 -6.11 6.73 -4.28
N SER A 128 -4.99 7.36 -3.99
CA SER A 128 -4.88 8.21 -2.82
C SER A 128 -4.40 9.60 -3.23
N LYS A 129 -5.07 10.62 -2.70
CA LYS A 129 -4.71 11.99 -3.03
C LYS A 129 -3.52 12.43 -2.18
N LYS A 130 -2.78 13.40 -2.69
CA LYS A 130 -1.60 13.91 -2.00
C LYS A 130 -1.94 15.22 -1.30
N ILE A 131 -1.79 15.23 0.02
CA ILE A 131 -2.07 16.42 0.79
C ILE A 131 -0.91 16.72 1.72
N ALA A 132 -0.87 17.93 2.27
CA ALA A 132 0.19 18.33 3.18
C ALA A 132 -0.31 19.44 4.09
C1 CHO B . -6.41 -3.17 1.43
C2 CHO B . -5.07 -2.46 1.64
C3 CHO B . -3.92 -3.36 1.21
O3 CHO B . -2.68 -2.69 1.45
C4 CHO B . -3.95 -4.65 2.04
C5 CHO B . -5.29 -5.37 1.82
C6 CHO B . -5.29 -6.67 2.63
C7 CHO B . -5.19 -6.35 4.12
O7 CHO B . -3.95 -5.68 4.39
C8 CHO B . -6.35 -5.45 4.55
C9 CHO B . -6.35 -4.15 3.73
C10 CHO B . -6.46 -4.48 2.24
C11 CHO B . -7.50 -3.24 4.18
C12 CHO B . -7.41 -2.92 5.67
C13 CHO B . -7.42 -4.25 6.46
C14 CHO B . -6.21 -5.09 6.03
C15 CHO B . -6.34 -6.25 7.01
C16 CHO B . -6.65 -5.55 8.33
C17 CHO B . -7.04 -4.12 7.94
C18 CHO B . -8.72 -5.01 6.27
C19 CHO B . -7.77 -5.20 1.97
C20 CHO B . -8.16 -3.56 8.82
C21 CHO B . -8.64 -2.20 8.31
C22 CHO B . -7.67 -3.46 10.26
C23 CHO B . -8.74 -2.86 11.17
C24 CHO B . -8.21 -2.74 12.60
O24 CHO B . -7.04 -3.02 12.86
N25 CHO B . -9.10 -2.31 13.49
C26 CHO B . -8.76 -2.14 14.92
C27 CHO B . -9.68 -3.02 15.77
OT1 CHO B . -9.23 -3.43 16.87
OT2 CHO B . -10.82 -3.25 15.31
H11 CHO B . -6.54 -3.41 0.37
H12 CHO B . -7.22 -2.53 1.77
H21 CHO B . -4.97 -2.21 2.69
H22 CHO B . -5.06 -1.56 1.04
H3 CHO B . -4.00 -3.61 0.15
HO3 CHO B . -2.59 -2.50 2.43
H41 CHO B . -3.83 -4.41 3.09
H42 CHO B . -3.14 -5.31 1.71
H5 CHO B . -5.41 -5.59 0.77
H61 CHO B . -4.44 -7.29 2.34
H62 CHO B . -6.21 -7.21 2.44
H7 CHO B . -5.24 -7.28 4.68
HO7 CHO B . -3.94 -5.38 5.34
H8 CHO B . -7.28 -5.99 4.38
H9 CHO B . -5.42 -3.63 3.90
H111 CHO B . -8.45 -3.72 3.97
H112 CHO B . -7.42 -2.30 3.63
H121 CHO B . -8.26 -2.32 5.98
H122 CHO B . -6.49 -2.38 5.89
H14 CHO B . -5.24 -4.62 6.08
H151 CHO B . -5.42 -6.82 7.06
H152 CHO B . -7.11 -6.99 6.71
H161 CHO B . -5.78 -5.55 8.97
H162 CHO B . -7.45 -6.05 8.89
H17 CHO B . -6.24 -3.40 8.09
H181 CHO B . -8.52 -6.09 6.33
H182 CHO B . -9.15 -4.77 5.29
H183 CHO B . -9.43 -4.74 7.05
H191 CHO B . -7.60 -6.27 1.91
H192 CHO B . -8.20 -4.84 1.02
H193 CHO B . -8.48 -4.99 2.77
H20 CHO B . -9.01 -4.25 8.77
H211 CHO B . -8.57 -1.47 9.12
H212 CHO B . -9.67 -2.28 7.98
H213 CHO B . -8.01 -1.89 7.48
H221 CHO B . -6.79 -2.83 10.29
H222 CHO B . -7.44 -4.46 10.62
H231 CHO B . -9.62 -3.51 11.18
H232 CHO B . -9.00 -1.87 10.81
HN CHO B . -10.04 -2.09 13.26
H261 CHO B . -8.88 -1.09 15.20
H262 CHO B . -7.72 -2.44 15.08
C1 CHO C . 6.03 -2.14 -1.08
C2 CHO C . 5.13 -1.05 -1.65
C3 CHO C . 5.27 0.25 -0.86
O3 CHO C . 4.40 1.24 -1.41
C4 CHO C . 4.90 -0.01 0.61
C5 CHO C . 5.81 -1.10 1.19
C6 CHO C . 5.47 -1.32 2.66
C7 CHO C . 4.06 -1.90 2.79
O7 CHO C . 3.11 -0.95 2.31
C8 CHO C . 3.94 -3.20 1.98
C9 CHO C . 4.25 -2.93 0.50
C10 CHO C . 5.69 -2.40 0.39
C11 CHO C . 4.08 -4.19 -0.34
C12 CHO C . 2.70 -4.81 -0.17
C13 CHO C . 2.48 -5.10 1.32
C14 CHO C . 2.53 -3.77 2.08
C15 CHO C . 2.13 -4.26 3.47
C16 CHO C . 0.86 -5.04 3.12
C17 CHO C . 1.07 -5.57 1.70
C18 CHO C . 3.55 -6.04 1.88
C19 CHO C . 6.64 -3.44 0.97
C20 CHO C . 0.93 -7.08 1.62
C21 CHO C . 1.24 -7.60 0.21
C22 CHO C . -0.48 -7.51 2.05
C23 CHO C . -0.64 -9.03 2.01
C24 CHO C . -2.00 -9.44 2.57
O24 CHO C . -2.55 -10.48 2.23
N25 CHO C . -2.53 -8.58 3.45
C26 CHO C . -3.83 -8.81 4.09
C27 CHO C . -3.60 -9.21 5.55
OT1 CHO C . -3.41 -8.30 6.38
OT2 CHO C . -3.61 -10.44 5.81
H11 CHO C . 7.07 -1.81 -1.14
H12 CHO C . 5.88 -3.05 -1.64
H21 CHO C . 4.08 -1.38 -1.61
H22 CHO C . 5.41 -0.86 -2.69
H3 CHO C . 6.31 0.60 -0.92
HO3 CHO C . 4.72 1.51 -2.31
H41 CHO C . 3.86 -0.34 0.66
H42 CHO C . 5.03 0.91 1.18
H5 CHO C . 6.85 -0.76 1.11
H61 CHO C . 5.51 -0.37 3.19
H62 CHO C . 6.19 -2.02 3.10
H7 CHO C . 3.87 -2.14 3.83
HO7 CHO C . 3.18 -0.11 2.84
H8 CHO C . 4.65 -3.92 2.38
H9 CHO C . 3.56 -2.17 0.13
H111 CHO C . 4.84 -4.92 -0.04
H112 CHO C . 4.20 -3.92 -1.39
H121 CHO C . 2.64 -5.76 -0.72
H122 CHO C . 1.93 -4.13 -0.53
H14 CHO C . 1.88 -2.96 1.72
H151 CHO C . 1.91 -3.43 4.14
H152 CHO C . 2.89 -4.82 3.99
H161 CHO C . -0.02 -4.39 3.16
H162 CHO C . 0.68 -5.86 3.84
H17 CHO C . 0.32 -5.18 1.01
H181 CHO C . 3.73 -6.84 1.16
H182 CHO C . 3.21 -6.47 2.82
H183 CHO C . 4.47 -5.49 2.04
H191 CHO C . 6.74 -4.28 0.27
H192 CHO C . 6.25 -3.81 1.92
H193 CHO C . 7.62 -2.99 1.13
H20 CHO C . 1.65 -7.53 2.30
H211 CHO C . 0.98 -6.82 -0.52
H212 CHO C . 0.65 -8.49 0.01
H213 CHO C . 2.30 -7.82 0.13
H221 CHO C . -1.20 -7.06 1.38
H222 CHO C . -0.62 -7.18 3.07
H231 CHO C . 0.15 -9.49 2.59
H232 CHO C . -0.58 -9.36 0.97
HN CHO C . -2.08 -7.73 3.71
H261 CHO C . -4.35 -9.61 3.57
H262 CHO C . -4.42 -7.90 4.06
#